data_2LE1
#
_entry.id   2LE1
#
_entity_poly.entity_id   1
_entity_poly.type   'polypeptide(L)'
_entity_poly.pdbx_seq_one_letter_code
;MATLRRSVEVAAPAADVWTLVGDFSAIHRWHPQVSAPTLRGASPHTPGAERVFGAGTEEELVERLVERDESARRLVYTMP
DPPFPITNHRAVLEVVPRDDRHCTVVWTAMFDCSPETARELESVIGDGVFAVGLNALAERYGRLEHHHHHH
;
_entity_poly.pdbx_strand_id   A
#
# COMPACT_ATOMS: atom_id res chain seq x y z
N MET A 1 -16.03 8.89 4.36
CA MET A 1 -15.45 8.89 2.99
C MET A 1 -15.23 7.45 2.48
N ALA A 2 -15.79 7.13 1.29
CA ALA A 2 -15.47 5.88 0.57
C ALA A 2 -14.05 5.96 -0.08
N THR A 3 -13.50 7.19 -0.14
CA THR A 3 -12.15 7.49 -0.67
C THR A 3 -11.18 7.75 0.50
N LEU A 4 -10.25 6.80 0.74
CA LEU A 4 -9.24 6.91 1.82
C LEU A 4 -7.93 7.46 1.23
N ARG A 5 -7.25 8.33 2.01
CA ARG A 5 -5.92 8.85 1.64
C ARG A 5 -5.09 9.08 2.92
N ARG A 6 -3.91 8.44 2.99
CA ARG A 6 -2.96 8.59 4.11
C ARG A 6 -1.55 8.92 3.57
N SER A 7 -0.78 9.66 4.37
CA SER A 7 0.56 10.15 3.98
C SER A 7 1.55 10.04 5.16
N VAL A 8 2.83 9.75 4.87
CA VAL A 8 3.86 9.54 5.92
C VAL A 8 5.19 10.26 5.55
N GLU A 9 5.90 10.78 6.58
CA GLU A 9 7.19 11.47 6.41
C GLU A 9 8.36 10.47 6.52
N VAL A 10 9.02 10.19 5.39
CA VAL A 10 10.18 9.28 5.31
C VAL A 10 11.50 10.08 5.25
N ALA A 11 12.43 9.76 6.15
CA ALA A 11 13.78 10.37 6.18
C ALA A 11 14.71 9.72 5.11
N ALA A 12 14.37 9.93 3.82
CA ALA A 12 15.14 9.41 2.66
C ALA A 12 14.60 9.98 1.32
N PRO A 13 15.45 10.04 0.23
CA PRO A 13 14.99 10.33 -1.15
C PRO A 13 13.88 9.34 -1.67
N ALA A 14 12.87 9.90 -2.38
CA ALA A 14 11.68 9.17 -2.91
C ALA A 14 11.99 7.94 -3.78
N ALA A 15 13.05 8.02 -4.61
CA ALA A 15 13.47 6.93 -5.52
C ALA A 15 13.86 5.64 -4.76
N ASP A 16 14.59 5.80 -3.65
CA ASP A 16 14.96 4.70 -2.72
C ASP A 16 13.72 4.01 -2.11
N VAL A 17 12.68 4.79 -1.84
CA VAL A 17 11.41 4.27 -1.30
C VAL A 17 10.59 3.53 -2.39
N TRP A 18 10.65 4.02 -3.65
CA TRP A 18 10.00 3.34 -4.80
C TRP A 18 10.64 1.95 -5.07
N THR A 19 11.96 1.84 -4.84
CA THR A 19 12.70 0.55 -4.87
C THR A 19 12.11 -0.47 -3.84
N LEU A 20 11.45 0.05 -2.78
CA LEU A 20 10.84 -0.76 -1.71
C LEU A 20 9.32 -1.06 -1.95
N VAL A 21 8.49 0.01 -2.10
CA VAL A 21 7.01 -0.12 -2.27
C VAL A 21 6.62 -0.61 -3.68
N GLY A 22 7.41 -0.22 -4.69
CA GLY A 22 7.04 -0.35 -6.11
C GLY A 22 6.75 -1.77 -6.57
N ASP A 23 7.63 -2.71 -6.17
CA ASP A 23 7.65 -4.12 -6.65
C ASP A 23 6.27 -4.83 -6.68
N PHE A 24 5.36 -4.44 -5.76
CA PHE A 24 3.99 -5.04 -5.61
C PHE A 24 4.06 -6.45 -4.96
N SER A 25 4.77 -7.40 -5.62
CA SER A 25 5.05 -8.75 -5.08
C SER A 25 5.84 -8.71 -3.73
N ALA A 26 6.78 -7.76 -3.64
CA ALA A 26 7.82 -7.74 -2.59
C ALA A 26 7.45 -6.76 -1.45
N ILE A 27 6.14 -6.55 -1.28
CA ILE A 27 5.57 -5.70 -0.21
C ILE A 27 5.88 -6.24 1.23
N HIS A 28 6.18 -7.56 1.34
CA HIS A 28 6.59 -8.21 2.61
C HIS A 28 8.01 -7.77 3.10
N ARG A 29 8.71 -6.94 2.29
CA ARG A 29 10.01 -6.32 2.66
C ARG A 29 9.86 -5.13 3.65
N TRP A 30 8.67 -4.48 3.67
CA TRP A 30 8.42 -3.30 4.52
C TRP A 30 7.13 -3.40 5.35
N HIS A 31 6.09 -3.99 4.77
CA HIS A 31 4.74 -4.00 5.35
C HIS A 31 4.58 -5.26 6.26
N PRO A 32 4.53 -5.08 7.62
CA PRO A 32 4.57 -6.21 8.60
C PRO A 32 3.29 -7.10 8.62
N GLN A 33 2.15 -6.54 8.17
CA GLN A 33 0.86 -7.26 8.13
C GLN A 33 0.74 -8.18 6.89
N VAL A 34 1.62 -7.97 5.89
CA VAL A 34 1.72 -8.88 4.73
C VAL A 34 2.31 -10.26 5.16
N SER A 35 1.44 -11.28 5.20
CA SER A 35 1.84 -12.68 5.51
C SER A 35 2.23 -13.44 4.20
N ALA A 36 3.18 -12.83 3.48
CA ALA A 36 3.80 -13.37 2.24
C ALA A 36 2.77 -13.62 1.09
N PRO A 37 2.74 -12.74 0.02
CA PRO A 37 1.78 -12.88 -1.11
C PRO A 37 2.34 -13.75 -2.28
N THR A 38 1.44 -14.45 -2.98
CA THR A 38 1.81 -15.35 -4.11
C THR A 38 1.53 -14.64 -5.45
N LEU A 39 2.60 -14.38 -6.21
CA LEU A 39 2.53 -13.55 -7.44
C LEU A 39 2.23 -14.47 -8.65
N ARG A 40 1.03 -14.31 -9.24
CA ARG A 40 0.51 -15.17 -10.33
C ARG A 40 0.64 -14.46 -11.70
N GLY A 41 1.35 -15.12 -12.65
CA GLY A 41 1.59 -14.63 -14.02
C GLY A 41 1.96 -13.14 -14.25
N ALA A 42 2.13 -12.78 -15.54
CA ALA A 42 2.34 -11.39 -16.04
C ALA A 42 3.71 -10.73 -15.68
N SER A 43 4.32 -11.10 -14.52
CA SER A 43 5.50 -10.42 -13.87
C SER A 43 5.02 -9.19 -13.02
N PRO A 44 5.59 -8.97 -11.78
CA PRO A 44 5.09 -7.94 -10.81
C PRO A 44 5.29 -6.46 -11.24
N HIS A 45 6.14 -6.24 -12.25
CA HIS A 45 6.37 -4.89 -12.83
C HIS A 45 5.42 -4.60 -14.02
N THR A 46 4.78 -5.66 -14.54
CA THR A 46 3.87 -5.59 -15.71
C THR A 46 2.39 -5.47 -15.25
N PRO A 47 1.64 -4.40 -15.71
CA PRO A 47 0.18 -4.22 -15.43
C PRO A 47 -0.69 -5.49 -15.71
N GLY A 48 -1.00 -6.24 -14.63
CA GLY A 48 -1.81 -7.47 -14.75
C GLY A 48 -1.64 -8.44 -13.58
N ALA A 49 -0.39 -8.58 -13.08
CA ALA A 49 0.00 -9.60 -12.06
C ALA A 49 -0.83 -9.57 -10.76
N GLU A 50 -1.18 -10.76 -10.22
CA GLU A 50 -1.99 -10.87 -8.96
C GLU A 50 -1.09 -11.27 -7.77
N ARG A 51 -1.42 -10.84 -6.54
CA ARG A 51 -0.70 -11.28 -5.32
C ARG A 51 -1.71 -11.84 -4.26
N VAL A 52 -1.53 -13.13 -3.89
CA VAL A 52 -2.45 -13.85 -2.96
C VAL A 52 -1.79 -14.06 -1.58
N PHE A 53 -2.20 -13.22 -0.61
CA PHE A 53 -1.66 -13.24 0.78
C PHE A 53 -1.99 -14.57 1.50
N GLY A 54 -0.96 -15.27 1.99
CA GLY A 54 -1.12 -16.59 2.64
C GLY A 54 -1.16 -17.74 1.63
N ALA A 55 -2.23 -17.78 0.79
CA ALA A 55 -2.41 -18.78 -0.30
C ALA A 55 -2.48 -20.24 0.21
N GLY A 56 -3.09 -20.42 1.40
CA GLY A 56 -3.25 -21.75 2.01
C GLY A 56 -3.88 -21.67 3.41
N THR A 57 -4.83 -20.73 3.55
CA THR A 57 -5.48 -20.39 4.85
C THR A 57 -6.96 -19.98 4.63
N GLU A 58 -7.74 -19.99 5.73
CA GLU A 58 -9.18 -19.60 5.69
C GLU A 58 -9.38 -18.08 5.41
N GLU A 59 -8.35 -17.26 5.71
CA GLU A 59 -8.38 -15.80 5.43
C GLU A 59 -7.21 -15.38 4.50
N GLU A 60 -7.43 -15.41 3.18
CA GLU A 60 -6.48 -14.87 2.18
C GLU A 60 -6.97 -13.51 1.62
N LEU A 61 -6.08 -12.86 0.85
CA LEU A 61 -6.39 -11.61 0.13
C LEU A 61 -5.82 -11.68 -1.29
N VAL A 62 -6.68 -11.69 -2.31
CA VAL A 62 -6.25 -11.69 -3.72
C VAL A 62 -6.35 -10.26 -4.29
N GLU A 63 -5.18 -9.68 -4.60
CA GLU A 63 -5.04 -8.37 -5.29
C GLU A 63 -4.59 -8.56 -6.74
N ARG A 64 -4.69 -7.49 -7.55
CA ARG A 64 -4.33 -7.51 -8.99
C ARG A 64 -3.85 -6.11 -9.45
N LEU A 65 -2.65 -6.06 -10.03
CA LEU A 65 -2.03 -4.83 -10.57
C LEU A 65 -2.77 -4.34 -11.84
N VAL A 66 -3.38 -3.14 -11.77
CA VAL A 66 -4.11 -2.53 -12.92
C VAL A 66 -3.14 -1.83 -13.90
N GLU A 67 -2.29 -0.95 -13.34
CA GLU A 67 -1.29 -0.17 -14.12
C GLU A 67 -0.13 0.26 -13.20
N ARG A 68 1.06 0.45 -13.79
CA ARG A 68 2.28 0.77 -13.01
C ARG A 68 3.19 1.77 -13.75
N ASP A 69 3.61 2.81 -13.01
CA ASP A 69 4.51 3.88 -13.49
C ASP A 69 5.82 3.89 -12.65
N GLU A 70 6.90 3.34 -13.23
CA GLU A 70 8.23 3.26 -12.58
C GLU A 70 8.85 4.67 -12.35
N SER A 71 8.91 5.48 -13.41
CA SER A 71 9.52 6.84 -13.37
C SER A 71 8.66 7.84 -12.58
N ALA A 72 7.31 7.69 -12.64
CA ALA A 72 6.37 8.59 -11.93
C ALA A 72 6.16 8.20 -10.45
N ARG A 73 6.68 7.01 -10.05
CA ARG A 73 6.51 6.46 -8.66
C ARG A 73 5.01 6.23 -8.30
N ARG A 74 4.21 5.85 -9.32
CA ARG A 74 2.74 5.74 -9.21
C ARG A 74 2.28 4.28 -9.48
N LEU A 75 1.77 3.59 -8.45
CA LEU A 75 1.42 2.14 -8.48
C LEU A 75 -0.09 1.91 -8.23
N VAL A 76 -0.85 1.51 -9.27
CA VAL A 76 -2.32 1.30 -9.17
C VAL A 76 -2.68 -0.20 -9.22
N TYR A 77 -3.46 -0.65 -8.23
CA TYR A 77 -3.99 -2.03 -8.17
C TYR A 77 -5.49 -2.03 -7.76
N THR A 78 -6.04 -3.24 -7.66
CA THR A 78 -7.42 -3.50 -7.18
C THR A 78 -7.48 -4.83 -6.41
N MET A 79 -8.56 -5.06 -5.65
CA MET A 79 -8.83 -6.38 -5.04
C MET A 79 -9.97 -7.11 -5.83
N PRO A 80 -9.62 -8.05 -6.77
CA PRO A 80 -10.62 -8.86 -7.53
C PRO A 80 -11.32 -9.93 -6.65
N ASP A 81 -10.76 -10.19 -5.45
CA ASP A 81 -11.38 -11.05 -4.44
C ASP A 81 -11.15 -10.42 -3.03
N PRO A 82 -11.97 -9.38 -2.65
CA PRO A 82 -11.85 -8.68 -1.34
C PRO A 82 -12.71 -9.32 -0.21
N PRO A 83 -12.16 -9.47 1.05
CA PRO A 83 -12.94 -9.97 2.22
C PRO A 83 -13.91 -8.90 2.81
N PHE A 84 -13.75 -7.64 2.36
CA PHE A 84 -14.61 -6.51 2.79
C PHE A 84 -15.78 -6.30 1.80
N PRO A 85 -17.08 -6.17 2.30
CA PRO A 85 -18.26 -5.96 1.41
C PRO A 85 -18.22 -4.62 0.61
N ILE A 86 -17.60 -4.69 -0.59
CA ILE A 86 -17.46 -3.55 -1.54
C ILE A 86 -17.80 -4.03 -2.98
N THR A 87 -18.03 -3.09 -3.91
CA THR A 87 -18.29 -3.42 -5.34
C THR A 87 -17.02 -3.21 -6.21
N ASN A 88 -16.68 -1.95 -6.53
CA ASN A 88 -15.46 -1.62 -7.32
C ASN A 88 -14.36 -1.01 -6.43
N HIS A 89 -13.27 -1.79 -6.21
CA HIS A 89 -12.07 -1.29 -5.49
C HIS A 89 -11.05 -0.64 -6.48
N ARG A 90 -10.33 0.38 -5.99
CA ARG A 90 -9.25 1.04 -6.72
C ARG A 90 -8.25 1.63 -5.69
N ALA A 91 -6.95 1.30 -5.78
CA ALA A 91 -5.92 1.84 -4.84
C ALA A 91 -4.63 2.24 -5.57
N VAL A 92 -3.95 3.29 -5.05
CA VAL A 92 -2.72 3.87 -5.66
C VAL A 92 -1.61 4.07 -4.60
N LEU A 93 -0.34 3.88 -5.01
CA LEU A 93 0.87 4.13 -4.18
C LEU A 93 1.70 5.25 -4.87
N GLU A 94 1.74 6.45 -4.27
CA GLU A 94 2.49 7.60 -4.84
C GLU A 94 3.49 8.15 -3.81
N VAL A 95 4.80 7.99 -4.10
CA VAL A 95 5.86 8.56 -3.24
C VAL A 95 6.20 9.98 -3.75
N VAL A 96 5.79 10.99 -2.98
CA VAL A 96 5.88 12.42 -3.34
C VAL A 96 7.11 13.06 -2.66
N PRO A 97 8.20 13.42 -3.42
CA PRO A 97 9.41 14.04 -2.83
C PRO A 97 9.17 15.51 -2.34
N ARG A 98 9.46 15.77 -1.05
CA ARG A 98 9.34 17.13 -0.44
C ARG A 98 10.73 17.83 -0.54
N ASP A 99 11.76 17.16 0.03
CA ASP A 99 13.18 17.53 -0.11
C ASP A 99 13.97 16.39 -0.80
N ASP A 100 15.32 16.50 -0.79
CA ASP A 100 16.22 15.41 -1.25
C ASP A 100 16.37 14.30 -0.19
N ARG A 101 16.21 14.67 1.09
CA ARG A 101 16.30 13.74 2.25
C ARG A 101 14.95 13.46 2.90
N HIS A 102 13.86 14.04 2.36
CA HIS A 102 12.50 13.90 2.94
C HIS A 102 11.48 13.65 1.81
N CYS A 103 10.70 12.56 1.92
CA CYS A 103 9.65 12.22 0.93
C CYS A 103 8.37 11.75 1.64
N THR A 104 7.23 12.29 1.20
CA THR A 104 5.91 11.92 1.73
C THR A 104 5.29 10.78 0.91
N VAL A 105 5.20 9.58 1.49
CA VAL A 105 4.61 8.40 0.80
C VAL A 105 3.09 8.37 1.05
N VAL A 106 2.32 8.62 -0.01
CA VAL A 106 0.85 8.70 0.05
C VAL A 106 0.20 7.41 -0.47
N TRP A 107 -0.49 6.67 0.41
CA TRP A 107 -1.25 5.46 0.06
C TRP A 107 -2.77 5.79 0.02
N THR A 108 -3.37 5.62 -1.15
CA THR A 108 -4.78 5.95 -1.41
C THR A 108 -5.59 4.66 -1.68
N ALA A 109 -6.83 4.55 -1.14
CA ALA A 109 -7.73 3.41 -1.38
C ALA A 109 -9.22 3.84 -1.40
N MET A 110 -9.82 3.83 -2.60
CA MET A 110 -11.24 4.18 -2.82
C MET A 110 -12.03 2.96 -3.32
N PHE A 111 -13.23 2.76 -2.74
CA PHE A 111 -14.05 1.56 -2.97
C PHE A 111 -15.56 1.89 -2.86
N ASP A 112 -16.38 1.21 -3.69
CA ASP A 112 -17.85 1.44 -3.71
C ASP A 112 -18.53 0.59 -2.60
N CYS A 113 -18.44 1.11 -1.37
CA CYS A 113 -19.01 0.45 -0.16
C CYS A 113 -20.24 1.21 0.36
N SER A 114 -21.01 0.56 1.24
CA SER A 114 -22.22 1.15 1.87
C SER A 114 -21.80 2.02 3.11
N PRO A 115 -22.41 3.25 3.31
CA PRO A 115 -21.94 4.28 4.31
C PRO A 115 -21.57 3.74 5.74
N GLU A 116 -22.47 2.92 6.34
CA GLU A 116 -22.26 2.36 7.71
C GLU A 116 -21.02 1.42 7.79
N THR A 117 -20.73 0.71 6.69
CA THR A 117 -19.52 -0.15 6.59
C THR A 117 -18.28 0.70 6.19
N ALA A 118 -18.50 1.75 5.38
CA ALA A 118 -17.41 2.58 4.81
C ALA A 118 -16.67 3.39 5.90
N ARG A 119 -17.44 3.94 6.88
CA ARG A 119 -16.89 4.65 8.06
C ARG A 119 -16.00 3.73 8.92
N GLU A 120 -16.40 2.45 9.02
CA GLU A 120 -15.64 1.41 9.75
C GLU A 120 -14.32 1.08 9.01
N LEU A 121 -14.40 0.98 7.67
CA LEU A 121 -13.25 0.63 6.81
C LEU A 121 -12.17 1.74 6.78
N GLU A 122 -12.57 3.00 7.06
CA GLU A 122 -11.62 4.13 7.20
C GLU A 122 -10.63 3.91 8.37
N SER A 123 -11.14 3.40 9.50
CA SER A 123 -10.28 3.02 10.66
C SER A 123 -9.54 1.66 10.44
N VAL A 124 -10.24 0.62 9.94
CA VAL A 124 -9.63 -0.74 9.77
C VAL A 124 -8.53 -0.76 8.67
N ILE A 125 -8.89 -0.31 7.47
CA ILE A 125 -7.98 -0.27 6.30
C ILE A 125 -6.99 0.91 6.43
N GLY A 126 -7.53 2.11 6.70
CA GLY A 126 -6.72 3.33 6.84
C GLY A 126 -5.86 3.36 8.12
N ASP A 127 -6.49 3.71 9.26
CA ASP A 127 -5.79 3.85 10.57
C ASP A 127 -5.25 2.51 11.13
N GLY A 128 -5.60 1.38 10.49
CA GLY A 128 -5.02 0.07 10.82
C GLY A 128 -3.88 -0.31 9.87
N VAL A 129 -4.24 -0.88 8.71
CA VAL A 129 -3.28 -1.46 7.73
C VAL A 129 -2.22 -0.45 7.22
N PHE A 130 -2.67 0.76 6.84
CA PHE A 130 -1.79 1.80 6.25
C PHE A 130 -0.96 2.51 7.34
N ALA A 131 -1.63 2.95 8.42
CA ALA A 131 -0.98 3.65 9.55
C ALA A 131 0.06 2.78 10.29
N VAL A 132 0.01 1.46 10.09
CA VAL A 132 1.10 0.55 10.48
C VAL A 132 2.20 0.47 9.39
N GLY A 133 1.79 0.12 8.15
CA GLY A 133 2.74 -0.19 7.06
C GLY A 133 3.63 0.98 6.64
N LEU A 134 2.98 2.12 6.31
CA LEU A 134 3.66 3.38 5.91
C LEU A 134 4.65 3.88 7.00
N ASN A 135 4.21 3.78 8.26
CA ASN A 135 4.96 4.30 9.44
C ASN A 135 6.18 3.41 9.77
N ALA A 136 6.02 2.08 9.66
CA ALA A 136 7.12 1.11 9.85
C ALA A 136 8.21 1.30 8.77
N LEU A 137 7.77 1.70 7.56
CA LEU A 137 8.67 2.08 6.45
C LEU A 137 9.47 3.36 6.81
N ALA A 138 8.78 4.36 7.40
CA ALA A 138 9.42 5.63 7.85
C ALA A 138 10.46 5.37 8.99
N GLU A 139 10.24 4.29 9.77
CA GLU A 139 11.14 3.86 10.87
C GLU A 139 12.44 3.19 10.35
N ARG A 140 12.34 2.36 9.31
CA ARG A 140 13.54 1.67 8.72
C ARG A 140 14.43 2.63 7.89
N TYR A 141 13.86 3.75 7.40
CA TYR A 141 14.65 4.87 6.82
C TYR A 141 15.04 5.92 7.91
N GLY A 142 14.57 5.68 9.15
CA GLY A 142 14.95 6.49 10.32
C GLY A 142 16.41 6.33 10.73
N ARG A 143 17.14 5.36 10.10
CA ARG A 143 18.61 5.23 10.23
C ARG A 143 19.36 6.48 9.70
N LEU A 144 18.72 7.23 8.76
CA LEU A 144 19.24 8.53 8.29
C LEU A 144 18.91 9.65 9.32
N GLU A 145 17.61 9.91 9.57
CA GLU A 145 17.16 10.98 10.52
C GLU A 145 16.08 10.46 11.51
N HIS A 146 16.54 9.93 12.66
CA HIS A 146 15.75 9.57 13.89
C HIS A 146 14.57 8.57 13.69
N HIS A 147 14.25 7.81 14.76
CA HIS A 147 13.03 6.97 14.84
C HIS A 147 11.86 7.79 15.42
N HIS A 148 10.63 7.28 15.20
CA HIS A 148 9.40 7.87 15.75
C HIS A 148 8.55 6.80 16.47
N HIS A 149 7.40 7.19 17.05
CA HIS A 149 6.47 6.25 17.72
C HIS A 149 5.92 5.23 16.69
N HIS A 150 6.05 3.92 16.98
CA HIS A 150 5.58 2.84 16.07
C HIS A 150 4.05 2.95 15.83
N HIS A 151 3.65 2.99 14.54
CA HIS A 151 2.26 3.31 14.12
C HIS A 151 1.85 4.73 14.57
N MET A 1 -18.36 10.04 0.08
CA MET A 1 -17.14 9.56 -0.61
C MET A 1 -16.48 8.39 0.17
N ALA A 2 -16.63 7.14 -0.31
CA ALA A 2 -15.97 5.96 0.29
C ALA A 2 -14.52 5.82 -0.25
N THR A 3 -13.65 6.72 0.23
CA THR A 3 -12.23 6.81 -0.18
C THR A 3 -11.32 7.16 1.02
N LEU A 4 -10.24 6.38 1.18
CA LEU A 4 -9.26 6.50 2.28
C LEU A 4 -7.94 7.04 1.73
N ARG A 5 -7.46 8.19 2.23
CA ARG A 5 -6.17 8.78 1.81
C ARG A 5 -5.23 8.90 3.02
N ARG A 6 -4.07 8.24 2.92
CA ARG A 6 -3.06 8.16 3.99
C ARG A 6 -1.71 8.72 3.47
N SER A 7 -0.92 9.34 4.35
CA SER A 7 0.40 9.92 4.00
C SER A 7 1.35 9.91 5.21
N VAL A 8 2.67 9.82 4.96
CA VAL A 8 3.70 9.76 6.02
C VAL A 8 5.02 10.45 5.57
N GLU A 9 5.65 11.22 6.49
CA GLU A 9 6.95 11.88 6.23
C GLU A 9 8.11 10.91 6.60
N VAL A 10 8.79 10.42 5.56
CA VAL A 10 9.90 9.46 5.65
C VAL A 10 11.26 10.18 5.50
N ALA A 11 12.21 9.92 6.42
CA ALA A 11 13.58 10.46 6.33
C ALA A 11 14.43 9.71 5.26
N ALA A 12 14.13 9.98 3.97
CA ALA A 12 14.78 9.29 2.83
C ALA A 12 14.47 10.00 1.48
N PRO A 13 15.35 9.83 0.43
CA PRO A 13 15.05 10.30 -0.95
C PRO A 13 13.93 9.45 -1.61
N ALA A 14 13.00 10.11 -2.35
CA ALA A 14 11.85 9.45 -3.05
C ALA A 14 12.27 8.29 -3.98
N ALA A 15 13.46 8.41 -4.60
CA ALA A 15 14.03 7.33 -5.44
C ALA A 15 14.36 6.06 -4.61
N ASP A 16 15.08 6.24 -3.49
CA ASP A 16 15.39 5.15 -2.53
C ASP A 16 14.13 4.48 -1.96
N VAL A 17 13.10 5.28 -1.66
CA VAL A 17 11.80 4.77 -1.15
C VAL A 17 11.04 4.02 -2.28
N TRP A 18 11.18 4.51 -3.54
CA TRP A 18 10.59 3.84 -4.72
C TRP A 18 11.28 2.47 -5.01
N THR A 19 12.56 2.34 -4.62
CA THR A 19 13.30 1.03 -4.67
C THR A 19 12.66 -0.02 -3.70
N LEU A 20 11.92 0.48 -2.70
CA LEU A 20 11.19 -0.35 -1.71
C LEU A 20 9.72 -0.67 -2.17
N VAL A 21 9.00 0.34 -2.71
CA VAL A 21 7.56 0.20 -3.12
C VAL A 21 7.35 0.14 -4.67
N GLY A 22 8.44 -0.06 -5.44
CA GLY A 22 8.39 -0.10 -6.92
C GLY A 22 7.92 -1.44 -7.48
N ASP A 23 7.95 -2.50 -6.66
CA ASP A 23 7.46 -3.83 -7.03
C ASP A 23 6.07 -4.08 -6.38
N PHE A 24 5.17 -4.68 -7.17
CA PHE A 24 3.85 -5.16 -6.69
C PHE A 24 4.01 -6.30 -5.64
N SER A 25 5.16 -6.99 -5.69
CA SER A 25 5.50 -8.10 -4.76
C SER A 25 6.23 -7.60 -3.48
N ALA A 26 6.86 -6.41 -3.53
CA ALA A 26 7.83 -5.96 -2.48
C ALA A 26 7.12 -5.36 -1.27
N ILE A 27 5.78 -5.41 -1.28
CA ILE A 27 4.95 -4.93 -0.17
C ILE A 27 5.12 -5.82 1.09
N HIS A 28 5.52 -7.10 0.91
CA HIS A 28 5.79 -8.01 2.06
C HIS A 28 7.13 -7.67 2.76
N ARG A 29 7.92 -6.74 2.17
CA ARG A 29 9.19 -6.28 2.75
C ARG A 29 8.98 -5.16 3.80
N TRP A 30 7.93 -4.32 3.62
CA TRP A 30 7.72 -3.10 4.46
C TRP A 30 6.38 -3.16 5.23
N HIS A 31 5.37 -3.84 4.68
CA HIS A 31 4.02 -3.89 5.27
C HIS A 31 3.88 -5.15 6.17
N PRO A 32 3.85 -5.00 7.54
CA PRO A 32 3.93 -6.16 8.48
C PRO A 32 2.66 -7.06 8.52
N GLN A 33 1.58 -6.65 7.84
CA GLN A 33 0.37 -7.51 7.67
C GLN A 33 0.50 -8.41 6.42
N VAL A 34 1.26 -7.96 5.40
CA VAL A 34 1.55 -8.78 4.21
C VAL A 34 2.72 -9.77 4.53
N SER A 35 2.39 -11.07 4.67
CA SER A 35 3.39 -12.12 4.97
C SER A 35 4.27 -12.42 3.73
N ALA A 36 3.68 -13.07 2.72
CA ALA A 36 4.35 -13.43 1.45
C ALA A 36 3.31 -13.94 0.40
N PRO A 37 2.94 -13.09 -0.62
CA PRO A 37 1.94 -13.46 -1.65
C PRO A 37 2.50 -14.29 -2.85
N THR A 38 1.58 -14.87 -3.64
CA THR A 38 1.90 -15.71 -4.82
C THR A 38 1.72 -14.89 -6.12
N LEU A 39 2.82 -14.65 -6.86
CA LEU A 39 2.78 -13.82 -8.09
C LEU A 39 2.52 -14.68 -9.35
N ARG A 40 1.61 -14.20 -10.23
CA ARG A 40 1.22 -14.92 -11.47
C ARG A 40 1.76 -14.20 -12.73
N GLY A 41 2.57 -14.93 -13.53
CA GLY A 41 3.15 -14.45 -14.82
C GLY A 41 3.72 -13.01 -14.86
N ALA A 42 4.03 -12.56 -16.10
CA ALA A 42 4.49 -11.17 -16.40
C ALA A 42 5.75 -10.73 -15.60
N SER A 43 5.52 -10.10 -14.43
CA SER A 43 6.55 -9.43 -13.58
C SER A 43 5.84 -8.58 -12.50
N PRO A 44 6.44 -8.41 -11.28
CA PRO A 44 5.95 -7.40 -10.27
C PRO A 44 6.01 -5.94 -10.81
N HIS A 45 6.75 -5.73 -11.93
CA HIS A 45 6.85 -4.44 -12.63
C HIS A 45 5.86 -4.31 -13.81
N THR A 46 5.36 -5.44 -14.33
CA THR A 46 4.46 -5.44 -15.53
C THR A 46 2.96 -5.58 -15.11
N PRO A 47 2.06 -4.61 -15.52
CA PRO A 47 0.60 -4.69 -15.24
C PRO A 47 -0.07 -5.99 -15.78
N GLY A 48 -0.78 -6.70 -14.89
CA GLY A 48 -1.45 -7.97 -15.22
C GLY A 48 -1.11 -9.08 -14.24
N ALA A 49 0.06 -8.97 -13.56
CA ALA A 49 0.50 -9.94 -12.54
C ALA A 49 -0.38 -9.88 -11.27
N GLU A 50 -0.71 -11.06 -10.70
CA GLU A 50 -1.62 -11.17 -9.53
C GLU A 50 -0.86 -11.68 -8.28
N ARG A 51 -1.08 -11.04 -7.10
CA ARG A 51 -0.46 -11.51 -5.83
C ARG A 51 -1.55 -12.14 -4.91
N VAL A 52 -1.39 -13.43 -4.57
CA VAL A 52 -2.40 -14.20 -3.78
C VAL A 52 -1.80 -14.66 -2.42
N PHE A 53 -2.34 -14.12 -1.32
CA PHE A 53 -1.80 -14.30 0.04
C PHE A 53 -2.03 -15.74 0.57
N GLY A 54 -1.04 -16.63 0.33
CA GLY A 54 -1.10 -18.02 0.81
C GLY A 54 -1.77 -18.98 -0.18
N ALA A 55 -3.03 -18.66 -0.56
CA ALA A 55 -3.87 -19.47 -1.49
C ALA A 55 -4.29 -20.82 -0.87
N GLY A 56 -5.51 -20.89 -0.29
CA GLY A 56 -6.04 -22.14 0.30
C GLY A 56 -5.88 -22.20 1.83
N THR A 57 -6.04 -21.04 2.50
CA THR A 57 -5.99 -20.93 3.98
C THR A 57 -7.42 -20.74 4.56
N GLU A 58 -7.95 -19.49 4.55
CA GLU A 58 -9.29 -19.15 5.09
C GLU A 58 -9.63 -17.68 4.76
N GLU A 59 -8.60 -16.80 4.78
CA GLU A 59 -8.73 -15.36 4.46
C GLU A 59 -7.60 -14.95 3.47
N GLU A 60 -7.31 -15.86 2.53
CA GLU A 60 -6.37 -15.61 1.43
C GLU A 60 -6.85 -14.45 0.52
N LEU A 61 -6.01 -13.42 0.39
CA LEU A 61 -6.33 -12.18 -0.34
C LEU A 61 -5.78 -12.23 -1.79
N VAL A 62 -6.68 -12.20 -2.79
CA VAL A 62 -6.30 -12.19 -4.21
C VAL A 62 -6.33 -10.75 -4.75
N GLU A 63 -5.15 -10.23 -5.12
CA GLU A 63 -4.99 -8.90 -5.73
C GLU A 63 -4.40 -9.02 -7.14
N ARG A 64 -4.51 -7.93 -7.93
CA ARG A 64 -4.05 -7.89 -9.33
C ARG A 64 -3.57 -6.48 -9.72
N LEU A 65 -2.37 -6.41 -10.32
CA LEU A 65 -1.75 -5.16 -10.79
C LEU A 65 -2.46 -4.64 -12.06
N VAL A 66 -3.15 -3.50 -11.92
CA VAL A 66 -3.90 -2.85 -13.02
C VAL A 66 -2.96 -2.01 -13.91
N GLU A 67 -2.14 -1.20 -13.25
CA GLU A 67 -1.19 -0.26 -13.90
C GLU A 67 -0.04 0.07 -12.93
N ARG A 68 1.16 0.37 -13.44
CA ARG A 68 2.28 0.81 -12.59
C ARG A 68 3.06 1.94 -13.30
N ASP A 69 2.92 3.15 -12.76
CA ASP A 69 3.50 4.38 -13.34
C ASP A 69 4.90 4.62 -12.75
N GLU A 70 5.87 3.78 -13.14
CA GLU A 70 7.27 3.88 -12.64
C GLU A 70 7.93 5.21 -13.10
N SER A 71 7.52 5.70 -14.28
CA SER A 71 7.97 7.00 -14.83
C SER A 71 7.46 8.21 -14.00
N ALA A 72 6.47 7.97 -13.11
CA ALA A 72 5.86 9.04 -12.26
C ALA A 72 5.87 8.66 -10.75
N ARG A 73 6.49 7.52 -10.40
CA ARG A 73 6.52 6.95 -9.01
C ARG A 73 5.08 6.74 -8.44
N ARG A 74 4.32 5.89 -9.14
CA ARG A 74 2.94 5.52 -8.76
C ARG A 74 2.68 4.02 -9.08
N LEU A 75 1.82 3.38 -8.25
CA LEU A 75 1.52 1.94 -8.34
C LEU A 75 -0.01 1.69 -8.14
N VAL A 76 -0.72 1.32 -9.22
CA VAL A 76 -2.20 1.17 -9.22
C VAL A 76 -2.63 -0.32 -9.33
N TYR A 77 -3.49 -0.76 -8.41
CA TYR A 77 -3.92 -2.18 -8.34
C TYR A 77 -5.31 -2.34 -7.70
N THR A 78 -5.79 -3.59 -7.64
CA THR A 78 -7.15 -3.94 -7.14
C THR A 78 -7.11 -5.27 -6.36
N MET A 79 -8.09 -5.50 -5.46
CA MET A 79 -8.37 -6.86 -4.94
C MET A 79 -9.74 -7.38 -5.47
N PRO A 80 -9.74 -8.24 -6.56
CA PRO A 80 -10.99 -8.89 -7.08
C PRO A 80 -11.65 -9.85 -6.04
N ASP A 81 -10.85 -10.31 -5.06
CA ASP A 81 -11.35 -11.11 -3.92
C ASP A 81 -11.07 -10.36 -2.58
N PRO A 82 -11.95 -9.39 -2.17
CA PRO A 82 -11.81 -8.66 -0.89
C PRO A 82 -12.59 -9.35 0.29
N PRO A 83 -12.04 -9.32 1.55
CA PRO A 83 -12.77 -9.78 2.75
C PRO A 83 -13.68 -8.67 3.38
N PHE A 84 -13.75 -7.50 2.71
CA PHE A 84 -14.52 -6.31 3.18
C PHE A 84 -15.83 -6.13 2.35
N PRO A 85 -16.91 -5.49 2.94
CA PRO A 85 -18.21 -5.25 2.24
C PRO A 85 -18.13 -4.13 1.15
N ILE A 86 -17.43 -4.45 0.04
CA ILE A 86 -17.15 -3.49 -1.07
C ILE A 86 -17.31 -4.18 -2.45
N THR A 87 -17.62 -3.40 -3.52
CA THR A 87 -17.73 -3.94 -4.91
C THR A 87 -16.41 -3.76 -5.68
N ASN A 88 -16.21 -2.64 -6.43
CA ASN A 88 -14.93 -2.37 -7.11
C ASN A 88 -13.96 -1.68 -6.13
N HIS A 89 -12.80 -2.31 -5.90
CA HIS A 89 -11.72 -1.72 -5.06
C HIS A 89 -10.50 -1.29 -5.90
N ARG A 90 -10.15 0.01 -5.82
CA ARG A 90 -8.88 0.57 -6.34
C ARG A 90 -7.94 0.85 -5.14
N ALA A 91 -6.62 0.69 -5.37
CA ALA A 91 -5.58 1.01 -4.37
C ALA A 91 -4.32 1.53 -5.10
N VAL A 92 -3.76 2.65 -4.62
CA VAL A 92 -2.63 3.33 -5.28
C VAL A 92 -1.52 3.72 -4.27
N LEU A 93 -0.27 3.35 -4.62
CA LEU A 93 0.95 3.66 -3.85
C LEU A 93 1.74 4.78 -4.58
N GLU A 94 2.02 5.89 -3.90
CA GLU A 94 2.85 6.99 -4.45
C GLU A 94 3.97 7.37 -3.47
N VAL A 95 5.12 7.82 -3.99
CA VAL A 95 6.20 8.42 -3.18
C VAL A 95 6.55 9.81 -3.75
N VAL A 96 6.19 10.84 -2.97
CA VAL A 96 6.32 12.25 -3.37
C VAL A 96 7.76 12.75 -3.11
N PRO A 97 8.46 13.32 -4.14
CA PRO A 97 9.77 14.01 -3.95
C PRO A 97 9.60 15.36 -3.21
N ARG A 98 9.32 15.27 -1.90
CA ARG A 98 9.10 16.44 -1.02
C ARG A 98 10.45 17.17 -0.78
N ASP A 99 11.52 16.38 -0.69
CA ASP A 99 12.92 16.84 -0.52
C ASP A 99 13.88 15.67 -0.88
N ASP A 100 15.17 15.95 -1.12
CA ASP A 100 16.18 14.91 -1.43
C ASP A 100 16.52 14.03 -0.18
N ARG A 101 16.02 14.43 0.99
CA ARG A 101 16.20 13.71 2.27
C ARG A 101 14.85 13.41 2.96
N HIS A 102 13.72 13.88 2.37
CA HIS A 102 12.36 13.64 2.90
C HIS A 102 11.40 13.25 1.76
N CYS A 103 10.68 12.13 1.92
CA CYS A 103 9.70 11.63 0.92
C CYS A 103 8.36 11.31 1.60
N THR A 104 7.24 11.75 1.00
CA THR A 104 5.90 11.47 1.54
C THR A 104 5.27 10.27 0.81
N VAL A 105 5.10 9.13 1.52
CA VAL A 105 4.50 7.92 0.94
C VAL A 105 2.96 8.01 1.09
N VAL A 106 2.28 8.27 -0.02
CA VAL A 106 0.81 8.44 -0.06
C VAL A 106 0.14 7.14 -0.55
N TRP A 107 -0.68 6.51 0.30
CA TRP A 107 -1.43 5.29 -0.03
C TRP A 107 -2.94 5.57 0.07
N THR A 108 -3.67 5.37 -1.04
CA THR A 108 -5.09 5.75 -1.15
C THR A 108 -5.93 4.57 -1.69
N ALA A 109 -7.05 4.26 -1.01
CA ALA A 109 -7.96 3.14 -1.37
C ALA A 109 -9.38 3.66 -1.66
N MET A 110 -9.81 3.49 -2.92
CA MET A 110 -11.17 3.82 -3.37
C MET A 110 -11.99 2.53 -3.41
N PHE A 111 -13.26 2.58 -3.00
CA PHE A 111 -14.14 1.40 -3.06
C PHE A 111 -15.62 1.76 -3.07
N ASP A 112 -16.42 0.88 -3.69
CA ASP A 112 -17.88 1.00 -3.73
C ASP A 112 -18.48 0.40 -2.44
N CYS A 113 -18.55 1.22 -1.39
CA CYS A 113 -19.13 0.80 -0.08
C CYS A 113 -20.18 1.81 0.43
N SER A 114 -20.99 1.35 1.40
CA SER A 114 -22.01 2.19 2.07
C SER A 114 -21.38 3.19 3.07
N PRO A 115 -21.90 4.46 3.16
CA PRO A 115 -21.50 5.44 4.22
C PRO A 115 -21.51 4.87 5.66
N GLU A 116 -22.53 4.03 5.95
CA GLU A 116 -22.68 3.34 7.26
C GLU A 116 -21.47 2.44 7.60
N THR A 117 -20.96 1.70 6.61
CA THR A 117 -19.76 0.82 6.79
C THR A 117 -18.44 1.64 6.68
N ALA A 118 -18.49 2.76 5.92
CA ALA A 118 -17.30 3.59 5.62
C ALA A 118 -16.60 4.13 6.90
N ARG A 119 -17.41 4.50 7.92
CA ARG A 119 -16.89 4.97 9.23
C ARG A 119 -16.00 3.89 9.93
N GLU A 120 -16.36 2.61 9.73
CA GLU A 120 -15.56 1.46 10.20
C GLU A 120 -14.31 1.28 9.35
N LEU A 121 -14.44 1.39 8.02
CA LEU A 121 -13.35 1.11 7.07
C LEU A 121 -12.21 2.16 7.19
N GLU A 122 -12.56 3.43 7.46
CA GLU A 122 -11.57 4.51 7.69
C GLU A 122 -10.69 4.20 8.92
N SER A 123 -11.32 3.74 10.01
CA SER A 123 -10.62 3.33 11.25
C SER A 123 -9.78 2.03 11.07
N VAL A 124 -10.46 0.94 10.62
CA VAL A 124 -9.89 -0.42 10.54
C VAL A 124 -8.87 -0.58 9.38
N ILE A 125 -9.25 -0.14 8.17
CA ILE A 125 -8.36 -0.21 6.98
C ILE A 125 -7.37 0.98 6.96
N GLY A 126 -7.88 2.22 7.15
CA GLY A 126 -7.06 3.43 7.08
C GLY A 126 -6.07 3.60 8.24
N ASP A 127 -6.58 3.99 9.42
CA ASP A 127 -5.75 4.16 10.64
C ASP A 127 -5.15 2.82 11.12
N GLY A 128 -5.84 1.71 10.79
CA GLY A 128 -5.36 0.36 11.11
C GLY A 128 -4.32 -0.15 10.12
N VAL A 129 -4.77 -0.82 9.04
CA VAL A 129 -3.90 -1.56 8.09
C VAL A 129 -2.82 -0.65 7.43
N PHE A 130 -3.24 0.50 6.90
CA PHE A 130 -2.40 1.40 6.10
C PHE A 130 -1.38 2.16 6.97
N ALA A 131 -1.88 2.85 8.02
CA ALA A 131 -1.03 3.67 8.92
C ALA A 131 0.04 2.82 9.64
N VAL A 132 -0.30 1.55 9.95
CA VAL A 132 0.67 0.56 10.48
C VAL A 132 1.86 0.35 9.49
N GLY A 133 1.54 0.12 8.20
CA GLY A 133 2.56 -0.12 7.17
C GLY A 133 3.41 1.12 6.87
N LEU A 134 2.76 2.29 6.78
CA LEU A 134 3.42 3.58 6.45
C LEU A 134 4.36 4.06 7.57
N ASN A 135 3.95 3.86 8.84
CA ASN A 135 4.78 4.18 10.02
C ASN A 135 6.01 3.25 10.08
N ALA A 136 5.81 1.95 9.82
CA ALA A 136 6.89 0.94 9.75
C ALA A 136 7.91 1.27 8.63
N LEU A 137 7.40 1.80 7.50
CA LEU A 137 8.23 2.23 6.35
C LEU A 137 9.10 3.45 6.76
N ALA A 138 8.51 4.38 7.49
CA ALA A 138 9.23 5.55 8.04
C ALA A 138 10.32 5.12 9.06
N GLU A 139 10.00 4.05 9.84
CA GLU A 139 10.89 3.52 10.92
C GLU A 139 12.23 2.96 10.40
N ARG A 140 12.21 2.23 9.28
CA ARG A 140 13.45 1.61 8.73
C ARG A 140 14.48 2.69 8.28
N TYR A 141 14.00 3.85 7.80
CA TYR A 141 14.87 4.94 7.28
C TYR A 141 15.35 5.93 8.36
N GLY A 142 14.63 6.04 9.49
CA GLY A 142 15.04 6.95 10.59
C GLY A 142 13.96 7.24 11.65
N ARG A 143 12.81 6.54 11.56
CA ARG A 143 11.65 6.66 12.50
C ARG A 143 11.08 8.11 12.57
N LEU A 144 11.60 8.93 13.50
CA LEU A 144 11.15 10.32 13.71
C LEU A 144 12.30 11.31 13.40
N GLU A 145 12.20 12.03 12.27
CA GLU A 145 13.11 13.17 11.97
C GLU A 145 12.57 14.47 12.63
N HIS A 146 11.23 14.59 12.67
CA HIS A 146 10.47 15.64 13.38
C HIS A 146 9.13 15.03 13.89
N HIS A 147 8.20 15.89 14.36
CA HIS A 147 6.81 15.52 14.78
C HIS A 147 6.73 14.69 16.09
N HIS A 148 5.58 14.79 16.76
CA HIS A 148 5.24 13.96 17.96
C HIS A 148 3.71 13.98 18.20
N HIS A 149 3.15 12.79 18.55
CA HIS A 149 1.70 12.58 18.73
C HIS A 149 0.88 12.84 17.44
N HIS A 150 1.17 12.02 16.41
CA HIS A 150 0.44 12.01 15.12
C HIS A 150 0.72 10.68 14.36
N HIS A 151 -0.34 10.04 13.85
CA HIS A 151 -0.23 8.80 13.03
C HIS A 151 -0.68 9.05 11.58
N MET A 1 -19.86 8.00 1.50
CA MET A 1 -18.40 8.20 1.71
C MET A 1 -17.67 6.84 1.84
N ALA A 2 -16.58 6.66 1.06
CA ALA A 2 -15.79 5.41 1.03
C ALA A 2 -14.44 5.60 0.27
N THR A 3 -13.87 6.83 0.35
CA THR A 3 -12.58 7.18 -0.29
C THR A 3 -11.54 7.58 0.79
N LEU A 4 -10.50 6.73 0.95
CA LEU A 4 -9.48 6.85 2.02
C LEU A 4 -8.21 7.51 1.45
N ARG A 5 -7.72 8.58 2.10
CA ARG A 5 -6.41 9.21 1.75
C ARG A 5 -5.46 9.14 2.95
N ARG A 6 -4.31 8.46 2.78
CA ARG A 6 -3.27 8.31 3.82
C ARG A 6 -1.90 8.75 3.27
N SER A 7 -1.11 9.46 4.11
CA SER A 7 0.24 9.97 3.71
C SER A 7 1.22 9.94 4.91
N VAL A 8 2.53 9.87 4.60
CA VAL A 8 3.60 9.83 5.63
C VAL A 8 4.89 10.47 5.09
N GLU A 9 5.69 11.12 5.95
CA GLU A 9 7.02 11.65 5.58
C GLU A 9 8.14 10.65 5.96
N VAL A 10 8.73 10.05 4.93
CA VAL A 10 9.75 8.99 5.03
C VAL A 10 11.17 9.59 4.93
N ALA A 11 12.10 9.12 5.77
CA ALA A 11 13.52 9.54 5.75
C ALA A 11 14.32 8.83 4.63
N ALA A 12 14.00 9.15 3.37
CA ALA A 12 14.68 8.59 2.19
C ALA A 12 14.40 9.43 0.92
N PRO A 13 15.36 9.46 -0.06
CA PRO A 13 15.11 10.02 -1.41
C PRO A 13 14.07 9.16 -2.20
N ALA A 14 13.21 9.83 -3.01
CA ALA A 14 12.05 9.21 -3.71
C ALA A 14 12.36 7.89 -4.46
N ALA A 15 13.52 7.83 -5.15
CA ALA A 15 13.97 6.62 -5.87
C ALA A 15 14.19 5.41 -4.92
N ASP A 16 14.86 5.67 -3.78
CA ASP A 16 15.12 4.66 -2.73
C ASP A 16 13.81 4.05 -2.16
N VAL A 17 12.80 4.91 -1.93
CA VAL A 17 11.47 4.46 -1.44
C VAL A 17 10.71 3.69 -2.55
N TRP A 18 10.88 4.15 -3.81
CA TRP A 18 10.24 3.52 -4.98
C TRP A 18 10.82 2.12 -5.27
N THR A 19 12.09 1.88 -4.88
CA THR A 19 12.71 0.54 -4.91
C THR A 19 11.95 -0.45 -3.97
N LEU A 20 11.39 0.11 -2.89
CA LEU A 20 10.66 -0.64 -1.84
C LEU A 20 9.17 -0.90 -2.24
N VAL A 21 8.41 0.18 -2.50
CA VAL A 21 6.95 0.08 -2.81
C VAL A 21 6.67 -0.23 -4.30
N GLY A 22 7.65 0.01 -5.19
CA GLY A 22 7.48 -0.16 -6.66
C GLY A 22 7.54 -1.60 -7.16
N ASP A 23 7.49 -2.57 -6.24
CA ASP A 23 7.35 -4.00 -6.55
C ASP A 23 6.05 -4.53 -5.87
N PHE A 24 5.14 -5.06 -6.71
CA PHE A 24 3.80 -5.52 -6.28
C PHE A 24 3.87 -6.74 -5.31
N SER A 25 4.90 -7.59 -5.49
CA SER A 25 5.11 -8.81 -4.65
C SER A 25 5.81 -8.49 -3.30
N ALA A 26 6.54 -7.36 -3.24
CA ALA A 26 7.54 -7.09 -2.18
C ALA A 26 6.97 -6.27 -1.00
N ILE A 27 5.65 -6.32 -0.86
CA ILE A 27 4.91 -5.60 0.20
C ILE A 27 5.22 -6.19 1.62
N HIS A 28 5.66 -7.47 1.65
CA HIS A 28 6.11 -8.17 2.89
C HIS A 28 7.35 -7.51 3.57
N ARG A 29 8.05 -6.61 2.84
CA ARG A 29 9.28 -5.94 3.35
C ARG A 29 8.93 -4.77 4.30
N TRP A 30 7.97 -3.92 3.88
CA TRP A 30 7.66 -2.65 4.60
C TRP A 30 6.37 -2.75 5.42
N HIS A 31 5.42 -3.59 4.95
CA HIS A 31 4.10 -3.74 5.59
C HIS A 31 4.15 -4.90 6.63
N PRO A 32 4.12 -4.59 7.98
CA PRO A 32 4.31 -5.62 9.05
C PRO A 32 3.19 -6.69 9.13
N GLN A 33 2.02 -6.41 8.55
CA GLN A 33 0.86 -7.36 8.57
C GLN A 33 0.95 -8.40 7.44
N VAL A 34 1.68 -8.08 6.37
CA VAL A 34 1.90 -9.01 5.24
C VAL A 34 2.94 -10.09 5.60
N SER A 35 2.48 -11.36 5.57
CA SER A 35 3.34 -12.55 5.77
C SER A 35 4.23 -12.79 4.52
N ALA A 36 3.62 -13.30 3.43
CA ALA A 36 4.33 -13.63 2.18
C ALA A 36 3.32 -13.90 1.02
N PRO A 37 3.11 -12.93 0.08
CA PRO A 37 2.21 -13.13 -1.09
C PRO A 37 2.88 -13.92 -2.26
N THR A 38 2.03 -14.64 -3.01
CA THR A 38 2.44 -15.42 -4.21
C THR A 38 2.09 -14.62 -5.46
N LEU A 39 3.09 -14.34 -6.33
CA LEU A 39 2.90 -13.47 -7.52
C LEU A 39 2.57 -14.36 -8.74
N ARG A 40 1.47 -14.03 -9.44
CA ARG A 40 0.91 -14.82 -10.55
C ARG A 40 0.78 -13.95 -11.82
N GLY A 41 0.93 -14.59 -13.00
CA GLY A 41 0.92 -13.93 -14.33
C GLY A 41 1.85 -12.69 -14.52
N ALA A 42 2.60 -12.71 -15.64
CA ALA A 42 3.45 -11.59 -16.11
C ALA A 42 4.68 -11.30 -15.17
N SER A 43 4.50 -10.42 -14.17
CA SER A 43 5.59 -9.89 -13.32
C SER A 43 5.03 -8.89 -12.27
N PRO A 44 5.68 -8.75 -11.05
CA PRO A 44 5.29 -7.72 -10.05
C PRO A 44 5.55 -6.26 -10.52
N HIS A 45 6.21 -6.12 -11.69
CA HIS A 45 6.47 -4.82 -12.33
C HIS A 45 5.62 -4.63 -13.62
N THR A 46 4.92 -5.69 -14.08
CA THR A 46 4.10 -5.65 -15.32
C THR A 46 2.58 -5.52 -14.99
N PRO A 47 1.87 -4.45 -15.48
CA PRO A 47 0.39 -4.31 -15.35
C PRO A 47 -0.40 -5.54 -15.87
N GLY A 48 -1.19 -6.16 -14.99
CA GLY A 48 -1.93 -7.40 -15.30
C GLY A 48 -1.65 -8.55 -14.33
N ALA A 49 -0.68 -8.34 -13.42
CA ALA A 49 -0.26 -9.37 -12.42
C ALA A 49 -1.28 -9.53 -11.27
N GLU A 50 -1.05 -10.54 -10.40
CA GLU A 50 -1.85 -10.79 -9.16
C GLU A 50 -0.94 -11.22 -7.97
N ARG A 51 -1.37 -10.94 -6.73
CA ARG A 51 -0.66 -11.40 -5.50
C ARG A 51 -1.68 -12.04 -4.52
N VAL A 52 -1.34 -13.25 -3.99
CA VAL A 52 -2.20 -14.01 -3.06
C VAL A 52 -1.47 -14.21 -1.71
N PHE A 53 -1.97 -13.54 -0.65
CA PHE A 53 -1.27 -13.44 0.67
C PHE A 53 -1.28 -14.77 1.48
N GLY A 54 -0.16 -15.52 1.38
CA GLY A 54 -0.03 -16.81 2.06
C GLY A 54 -0.25 -17.97 1.09
N ALA A 55 -1.46 -18.00 0.47
CA ALA A 55 -1.88 -19.01 -0.54
C ALA A 55 -1.96 -20.46 0.04
N GLY A 56 -3.20 -20.97 0.19
CA GLY A 56 -3.42 -22.30 0.79
C GLY A 56 -3.44 -22.27 2.33
N THR A 57 -3.75 -21.10 2.91
CA THR A 57 -3.74 -20.87 4.37
C THR A 57 -5.16 -20.52 4.89
N GLU A 58 -5.59 -19.26 4.72
CA GLU A 58 -6.87 -18.72 5.26
C GLU A 58 -6.94 -17.21 4.90
N GLU A 59 -5.88 -16.48 5.29
CA GLU A 59 -5.75 -15.01 5.12
C GLU A 59 -5.42 -14.58 3.65
N GLU A 60 -5.59 -15.50 2.69
CA GLU A 60 -5.18 -15.30 1.29
C GLU A 60 -6.09 -14.28 0.56
N LEU A 61 -5.60 -13.02 0.52
CA LEU A 61 -6.23 -11.92 -0.21
C LEU A 61 -5.70 -11.91 -1.65
N VAL A 62 -6.61 -11.82 -2.64
CA VAL A 62 -6.23 -11.75 -4.06
C VAL A 62 -6.35 -10.30 -4.56
N GLU A 63 -5.22 -9.69 -4.95
CA GLU A 63 -5.16 -8.33 -5.52
C GLU A 63 -4.55 -8.34 -6.93
N ARG A 64 -5.19 -7.63 -7.88
CA ARG A 64 -4.80 -7.60 -9.30
C ARG A 64 -4.19 -6.23 -9.67
N LEU A 65 -2.94 -6.24 -10.14
CA LEU A 65 -2.19 -5.05 -10.58
C LEU A 65 -2.82 -4.41 -11.85
N VAL A 66 -3.25 -3.13 -11.72
CA VAL A 66 -3.86 -2.36 -12.83
C VAL A 66 -2.78 -1.70 -13.72
N GLU A 67 -1.85 -0.97 -13.07
CA GLU A 67 -0.76 -0.23 -13.76
C GLU A 67 0.40 0.09 -12.79
N ARG A 68 1.56 0.46 -13.35
CA ARG A 68 2.73 0.91 -12.59
C ARG A 68 3.65 1.79 -13.47
N ASP A 69 4.00 2.98 -12.97
CA ASP A 69 4.85 3.94 -13.70
C ASP A 69 6.04 4.36 -12.80
N GLU A 70 7.28 4.17 -13.32
CA GLU A 70 8.53 4.48 -12.60
C GLU A 70 8.76 6.01 -12.53
N SER A 71 8.59 6.69 -13.68
CA SER A 71 8.94 8.12 -13.88
C SER A 71 8.09 9.07 -13.00
N ALA A 72 6.88 8.62 -12.63
CA ALA A 72 5.95 9.39 -11.76
C ALA A 72 5.84 8.77 -10.34
N ARG A 73 6.44 7.57 -10.14
CA ARG A 73 6.40 6.82 -8.85
C ARG A 73 4.96 6.48 -8.41
N ARG A 74 4.17 5.99 -9.38
CA ARG A 74 2.75 5.65 -9.20
C ARG A 74 2.51 4.13 -9.36
N LEU A 75 1.91 3.49 -8.35
CA LEU A 75 1.55 2.05 -8.38
C LEU A 75 0.03 1.89 -8.14
N VAL A 76 -0.75 1.53 -9.17
CA VAL A 76 -2.23 1.36 -9.04
C VAL A 76 -2.62 -0.12 -9.18
N TYR A 77 -3.52 -0.57 -8.30
CA TYR A 77 -4.04 -1.96 -8.29
C TYR A 77 -5.49 -2.00 -7.73
N THR A 78 -6.06 -3.21 -7.67
CA THR A 78 -7.45 -3.44 -7.21
C THR A 78 -7.54 -4.74 -6.40
N MET A 79 -8.65 -4.92 -5.64
CA MET A 79 -8.92 -6.17 -4.87
C MET A 79 -10.10 -6.96 -5.53
N PRO A 80 -9.82 -7.88 -6.53
CA PRO A 80 -10.87 -8.73 -7.18
C PRO A 80 -11.60 -9.69 -6.21
N ASP A 81 -10.88 -10.20 -5.20
CA ASP A 81 -11.46 -11.07 -4.15
C ASP A 81 -11.14 -10.47 -2.74
N PRO A 82 -11.95 -9.46 -2.27
CA PRO A 82 -11.77 -8.84 -0.95
C PRO A 82 -12.65 -9.47 0.19
N PRO A 83 -12.16 -9.51 1.47
CA PRO A 83 -13.00 -9.91 2.64
C PRO A 83 -13.90 -8.74 3.16
N PHE A 84 -13.77 -7.56 2.52
CA PHE A 84 -14.54 -6.35 2.85
C PHE A 84 -15.71 -6.18 1.84
N PRO A 85 -16.96 -5.85 2.30
CA PRO A 85 -18.14 -5.70 1.40
C PRO A 85 -18.04 -4.44 0.48
N ILE A 86 -17.29 -4.60 -0.63
CA ILE A 86 -17.01 -3.51 -1.61
C ILE A 86 -17.20 -4.01 -3.06
N THR A 87 -17.76 -3.17 -3.96
CA THR A 87 -17.98 -3.54 -5.38
C THR A 87 -16.69 -3.31 -6.22
N ASN A 88 -16.39 -2.04 -6.54
CA ASN A 88 -15.15 -1.68 -7.29
C ASN A 88 -14.13 -0.99 -6.35
N HIS A 89 -13.03 -1.69 -6.08
CA HIS A 89 -11.89 -1.16 -5.30
C HIS A 89 -10.80 -0.53 -6.23
N ARG A 90 -10.06 0.45 -5.70
CA ARG A 90 -8.87 1.03 -6.36
C ARG A 90 -7.86 1.54 -5.29
N ALA A 91 -6.59 1.11 -5.34
CA ALA A 91 -5.53 1.58 -4.39
C ALA A 91 -4.23 1.98 -5.12
N VAL A 92 -3.55 3.03 -4.63
CA VAL A 92 -2.33 3.59 -5.26
C VAL A 92 -1.21 3.96 -4.25
N LEU A 93 0.06 3.69 -4.63
CA LEU A 93 1.28 4.17 -3.91
C LEU A 93 1.96 5.28 -4.75
N GLU A 94 2.04 6.51 -4.22
CA GLU A 94 2.72 7.64 -4.91
C GLU A 94 3.78 8.31 -3.99
N VAL A 95 5.06 8.19 -4.38
CA VAL A 95 6.18 8.77 -3.60
C VAL A 95 6.46 10.22 -4.11
N VAL A 96 6.16 11.20 -3.25
CA VAL A 96 6.27 12.65 -3.57
C VAL A 96 7.58 13.24 -2.97
N PRO A 97 8.60 13.61 -3.83
CA PRO A 97 9.93 14.05 -3.34
C PRO A 97 9.92 15.40 -2.55
N ARG A 98 10.26 15.31 -1.24
CA ARG A 98 10.55 16.49 -0.38
C ARG A 98 12.07 16.84 -0.39
N ASP A 99 12.81 16.21 -1.35
CA ASP A 99 14.24 16.48 -1.63
C ASP A 99 15.19 16.01 -0.47
N ASP A 100 16.52 16.14 -0.73
CA ASP A 100 17.61 15.79 0.22
C ASP A 100 17.58 14.27 0.62
N ARG A 101 16.80 13.92 1.66
CA ARG A 101 16.58 12.53 2.10
C ARG A 101 15.21 12.41 2.80
N HIS A 102 14.18 13.05 2.22
CA HIS A 102 12.79 13.00 2.73
C HIS A 102 11.80 12.97 1.54
N CYS A 103 10.74 12.15 1.65
CA CYS A 103 9.68 12.05 0.62
C CYS A 103 8.34 11.59 1.25
N THR A 104 7.23 12.20 0.82
CA THR A 104 5.88 11.89 1.33
C THR A 104 5.20 10.78 0.50
N VAL A 105 5.01 9.58 1.10
CA VAL A 105 4.38 8.43 0.42
C VAL A 105 2.86 8.44 0.68
N VAL A 106 2.09 8.55 -0.41
CA VAL A 106 0.62 8.66 -0.35
C VAL A 106 -0.02 7.32 -0.78
N TRP A 107 -0.67 6.64 0.17
CA TRP A 107 -1.43 5.41 -0.08
C TRP A 107 -2.94 5.72 0.00
N THR A 108 -3.64 5.65 -1.14
CA THR A 108 -5.06 6.07 -1.27
C THR A 108 -5.91 4.91 -1.81
N ALA A 109 -7.01 4.57 -1.10
CA ALA A 109 -7.92 3.47 -1.50
C ALA A 109 -9.39 3.93 -1.52
N MET A 110 -10.00 3.87 -2.70
CA MET A 110 -11.40 4.27 -2.95
C MET A 110 -12.19 3.05 -3.44
N PHE A 111 -13.33 2.78 -2.78
CA PHE A 111 -14.14 1.57 -3.00
C PHE A 111 -15.64 1.86 -2.87
N ASP A 112 -16.48 1.02 -3.48
CA ASP A 112 -17.95 1.16 -3.40
C ASP A 112 -18.49 0.36 -2.20
N CYS A 113 -18.46 1.01 -1.02
CA CYS A 113 -18.96 0.41 0.24
C CYS A 113 -20.06 1.29 0.89
N SER A 114 -21.01 0.64 1.59
CA SER A 114 -22.06 1.33 2.38
C SER A 114 -21.40 2.16 3.51
N PRO A 115 -21.67 3.51 3.60
CA PRO A 115 -20.96 4.43 4.54
C PRO A 115 -20.92 3.98 6.04
N GLU A 116 -21.86 3.10 6.47
CA GLU A 116 -21.80 2.43 7.81
C GLU A 116 -20.58 1.47 7.91
N THR A 117 -20.42 0.59 6.92
CA THR A 117 -19.27 -0.33 6.83
C THR A 117 -17.98 0.45 6.48
N ALA A 118 -18.11 1.48 5.62
CA ALA A 118 -16.97 2.22 5.04
C ALA A 118 -16.23 3.09 6.08
N ARG A 119 -16.98 3.72 7.01
CA ARG A 119 -16.39 4.48 8.14
C ARG A 119 -15.59 3.55 9.09
N GLU A 120 -16.09 2.31 9.24
CA GLU A 120 -15.42 1.24 10.00
C GLU A 120 -14.15 0.78 9.25
N LEU A 121 -14.20 0.80 7.91
CA LEU A 121 -13.05 0.45 7.04
C LEU A 121 -11.99 1.58 7.02
N GLU A 122 -12.39 2.83 7.28
CA GLU A 122 -11.41 3.94 7.45
C GLU A 122 -10.57 3.72 8.74
N SER A 123 -11.19 3.12 9.76
CA SER A 123 -10.48 2.63 10.97
C SER A 123 -9.58 1.39 10.67
N VAL A 124 -10.19 0.30 10.16
CA VAL A 124 -9.49 -1.00 9.98
C VAL A 124 -8.49 -0.97 8.80
N ILE A 125 -8.97 -0.61 7.61
CA ILE A 125 -8.12 -0.48 6.40
C ILE A 125 -7.24 0.78 6.48
N GLY A 126 -7.86 1.93 6.79
CA GLY A 126 -7.16 3.23 6.81
C GLY A 126 -6.09 3.36 7.89
N ASP A 127 -6.46 3.15 9.16
CA ASP A 127 -5.48 3.24 10.29
C ASP A 127 -4.72 1.91 10.50
N GLY A 128 -5.48 0.81 10.64
CA GLY A 128 -4.93 -0.50 11.02
C GLY A 128 -4.00 -1.14 9.98
N VAL A 129 -4.32 -0.96 8.69
CA VAL A 129 -3.49 -1.50 7.58
C VAL A 129 -2.55 -0.40 7.02
N PHE A 130 -3.14 0.72 6.57
CA PHE A 130 -2.41 1.78 5.80
C PHE A 130 -1.50 2.64 6.69
N ALA A 131 -2.08 3.36 7.66
CA ALA A 131 -1.33 4.27 8.54
C ALA A 131 -0.24 3.50 9.33
N VAL A 132 -0.53 2.24 9.66
CA VAL A 132 0.44 1.32 10.28
C VAL A 132 1.61 0.99 9.30
N GLY A 133 1.28 0.57 8.05
CA GLY A 133 2.29 0.18 7.06
C GLY A 133 3.20 1.35 6.63
N LEU A 134 2.59 2.53 6.50
CA LEU A 134 3.29 3.79 6.12
C LEU A 134 4.20 4.31 7.26
N ASN A 135 3.73 4.21 8.52
CA ASN A 135 4.53 4.59 9.71
C ASN A 135 5.70 3.60 9.92
N ALA A 136 5.45 2.29 9.68
CA ALA A 136 6.48 1.23 9.75
C ALA A 136 7.56 1.41 8.67
N LEU A 137 7.14 1.94 7.50
CA LEU A 137 8.04 2.32 6.41
C LEU A 137 8.91 3.54 6.85
N ALA A 138 8.32 4.44 7.64
CA ALA A 138 9.04 5.58 8.24
C ALA A 138 9.98 5.13 9.41
N GLU A 139 9.64 4.00 10.10
CA GLU A 139 10.45 3.46 11.22
C GLU A 139 11.77 2.81 10.72
N ARG A 140 11.69 2.04 9.60
CA ARG A 140 12.88 1.39 8.99
C ARG A 140 13.88 2.45 8.46
N TYR A 141 13.37 3.51 7.82
CA TYR A 141 14.21 4.65 7.35
C TYR A 141 14.49 5.64 8.51
N GLY A 142 13.90 5.37 9.69
CA GLY A 142 14.25 6.07 10.94
C GLY A 142 15.66 5.71 11.46
N ARG A 143 16.38 4.89 10.69
CA ARG A 143 17.82 4.66 10.84
C ARG A 143 18.60 5.95 10.42
N LEU A 144 18.07 6.68 9.41
CA LEU A 144 18.60 8.00 8.97
C LEU A 144 18.18 9.11 9.97
N GLU A 145 16.86 9.33 10.11
CA GLU A 145 16.28 10.30 11.08
C GLU A 145 15.82 9.52 12.33
N HIS A 146 16.70 9.45 13.36
CA HIS A 146 16.49 8.58 14.54
C HIS A 146 15.33 9.08 15.46
N HIS A 147 15.02 10.39 15.39
CA HIS A 147 13.93 10.99 16.17
C HIS A 147 12.58 10.86 15.42
N HIS A 148 11.71 9.98 15.95
CA HIS A 148 10.34 9.77 15.43
C HIS A 148 9.41 9.28 16.56
N HIS A 149 9.84 8.21 17.27
CA HIS A 149 9.23 7.71 18.54
C HIS A 149 7.74 7.26 18.40
N HIS A 150 7.48 5.97 18.65
CA HIS A 150 6.11 5.43 18.81
C HIS A 150 6.05 4.55 20.08
N HIS A 151 6.41 3.25 19.96
CA HIS A 151 6.50 2.27 21.08
C HIS A 151 7.08 0.93 20.60
N MET A 1 -16.19 9.74 3.28
CA MET A 1 -16.42 9.07 1.98
C MET A 1 -15.78 7.66 1.94
N ALA A 2 -16.01 6.93 0.82
CA ALA A 2 -15.48 5.56 0.60
C ALA A 2 -13.96 5.56 0.30
N THR A 3 -13.42 6.73 -0.06
CA THR A 3 -11.96 6.90 -0.29
C THR A 3 -11.19 7.05 1.03
N LEU A 4 -10.41 6.02 1.37
CA LEU A 4 -9.48 5.99 2.53
C LEU A 4 -8.06 6.41 2.05
N ARG A 5 -7.49 7.47 2.63
CA ARG A 5 -6.16 7.97 2.25
C ARG A 5 -5.26 8.18 3.48
N ARG A 6 -3.98 7.78 3.36
CA ARG A 6 -2.93 7.99 4.36
C ARG A 6 -1.67 8.55 3.67
N SER A 7 -0.87 9.31 4.42
CA SER A 7 0.42 9.88 3.93
C SER A 7 1.41 10.01 5.11
N VAL A 8 2.71 9.89 4.81
CA VAL A 8 3.79 9.81 5.85
C VAL A 8 5.08 10.54 5.39
N GLU A 9 5.72 11.29 6.31
CA GLU A 9 7.05 11.91 6.06
C GLU A 9 8.17 10.87 6.36
N VAL A 10 8.81 10.40 5.29
CA VAL A 10 9.84 9.35 5.33
C VAL A 10 11.25 9.96 5.28
N ALA A 11 12.14 9.53 6.21
CA ALA A 11 13.57 9.91 6.19
C ALA A 11 14.35 9.12 5.10
N ALA A 12 14.10 9.46 3.81
CA ALA A 12 14.75 8.85 2.63
C ALA A 12 14.32 9.60 1.33
N PRO A 13 15.26 9.79 0.35
CA PRO A 13 14.92 10.31 -1.02
C PRO A 13 13.92 9.38 -1.79
N ALA A 14 12.97 10.01 -2.53
CA ALA A 14 11.85 9.36 -3.25
C ALA A 14 12.23 8.13 -4.10
N ALA A 15 13.36 8.23 -4.84
CA ALA A 15 13.85 7.13 -5.71
C ALA A 15 14.16 5.84 -4.92
N ASP A 16 14.88 5.99 -3.80
CA ASP A 16 15.21 4.88 -2.88
C ASP A 16 13.96 4.25 -2.23
N VAL A 17 12.95 5.09 -1.95
CA VAL A 17 11.64 4.63 -1.42
C VAL A 17 10.84 3.90 -2.52
N TRP A 18 10.97 4.36 -3.78
CA TRP A 18 10.26 3.77 -4.94
C TRP A 18 10.88 2.40 -5.33
N THR A 19 12.16 2.19 -5.00
CA THR A 19 12.84 0.85 -5.11
C THR A 19 12.09 -0.21 -4.24
N LEU A 20 11.47 0.28 -3.16
CA LEU A 20 10.69 -0.54 -2.20
C LEU A 20 9.22 -0.74 -2.68
N VAL A 21 8.48 0.38 -2.85
CA VAL A 21 7.02 0.35 -3.18
C VAL A 21 6.73 0.50 -4.70
N GLY A 22 7.76 0.33 -5.53
CA GLY A 22 7.59 0.23 -7.00
C GLY A 22 7.51 -1.21 -7.47
N ASP A 23 6.93 -2.06 -6.63
CA ASP A 23 6.77 -3.50 -6.88
C ASP A 23 5.56 -4.05 -6.09
N PHE A 24 4.90 -5.06 -6.66
CA PHE A 24 3.65 -5.63 -6.11
C PHE A 24 3.94 -6.72 -5.03
N SER A 25 5.12 -7.35 -5.12
CA SER A 25 5.54 -8.44 -4.19
C SER A 25 6.34 -7.91 -2.98
N ALA A 26 6.94 -6.71 -3.11
CA ALA A 26 7.98 -6.20 -2.16
C ALA A 26 7.37 -5.59 -0.88
N ILE A 27 6.05 -5.76 -0.75
CA ILE A 27 5.26 -5.22 0.36
C ILE A 27 5.59 -5.91 1.72
N HIS A 28 6.11 -7.16 1.68
CA HIS A 28 6.56 -7.88 2.92
C HIS A 28 7.90 -7.34 3.48
N ARG A 29 8.48 -6.31 2.83
CA ARG A 29 9.75 -5.67 3.26
C ARG A 29 9.52 -4.38 4.08
N TRP A 30 8.28 -3.83 4.04
CA TRP A 30 7.90 -2.61 4.83
C TRP A 30 6.62 -2.80 5.65
N HIS A 31 5.63 -3.52 5.07
CA HIS A 31 4.29 -3.68 5.67
C HIS A 31 4.27 -4.93 6.61
N PRO A 32 4.08 -4.75 7.96
CA PRO A 32 4.26 -5.84 8.96
C PRO A 32 3.18 -6.96 8.92
N GLN A 33 1.97 -6.66 8.38
CA GLN A 33 0.85 -7.64 8.38
C GLN A 33 0.94 -8.65 7.20
N VAL A 34 1.78 -8.34 6.20
CA VAL A 34 1.95 -9.21 5.00
C VAL A 34 2.70 -10.53 5.34
N SER A 35 2.04 -11.68 5.08
CA SER A 35 2.60 -13.05 5.30
C SER A 35 3.26 -13.61 4.02
N ALA A 36 3.63 -12.71 3.07
CA ALA A 36 4.22 -13.03 1.74
C ALA A 36 3.18 -13.70 0.77
N PRO A 37 2.74 -12.98 -0.31
CA PRO A 37 1.77 -13.53 -1.30
C PRO A 37 2.42 -14.35 -2.46
N THR A 38 1.56 -15.04 -3.24
CA THR A 38 1.96 -15.88 -4.40
C THR A 38 1.69 -15.13 -5.72
N LEU A 39 2.70 -15.04 -6.59
CA LEU A 39 2.65 -14.19 -7.80
C LEU A 39 2.15 -14.96 -9.05
N ARG A 40 1.10 -14.39 -9.66
CA ARG A 40 0.48 -14.80 -10.93
C ARG A 40 1.09 -14.03 -12.11
N GLY A 41 0.52 -14.23 -13.32
CA GLY A 41 1.18 -13.90 -14.59
C GLY A 41 2.73 -14.05 -14.65
N ALA A 42 3.40 -12.98 -15.10
CA ALA A 42 4.86 -12.98 -15.35
C ALA A 42 5.66 -12.37 -14.16
N SER A 43 5.70 -11.02 -14.07
CA SER A 43 6.55 -10.28 -13.10
C SER A 43 5.69 -9.36 -12.19
N PRO A 44 6.00 -9.25 -10.87
CA PRO A 44 5.29 -8.31 -9.93
C PRO A 44 5.46 -6.79 -10.30
N HIS A 45 6.33 -6.50 -11.28
CA HIS A 45 6.45 -5.13 -11.86
C HIS A 45 5.47 -4.94 -13.05
N THR A 46 5.09 -6.05 -13.71
CA THR A 46 4.25 -6.05 -14.93
C THR A 46 2.74 -5.82 -14.62
N PRO A 47 2.09 -4.76 -15.23
CA PRO A 47 0.61 -4.57 -15.16
C PRO A 47 -0.16 -5.79 -15.70
N GLY A 48 -0.72 -6.60 -14.76
CA GLY A 48 -1.40 -7.86 -15.11
C GLY A 48 -1.16 -8.94 -14.06
N ALA A 49 0.06 -8.96 -13.49
CA ALA A 49 0.46 -9.93 -12.44
C ALA A 49 -0.37 -9.72 -11.14
N GLU A 50 -0.63 -10.81 -10.40
CA GLU A 50 -1.55 -10.80 -9.23
C GLU A 50 -0.83 -11.32 -7.95
N ARG A 51 -1.08 -10.70 -6.80
CA ARG A 51 -0.54 -11.18 -5.51
C ARG A 51 -1.69 -11.86 -4.69
N VAL A 52 -1.57 -13.18 -4.50
CA VAL A 52 -2.58 -14.00 -3.80
C VAL A 52 -2.00 -14.50 -2.46
N PHE A 53 -2.38 -13.83 -1.36
CA PHE A 53 -2.03 -14.25 0.02
C PHE A 53 -2.58 -15.65 0.30
N GLY A 54 -1.75 -16.54 0.89
CA GLY A 54 -2.19 -17.90 1.25
C GLY A 54 -2.39 -18.86 0.05
N ALA A 55 -3.44 -18.56 -0.76
CA ALA A 55 -3.82 -19.35 -1.96
C ALA A 55 -4.46 -20.71 -1.56
N GLY A 56 -5.80 -20.73 -1.50
CA GLY A 56 -6.55 -21.90 -1.02
C GLY A 56 -6.57 -22.03 0.51
N THR A 57 -6.36 -20.90 1.22
CA THR A 57 -6.29 -20.86 2.71
C THR A 57 -7.33 -19.88 3.28
N GLU A 58 -7.47 -19.87 4.63
CA GLU A 58 -8.36 -18.95 5.36
C GLU A 58 -7.85 -17.48 5.30
N GLU A 59 -6.52 -17.31 5.40
CA GLU A 59 -5.85 -15.99 5.22
C GLU A 59 -5.48 -15.79 3.73
N GLU A 60 -6.51 -15.72 2.87
CA GLU A 60 -6.34 -15.43 1.43
C GLU A 60 -6.83 -14.03 1.05
N LEU A 61 -6.05 -13.35 0.20
CA LEU A 61 -6.40 -12.05 -0.37
C LEU A 61 -5.87 -11.97 -1.83
N VAL A 62 -6.78 -11.93 -2.82
CA VAL A 62 -6.41 -11.89 -4.24
C VAL A 62 -6.48 -10.43 -4.76
N GLU A 63 -5.33 -9.89 -5.14
CA GLU A 63 -5.21 -8.54 -5.73
C GLU A 63 -4.54 -8.61 -7.10
N ARG A 64 -4.91 -7.68 -8.02
CA ARG A 64 -4.34 -7.63 -9.39
C ARG A 64 -3.73 -6.24 -9.68
N LEU A 65 -2.50 -6.23 -10.22
CA LEU A 65 -1.81 -4.99 -10.63
C LEU A 65 -2.42 -4.43 -11.94
N VAL A 66 -3.05 -3.25 -11.85
CA VAL A 66 -3.68 -2.59 -13.02
C VAL A 66 -2.62 -1.90 -13.90
N GLU A 67 -1.78 -1.05 -13.28
CA GLU A 67 -0.71 -0.30 -13.98
C GLU A 67 0.44 0.02 -12.99
N ARG A 68 1.64 0.23 -13.54
CA ARG A 68 2.81 0.66 -12.75
C ARG A 68 3.67 1.62 -13.59
N ASP A 69 4.30 2.60 -12.93
CA ASP A 69 5.16 3.61 -13.58
C ASP A 69 6.32 4.01 -12.63
N GLU A 70 7.54 4.06 -13.17
CA GLU A 70 8.77 4.28 -12.37
C GLU A 70 9.12 5.78 -12.22
N SER A 71 9.15 6.51 -13.35
CA SER A 71 9.55 7.95 -13.37
C SER A 71 8.47 8.85 -12.73
N ALA A 72 7.19 8.49 -12.91
CA ALA A 72 6.04 9.23 -12.33
C ALA A 72 5.72 8.76 -10.89
N ARG A 73 6.35 7.64 -10.45
CA ARG A 73 6.19 7.09 -9.06
C ARG A 73 4.72 6.68 -8.75
N ARG A 74 4.08 6.02 -9.73
CA ARG A 74 2.67 5.59 -9.65
C ARG A 74 2.53 4.04 -9.63
N LEU A 75 2.02 3.47 -8.52
CA LEU A 75 1.63 2.04 -8.42
C LEU A 75 0.12 1.95 -8.23
N VAL A 76 -0.62 1.48 -9.26
CA VAL A 76 -2.11 1.35 -9.15
C VAL A 76 -2.53 -0.12 -9.32
N TYR A 77 -3.36 -0.58 -8.39
CA TYR A 77 -3.88 -1.96 -8.37
C TYR A 77 -5.35 -2.00 -7.89
N THR A 78 -5.92 -3.20 -7.87
CA THR A 78 -7.32 -3.47 -7.48
C THR A 78 -7.39 -4.68 -6.55
N MET A 79 -8.48 -4.79 -5.78
CA MET A 79 -8.79 -5.99 -4.96
C MET A 79 -10.05 -6.69 -5.55
N PRO A 80 -9.88 -7.58 -6.60
CA PRO A 80 -11.01 -8.29 -7.26
C PRO A 80 -11.63 -9.41 -6.40
N ASP A 81 -10.91 -9.83 -5.35
CA ASP A 81 -11.44 -10.78 -4.33
C ASP A 81 -11.07 -10.25 -2.92
N PRO A 82 -11.88 -9.28 -2.37
CA PRO A 82 -11.68 -8.74 -1.01
C PRO A 82 -12.48 -9.51 0.09
N PRO A 83 -11.97 -9.57 1.37
CA PRO A 83 -12.69 -10.21 2.50
C PRO A 83 -13.79 -9.30 3.13
N PHE A 84 -13.92 -8.07 2.61
CA PHE A 84 -14.87 -7.05 3.13
C PHE A 84 -16.10 -6.91 2.17
N PRO A 85 -17.29 -6.44 2.68
CA PRO A 85 -18.51 -6.21 1.83
C PRO A 85 -18.39 -4.95 0.93
N ILE A 86 -17.52 -5.04 -0.09
CA ILE A 86 -17.21 -3.94 -1.03
C ILE A 86 -17.14 -4.50 -2.48
N THR A 87 -17.78 -3.82 -3.46
CA THR A 87 -17.87 -4.34 -4.85
C THR A 87 -16.54 -4.13 -5.63
N ASN A 88 -16.30 -2.90 -6.13
CA ASN A 88 -15.09 -2.59 -6.93
C ASN A 88 -14.11 -1.69 -6.12
N HIS A 89 -13.01 -2.31 -5.63
CA HIS A 89 -11.94 -1.62 -4.88
C HIS A 89 -10.79 -1.14 -5.82
N ARG A 90 -10.18 0.00 -5.49
CA ARG A 90 -9.13 0.64 -6.30
C ARG A 90 -8.09 1.36 -5.38
N ALA A 91 -6.85 0.84 -5.31
CA ALA A 91 -5.80 1.39 -4.40
C ALA A 91 -4.49 1.79 -5.14
N VAL A 92 -3.78 2.83 -4.62
CA VAL A 92 -2.56 3.41 -5.24
C VAL A 92 -1.44 3.66 -4.18
N LEU A 93 -0.17 3.36 -4.55
CA LEU A 93 1.05 3.87 -3.86
C LEU A 93 1.69 4.95 -4.74
N GLU A 94 1.63 6.21 -4.30
CA GLU A 94 2.21 7.36 -5.04
C GLU A 94 3.16 8.14 -4.11
N VAL A 95 4.44 8.22 -4.49
CA VAL A 95 5.51 8.79 -3.64
C VAL A 95 5.85 10.23 -4.09
N VAL A 96 5.49 11.21 -3.25
CA VAL A 96 5.64 12.66 -3.52
C VAL A 96 7.02 13.19 -3.00
N PRO A 97 7.96 13.61 -3.90
CA PRO A 97 9.32 14.07 -3.50
C PRO A 97 9.33 15.50 -2.91
N ARG A 98 9.27 15.62 -1.57
CA ARG A 98 9.34 16.92 -0.87
C ARG A 98 10.80 17.44 -0.75
N ASP A 99 11.74 16.53 -0.53
CA ASP A 99 13.14 16.87 -0.17
C ASP A 99 14.11 15.71 -0.52
N ASP A 100 15.42 16.04 -0.58
CA ASP A 100 16.52 15.10 -0.88
C ASP A 100 16.67 13.97 0.18
N ARG A 101 16.14 14.20 1.41
CA ARG A 101 16.13 13.20 2.50
C ARG A 101 14.72 13.00 3.10
N HIS A 102 13.69 13.72 2.60
CA HIS A 102 12.32 13.64 3.16
C HIS A 102 11.29 13.52 2.01
N CYS A 103 10.48 12.47 2.03
CA CYS A 103 9.52 12.19 0.93
C CYS A 103 8.19 11.61 1.48
N THR A 104 7.07 12.10 0.94
CA THR A 104 5.72 11.71 1.42
C THR A 104 5.17 10.51 0.63
N VAL A 105 5.03 9.35 1.28
CA VAL A 105 4.45 8.15 0.63
C VAL A 105 2.93 8.12 0.91
N VAL A 106 2.14 8.31 -0.16
CA VAL A 106 0.67 8.37 -0.06
C VAL A 106 0.06 7.02 -0.48
N TRP A 107 -0.67 6.38 0.44
CA TRP A 107 -1.42 5.14 0.15
C TRP A 107 -2.93 5.47 0.12
N THR A 108 -3.52 5.36 -1.06
CA THR A 108 -4.95 5.66 -1.30
C THR A 108 -5.71 4.34 -1.55
N ALA A 109 -6.99 4.30 -1.18
CA ALA A 109 -7.92 3.20 -1.48
C ALA A 109 -9.33 3.78 -1.63
N MET A 110 -10.14 3.22 -2.52
CA MET A 110 -11.54 3.64 -2.73
C MET A 110 -12.36 2.48 -3.31
N PHE A 111 -13.54 2.26 -2.72
CA PHE A 111 -14.36 1.07 -2.98
C PHE A 111 -15.85 1.43 -3.12
N ASP A 112 -16.60 0.60 -3.86
CA ASP A 112 -18.05 0.75 -4.00
C ASP A 112 -18.76 0.23 -2.73
N CYS A 113 -18.91 1.13 -1.73
CA CYS A 113 -19.64 0.82 -0.47
C CYS A 113 -20.17 2.11 0.20
N SER A 114 -21.01 1.91 1.22
CA SER A 114 -21.72 2.99 1.96
C SER A 114 -20.79 3.74 2.97
N PRO A 115 -21.02 5.09 3.22
CA PRO A 115 -20.19 5.91 4.16
C PRO A 115 -20.10 5.35 5.61
N GLU A 116 -21.19 4.74 6.10
CA GLU A 116 -21.25 4.14 7.46
C GLU A 116 -20.38 2.86 7.60
N THR A 117 -20.24 2.11 6.50
CA THR A 117 -19.26 0.99 6.41
C THR A 117 -17.84 1.54 6.21
N ALA A 118 -17.74 2.62 5.41
CA ALA A 118 -16.45 3.24 5.01
C ALA A 118 -15.72 3.92 6.19
N ARG A 119 -16.49 4.45 7.17
CA ARG A 119 -15.92 5.05 8.40
C ARG A 119 -15.43 3.97 9.40
N GLU A 120 -16.12 2.80 9.42
CA GLU A 120 -15.70 1.62 10.20
C GLU A 120 -14.41 1.02 9.61
N LEU A 121 -14.34 0.97 8.27
CA LEU A 121 -13.16 0.52 7.52
C LEU A 121 -12.05 1.59 7.54
N GLU A 122 -12.41 2.87 7.73
CA GLU A 122 -11.43 3.97 7.94
C GLU A 122 -10.57 3.72 9.20
N SER A 123 -11.21 3.14 10.23
CA SER A 123 -10.50 2.65 11.44
C SER A 123 -9.69 1.35 11.15
N VAL A 124 -10.36 0.31 10.59
CA VAL A 124 -9.76 -1.03 10.39
C VAL A 124 -8.71 -1.09 9.23
N ILE A 125 -9.14 -0.71 8.02
CA ILE A 125 -8.27 -0.67 6.82
C ILE A 125 -7.37 0.59 6.83
N GLY A 126 -7.99 1.79 6.89
CA GLY A 126 -7.28 3.06 6.79
C GLY A 126 -6.23 3.29 7.88
N ASP A 127 -6.62 3.12 9.15
CA ASP A 127 -5.72 3.39 10.30
C ASP A 127 -4.99 2.10 10.79
N GLY A 128 -5.72 0.97 10.81
CA GLY A 128 -5.21 -0.30 11.35
C GLY A 128 -4.31 -1.09 10.39
N VAL A 129 -4.36 -0.76 9.08
CA VAL A 129 -3.50 -1.41 8.06
C VAL A 129 -2.55 -0.38 7.38
N PHE A 130 -3.11 0.74 6.88
CA PHE A 130 -2.35 1.74 6.09
C PHE A 130 -1.48 2.66 6.98
N ALA A 131 -2.11 3.30 7.99
CA ALA A 131 -1.37 4.18 8.95
C ALA A 131 -0.37 3.38 9.83
N VAL A 132 -0.52 2.04 9.83
CA VAL A 132 0.47 1.11 10.41
C VAL A 132 1.63 0.85 9.42
N GLY A 133 1.28 0.48 8.16
CA GLY A 133 2.25 0.09 7.13
C GLY A 133 3.18 1.21 6.68
N LEU A 134 2.59 2.36 6.30
CA LEU A 134 3.35 3.58 5.89
C LEU A 134 4.30 4.09 6.99
N ASN A 135 3.86 3.98 8.25
CA ASN A 135 4.70 4.35 9.41
C ASN A 135 5.89 3.38 9.52
N ALA A 136 5.62 2.05 9.41
CA ALA A 136 6.65 0.98 9.48
C ALA A 136 7.71 1.12 8.36
N LEU A 137 7.27 1.59 7.18
CA LEU A 137 8.13 1.97 6.04
C LEU A 137 9.12 3.08 6.47
N ALA A 138 8.56 4.12 7.10
CA ALA A 138 9.34 5.28 7.57
C ALA A 138 10.22 4.92 8.81
N GLU A 139 9.82 3.86 9.56
CA GLU A 139 10.58 3.34 10.74
C GLU A 139 11.91 2.71 10.29
N ARG A 140 11.84 1.81 9.28
CA ARG A 140 13.03 1.07 8.78
C ARG A 140 13.98 1.98 7.95
N TYR A 141 13.48 3.16 7.51
CA TYR A 141 14.32 4.21 6.89
C TYR A 141 14.96 5.16 7.93
N GLY A 142 14.38 5.28 9.16
CA GLY A 142 14.96 6.18 10.17
C GLY A 142 14.24 6.25 11.51
N ARG A 143 12.90 6.11 11.49
CA ARG A 143 11.99 6.31 12.68
C ARG A 143 11.76 7.82 13.00
N LEU A 144 12.44 8.74 12.28
CA LEU A 144 12.24 10.20 12.43
C LEU A 144 10.83 10.63 11.92
N GLU A 145 10.35 11.74 12.50
CA GLU A 145 9.12 12.47 12.06
C GLU A 145 7.79 11.70 12.29
N HIS A 146 7.79 10.72 13.21
CA HIS A 146 6.57 9.97 13.59
C HIS A 146 5.78 10.68 14.71
N HIS A 147 5.09 11.78 14.35
CA HIS A 147 4.19 12.50 15.26
C HIS A 147 2.76 11.95 15.10
N HIS A 148 2.38 11.02 16.00
CA HIS A 148 1.15 10.21 15.85
C HIS A 148 0.60 9.77 17.23
N HIS A 149 -0.73 9.60 17.30
CA HIS A 149 -1.42 9.11 18.49
C HIS A 149 -2.56 8.13 18.09
N HIS A 150 -2.20 6.85 17.93
CA HIS A 150 -3.13 5.75 17.56
C HIS A 150 -2.75 4.44 18.29
N HIS A 151 -3.61 3.42 18.14
CA HIS A 151 -3.40 2.08 18.74
C HIS A 151 -2.67 1.15 17.76
N MET A 1 -18.34 10.31 0.54
CA MET A 1 -17.36 9.68 -0.38
C MET A 1 -16.70 8.43 0.27
N ALA A 2 -16.91 7.23 -0.34
CA ALA A 2 -16.28 5.97 0.11
C ALA A 2 -14.85 5.83 -0.47
N THR A 3 -13.96 6.73 -0.03
CA THR A 3 -12.56 6.80 -0.49
C THR A 3 -11.64 7.21 0.67
N LEU A 4 -10.71 6.32 1.00
CA LEU A 4 -9.67 6.53 2.01
C LEU A 4 -8.39 7.05 1.34
N ARG A 5 -7.63 7.89 2.05
CA ARG A 5 -6.29 8.32 1.61
C ARG A 5 -5.42 8.61 2.86
N ARG A 6 -4.22 8.03 2.86
CA ARG A 6 -3.29 8.08 4.00
C ARG A 6 -1.90 8.49 3.48
N SER A 7 -1.08 9.14 4.32
CA SER A 7 0.29 9.56 3.96
C SER A 7 1.22 9.51 5.19
N VAL A 8 2.54 9.52 4.95
CA VAL A 8 3.55 9.48 6.02
C VAL A 8 4.85 10.20 5.59
N GLU A 9 5.56 10.79 6.57
CA GLU A 9 6.86 11.45 6.34
C GLU A 9 8.01 10.42 6.45
N VAL A 10 8.62 10.09 5.31
CA VAL A 10 9.76 9.16 5.21
C VAL A 10 11.08 9.97 5.19
N ALA A 11 12.04 9.59 6.05
CA ALA A 11 13.35 10.27 6.15
C ALA A 11 14.39 9.77 5.11
N ALA A 12 13.91 9.26 3.97
CA ALA A 12 14.76 8.85 2.84
C ALA A 12 14.21 9.44 1.51
N PRO A 13 15.09 9.71 0.50
CA PRO A 13 14.67 10.12 -0.87
C PRO A 13 13.73 9.09 -1.54
N ALA A 14 12.85 9.60 -2.44
CA ALA A 14 11.84 8.80 -3.18
C ALA A 14 12.40 7.55 -3.90
N ALA A 15 13.68 7.59 -4.30
CA ALA A 15 14.36 6.46 -4.98
C ALA A 15 14.50 5.21 -4.05
N ASP A 16 15.04 5.41 -2.83
CA ASP A 16 15.11 4.35 -1.77
C ASP A 16 13.74 3.71 -1.51
N VAL A 17 12.72 4.56 -1.41
CA VAL A 17 11.34 4.16 -1.11
C VAL A 17 10.67 3.46 -2.32
N TRP A 18 11.01 3.90 -3.54
CA TRP A 18 10.44 3.35 -4.79
C TRP A 18 10.99 1.94 -5.11
N THR A 19 12.24 1.67 -4.67
CA THR A 19 12.81 0.29 -4.68
C THR A 19 11.96 -0.67 -3.80
N LEU A 20 11.29 -0.09 -2.80
CA LEU A 20 10.53 -0.82 -1.76
C LEU A 20 9.03 -1.03 -2.14
N VAL A 21 8.37 0.02 -2.67
CA VAL A 21 6.91 -0.03 -3.05
C VAL A 21 6.68 -0.20 -4.59
N GLY A 22 7.69 0.17 -5.41
CA GLY A 22 7.58 0.13 -6.88
C GLY A 22 7.47 -1.28 -7.47
N ASP A 23 8.05 -2.25 -6.75
CA ASP A 23 7.87 -3.68 -7.06
C ASP A 23 6.60 -4.16 -6.34
N PHE A 24 5.63 -4.71 -7.10
CA PHE A 24 4.34 -5.21 -6.53
C PHE A 24 4.60 -6.36 -5.51
N SER A 25 5.71 -7.09 -5.71
CA SER A 25 6.14 -8.20 -4.83
C SER A 25 6.80 -7.72 -3.51
N ALA A 26 7.34 -6.49 -3.49
CA ALA A 26 8.33 -6.05 -2.46
C ALA A 26 7.66 -5.58 -1.16
N ILE A 27 6.34 -5.80 -1.06
CA ILE A 27 5.57 -5.53 0.16
C ILE A 27 6.05 -6.41 1.35
N HIS A 28 6.66 -7.57 1.04
CA HIS A 28 7.22 -8.50 2.05
C HIS A 28 8.52 -7.96 2.71
N ARG A 29 8.96 -6.75 2.30
CA ARG A 29 10.16 -6.09 2.84
C ARG A 29 9.83 -4.95 3.86
N TRP A 30 8.57 -4.43 3.86
CA TRP A 30 8.19 -3.29 4.75
C TRP A 30 6.94 -3.55 5.62
N HIS A 31 5.89 -4.16 5.05
CA HIS A 31 4.58 -4.24 5.72
C HIS A 31 4.64 -5.27 6.91
N PRO A 32 4.37 -4.85 8.18
CA PRO A 32 4.51 -5.76 9.37
C PRO A 32 3.56 -7.00 9.36
N GLN A 33 2.43 -6.92 8.61
CA GLN A 33 1.37 -7.98 8.63
C GLN A 33 1.39 -8.87 7.35
N VAL A 34 2.25 -8.55 6.37
CA VAL A 34 2.40 -9.38 5.16
C VAL A 34 2.95 -10.80 5.51
N SER A 35 2.53 -11.82 4.73
CA SER A 35 2.91 -13.24 4.98
C SER A 35 3.82 -13.79 3.85
N ALA A 36 4.60 -12.87 3.21
CA ALA A 36 5.42 -13.19 2.01
C ALA A 36 4.54 -13.76 0.86
N PRO A 37 3.94 -12.87 0.02
CA PRO A 37 2.89 -13.27 -0.96
C PRO A 37 3.45 -13.95 -2.25
N THR A 38 2.52 -14.44 -3.07
CA THR A 38 2.81 -15.17 -4.33
C THR A 38 2.36 -14.35 -5.54
N LEU A 39 3.24 -14.18 -6.54
CA LEU A 39 2.97 -13.40 -7.77
C LEU A 39 2.69 -14.34 -8.96
N ARG A 40 1.67 -13.99 -9.76
CA ARG A 40 1.20 -14.81 -10.90
C ARG A 40 0.59 -13.91 -12.01
N GLY A 41 0.48 -14.48 -13.22
CA GLY A 41 0.13 -13.75 -14.47
C GLY A 41 0.91 -12.44 -14.77
N ALA A 42 1.19 -12.20 -16.08
CA ALA A 42 1.93 -11.01 -16.59
C ALA A 42 3.36 -10.90 -15.96
N SER A 43 3.54 -9.96 -14.99
CA SER A 43 4.84 -9.67 -14.31
C SER A 43 4.59 -8.70 -13.11
N PRO A 44 5.43 -8.74 -12.01
CA PRO A 44 5.26 -7.86 -10.80
C PRO A 44 5.43 -6.32 -11.06
N HIS A 45 5.70 -5.92 -12.33
CA HIS A 45 5.65 -4.49 -12.77
C HIS A 45 4.61 -4.30 -13.90
N THR A 46 4.20 -5.40 -14.58
CA THR A 46 3.23 -5.36 -15.71
C THR A 46 1.77 -5.45 -15.20
N PRO A 47 0.89 -4.44 -15.54
CA PRO A 47 -0.59 -4.50 -15.28
C PRO A 47 -1.25 -5.86 -15.67
N GLY A 48 -1.83 -6.53 -14.66
CA GLY A 48 -2.45 -7.87 -14.82
C GLY A 48 -2.01 -8.86 -13.75
N ALA A 49 -0.86 -8.57 -13.09
CA ALA A 49 -0.27 -9.47 -12.06
C ALA A 49 -1.10 -9.53 -10.75
N GLU A 50 -1.19 -10.74 -10.16
CA GLU A 50 -1.96 -11.00 -8.92
C GLU A 50 -1.00 -11.22 -7.72
N ARG A 51 -1.20 -10.46 -6.63
CA ARG A 51 -0.46 -10.63 -5.36
C ARG A 51 -1.36 -11.36 -4.33
N VAL A 52 -1.02 -12.64 -4.04
CA VAL A 52 -1.85 -13.54 -3.21
C VAL A 52 -1.15 -13.85 -1.86
N PHE A 53 -1.73 -13.38 -0.74
CA PHE A 53 -1.13 -13.53 0.61
C PHE A 53 -1.21 -14.98 1.17
N GLY A 54 -2.44 -15.49 1.27
CA GLY A 54 -2.67 -16.84 1.83
C GLY A 54 -2.15 -17.96 0.91
N ALA A 55 -2.52 -17.88 -0.38
CA ALA A 55 -2.16 -18.88 -1.43
C ALA A 55 -2.45 -20.35 -1.06
N GLY A 56 -3.40 -20.55 -0.14
CA GLY A 56 -3.75 -21.89 0.37
C GLY A 56 -4.70 -21.84 1.58
N THR A 57 -5.45 -20.73 1.71
CA THR A 57 -6.46 -20.51 2.77
C THR A 57 -7.81 -20.09 2.15
N GLU A 58 -8.92 -20.58 2.73
CA GLU A 58 -10.30 -20.33 2.19
C GLU A 58 -10.67 -18.82 2.20
N GLU A 59 -10.12 -18.06 3.18
CA GLU A 59 -10.34 -16.60 3.29
C GLU A 59 -8.99 -15.83 3.23
N GLU A 60 -8.43 -15.74 2.01
CA GLU A 60 -7.17 -15.02 1.70
C GLU A 60 -7.42 -13.73 0.90
N LEU A 61 -6.41 -12.84 0.84
CA LEU A 61 -6.49 -11.58 0.09
C LEU A 61 -5.71 -11.70 -1.23
N VAL A 62 -6.40 -11.44 -2.36
CA VAL A 62 -5.78 -11.39 -3.70
C VAL A 62 -6.01 -9.98 -4.31
N GLU A 63 -4.91 -9.36 -4.77
CA GLU A 63 -4.92 -8.02 -5.41
C GLU A 63 -4.41 -8.13 -6.88
N ARG A 64 -4.91 -7.26 -7.79
CA ARG A 64 -4.47 -7.25 -9.21
C ARG A 64 -3.98 -5.85 -9.65
N LEU A 65 -2.79 -5.80 -10.25
CA LEU A 65 -2.17 -4.56 -10.76
C LEU A 65 -2.99 -3.99 -11.96
N VAL A 66 -3.57 -2.79 -11.77
CA VAL A 66 -4.39 -2.12 -12.80
C VAL A 66 -3.53 -1.31 -13.78
N GLU A 67 -2.66 -0.45 -13.24
CA GLU A 67 -1.78 0.44 -14.03
C GLU A 67 -0.56 0.88 -13.18
N ARG A 68 0.62 0.94 -13.82
CA ARG A 68 1.88 1.30 -13.13
C ARG A 68 2.65 2.36 -13.94
N ASP A 69 2.97 3.49 -13.29
CA ASP A 69 3.82 4.55 -13.88
C ASP A 69 5.13 4.64 -13.06
N GLU A 70 6.21 4.04 -13.58
CA GLU A 70 7.49 3.90 -12.85
C GLU A 70 8.33 5.20 -12.89
N SER A 71 8.21 5.97 -13.99
CA SER A 71 8.95 7.25 -14.18
C SER A 71 8.43 8.36 -13.22
N ALA A 72 7.09 8.45 -13.10
CA ALA A 72 6.43 9.43 -12.19
C ALA A 72 6.40 8.92 -10.72
N ARG A 73 6.77 7.63 -10.54
CA ARG A 73 6.78 6.94 -9.23
C ARG A 73 5.37 6.88 -8.59
N ARG A 74 4.44 6.31 -9.37
CA ARG A 74 3.05 6.06 -8.96
C ARG A 74 2.65 4.60 -9.34
N LEU A 75 2.00 3.92 -8.41
CA LEU A 75 1.54 2.53 -8.54
C LEU A 75 0.03 2.46 -8.26
N VAL A 76 -0.75 1.79 -9.13
CA VAL A 76 -2.21 1.62 -8.93
C VAL A 76 -2.64 0.15 -9.16
N TYR A 77 -3.40 -0.40 -8.22
CA TYR A 77 -3.93 -1.78 -8.27
C TYR A 77 -5.37 -1.83 -7.71
N THR A 78 -5.97 -3.03 -7.69
CA THR A 78 -7.34 -3.29 -7.15
C THR A 78 -7.31 -4.48 -6.17
N MET A 79 -8.36 -4.60 -5.35
CA MET A 79 -8.61 -5.80 -4.51
C MET A 79 -9.85 -6.57 -5.08
N PRO A 80 -9.66 -7.49 -6.09
CA PRO A 80 -10.77 -8.28 -6.70
C PRO A 80 -11.31 -9.39 -5.75
N ASP A 81 -10.48 -9.84 -4.79
CA ASP A 81 -10.88 -10.83 -3.78
C ASP A 81 -10.58 -10.27 -2.35
N PRO A 82 -11.43 -9.32 -1.84
CA PRO A 82 -11.29 -8.76 -0.49
C PRO A 82 -12.17 -9.47 0.59
N PRO A 83 -11.73 -9.51 1.90
CA PRO A 83 -12.61 -9.96 3.01
C PRO A 83 -13.67 -8.88 3.41
N PHE A 84 -13.54 -7.68 2.80
CA PHE A 84 -14.42 -6.51 3.07
C PHE A 84 -15.61 -6.49 2.07
N PRO A 85 -16.84 -6.07 2.52
CA PRO A 85 -18.05 -6.03 1.66
C PRO A 85 -18.07 -4.79 0.71
N ILE A 86 -17.20 -4.84 -0.32
CA ILE A 86 -17.00 -3.74 -1.30
C ILE A 86 -17.13 -4.27 -2.75
N THR A 87 -17.67 -3.43 -3.67
CA THR A 87 -17.94 -3.85 -5.07
C THR A 87 -16.68 -3.74 -5.96
N ASN A 88 -16.33 -2.51 -6.38
CA ASN A 88 -15.14 -2.27 -7.23
C ASN A 88 -14.11 -1.43 -6.44
N HIS A 89 -13.02 -2.09 -6.00
CA HIS A 89 -11.90 -1.45 -5.29
C HIS A 89 -10.79 -0.97 -6.27
N ARG A 90 -9.95 -0.01 -5.80
CA ARG A 90 -8.76 0.49 -6.54
C ARG A 90 -7.83 1.30 -5.59
N ALA A 91 -6.72 0.68 -5.17
CA ALA A 91 -5.71 1.32 -4.26
C ALA A 91 -4.49 1.89 -5.03
N VAL A 92 -3.83 2.92 -4.46
CA VAL A 92 -2.66 3.60 -5.07
C VAL A 92 -1.46 3.71 -4.07
N LEU A 93 -0.25 3.35 -4.52
CA LEU A 93 1.04 3.65 -3.84
C LEU A 93 1.81 4.72 -4.64
N GLU A 94 1.89 5.96 -4.14
CA GLU A 94 2.64 7.04 -4.80
C GLU A 94 3.61 7.70 -3.81
N VAL A 95 4.88 7.87 -4.21
CA VAL A 95 5.89 8.57 -3.40
C VAL A 95 6.05 10.02 -3.91
N VAL A 96 5.59 10.98 -3.08
CA VAL A 96 5.69 12.42 -3.35
C VAL A 96 7.10 12.94 -2.92
N PRO A 97 8.01 13.28 -3.89
CA PRO A 97 9.39 13.69 -3.59
C PRO A 97 9.44 15.14 -3.02
N ARG A 98 9.73 15.27 -1.71
CA ARG A 98 9.91 16.57 -1.04
C ARG A 98 11.35 17.07 -1.22
N ASP A 99 12.31 16.29 -0.73
CA ASP A 99 13.75 16.60 -0.78
C ASP A 99 14.55 15.39 -1.30
N ASP A 100 15.87 15.58 -1.50
CA ASP A 100 16.82 14.45 -1.71
C ASP A 100 17.13 13.73 -0.36
N ARG A 101 16.59 14.28 0.74
CA ARG A 101 16.68 13.71 2.10
C ARG A 101 15.32 13.15 2.58
N HIS A 102 14.18 13.63 2.03
CA HIS A 102 12.82 13.28 2.54
C HIS A 102 11.84 12.97 1.38
N CYS A 103 10.86 12.10 1.68
CA CYS A 103 9.75 11.75 0.75
C CYS A 103 8.44 11.55 1.55
N THR A 104 7.31 11.35 0.84
CA THR A 104 5.99 11.08 1.47
C THR A 104 5.25 9.94 0.73
N VAL A 105 4.96 8.83 1.43
CA VAL A 105 4.23 7.69 0.81
C VAL A 105 2.71 7.86 1.01
N VAL A 106 2.01 8.06 -0.10
CA VAL A 106 0.55 8.22 -0.13
C VAL A 106 -0.12 6.88 -0.54
N TRP A 107 -0.81 6.24 0.43
CA TRP A 107 -1.57 5.00 0.19
C TRP A 107 -3.08 5.31 0.19
N THR A 108 -3.71 5.21 -0.97
CA THR A 108 -5.15 5.55 -1.19
C THR A 108 -5.97 4.25 -1.42
N ALA A 109 -7.25 4.23 -0.98
CA ALA A 109 -8.20 3.11 -1.26
C ALA A 109 -9.56 3.66 -1.76
N MET A 110 -9.87 3.41 -3.04
CA MET A 110 -11.16 3.77 -3.66
C MET A 110 -12.06 2.54 -3.68
N PHE A 111 -13.32 2.64 -3.24
CA PHE A 111 -14.26 1.52 -3.30
C PHE A 111 -15.73 1.98 -3.28
N ASP A 112 -16.59 1.27 -4.03
CA ASP A 112 -18.03 1.53 -4.02
C ASP A 112 -18.75 0.68 -2.95
N CYS A 113 -18.80 1.25 -1.74
CA CYS A 113 -19.53 0.68 -0.58
C CYS A 113 -20.38 1.76 0.14
N SER A 114 -21.27 1.31 1.06
CA SER A 114 -22.16 2.18 1.85
C SER A 114 -21.38 3.05 2.88
N PRO A 115 -21.85 4.31 3.18
CA PRO A 115 -21.13 5.27 4.09
C PRO A 115 -20.88 4.71 5.52
N GLU A 116 -21.88 4.01 6.09
CA GLU A 116 -21.78 3.37 7.43
C GLU A 116 -20.65 2.31 7.48
N THR A 117 -20.58 1.48 6.44
CA THR A 117 -19.53 0.45 6.30
C THR A 117 -18.16 1.11 6.00
N ALA A 118 -18.16 2.18 5.19
CA ALA A 118 -16.94 2.88 4.73
C ALA A 118 -16.21 3.60 5.89
N ARG A 119 -16.98 4.19 6.84
CA ARG A 119 -16.41 4.85 8.04
C ARG A 119 -15.84 3.82 9.04
N GLU A 120 -16.41 2.60 9.05
CA GLU A 120 -15.83 1.45 9.78
C GLU A 120 -14.48 1.04 9.14
N LEU A 121 -14.47 1.04 7.78
CA LEU A 121 -13.29 0.66 6.99
C LEU A 121 -12.17 1.73 7.05
N GLU A 122 -12.51 3.00 7.38
CA GLU A 122 -11.48 4.03 7.67
C GLU A 122 -10.56 3.58 8.84
N SER A 123 -11.17 3.02 9.88
CA SER A 123 -10.44 2.46 11.04
C SER A 123 -9.70 1.13 10.70
N VAL A 124 -10.43 0.17 10.09
CA VAL A 124 -9.86 -1.17 9.77
C VAL A 124 -8.75 -1.11 8.67
N ILE A 125 -9.11 -0.52 7.54
CA ILE A 125 -8.22 -0.40 6.36
C ILE A 125 -7.26 0.82 6.49
N GLY A 126 -7.82 2.03 6.68
CA GLY A 126 -7.03 3.29 6.67
C GLY A 126 -6.01 3.41 7.81
N ASP A 127 -6.41 3.04 9.03
CA ASP A 127 -5.51 3.00 10.20
C ASP A 127 -4.81 1.61 10.31
N GLY A 128 -5.65 0.56 10.46
CA GLY A 128 -5.18 -0.79 10.81
C GLY A 128 -4.27 -1.47 9.77
N VAL A 129 -4.45 -1.14 8.49
CA VAL A 129 -3.59 -1.70 7.40
C VAL A 129 -2.59 -0.64 6.90
N PHE A 130 -3.11 0.53 6.51
CA PHE A 130 -2.33 1.57 5.82
C PHE A 130 -1.39 2.32 6.77
N ALA A 131 -1.96 3.06 7.73
CA ALA A 131 -1.17 3.88 8.68
C ALA A 131 -0.11 3.03 9.43
N VAL A 132 -0.48 1.80 9.75
CA VAL A 132 0.43 0.78 10.34
C VAL A 132 1.68 0.51 9.42
N GLY A 133 1.42 0.18 8.14
CA GLY A 133 2.48 -0.13 7.17
C GLY A 133 3.33 1.09 6.80
N LEU A 134 2.68 2.26 6.73
CA LEU A 134 3.30 3.54 6.34
C LEU A 134 4.24 4.09 7.44
N ASN A 135 3.79 4.06 8.71
CA ASN A 135 4.60 4.53 9.86
C ASN A 135 5.84 3.63 10.06
N ALA A 136 5.67 2.31 9.86
CA ALA A 136 6.79 1.33 9.91
C ALA A 136 7.82 1.59 8.78
N LEU A 137 7.31 1.97 7.60
CA LEU A 137 8.12 2.33 6.41
C LEU A 137 8.96 3.60 6.71
N ALA A 138 8.32 4.59 7.36
CA ALA A 138 8.98 5.84 7.78
C ALA A 138 10.05 5.60 8.87
N GLU A 139 9.79 4.63 9.77
CA GLU A 139 10.69 4.29 10.91
C GLU A 139 11.95 3.50 10.47
N ARG A 140 11.82 2.65 9.43
CA ARG A 140 12.99 1.89 8.89
C ARG A 140 13.94 2.82 8.10
N TYR A 141 13.39 3.94 7.57
CA TYR A 141 14.18 5.01 6.92
C TYR A 141 14.39 6.21 7.88
N GLY A 142 13.92 6.09 9.14
CA GLY A 142 14.03 7.15 10.17
C GLY A 142 15.42 7.81 10.28
N ARG A 143 16.48 6.97 10.38
CA ARG A 143 17.90 7.39 10.29
C ARG A 143 18.31 8.49 11.31
N LEU A 144 17.51 8.63 12.38
CA LEU A 144 17.80 9.48 13.56
C LEU A 144 17.92 11.00 13.23
N GLU A 145 17.36 11.46 12.09
CA GLU A 145 17.31 12.92 11.78
C GLU A 145 16.20 13.62 12.59
N HIS A 146 15.08 12.90 12.79
CA HIS A 146 13.94 13.31 13.65
C HIS A 146 13.27 12.04 14.24
N HIS A 147 12.47 12.23 15.30
CA HIS A 147 11.57 11.19 15.82
C HIS A 147 10.15 11.42 15.27
N HIS A 148 9.78 10.60 14.28
CA HIS A 148 8.47 10.68 13.61
C HIS A 148 7.34 10.27 14.59
N HIS A 149 6.53 11.27 15.01
CA HIS A 149 5.54 11.19 16.14
C HIS A 149 4.85 9.80 16.34
N HIS A 150 5.06 9.23 17.55
CA HIS A 150 4.67 7.84 17.91
C HIS A 150 3.14 7.65 18.11
N HIS A 151 2.46 8.71 18.64
CA HIS A 151 1.03 8.66 19.07
C HIS A 151 0.83 7.68 20.26
N MET A 1 -16.16 8.15 4.79
CA MET A 1 -15.78 8.32 3.37
C MET A 1 -15.41 6.97 2.73
N ALA A 2 -15.80 6.79 1.45
CA ALA A 2 -15.48 5.58 0.65
C ALA A 2 -14.12 5.76 -0.10
N THR A 3 -13.57 7.00 -0.06
CA THR A 3 -12.22 7.32 -0.56
C THR A 3 -11.28 7.57 0.64
N LEU A 4 -10.31 6.67 0.82
CA LEU A 4 -9.32 6.72 1.91
C LEU A 4 -8.01 7.36 1.41
N ARG A 5 -7.55 8.45 2.04
CA ARG A 5 -6.24 9.06 1.73
C ARG A 5 -5.33 9.01 2.97
N ARG A 6 -4.24 8.23 2.89
CA ARG A 6 -3.24 8.09 3.98
C ARG A 6 -1.85 8.52 3.47
N SER A 7 -1.12 9.31 4.28
CA SER A 7 0.22 9.83 3.91
C SER A 7 1.20 9.75 5.11
N VAL A 8 2.52 9.80 4.82
CA VAL A 8 3.57 9.67 5.86
C VAL A 8 4.91 10.34 5.43
N GLU A 9 5.71 10.83 6.39
CA GLU A 9 7.08 11.35 6.14
C GLU A 9 8.11 10.21 6.34
N VAL A 10 8.84 9.89 5.26
CA VAL A 10 9.92 8.86 5.26
C VAL A 10 11.30 9.57 5.17
N ALA A 11 12.22 9.30 6.12
CA ALA A 11 13.59 9.86 6.09
C ALA A 11 14.49 9.10 5.07
N ALA A 12 14.20 9.33 3.77
CA ALA A 12 14.87 8.64 2.64
C ALA A 12 14.53 9.34 1.29
N PRO A 13 15.42 9.19 0.24
CA PRO A 13 15.14 9.74 -1.12
C PRO A 13 13.99 8.98 -1.84
N ALA A 14 13.09 9.74 -2.51
CA ALA A 14 11.89 9.23 -3.23
C ALA A 14 12.13 7.95 -4.09
N ALA A 15 13.20 7.95 -4.91
CA ALA A 15 13.54 6.80 -5.79
C ALA A 15 13.85 5.52 -4.99
N ASP A 16 14.67 5.66 -3.92
CA ASP A 16 15.04 4.55 -3.02
C ASP A 16 13.81 3.90 -2.34
N VAL A 17 12.84 4.75 -1.95
CA VAL A 17 11.56 4.33 -1.35
C VAL A 17 10.62 3.73 -2.42
N TRP A 18 10.68 4.26 -3.65
CA TRP A 18 9.90 3.76 -4.79
C TRP A 18 10.36 2.34 -5.23
N THR A 19 11.66 2.04 -5.02
CA THR A 19 12.22 0.67 -5.22
C THR A 19 11.52 -0.35 -4.27
N LEU A 20 11.10 0.16 -3.10
CA LEU A 20 10.47 -0.61 -2.00
C LEU A 20 8.94 -0.83 -2.22
N VAL A 21 8.20 0.26 -2.48
CA VAL A 21 6.71 0.21 -2.68
C VAL A 21 6.30 -0.08 -4.15
N GLY A 22 7.04 0.48 -5.11
CA GLY A 22 6.71 0.39 -6.56
C GLY A 22 6.90 -0.99 -7.19
N ASP A 23 7.49 -1.91 -6.42
CA ASP A 23 7.49 -3.34 -6.74
C ASP A 23 6.30 -4.01 -6.02
N PHE A 24 5.35 -4.49 -6.82
CA PHE A 24 4.04 -5.04 -6.36
C PHE A 24 4.20 -6.26 -5.41
N SER A 25 5.32 -7.01 -5.52
CA SER A 25 5.57 -8.22 -4.70
C SER A 25 6.44 -7.93 -3.46
N ALA A 26 7.17 -6.79 -3.46
CA ALA A 26 8.17 -6.45 -2.40
C ALA A 26 7.50 -5.76 -1.18
N ILE A 27 6.17 -5.87 -1.13
CA ILE A 27 5.34 -5.25 -0.07
C ILE A 27 5.61 -5.91 1.32
N HIS A 28 6.07 -7.16 1.34
CA HIS A 28 6.49 -7.88 2.58
C HIS A 28 7.73 -7.22 3.27
N ARG A 29 8.44 -6.29 2.58
CA ARG A 29 9.66 -5.63 3.11
C ARG A 29 9.33 -4.39 4.00
N TRP A 30 8.19 -3.72 3.73
CA TRP A 30 7.80 -2.47 4.47
C TRP A 30 6.47 -2.65 5.22
N HIS A 31 5.54 -3.42 4.62
CA HIS A 31 4.22 -3.70 5.20
C HIS A 31 4.29 -4.98 6.06
N PRO A 32 4.22 -4.85 7.44
CA PRO A 32 4.46 -5.99 8.38
C PRO A 32 3.42 -7.14 8.30
N GLN A 33 2.24 -6.84 7.73
CA GLN A 33 1.08 -7.77 7.74
C GLN A 33 0.96 -8.62 6.46
N VAL A 34 1.89 -8.44 5.50
CA VAL A 34 1.97 -9.30 4.31
C VAL A 34 2.63 -10.66 4.63
N SER A 35 1.87 -11.76 4.46
CA SER A 35 2.34 -13.13 4.72
C SER A 35 2.97 -13.78 3.45
N ALA A 36 3.91 -13.05 2.83
CA ALA A 36 4.68 -13.49 1.63
C ALA A 36 3.77 -13.82 0.40
N PRO A 37 3.63 -12.89 -0.58
CA PRO A 37 2.66 -13.03 -1.71
C PRO A 37 3.12 -14.01 -2.84
N THR A 38 2.13 -14.70 -3.45
CA THR A 38 2.33 -15.62 -4.59
C THR A 38 1.84 -14.95 -5.88
N LEU A 39 2.73 -14.79 -6.88
CA LEU A 39 2.45 -13.97 -8.09
C LEU A 39 1.88 -14.83 -9.23
N ARG A 40 0.73 -14.38 -9.78
CA ARG A 40 0.01 -15.07 -10.87
C ARG A 40 0.00 -14.19 -12.14
N GLY A 41 0.50 -14.76 -13.25
CA GLY A 41 0.77 -14.05 -14.53
C GLY A 41 1.50 -12.70 -14.43
N ALA A 42 1.76 -12.10 -15.63
CA ALA A 42 2.40 -10.78 -15.79
C ALA A 42 3.77 -10.66 -15.03
N SER A 43 3.89 -9.72 -14.05
CA SER A 43 5.11 -9.55 -13.21
C SER A 43 4.83 -8.46 -12.12
N PRO A 44 5.64 -8.37 -11.01
CA PRO A 44 5.51 -7.28 -9.98
C PRO A 44 5.72 -5.83 -10.54
N HIS A 45 6.11 -5.69 -11.83
CA HIS A 45 6.16 -4.38 -12.51
C HIS A 45 5.21 -4.32 -13.74
N THR A 46 4.64 -5.46 -14.15
CA THR A 46 3.68 -5.54 -15.30
C THR A 46 2.21 -5.55 -14.81
N PRO A 47 1.35 -4.57 -15.25
CA PRO A 47 -0.11 -4.54 -14.92
C PRO A 47 -0.85 -5.85 -15.33
N GLY A 48 -1.33 -6.60 -14.33
CA GLY A 48 -2.06 -7.86 -14.56
C GLY A 48 -1.77 -8.93 -13.51
N ALA A 49 -0.60 -8.81 -12.83
CA ALA A 49 -0.13 -9.79 -11.83
C ALA A 49 -1.02 -9.84 -10.57
N GLU A 50 -1.24 -11.05 -10.02
CA GLU A 50 -2.06 -11.24 -8.79
C GLU A 50 -1.18 -11.78 -7.65
N ARG A 51 -1.02 -10.99 -6.57
CA ARG A 51 -0.24 -11.39 -5.38
C ARG A 51 -1.19 -12.04 -4.33
N VAL A 52 -0.87 -13.28 -3.90
CA VAL A 52 -1.73 -14.05 -2.96
C VAL A 52 -0.93 -14.38 -1.66
N PHE A 53 -1.28 -13.70 -0.55
CA PHE A 53 -0.52 -13.76 0.72
C PHE A 53 -0.56 -15.17 1.38
N GLY A 54 0.54 -15.93 1.23
CA GLY A 54 0.63 -17.31 1.73
C GLY A 54 0.14 -18.34 0.72
N ALA A 55 -1.19 -18.36 0.50
CA ALA A 55 -1.91 -19.28 -0.44
C ALA A 55 -1.87 -20.77 0.03
N GLY A 56 -3.03 -21.45 -0.09
CA GLY A 56 -3.18 -22.85 0.40
C GLY A 56 -3.48 -22.90 1.91
N THR A 57 -3.94 -21.76 2.43
CA THR A 57 -4.25 -21.52 3.85
C THR A 57 -5.77 -21.22 4.04
N GLU A 58 -6.12 -20.60 5.18
CA GLU A 58 -7.47 -20.02 5.41
C GLU A 58 -7.38 -18.47 5.55
N GLU A 59 -6.17 -17.90 5.33
CA GLU A 59 -5.85 -16.48 5.65
C GLU A 59 -5.26 -15.70 4.44
N GLU A 60 -5.29 -16.28 3.23
CA GLU A 60 -4.70 -15.64 2.01
C GLU A 60 -5.57 -14.47 1.47
N LEU A 61 -4.87 -13.44 0.96
CA LEU A 61 -5.50 -12.25 0.32
C LEU A 61 -4.99 -12.14 -1.14
N VAL A 62 -5.92 -12.06 -2.11
CA VAL A 62 -5.58 -11.93 -3.56
C VAL A 62 -5.77 -10.47 -4.01
N GLU A 63 -4.66 -9.80 -4.40
CA GLU A 63 -4.67 -8.42 -4.96
C GLU A 63 -4.09 -8.42 -6.38
N ARG A 64 -4.71 -7.67 -7.33
CA ARG A 64 -4.28 -7.64 -8.75
C ARG A 64 -3.84 -6.23 -9.20
N LEU A 65 -2.69 -6.17 -9.89
CA LEU A 65 -2.08 -4.94 -10.40
C LEU A 65 -2.83 -4.43 -11.66
N VAL A 66 -3.36 -3.19 -11.58
CA VAL A 66 -4.14 -2.56 -12.68
C VAL A 66 -3.24 -1.67 -13.57
N GLU A 67 -2.35 -0.91 -12.92
CA GLU A 67 -1.41 0.03 -13.59
C GLU A 67 -0.14 0.21 -12.73
N ARG A 68 1.02 0.42 -13.39
CA ARG A 68 2.30 0.61 -12.69
C ARG A 68 3.21 1.59 -13.49
N ASP A 69 3.64 2.67 -12.81
CA ASP A 69 4.64 3.64 -13.34
C ASP A 69 6.00 3.47 -12.63
N GLU A 70 6.98 4.32 -12.98
CA GLU A 70 8.29 4.38 -12.28
C GLU A 70 8.85 5.82 -12.30
N SER A 71 8.82 6.45 -13.49
CA SER A 71 9.23 7.87 -13.67
C SER A 71 8.29 8.82 -12.91
N ALA A 72 6.97 8.54 -13.00
CA ALA A 72 5.93 9.31 -12.28
C ALA A 72 5.87 8.97 -10.76
N ARG A 73 6.30 7.74 -10.40
CA ARG A 73 6.15 7.17 -9.04
C ARG A 73 4.66 7.07 -8.63
N ARG A 74 3.88 6.32 -9.41
CA ARG A 74 2.43 6.09 -9.18
C ARG A 74 2.06 4.60 -9.46
N LEU A 75 1.49 3.91 -8.44
CA LEU A 75 1.19 2.45 -8.49
C LEU A 75 -0.31 2.16 -8.21
N VAL A 76 -1.10 1.75 -9.22
CA VAL A 76 -2.56 1.46 -9.03
C VAL A 76 -2.84 -0.06 -9.04
N TYR A 77 -3.62 -0.54 -8.06
CA TYR A 77 -4.08 -1.95 -8.01
C TYR A 77 -5.42 -2.09 -7.24
N THR A 78 -5.92 -3.33 -7.13
CA THR A 78 -7.26 -3.66 -6.57
C THR A 78 -7.22 -4.99 -5.80
N MET A 79 -8.26 -5.28 -4.99
CA MET A 79 -8.50 -6.61 -4.41
C MET A 79 -9.60 -7.38 -5.24
N PRO A 80 -9.20 -8.32 -6.17
CA PRO A 80 -10.15 -9.29 -6.82
C PRO A 80 -10.82 -10.25 -5.79
N ASP A 81 -10.19 -10.39 -4.62
CA ASP A 81 -10.79 -11.11 -3.48
C ASP A 81 -10.77 -10.21 -2.20
N PRO A 82 -11.76 -9.26 -2.06
CA PRO A 82 -11.93 -8.45 -0.84
C PRO A 82 -12.88 -9.11 0.21
N PRO A 83 -12.41 -9.35 1.47
CA PRO A 83 -13.29 -9.86 2.57
C PRO A 83 -14.12 -8.74 3.27
N PHE A 84 -14.41 -7.65 2.52
CA PHE A 84 -15.16 -6.46 3.01
C PHE A 84 -16.34 -6.16 2.04
N PRO A 85 -17.51 -5.63 2.55
CA PRO A 85 -18.69 -5.26 1.69
C PRO A 85 -18.42 -4.02 0.80
N ILE A 86 -17.65 -4.24 -0.30
CA ILE A 86 -17.31 -3.21 -1.31
C ILE A 86 -17.55 -3.77 -2.74
N THR A 87 -17.69 -2.88 -3.74
CA THR A 87 -17.92 -3.29 -5.15
C THR A 87 -16.63 -3.17 -6.00
N ASN A 88 -16.27 -1.93 -6.42
CA ASN A 88 -15.07 -1.68 -7.27
C ASN A 88 -13.92 -1.05 -6.45
N HIS A 89 -12.94 -1.89 -6.05
CA HIS A 89 -11.81 -1.47 -5.18
C HIS A 89 -10.59 -0.91 -5.99
N ARG A 90 -9.91 0.10 -5.41
CA ARG A 90 -8.59 0.62 -5.87
C ARG A 90 -7.67 0.87 -4.65
N ALA A 91 -6.35 0.89 -4.90
CA ALA A 91 -5.31 1.16 -3.88
C ALA A 91 -4.02 1.63 -4.59
N VAL A 92 -3.55 2.86 -4.26
CA VAL A 92 -2.47 3.54 -5.02
C VAL A 92 -1.29 3.98 -4.12
N LEU A 93 -0.04 3.68 -4.54
CA LEU A 93 1.19 4.20 -3.88
C LEU A 93 1.79 5.33 -4.74
N GLU A 94 1.89 6.55 -4.19
CA GLU A 94 2.51 7.71 -4.86
C GLU A 94 3.54 8.39 -3.94
N VAL A 95 4.83 8.32 -4.33
CA VAL A 95 5.94 8.89 -3.54
C VAL A 95 6.36 10.27 -4.12
N VAL A 96 6.20 11.33 -3.31
CA VAL A 96 6.51 12.72 -3.70
C VAL A 96 7.72 13.28 -2.87
N PRO A 97 8.83 13.74 -3.53
CA PRO A 97 10.06 14.22 -2.82
C PRO A 97 9.86 15.55 -2.05
N ARG A 98 10.17 15.52 -0.73
CA ARG A 98 10.08 16.71 0.18
C ARG A 98 11.47 17.23 0.60
N ASP A 99 12.53 16.46 0.26
CA ASP A 99 13.94 16.74 0.61
C ASP A 99 14.86 15.67 -0.06
N ASP A 100 16.19 15.92 -0.05
CA ASP A 100 17.22 14.96 -0.52
C ASP A 100 17.09 13.58 0.18
N ARG A 101 16.80 13.61 1.48
CA ARG A 101 16.63 12.40 2.29
C ARG A 101 15.33 12.47 3.13
N HIS A 102 14.25 13.03 2.52
CA HIS A 102 12.85 12.94 3.02
C HIS A 102 11.86 12.94 1.84
N CYS A 103 10.85 12.06 1.90
CA CYS A 103 9.78 11.97 0.87
C CYS A 103 8.46 11.49 1.50
N THR A 104 7.33 12.02 0.99
CA THR A 104 5.98 11.65 1.48
C THR A 104 5.38 10.50 0.63
N VAL A 105 5.14 9.34 1.27
CA VAL A 105 4.50 8.18 0.60
C VAL A 105 2.99 8.17 0.92
N VAL A 106 2.17 8.27 -0.13
CA VAL A 106 0.70 8.36 0.00
C VAL A 106 0.03 7.08 -0.55
N TRP A 107 -0.67 6.35 0.33
CA TRP A 107 -1.46 5.16 -0.04
C TRP A 107 -2.97 5.54 -0.02
N THR A 108 -3.62 5.47 -1.19
CA THR A 108 -5.00 5.98 -1.40
C THR A 108 -5.93 4.88 -1.95
N ALA A 109 -7.04 4.61 -1.25
CA ALA A 109 -8.06 3.61 -1.66
C ALA A 109 -9.34 4.30 -2.17
N MET A 110 -9.94 3.74 -3.23
CA MET A 110 -11.30 4.12 -3.67
C MET A 110 -12.14 2.84 -3.83
N PHE A 111 -13.28 2.79 -3.15
CA PHE A 111 -14.19 1.63 -3.25
C PHE A 111 -15.67 2.03 -3.10
N ASP A 112 -16.56 1.31 -3.79
CA ASP A 112 -18.02 1.54 -3.67
C ASP A 112 -18.58 0.78 -2.45
N CYS A 113 -18.53 1.46 -1.30
CA CYS A 113 -19.05 0.94 -0.01
C CYS A 113 -20.05 1.92 0.65
N SER A 114 -21.09 1.36 1.30
CA SER A 114 -22.10 2.13 2.06
C SER A 114 -21.46 2.96 3.20
N PRO A 115 -21.91 4.24 3.46
CA PRO A 115 -21.23 5.17 4.43
C PRO A 115 -21.11 4.59 5.88
N GLU A 116 -22.09 3.75 6.29
CA GLU A 116 -22.08 3.04 7.60
C GLU A 116 -20.86 2.09 7.73
N THR A 117 -20.55 1.39 6.64
CA THR A 117 -19.43 0.43 6.57
C THR A 117 -18.10 1.14 6.18
N ALA A 118 -18.21 2.21 5.37
CA ALA A 118 -17.04 2.94 4.82
C ALA A 118 -16.24 3.67 5.93
N ARG A 119 -16.98 4.27 6.88
CA ARG A 119 -16.39 4.93 8.09
C ARG A 119 -15.60 3.90 8.95
N GLU A 120 -16.11 2.66 8.97
CA GLU A 120 -15.52 1.52 9.71
C GLU A 120 -14.26 1.01 8.99
N LEU A 121 -14.29 1.05 7.64
CA LEU A 121 -13.16 0.64 6.78
C LEU A 121 -12.03 1.68 6.78
N GLU A 122 -12.35 2.96 7.08
CA GLU A 122 -11.31 3.99 7.31
C GLU A 122 -10.45 3.63 8.55
N SER A 123 -11.09 3.03 9.57
CA SER A 123 -10.40 2.47 10.75
C SER A 123 -9.60 1.17 10.42
N VAL A 124 -10.31 0.15 9.87
CA VAL A 124 -9.71 -1.20 9.62
C VAL A 124 -8.71 -1.21 8.44
N ILE A 125 -9.16 -0.74 7.27
CA ILE A 125 -8.32 -0.67 6.05
C ILE A 125 -7.35 0.55 6.10
N GLY A 126 -7.93 1.75 6.38
CA GLY A 126 -7.16 3.01 6.36
C GLY A 126 -6.06 3.10 7.42
N ASP A 127 -6.37 2.78 8.68
CA ASP A 127 -5.38 2.81 9.76
C ASP A 127 -4.70 1.43 9.94
N GLY A 128 -5.52 0.38 10.09
CA GLY A 128 -5.06 -0.99 10.42
C GLY A 128 -4.20 -1.66 9.35
N VAL A 129 -4.41 -1.31 8.08
CA VAL A 129 -3.59 -1.84 6.95
C VAL A 129 -2.62 -0.75 6.43
N PHE A 130 -3.18 0.40 6.00
CA PHE A 130 -2.41 1.46 5.29
C PHE A 130 -1.45 2.20 6.22
N ALA A 131 -2.00 2.93 7.21
CA ALA A 131 -1.20 3.77 8.14
C ALA A 131 -0.16 2.94 8.93
N VAL A 132 -0.50 1.67 9.20
CA VAL A 132 0.43 0.68 9.79
C VAL A 132 1.70 0.48 8.90
N GLY A 133 1.48 0.15 7.61
CA GLY A 133 2.57 -0.10 6.67
C GLY A 133 3.41 1.14 6.37
N LEU A 134 2.72 2.28 6.20
CA LEU A 134 3.34 3.59 5.91
C LEU A 134 4.21 4.10 7.09
N ASN A 135 3.70 3.96 8.34
CA ASN A 135 4.45 4.38 9.56
C ASN A 135 5.65 3.45 9.82
N ALA A 136 5.49 2.13 9.57
CA ALA A 136 6.62 1.15 9.67
C ALA A 136 7.74 1.47 8.66
N LEU A 137 7.31 1.94 7.47
CA LEU A 137 8.21 2.40 6.40
C LEU A 137 8.96 3.69 6.86
N ALA A 138 8.22 4.60 7.53
CA ALA A 138 8.79 5.84 8.09
C ALA A 138 9.78 5.57 9.26
N GLU A 139 9.50 4.51 10.05
CA GLU A 139 10.33 4.13 11.22
C GLU A 139 11.68 3.52 10.79
N ARG A 140 11.65 2.61 9.80
CA ARG A 140 12.87 1.89 9.34
C ARG A 140 13.88 2.86 8.66
N TYR A 141 13.38 3.98 8.11
CA TYR A 141 14.22 5.04 7.50
C TYR A 141 14.44 6.23 8.46
N GLY A 142 13.53 6.41 9.45
CA GLY A 142 13.65 7.52 10.43
C GLY A 142 14.84 7.37 11.39
N ARG A 143 15.46 6.17 11.40
CA ARG A 143 16.57 5.82 12.29
C ARG A 143 17.96 5.91 11.59
N LEU A 144 17.97 5.95 10.25
CA LEU A 144 19.23 6.11 9.47
C LEU A 144 19.48 7.60 9.05
N GLU A 145 18.58 8.48 9.50
CA GLU A 145 18.75 9.95 9.38
C GLU A 145 20.00 10.44 10.19
N HIS A 146 20.43 11.70 9.99
CA HIS A 146 21.51 12.34 10.80
C HIS A 146 21.05 12.60 12.26
N HIS A 147 19.74 12.36 12.55
CA HIS A 147 19.11 12.54 13.88
C HIS A 147 19.10 14.03 14.29
N HIS A 148 18.14 14.79 13.72
CA HIS A 148 17.91 16.21 14.08
C HIS A 148 16.52 16.37 14.77
N HIS A 149 15.50 16.96 14.09
CA HIS A 149 14.15 17.17 14.66
C HIS A 149 14.15 18.00 16.00
N HIS A 150 15.17 18.86 16.19
CA HIS A 150 15.28 19.71 17.40
C HIS A 150 14.40 20.99 17.27
N HIS A 151 13.47 21.17 18.21
CA HIS A 151 12.52 22.31 18.26
C HIS A 151 13.26 23.64 18.48
N MET A 1 -16.94 9.19 3.84
CA MET A 1 -16.49 8.97 2.43
C MET A 1 -15.86 7.57 2.29
N ALA A 2 -16.01 6.96 1.09
CA ALA A 2 -15.45 5.62 0.78
C ALA A 2 -14.06 5.70 0.09
N THR A 3 -13.47 6.92 0.04
CA THR A 3 -12.09 7.14 -0.44
C THR A 3 -11.17 7.43 0.78
N LEU A 4 -10.22 6.52 1.00
CA LEU A 4 -9.30 6.53 2.17
C LEU A 4 -7.97 7.15 1.76
N ARG A 5 -7.41 8.02 2.60
CA ARG A 5 -6.07 8.60 2.38
C ARG A 5 -5.24 8.56 3.69
N ARG A 6 -4.01 8.06 3.56
CA ARG A 6 -2.97 8.11 4.61
C ARG A 6 -1.62 8.46 3.97
N SER A 7 -0.73 9.07 4.75
CA SER A 7 0.59 9.52 4.28
C SER A 7 1.63 9.54 5.41
N VAL A 8 2.91 9.50 5.01
CA VAL A 8 4.06 9.49 5.93
C VAL A 8 5.27 10.17 5.26
N GLU A 9 6.19 10.77 6.04
CA GLU A 9 7.46 11.32 5.50
C GLU A 9 8.65 10.41 5.88
N VAL A 10 9.36 9.96 4.86
CA VAL A 10 10.49 9.02 4.95
C VAL A 10 11.83 9.80 4.94
N ALA A 11 12.79 9.43 5.82
CA ALA A 11 14.15 10.01 5.83
C ALA A 11 15.03 9.38 4.72
N ALA A 12 14.66 9.66 3.44
CA ALA A 12 15.32 9.10 2.25
C ALA A 12 14.81 9.81 0.96
N PRO A 13 15.60 9.79 -0.16
CA PRO A 13 15.14 10.21 -1.51
C PRO A 13 14.01 9.27 -2.05
N ALA A 14 13.01 9.87 -2.73
CA ALA A 14 11.80 9.18 -3.27
C ALA A 14 12.11 7.94 -4.14
N ALA A 15 13.24 7.97 -4.85
CA ALA A 15 13.70 6.88 -5.73
C ALA A 15 14.01 5.58 -4.93
N ASP A 16 14.74 5.71 -3.82
CA ASP A 16 15.07 4.58 -2.91
C ASP A 16 13.82 3.96 -2.26
N VAL A 17 12.85 4.83 -1.94
CA VAL A 17 11.55 4.43 -1.35
C VAL A 17 10.69 3.71 -2.42
N TRP A 18 10.78 4.20 -3.68
CA TRP A 18 10.07 3.63 -4.83
C TRP A 18 10.66 2.25 -5.24
N THR A 19 11.96 2.04 -4.97
CA THR A 19 12.62 0.72 -5.13
C THR A 19 12.00 -0.34 -4.17
N LEU A 20 11.51 0.14 -3.00
CA LEU A 20 10.89 -0.70 -1.96
C LEU A 20 9.41 -1.06 -2.30
N VAL A 21 8.59 -0.04 -2.62
CA VAL A 21 7.14 -0.21 -2.93
C VAL A 21 6.85 -0.55 -4.43
N GLY A 22 7.83 -0.28 -5.31
CA GLY A 22 7.69 -0.52 -6.77
C GLY A 22 7.54 -2.00 -7.12
N ASP A 23 8.23 -2.85 -6.35
CA ASP A 23 7.96 -4.29 -6.33
C ASP A 23 6.77 -4.55 -5.39
N PHE A 24 5.56 -4.70 -5.96
CA PHE A 24 4.33 -4.92 -5.14
C PHE A 24 4.25 -6.39 -4.61
N SER A 25 5.18 -7.26 -5.06
CA SER A 25 5.46 -8.58 -4.43
C SER A 25 6.15 -8.38 -3.07
N ALA A 26 6.97 -7.33 -2.99
CA ALA A 26 7.94 -7.11 -1.89
C ALA A 26 7.31 -6.35 -0.71
N ILE A 27 5.96 -6.31 -0.71
CA ILE A 27 5.17 -5.71 0.36
C ILE A 27 5.35 -6.46 1.71
N HIS A 28 5.76 -7.75 1.64
CA HIS A 28 6.09 -8.56 2.84
C HIS A 28 7.41 -8.10 3.56
N ARG A 29 8.16 -7.18 2.91
CA ARG A 29 9.41 -6.60 3.50
C ARG A 29 9.12 -5.35 4.35
N TRP A 30 8.15 -4.51 3.90
CA TRP A 30 7.91 -3.17 4.53
C TRP A 30 6.58 -3.13 5.32
N HIS A 31 5.52 -3.76 4.77
CA HIS A 31 4.21 -3.84 5.44
C HIS A 31 4.21 -5.07 6.39
N PRO A 32 4.08 -4.86 7.75
CA PRO A 32 4.39 -5.92 8.77
C PRO A 32 3.36 -7.09 8.80
N GLN A 33 2.16 -6.85 8.25
CA GLN A 33 1.00 -7.77 8.38
C GLN A 33 0.79 -8.69 7.15
N VAL A 34 1.59 -8.50 6.09
CA VAL A 34 1.52 -9.35 4.88
C VAL A 34 1.99 -10.80 5.17
N SER A 35 1.14 -11.78 4.79
CA SER A 35 1.40 -13.24 4.99
C SER A 35 2.29 -13.86 3.88
N ALA A 36 3.14 -13.01 3.25
CA ALA A 36 3.98 -13.36 2.08
C ALA A 36 3.12 -13.78 0.85
N PRO A 37 3.03 -12.93 -0.22
CA PRO A 37 2.15 -13.19 -1.38
C PRO A 37 2.79 -14.09 -2.48
N THR A 38 1.93 -14.79 -3.24
CA THR A 38 2.35 -15.64 -4.37
C THR A 38 1.86 -15.04 -5.71
N LEU A 39 2.79 -14.81 -6.65
CA LEU A 39 2.53 -14.01 -7.87
C LEU A 39 2.05 -14.88 -9.06
N ARG A 40 1.05 -14.36 -9.79
CA ARG A 40 0.44 -15.01 -10.96
C ARG A 40 0.67 -14.13 -12.21
N GLY A 41 1.31 -14.69 -13.26
CA GLY A 41 1.71 -13.95 -14.48
C GLY A 41 2.40 -12.57 -14.30
N ALA A 42 2.81 -11.98 -15.44
CA ALA A 42 3.46 -10.64 -15.49
C ALA A 42 4.72 -10.55 -14.56
N SER A 43 4.74 -9.58 -13.61
CA SER A 43 5.88 -9.37 -12.65
C SER A 43 5.45 -8.37 -11.53
N PRO A 44 6.19 -8.27 -10.37
CA PRO A 44 5.85 -7.31 -9.26
C PRO A 44 5.72 -5.82 -9.72
N HIS A 45 6.38 -5.48 -10.84
CA HIS A 45 6.26 -4.15 -11.46
C HIS A 45 5.18 -4.15 -12.56
N THR A 46 5.18 -5.20 -13.40
CA THR A 46 4.37 -5.26 -14.65
C THR A 46 2.84 -5.35 -14.35
N PRO A 47 2.03 -4.33 -14.82
CA PRO A 47 0.55 -4.35 -14.69
C PRO A 47 -0.11 -5.64 -15.27
N GLY A 48 -0.71 -6.44 -14.37
CA GLY A 48 -1.33 -7.73 -14.73
C GLY A 48 -1.08 -8.81 -13.67
N ALA A 49 0.02 -8.68 -12.91
CA ALA A 49 0.41 -9.65 -11.86
C ALA A 49 -0.60 -9.71 -10.69
N GLU A 50 -0.92 -10.93 -10.24
CA GLU A 50 -1.85 -11.14 -9.11
C GLU A 50 -1.14 -11.83 -7.93
N ARG A 51 -1.08 -11.17 -6.77
CA ARG A 51 -0.38 -11.73 -5.60
C ARG A 51 -1.38 -12.23 -4.53
N VAL A 52 -1.13 -13.44 -4.00
CA VAL A 52 -2.05 -14.12 -3.06
C VAL A 52 -1.38 -14.28 -1.67
N PHE A 53 -1.80 -13.43 -0.71
CA PHE A 53 -1.26 -13.40 0.68
C PHE A 53 -1.49 -14.73 1.42
N GLY A 54 -0.45 -15.59 1.48
CA GLY A 54 -0.56 -16.92 2.10
C GLY A 54 -1.33 -17.93 1.24
N ALA A 55 -0.90 -18.09 -0.03
CA ALA A 55 -1.56 -19.02 -0.99
C ALA A 55 -1.42 -20.50 -0.54
N GLY A 56 -2.41 -20.96 0.24
CA GLY A 56 -2.40 -22.32 0.82
C GLY A 56 -3.03 -22.37 2.21
N THR A 57 -4.12 -21.58 2.39
CA THR A 57 -4.87 -21.46 3.67
C THR A 57 -6.40 -21.45 3.40
N GLU A 58 -7.21 -21.00 4.37
CA GLU A 58 -8.68 -20.95 4.24
C GLU A 58 -9.21 -19.49 4.20
N GLU A 59 -8.31 -18.51 3.94
CA GLU A 59 -8.64 -17.05 4.04
C GLU A 59 -7.53 -16.13 3.44
N GLU A 60 -6.97 -16.54 2.29
CA GLU A 60 -5.91 -15.76 1.59
C GLU A 60 -6.50 -14.55 0.79
N LEU A 61 -5.65 -13.53 0.55
CA LEU A 61 -6.04 -12.26 -0.13
C LEU A 61 -5.45 -12.22 -1.57
N VAL A 62 -6.32 -12.10 -2.59
CA VAL A 62 -5.90 -12.03 -4.01
C VAL A 62 -6.07 -10.59 -4.55
N GLU A 63 -4.97 -9.98 -5.02
CA GLU A 63 -4.97 -8.62 -5.62
C GLU A 63 -4.52 -8.65 -7.09
N ARG A 64 -5.18 -7.88 -7.98
CA ARG A 64 -4.79 -7.72 -9.41
C ARG A 64 -4.10 -6.35 -9.61
N LEU A 65 -2.92 -6.36 -10.26
CA LEU A 65 -2.15 -5.13 -10.53
C LEU A 65 -2.66 -4.45 -11.84
N VAL A 66 -3.12 -3.19 -11.71
CA VAL A 66 -3.79 -2.46 -12.82
C VAL A 66 -2.79 -1.65 -13.68
N GLU A 67 -1.89 -0.92 -13.00
CA GLU A 67 -0.96 0.04 -13.65
C GLU A 67 0.25 0.33 -12.75
N ARG A 68 1.37 0.77 -13.36
CA ARG A 68 2.55 1.27 -12.63
C ARG A 68 3.24 2.38 -13.44
N ASP A 69 3.55 3.50 -12.79
CA ASP A 69 4.31 4.61 -13.37
C ASP A 69 5.55 4.92 -12.51
N GLU A 70 6.75 4.73 -13.07
CA GLU A 70 8.04 4.95 -12.37
C GLU A 70 8.68 6.32 -12.74
N SER A 71 7.91 7.20 -13.38
CA SER A 71 8.34 8.60 -13.67
C SER A 71 7.83 9.55 -12.56
N ALA A 72 6.54 9.40 -12.20
CA ALA A 72 5.88 10.23 -11.15
C ALA A 72 5.57 9.41 -9.88
N ARG A 73 6.11 8.15 -9.82
CA ARG A 73 6.00 7.25 -8.64
C ARG A 73 4.52 7.00 -8.23
N ARG A 74 3.79 6.29 -9.09
CA ARG A 74 2.35 6.00 -8.92
C ARG A 74 2.01 4.52 -9.24
N LEU A 75 1.68 3.74 -8.21
CA LEU A 75 1.41 2.28 -8.29
C LEU A 75 -0.10 1.99 -8.14
N VAL A 76 -0.79 1.60 -9.22
CA VAL A 76 -2.27 1.38 -9.23
C VAL A 76 -2.61 -0.13 -9.21
N TYR A 77 -3.50 -0.54 -8.31
CA TYR A 77 -3.94 -1.95 -8.19
C TYR A 77 -5.42 -2.05 -7.70
N THR A 78 -5.89 -3.29 -7.53
CA THR A 78 -7.27 -3.61 -7.04
C THR A 78 -7.28 -4.95 -6.28
N MET A 79 -8.34 -5.18 -5.49
CA MET A 79 -8.59 -6.46 -4.78
C MET A 79 -9.84 -7.16 -5.41
N PRO A 80 -9.66 -8.10 -6.42
CA PRO A 80 -10.77 -8.89 -7.02
C PRO A 80 -11.38 -9.91 -6.02
N ASP A 81 -10.61 -10.26 -4.98
CA ASP A 81 -11.08 -11.10 -3.85
C ASP A 81 -10.85 -10.35 -2.51
N PRO A 82 -11.75 -9.36 -2.16
CA PRO A 82 -11.63 -8.58 -0.91
C PRO A 82 -12.38 -9.25 0.30
N PRO A 83 -11.81 -9.15 1.55
CA PRO A 83 -12.51 -9.62 2.79
C PRO A 83 -13.62 -8.65 3.28
N PHE A 84 -13.84 -7.54 2.53
CA PHE A 84 -14.77 -6.46 2.94
C PHE A 84 -15.91 -6.26 1.90
N PRO A 85 -17.16 -5.86 2.33
CA PRO A 85 -18.31 -5.68 1.40
C PRO A 85 -18.17 -4.40 0.52
N ILE A 86 -17.38 -4.53 -0.57
CA ILE A 86 -17.08 -3.43 -1.51
C ILE A 86 -17.24 -3.93 -2.98
N THR A 87 -17.93 -3.14 -3.83
CA THR A 87 -18.23 -3.54 -5.24
C THR A 87 -16.95 -3.40 -6.12
N ASN A 88 -16.61 -2.17 -6.53
CA ASN A 88 -15.38 -1.91 -7.33
C ASN A 88 -14.30 -1.25 -6.45
N HIS A 89 -13.24 -2.01 -6.12
CA HIS A 89 -12.08 -1.52 -5.36
C HIS A 89 -11.00 -0.91 -6.30
N ARG A 90 -10.34 0.18 -5.85
CA ARG A 90 -9.21 0.81 -6.56
C ARG A 90 -8.25 1.46 -5.53
N ALA A 91 -7.01 0.95 -5.40
CA ALA A 91 -6.01 1.51 -4.45
C ALA A 91 -4.68 1.83 -5.15
N VAL A 92 -4.02 2.93 -4.71
CA VAL A 92 -2.78 3.46 -5.33
C VAL A 92 -1.73 3.86 -4.25
N LEU A 93 -0.44 3.59 -4.52
CA LEU A 93 0.71 4.17 -3.77
C LEU A 93 1.25 5.38 -4.58
N GLU A 94 1.64 6.47 -3.91
CA GLU A 94 2.28 7.60 -4.59
C GLU A 94 3.38 8.22 -3.71
N VAL A 95 4.66 8.04 -4.11
CA VAL A 95 5.80 8.59 -3.36
C VAL A 95 6.18 9.95 -3.97
N VAL A 96 5.91 11.03 -3.24
CA VAL A 96 6.08 12.41 -3.72
C VAL A 96 7.39 13.02 -3.11
N PRO A 97 8.40 13.44 -3.94
CA PRO A 97 9.65 14.04 -3.43
C PRO A 97 9.44 15.49 -2.90
N ARG A 98 8.97 15.59 -1.64
CA ARG A 98 8.71 16.88 -0.95
C ARG A 98 10.06 17.62 -0.68
N ASP A 99 11.10 16.83 -0.44
CA ASP A 99 12.46 17.30 -0.12
C ASP A 99 13.50 16.29 -0.69
N ASP A 100 14.78 16.73 -0.75
CA ASP A 100 15.90 15.93 -1.28
C ASP A 100 16.09 14.59 -0.52
N ARG A 101 16.08 14.68 0.83
CA ARG A 101 16.21 13.51 1.74
C ARG A 101 14.91 13.23 2.54
N HIS A 102 13.78 13.88 2.20
CA HIS A 102 12.48 13.65 2.89
C HIS A 102 11.34 13.59 1.87
N CYS A 103 10.64 12.45 1.79
CA CYS A 103 9.64 12.17 0.72
C CYS A 103 8.36 11.55 1.28
N THR A 104 7.20 12.06 0.86
CA THR A 104 5.88 11.69 1.42
C THR A 104 5.24 10.53 0.63
N VAL A 105 5.06 9.36 1.27
CA VAL A 105 4.41 8.19 0.66
C VAL A 105 2.90 8.20 0.99
N VAL A 106 2.08 8.47 -0.03
CA VAL A 106 0.62 8.60 0.11
C VAL A 106 -0.06 7.30 -0.37
N TRP A 107 -0.70 6.57 0.57
CA TRP A 107 -1.45 5.35 0.26
C TRP A 107 -2.97 5.69 0.28
N THR A 108 -3.64 5.46 -0.86
CA THR A 108 -5.06 5.82 -1.06
C THR A 108 -5.86 4.56 -1.48
N ALA A 109 -7.12 4.42 -0.99
CA ALA A 109 -8.02 3.33 -1.40
C ALA A 109 -9.48 3.80 -1.50
N MET A 110 -9.98 3.86 -2.74
CA MET A 110 -11.36 4.26 -3.07
C MET A 110 -12.14 3.03 -3.56
N PHE A 111 -13.28 2.76 -2.92
CA PHE A 111 -14.11 1.58 -3.19
C PHE A 111 -15.60 1.94 -3.17
N ASP A 112 -16.42 1.17 -3.89
CA ASP A 112 -17.88 1.39 -3.92
C ASP A 112 -18.56 0.65 -2.75
N CYS A 113 -18.56 1.30 -1.58
CA CYS A 113 -19.19 0.76 -0.34
C CYS A 113 -20.22 1.74 0.26
N SER A 114 -21.17 1.18 1.04
CA SER A 114 -22.19 1.97 1.76
C SER A 114 -21.55 2.88 2.85
N PRO A 115 -21.93 4.20 2.94
CA PRO A 115 -21.37 5.16 3.96
C PRO A 115 -21.30 4.63 5.42
N GLU A 116 -22.34 3.87 5.84
CA GLU A 116 -22.42 3.26 7.20
C GLU A 116 -21.31 2.20 7.43
N THR A 117 -20.93 1.49 6.36
CA THR A 117 -19.83 0.50 6.40
C THR A 117 -18.46 1.19 6.13
N ALA A 118 -18.47 2.29 5.35
CA ALA A 118 -17.25 3.02 4.96
C ALA A 118 -16.59 3.74 6.17
N ARG A 119 -17.43 4.17 7.15
CA ARG A 119 -16.95 4.77 8.43
C ARG A 119 -16.21 3.72 9.31
N GLU A 120 -16.59 2.44 9.16
CA GLU A 120 -15.87 1.30 9.76
C GLU A 120 -14.51 1.08 9.06
N LEU A 121 -14.55 1.13 7.71
CA LEU A 121 -13.39 0.77 6.85
C LEU A 121 -12.29 1.85 6.84
N GLU A 122 -12.66 3.14 6.98
CA GLU A 122 -11.67 4.25 7.07
C GLU A 122 -10.78 4.11 8.33
N SER A 123 -11.37 3.61 9.42
CA SER A 123 -10.62 3.26 10.66
C SER A 123 -9.74 1.99 10.46
N VAL A 124 -10.39 0.86 10.11
CA VAL A 124 -9.72 -0.47 10.04
C VAL A 124 -8.68 -0.55 8.90
N ILE A 125 -9.11 -0.26 7.67
CA ILE A 125 -8.27 -0.30 6.46
C ILE A 125 -7.33 0.93 6.39
N GLY A 126 -7.91 2.12 6.60
CA GLY A 126 -7.16 3.39 6.52
C GLY A 126 -6.01 3.54 7.52
N ASP A 127 -6.33 3.61 8.82
CA ASP A 127 -5.29 3.82 9.87
C ASP A 127 -4.72 2.47 10.38
N GLY A 128 -5.60 1.48 10.57
CA GLY A 128 -5.23 0.18 11.16
C GLY A 128 -4.39 -0.74 10.27
N VAL A 129 -4.45 -0.54 8.93
CA VAL A 129 -3.65 -1.33 7.96
C VAL A 129 -2.58 -0.45 7.26
N PHE A 130 -3.02 0.67 6.63
CA PHE A 130 -2.13 1.53 5.80
C PHE A 130 -1.11 2.29 6.66
N ALA A 131 -1.61 3.09 7.64
CA ALA A 131 -0.75 3.93 8.51
C ALA A 131 0.30 3.07 9.27
N VAL A 132 -0.09 1.83 9.60
CA VAL A 132 0.82 0.81 10.19
C VAL A 132 2.03 0.49 9.26
N GLY A 133 1.74 0.19 7.97
CA GLY A 133 2.78 -0.13 6.99
C GLY A 133 3.65 1.07 6.58
N LEU A 134 3.01 2.26 6.54
CA LEU A 134 3.67 3.54 6.19
C LEU A 134 4.65 4.00 7.30
N ASN A 135 4.21 3.85 8.58
CA ASN A 135 5.05 4.18 9.75
C ASN A 135 6.22 3.19 9.85
N ALA A 136 5.95 1.90 9.57
CA ALA A 136 6.98 0.82 9.51
C ALA A 136 8.08 1.16 8.48
N LEU A 137 7.65 1.70 7.33
CA LEU A 137 8.55 2.14 6.25
C LEU A 137 9.44 3.32 6.73
N ALA A 138 8.84 4.23 7.51
CA ALA A 138 9.56 5.38 8.10
C ALA A 138 10.54 4.95 9.24
N GLU A 139 10.22 3.84 9.95
CA GLU A 139 11.04 3.30 11.07
C GLU A 139 12.41 2.75 10.58
N ARG A 140 12.39 1.97 9.49
CA ARG A 140 13.62 1.35 8.90
C ARG A 140 14.54 2.40 8.21
N TYR A 141 13.95 3.52 7.76
CA TYR A 141 14.73 4.69 7.26
C TYR A 141 14.95 5.73 8.39
N GLY A 142 14.35 5.49 9.57
CA GLY A 142 14.53 6.34 10.76
C GLY A 142 15.90 6.17 11.44
N ARG A 143 16.78 5.35 10.81
CA ARG A 143 18.18 5.13 11.23
C ARG A 143 19.00 6.45 11.41
N LEU A 144 18.57 7.55 10.74
CA LEU A 144 19.19 8.88 10.87
C LEU A 144 19.12 9.45 12.31
N GLU A 145 18.09 9.04 13.07
CA GLU A 145 17.85 9.50 14.46
C GLU A 145 17.40 8.32 15.36
N HIS A 146 16.22 7.74 15.03
CA HIS A 146 15.53 6.69 15.82
C HIS A 146 15.39 7.08 17.31
N HIS A 147 14.51 8.05 17.59
CA HIS A 147 14.15 8.46 18.96
C HIS A 147 13.41 7.31 19.67
N HIS A 148 14.13 6.61 20.57
CA HIS A 148 13.71 5.32 21.18
C HIS A 148 13.53 4.20 20.10
N HIS A 149 13.10 2.99 20.52
CA HIS A 149 12.79 1.89 19.58
C HIS A 149 11.38 2.09 18.95
N HIS A 150 10.31 1.69 19.70
CA HIS A 150 8.89 1.83 19.29
C HIS A 150 8.65 1.27 17.85
N HIS A 151 8.84 -0.06 17.70
CA HIS A 151 8.86 -0.79 16.40
C HIS A 151 9.96 -0.27 15.44
N MET A 1 -17.87 9.44 3.18
CA MET A 1 -16.88 9.19 2.10
C MET A 1 -16.37 7.74 2.12
N ALA A 2 -16.20 7.16 0.93
CA ALA A 2 -15.62 5.81 0.74
C ALA A 2 -14.20 5.88 0.10
N THR A 3 -13.61 7.11 0.11
CA THR A 3 -12.22 7.36 -0.36
C THR A 3 -11.33 7.64 0.86
N LEU A 4 -10.43 6.68 1.15
CA LEU A 4 -9.47 6.77 2.28
C LEU A 4 -8.14 7.33 1.75
N ARG A 5 -7.54 8.28 2.47
CA ARG A 5 -6.20 8.82 2.13
C ARG A 5 -5.35 8.97 3.40
N ARG A 6 -4.07 8.59 3.31
CA ARG A 6 -3.09 8.76 4.41
C ARG A 6 -1.68 8.99 3.82
N SER A 7 -0.82 9.70 4.56
CA SER A 7 0.57 10.01 4.11
C SER A 7 1.59 9.93 5.27
N VAL A 8 2.87 9.91 4.91
CA VAL A 8 3.99 9.83 5.87
C VAL A 8 5.25 10.51 5.29
N GLU A 9 6.11 11.10 6.14
CA GLU A 9 7.45 11.55 5.73
C GLU A 9 8.49 10.45 6.03
N VAL A 10 9.03 9.88 4.97
CA VAL A 10 10.09 8.85 5.02
C VAL A 10 11.48 9.53 4.97
N ALA A 11 12.37 9.21 5.92
CA ALA A 11 13.75 9.76 5.92
C ALA A 11 14.65 9.03 4.87
N ALA A 12 14.37 9.32 3.59
CA ALA A 12 15.06 8.70 2.43
C ALA A 12 14.69 9.45 1.12
N PRO A 13 15.58 9.47 0.08
CA PRO A 13 15.22 9.97 -1.29
C PRO A 13 14.16 9.06 -1.98
N ALA A 14 13.21 9.70 -2.70
CA ALA A 14 12.02 9.07 -3.33
C ALA A 14 12.30 7.78 -4.15
N ALA A 15 13.45 7.74 -4.84
CA ALA A 15 13.86 6.56 -5.66
C ALA A 15 14.06 5.29 -4.80
N ASP A 16 14.79 5.43 -3.68
CA ASP A 16 15.03 4.33 -2.71
C ASP A 16 13.71 3.79 -2.12
N VAL A 17 12.75 4.70 -1.90
CA VAL A 17 11.42 4.37 -1.37
C VAL A 17 10.56 3.64 -2.44
N TRP A 18 10.73 4.08 -3.71
CA TRP A 18 10.00 3.51 -4.88
C TRP A 18 10.45 2.05 -5.19
N THR A 19 11.74 1.76 -4.97
CA THR A 19 12.30 0.39 -5.11
C THR A 19 11.67 -0.60 -4.07
N LEU A 20 11.11 -0.02 -2.99
CA LEU A 20 10.47 -0.79 -1.90
C LEU A 20 8.95 -1.03 -2.17
N VAL A 21 8.19 0.06 -2.46
CA VAL A 21 6.72 -0.04 -2.73
C VAL A 21 6.40 -0.48 -4.18
N GLY A 22 7.06 0.17 -5.18
CA GLY A 22 6.77 -0.06 -6.61
C GLY A 22 7.32 -1.37 -7.18
N ASP A 23 8.02 -2.14 -6.35
CA ASP A 23 8.40 -3.54 -6.67
C ASP A 23 7.19 -4.50 -6.56
N PHE A 24 6.12 -4.04 -5.85
CA PHE A 24 4.80 -4.71 -5.74
C PHE A 24 4.86 -5.97 -4.81
N SER A 25 5.59 -7.01 -5.25
CA SER A 25 5.81 -8.26 -4.45
C SER A 25 6.66 -8.03 -3.17
N ALA A 26 7.34 -6.87 -3.08
CA ALA A 26 8.28 -6.55 -1.97
C ALA A 26 7.55 -5.92 -0.77
N ILE A 27 6.20 -5.94 -0.81
CA ILE A 27 5.35 -5.32 0.23
C ILE A 27 5.58 -5.95 1.64
N HIS A 28 5.92 -7.25 1.69
CA HIS A 28 6.15 -7.98 2.98
C HIS A 28 7.45 -7.52 3.70
N ARG A 29 8.26 -6.66 3.05
CA ARG A 29 9.54 -6.15 3.60
C ARG A 29 9.36 -4.83 4.38
N TRP A 30 8.24 -4.10 4.15
CA TRP A 30 7.95 -2.82 4.85
C TRP A 30 6.61 -2.89 5.61
N HIS A 31 5.66 -3.69 5.08
CA HIS A 31 4.31 -3.82 5.64
C HIS A 31 4.27 -5.03 6.62
N PRO A 32 4.27 -4.78 7.98
CA PRO A 32 4.40 -5.86 9.02
C PRO A 32 3.21 -6.87 9.07
N GLN A 33 2.07 -6.52 8.45
CA GLN A 33 0.88 -7.42 8.40
C GLN A 33 0.96 -8.41 7.24
N VAL A 34 1.66 -8.02 6.15
CA VAL A 34 1.94 -8.93 5.02
C VAL A 34 3.11 -9.88 5.37
N SER A 35 2.80 -11.19 5.48
CA SER A 35 3.80 -12.24 5.75
C SER A 35 4.66 -12.51 4.48
N ALA A 36 4.00 -12.96 3.41
CA ALA A 36 4.60 -13.15 2.06
C ALA A 36 3.49 -13.41 1.01
N PRO A 37 3.28 -12.50 0.00
CA PRO A 37 2.25 -12.67 -1.04
C PRO A 37 2.72 -13.53 -2.26
N THR A 38 1.81 -14.33 -2.83
CA THR A 38 2.06 -15.19 -3.99
C THR A 38 1.62 -14.47 -5.28
N LEU A 39 2.52 -14.37 -6.27
CA LEU A 39 2.22 -13.70 -7.55
C LEU A 39 2.13 -14.71 -8.69
N ARG A 40 1.24 -14.41 -9.63
CA ARG A 40 0.92 -15.27 -10.78
C ARG A 40 0.49 -14.42 -11.99
N GLY A 41 0.82 -14.91 -13.21
CA GLY A 41 0.74 -14.16 -14.49
C GLY A 41 1.31 -12.72 -14.51
N ALA A 42 1.74 -12.29 -15.73
CA ALA A 42 2.20 -10.90 -16.05
C ALA A 42 3.61 -10.52 -15.49
N SER A 43 3.85 -10.75 -14.15
CA SER A 43 5.07 -10.34 -13.34
C SER A 43 4.81 -9.08 -12.47
N PRO A 44 5.45 -8.96 -11.24
CA PRO A 44 5.25 -7.82 -10.28
C PRO A 44 5.36 -6.39 -10.90
N HIS A 45 6.31 -6.20 -11.84
CA HIS A 45 6.53 -4.88 -12.50
C HIS A 45 5.69 -4.74 -13.80
N THR A 46 4.75 -5.65 -14.04
CA THR A 46 3.86 -5.64 -15.24
C THR A 46 2.37 -5.64 -14.81
N PRO A 47 1.57 -4.57 -15.19
CA PRO A 47 0.10 -4.53 -14.95
C PRO A 47 -0.66 -5.78 -15.48
N GLY A 48 -1.50 -6.38 -14.60
CA GLY A 48 -2.22 -7.63 -14.90
C GLY A 48 -1.83 -8.78 -13.96
N ALA A 49 -0.76 -8.57 -13.17
CA ALA A 49 -0.29 -9.56 -12.15
C ALA A 49 -1.24 -9.63 -10.94
N GLU A 50 -1.27 -10.77 -10.23
CA GLU A 50 -2.09 -10.94 -9.01
C GLU A 50 -1.21 -11.09 -7.74
N ARG A 51 -1.49 -10.30 -6.70
CA ARG A 51 -0.75 -10.36 -5.41
C ARG A 51 -1.67 -10.99 -4.32
N VAL A 52 -1.43 -12.27 -3.99
CA VAL A 52 -2.34 -13.06 -3.13
C VAL A 52 -1.75 -13.26 -1.71
N PHE A 53 -2.27 -12.50 -0.74
CA PHE A 53 -1.83 -12.53 0.66
C PHE A 53 -2.32 -13.79 1.40
N GLY A 54 -1.58 -14.92 1.22
CA GLY A 54 -1.93 -16.21 1.85
C GLY A 54 -1.77 -17.38 0.87
N ALA A 55 -2.58 -17.37 -0.21
CA ALA A 55 -2.57 -18.35 -1.34
C ALA A 55 -3.13 -19.76 -1.01
N GLY A 56 -2.63 -20.40 0.06
CA GLY A 56 -2.97 -21.81 0.39
C GLY A 56 -3.69 -21.94 1.74
N THR A 57 -4.56 -20.96 2.03
CA THR A 57 -5.29 -20.85 3.31
C THR A 57 -6.82 -20.88 3.07
N GLU A 58 -7.59 -20.50 4.10
CA GLU A 58 -9.05 -20.21 3.98
C GLU A 58 -9.34 -18.76 4.46
N GLU A 59 -8.31 -17.89 4.34
CA GLU A 59 -8.32 -16.50 4.87
C GLU A 59 -7.52 -15.53 3.96
N GLU A 60 -7.12 -15.99 2.75
CA GLU A 60 -6.24 -15.21 1.85
C GLU A 60 -6.99 -14.06 1.15
N LEU A 61 -6.23 -13.01 0.82
CA LEU A 61 -6.73 -11.84 0.05
C LEU A 61 -6.15 -11.90 -1.38
N VAL A 62 -7.03 -11.96 -2.40
CA VAL A 62 -6.60 -11.98 -3.81
C VAL A 62 -6.67 -10.55 -4.39
N GLU A 63 -5.49 -10.01 -4.72
CA GLU A 63 -5.32 -8.65 -5.27
C GLU A 63 -4.78 -8.72 -6.73
N ARG A 64 -4.81 -7.59 -7.46
CA ARG A 64 -4.37 -7.51 -8.87
C ARG A 64 -3.82 -6.10 -9.22
N LEU A 65 -2.61 -6.06 -9.82
CA LEU A 65 -2.02 -4.82 -10.37
C LEU A 65 -2.80 -4.33 -11.62
N VAL A 66 -3.17 -3.04 -11.62
CA VAL A 66 -3.96 -2.41 -12.70
C VAL A 66 -3.08 -1.58 -13.65
N GLU A 67 -2.26 -0.70 -13.06
CA GLU A 67 -1.29 0.15 -13.77
C GLU A 67 -0.09 0.43 -12.85
N ARG A 68 1.10 0.60 -13.43
CA ARG A 68 2.30 0.99 -12.68
C ARG A 68 3.14 1.99 -13.49
N ASP A 69 3.32 3.20 -12.92
CA ASP A 69 4.17 4.26 -13.47
C ASP A 69 5.52 4.29 -12.71
N GLU A 70 6.58 3.74 -13.34
CA GLU A 70 7.92 3.71 -12.72
C GLU A 70 8.59 5.11 -12.77
N SER A 71 8.45 5.80 -13.93
CA SER A 71 8.97 7.18 -14.13
C SER A 71 8.20 8.20 -13.26
N ALA A 72 6.84 8.16 -13.33
CA ALA A 72 5.94 9.07 -12.56
C ALA A 72 5.78 8.65 -11.07
N ARG A 73 6.35 7.48 -10.71
CA ARG A 73 6.49 7.00 -9.31
C ARG A 73 5.10 6.77 -8.63
N ARG A 74 4.21 6.11 -9.39
CA ARG A 74 2.80 5.86 -9.00
C ARG A 74 2.45 4.35 -9.18
N LEU A 75 1.77 3.74 -8.20
CA LEU A 75 1.42 2.30 -8.23
C LEU A 75 -0.10 2.10 -8.06
N VAL A 76 -0.80 1.74 -9.13
CA VAL A 76 -2.29 1.60 -9.13
C VAL A 76 -2.69 0.10 -9.17
N TYR A 77 -3.52 -0.34 -8.21
CA TYR A 77 -3.98 -1.74 -8.12
C TYR A 77 -5.44 -1.84 -7.57
N THR A 78 -5.93 -3.09 -7.46
CA THR A 78 -7.35 -3.41 -7.16
C THR A 78 -7.45 -4.82 -6.55
N MET A 79 -8.35 -5.03 -5.57
CA MET A 79 -8.63 -6.37 -5.02
C MET A 79 -9.89 -6.98 -5.73
N PRO A 80 -9.71 -7.89 -6.76
CA PRO A 80 -10.84 -8.52 -7.51
C PRO A 80 -11.60 -9.57 -6.68
N ASP A 81 -10.91 -10.17 -5.69
CA ASP A 81 -11.53 -11.09 -4.70
C ASP A 81 -11.13 -10.64 -3.27
N PRO A 82 -11.82 -9.59 -2.72
CA PRO A 82 -11.65 -9.17 -1.32
C PRO A 82 -12.67 -9.84 -0.35
N PRO A 83 -12.22 -10.38 0.83
CA PRO A 83 -13.15 -10.85 1.89
C PRO A 83 -13.85 -9.67 2.63
N PHE A 84 -13.48 -8.44 2.23
CA PHE A 84 -14.15 -7.18 2.64
C PHE A 84 -15.44 -6.96 1.78
N PRO A 85 -16.57 -6.47 2.38
CA PRO A 85 -17.82 -6.19 1.62
C PRO A 85 -17.71 -4.89 0.76
N ILE A 86 -17.01 -5.02 -0.40
CA ILE A 86 -16.82 -3.93 -1.40
C ILE A 86 -16.97 -4.48 -2.84
N THR A 87 -17.55 -3.65 -3.73
CA THR A 87 -17.94 -4.08 -5.10
C THR A 87 -16.73 -4.32 -6.05
N ASN A 88 -15.79 -3.36 -6.08
CA ASN A 88 -14.67 -3.37 -7.06
C ASN A 88 -13.29 -3.12 -6.39
N HIS A 89 -13.23 -2.06 -5.56
CA HIS A 89 -12.00 -1.54 -4.91
C HIS A 89 -10.96 -0.97 -5.92
N ARG A 90 -10.25 0.09 -5.47
CA ARG A 90 -9.05 0.64 -6.13
C ARG A 90 -8.10 1.20 -5.04
N ALA A 91 -6.77 1.16 -5.26
CA ALA A 91 -5.77 1.70 -4.31
C ALA A 91 -4.44 2.06 -5.02
N VAL A 92 -3.75 3.11 -4.53
CA VAL A 92 -2.53 3.65 -5.16
C VAL A 92 -1.42 4.00 -4.13
N LEU A 93 -0.15 3.70 -4.49
CA LEU A 93 1.07 4.19 -3.81
C LEU A 93 1.76 5.24 -4.71
N GLU A 94 1.69 6.50 -4.32
CA GLU A 94 2.37 7.59 -5.05
C GLU A 94 3.36 8.29 -4.11
N VAL A 95 4.67 8.12 -4.38
CA VAL A 95 5.72 8.72 -3.55
C VAL A 95 6.07 10.11 -4.14
N VAL A 96 5.70 11.15 -3.40
CA VAL A 96 5.88 12.56 -3.79
C VAL A 96 7.25 13.09 -3.26
N PRO A 97 8.16 13.62 -4.14
CA PRO A 97 9.46 14.20 -3.71
C PRO A 97 9.26 15.50 -2.89
N ARG A 98 10.02 15.65 -1.79
CA ARG A 98 9.85 16.76 -0.82
C ARG A 98 11.21 17.34 -0.37
N ASP A 99 12.22 16.46 -0.25
CA ASP A 99 13.57 16.81 0.26
C ASP A 99 14.58 15.69 -0.13
N ASP A 100 15.88 16.04 -0.13
CA ASP A 100 17.01 15.15 -0.52
C ASP A 100 17.03 13.81 0.28
N ARG A 101 16.55 13.87 1.54
CA ARG A 101 16.51 12.70 2.44
C ARG A 101 15.18 12.69 3.25
N HIS A 102 14.12 13.31 2.69
CA HIS A 102 12.74 13.29 3.27
C HIS A 102 11.71 13.34 2.11
N CYS A 103 10.97 12.24 1.90
CA CYS A 103 9.98 12.12 0.79
C CYS A 103 8.66 11.54 1.29
N THR A 104 7.53 12.12 0.83
CA THR A 104 6.19 11.82 1.36
C THR A 104 5.46 10.74 0.54
N VAL A 105 5.21 9.56 1.15
CA VAL A 105 4.45 8.46 0.51
C VAL A 105 2.95 8.64 0.80
N VAL A 106 2.13 8.74 -0.26
CA VAL A 106 0.68 8.93 -0.15
C VAL A 106 -0.03 7.62 -0.58
N TRP A 107 -0.72 6.97 0.37
CA TRP A 107 -1.47 5.72 0.12
C TRP A 107 -2.98 6.03 0.20
N THR A 108 -3.72 5.70 -0.87
CA THR A 108 -5.15 6.02 -1.01
C THR A 108 -5.94 4.77 -1.45
N ALA A 109 -7.11 4.49 -0.82
CA ALA A 109 -8.00 3.36 -1.17
C ALA A 109 -9.46 3.83 -1.31
N MET A 110 -9.99 3.74 -2.53
CA MET A 110 -11.36 4.18 -2.89
C MET A 110 -12.16 3.00 -3.45
N PHE A 111 -13.40 2.83 -2.95
CA PHE A 111 -14.23 1.64 -3.25
C PHE A 111 -15.73 2.00 -3.34
N ASP A 112 -16.46 1.27 -4.21
CA ASP A 112 -17.92 1.39 -4.34
C ASP A 112 -18.60 0.60 -3.20
N CYS A 113 -18.80 1.26 -2.05
CA CYS A 113 -19.46 0.65 -0.87
C CYS A 113 -20.35 1.66 -0.09
N SER A 114 -21.17 1.12 0.83
CA SER A 114 -22.09 1.91 1.70
C SER A 114 -21.31 2.71 2.78
N PRO A 115 -21.76 3.98 3.10
CA PRO A 115 -21.16 4.81 4.21
C PRO A 115 -21.02 4.07 5.58
N GLU A 116 -22.04 3.27 5.93
CA GLU A 116 -22.08 2.44 7.18
C GLU A 116 -20.91 1.43 7.25
N THR A 117 -20.48 0.93 6.08
CA THR A 117 -19.33 0.02 5.95
C THR A 117 -18.01 0.80 5.76
N ALA A 118 -18.10 2.00 5.13
CA ALA A 118 -16.93 2.85 4.81
C ALA A 118 -16.24 3.40 6.08
N ARG A 119 -17.04 3.69 7.13
CA ARG A 119 -16.54 4.07 8.48
C ARG A 119 -15.82 2.90 9.20
N GLU A 120 -16.33 1.67 9.00
CA GLU A 120 -15.71 0.44 9.55
C GLU A 120 -14.32 0.22 8.90
N LEU A 121 -14.30 0.31 7.57
CA LEU A 121 -13.09 0.14 6.75
C LEU A 121 -12.13 1.34 6.89
N GLU A 122 -12.68 2.50 7.28
CA GLU A 122 -11.88 3.71 7.59
C GLU A 122 -10.88 3.43 8.73
N SER A 123 -11.39 2.81 9.81
CA SER A 123 -10.55 2.35 10.95
C SER A 123 -9.63 1.15 10.56
N VAL A 124 -10.22 0.08 10.01
CA VAL A 124 -9.50 -1.18 9.70
C VAL A 124 -8.40 -0.99 8.62
N ILE A 125 -8.79 -0.44 7.47
CA ILE A 125 -7.88 -0.22 6.33
C ILE A 125 -7.01 1.06 6.54
N GLY A 126 -7.65 2.18 6.94
CA GLY A 126 -6.94 3.47 7.11
C GLY A 126 -5.92 3.49 8.27
N ASP A 127 -6.35 3.10 9.47
CA ASP A 127 -5.47 3.09 10.68
C ASP A 127 -4.73 1.75 10.83
N GLY A 128 -5.46 0.64 10.65
CA GLY A 128 -4.92 -0.71 10.86
C GLY A 128 -3.87 -1.11 9.83
N VAL A 129 -4.17 -0.90 8.55
CA VAL A 129 -3.28 -1.28 7.42
C VAL A 129 -2.32 -0.13 7.04
N PHE A 130 -2.87 1.06 6.76
CA PHE A 130 -2.10 2.21 6.19
C PHE A 130 -1.20 2.88 7.24
N ALA A 131 -1.78 3.37 8.36
CA ALA A 131 -1.02 4.08 9.42
C ALA A 131 0.15 3.22 9.94
N VAL A 132 -0.10 1.93 10.07
CA VAL A 132 0.92 0.94 10.46
C VAL A 132 2.03 0.78 9.37
N GLY A 133 1.62 0.49 8.12
CA GLY A 133 2.56 0.22 7.02
C GLY A 133 3.45 1.43 6.66
N LEU A 134 2.81 2.59 6.48
CA LEU A 134 3.49 3.88 6.15
C LEU A 134 4.49 4.33 7.24
N ASN A 135 4.09 4.20 8.53
CA ASN A 135 4.95 4.59 9.66
C ASN A 135 6.14 3.61 9.81
N ALA A 136 5.89 2.31 9.61
CA ALA A 136 6.96 1.27 9.63
C ALA A 136 8.00 1.51 8.51
N LEU A 137 7.52 1.99 7.35
CA LEU A 137 8.38 2.37 6.20
C LEU A 137 9.27 3.59 6.58
N ALA A 138 8.71 4.54 7.35
CA ALA A 138 9.45 5.71 7.87
C ALA A 138 10.46 5.30 8.99
N GLU A 139 10.09 4.27 9.78
CA GLU A 139 10.94 3.76 10.90
C GLU A 139 12.22 3.05 10.37
N ARG A 140 12.06 2.22 9.31
CA ARG A 140 13.19 1.45 8.73
C ARG A 140 14.21 2.38 8.03
N TYR A 141 13.74 3.53 7.51
CA TYR A 141 14.63 4.59 6.95
C TYR A 141 14.91 5.72 7.98
N GLY A 142 14.45 5.52 9.24
CA GLY A 142 14.58 6.53 10.33
C GLY A 142 16.02 6.83 10.80
N ARG A 143 17.03 6.39 10.04
CA ARG A 143 18.43 6.84 10.19
C ARG A 143 18.54 8.39 10.05
N LEU A 144 19.25 9.02 11.02
CA LEU A 144 19.44 10.51 11.07
C LEU A 144 18.08 11.27 11.06
N GLU A 145 17.13 10.75 11.86
CA GLU A 145 15.79 11.34 12.07
C GLU A 145 15.87 12.76 12.67
N HIS A 146 15.05 13.68 12.14
CA HIS A 146 14.91 15.08 12.64
C HIS A 146 13.43 15.52 12.56
N HIS A 147 12.77 15.65 13.73
CA HIS A 147 11.38 16.17 13.82
C HIS A 147 11.36 17.68 13.46
N HIS A 148 10.82 18.00 12.28
CA HIS A 148 10.59 19.41 11.86
C HIS A 148 9.09 19.69 11.59
N HIS A 149 8.23 18.74 12.01
CA HIS A 149 6.76 18.83 11.84
C HIS A 149 6.15 20.02 12.63
N HIS A 150 6.52 20.16 13.90
CA HIS A 150 6.00 21.22 14.80
C HIS A 150 6.68 22.59 14.54
N HIS A 151 7.96 22.57 14.09
CA HIS A 151 8.73 23.80 13.80
C HIS A 151 9.86 23.50 12.79
N MET A 1 -19.35 8.12 -2.01
CA MET A 1 -18.06 8.80 -1.76
C MET A 1 -17.31 8.15 -0.57
N ALA A 2 -16.61 7.04 -0.84
CA ALA A 2 -15.79 6.32 0.17
C ALA A 2 -14.34 6.17 -0.35
N THR A 3 -13.51 7.17 -0.05
CA THR A 3 -12.11 7.24 -0.54
C THR A 3 -11.15 7.57 0.64
N LEU A 4 -10.19 6.67 0.88
CA LEU A 4 -9.24 6.74 2.02
C LEU A 4 -7.87 7.26 1.54
N ARG A 5 -7.50 8.48 1.96
CA ARG A 5 -6.19 9.08 1.63
C ARG A 5 -5.29 9.00 2.87
N ARG A 6 -4.13 8.33 2.75
CA ARG A 6 -3.17 8.17 3.87
C ARG A 6 -1.75 8.51 3.40
N SER A 7 -0.99 9.28 4.20
CA SER A 7 0.40 9.70 3.87
C SER A 7 1.34 9.68 5.10
N VAL A 8 2.66 9.62 4.85
CA VAL A 8 3.71 9.65 5.91
C VAL A 8 4.99 10.36 5.39
N GLU A 9 5.66 11.17 6.24
CA GLU A 9 6.93 11.85 5.88
C GLU A 9 8.14 11.06 6.45
N VAL A 10 8.90 10.46 5.53
CA VAL A 10 9.97 9.47 5.80
C VAL A 10 11.39 10.10 5.70
N ALA A 11 12.31 9.62 6.55
CA ALA A 11 13.75 10.01 6.52
C ALA A 11 14.54 9.24 5.41
N ALA A 12 14.12 9.41 4.13
CA ALA A 12 14.77 8.78 2.97
C ALA A 12 14.36 9.47 1.63
N PRO A 13 15.31 9.63 0.65
CA PRO A 13 15.00 10.23 -0.69
C PRO A 13 13.99 9.39 -1.52
N ALA A 14 13.04 10.11 -2.17
CA ALA A 14 11.87 9.55 -2.90
C ALA A 14 12.17 8.34 -3.83
N ALA A 15 13.23 8.43 -4.64
CA ALA A 15 13.58 7.36 -5.62
C ALA A 15 14.00 6.04 -4.94
N ASP A 16 14.80 6.13 -3.85
CA ASP A 16 15.18 4.95 -3.03
C ASP A 16 13.98 4.36 -2.25
N VAL A 17 13.01 5.21 -1.87
CA VAL A 17 11.74 4.77 -1.25
C VAL A 17 10.85 4.05 -2.30
N TRP A 18 10.89 4.52 -3.56
CA TRP A 18 10.19 3.85 -4.69
C TRP A 18 10.83 2.48 -5.01
N THR A 19 12.13 2.31 -4.72
CA THR A 19 12.81 0.98 -4.79
C THR A 19 12.21 -0.03 -3.76
N LEU A 20 11.64 0.51 -2.68
CA LEU A 20 11.00 -0.26 -1.60
C LEU A 20 9.51 -0.61 -1.92
N VAL A 21 8.67 0.42 -2.18
CA VAL A 21 7.20 0.26 -2.45
C VAL A 21 6.86 -0.04 -3.93
N GLY A 22 7.78 0.31 -4.84
CA GLY A 22 7.52 0.27 -6.28
C GLY A 22 7.27 -1.11 -6.83
N ASP A 23 8.17 -2.06 -6.50
CA ASP A 23 8.02 -3.46 -6.92
C ASP A 23 6.82 -4.09 -6.18
N PHE A 24 5.92 -4.69 -6.96
CA PHE A 24 4.59 -5.15 -6.52
C PHE A 24 4.69 -6.26 -5.42
N SER A 25 5.76 -7.07 -5.47
CA SER A 25 6.00 -8.18 -4.51
C SER A 25 7.00 -7.79 -3.38
N ALA A 26 7.50 -6.55 -3.41
CA ALA A 26 8.55 -6.05 -2.46
C ALA A 26 7.95 -5.45 -1.18
N ILE A 27 6.63 -5.63 -1.04
CA ILE A 27 5.83 -5.05 0.06
C ILE A 27 6.20 -5.63 1.45
N HIS A 28 6.64 -6.91 1.49
CA HIS A 28 7.05 -7.58 2.77
C HIS A 28 8.34 -6.94 3.39
N ARG A 29 9.01 -6.04 2.63
CA ARG A 29 10.22 -5.32 3.08
C ARG A 29 9.89 -4.06 3.93
N TRP A 30 8.61 -3.60 3.90
CA TRP A 30 8.16 -2.42 4.71
C TRP A 30 6.86 -2.71 5.51
N HIS A 31 5.90 -3.42 4.89
CA HIS A 31 4.57 -3.67 5.47
C HIS A 31 4.61 -4.93 6.40
N PRO A 32 4.44 -4.77 7.75
CA PRO A 32 4.65 -5.88 8.74
C PRO A 32 3.57 -6.99 8.70
N GLN A 33 2.40 -6.69 8.10
CA GLN A 33 1.22 -7.60 8.13
C GLN A 33 1.13 -8.50 6.89
N VAL A 34 1.92 -8.21 5.83
CA VAL A 34 2.02 -9.09 4.64
C VAL A 34 2.83 -10.36 5.00
N SER A 35 2.14 -11.51 4.96
CA SER A 35 2.70 -12.84 5.30
C SER A 35 3.24 -13.58 4.04
N ALA A 36 3.82 -12.77 3.10
CA ALA A 36 4.40 -13.23 1.81
C ALA A 36 3.30 -13.72 0.80
N PRO A 37 3.12 -13.01 -0.36
CA PRO A 37 2.16 -13.41 -1.42
C PRO A 37 2.79 -14.25 -2.59
N THR A 38 1.93 -14.66 -3.55
CA THR A 38 2.34 -15.44 -4.75
C THR A 38 1.99 -14.66 -6.03
N LEU A 39 2.94 -14.56 -6.97
CA LEU A 39 2.77 -13.78 -8.23
C LEU A 39 2.35 -14.69 -9.41
N ARG A 40 1.37 -14.20 -10.18
CA ARG A 40 0.75 -14.91 -11.31
C ARG A 40 0.91 -14.10 -12.61
N GLY A 41 1.10 -14.83 -13.74
CA GLY A 41 1.29 -14.27 -15.09
C GLY A 41 2.34 -13.14 -15.28
N ALA A 42 3.34 -13.43 -16.12
CA ALA A 42 4.40 -12.49 -16.55
C ALA A 42 5.34 -12.02 -15.39
N SER A 43 5.06 -10.84 -14.80
CA SER A 43 6.01 -10.14 -13.88
C SER A 43 5.27 -9.14 -12.96
N PRO A 44 5.79 -8.86 -11.71
CA PRO A 44 5.21 -7.84 -10.78
C PRO A 44 5.31 -6.37 -11.33
N HIS A 45 6.10 -6.15 -12.39
CA HIS A 45 6.18 -4.83 -13.07
C HIS A 45 5.25 -4.76 -14.31
N THR A 46 4.63 -5.90 -14.67
CA THR A 46 3.71 -6.00 -15.84
C THR A 46 2.22 -5.85 -15.39
N PRO A 47 1.50 -4.75 -15.81
CA PRO A 47 0.06 -4.52 -15.46
C PRO A 47 -0.85 -5.71 -15.88
N GLY A 48 -1.44 -6.39 -14.87
CA GLY A 48 -2.24 -7.60 -15.08
C GLY A 48 -1.87 -8.74 -14.13
N ALA A 49 -0.61 -8.69 -13.62
CA ALA A 49 -0.07 -9.73 -12.70
C ALA A 49 -0.85 -9.80 -11.37
N GLU A 50 -1.19 -11.03 -10.94
CA GLU A 50 -2.05 -11.25 -9.74
C GLU A 50 -1.19 -11.69 -8.54
N ARG A 51 -1.51 -11.14 -7.36
CA ARG A 51 -0.70 -11.29 -6.12
C ARG A 51 -1.56 -11.85 -4.96
N VAL A 52 -1.35 -13.14 -4.61
CA VAL A 52 -2.23 -13.90 -3.69
C VAL A 52 -1.51 -14.19 -2.34
N PHE A 53 -1.96 -13.51 -1.28
CA PHE A 53 -1.40 -13.64 0.09
C PHE A 53 -1.59 -15.07 0.64
N GLY A 54 -0.46 -15.76 0.94
CA GLY A 54 -0.49 -17.16 1.42
C GLY A 54 -0.56 -18.18 0.27
N ALA A 55 -1.74 -18.25 -0.39
CA ALA A 55 -2.03 -19.13 -1.54
C ALA A 55 -1.88 -20.65 -1.21
N GLY A 56 -3.02 -21.33 -0.99
CA GLY A 56 -3.04 -22.77 -0.68
C GLY A 56 -3.56 -23.10 0.73
N THR A 57 -4.38 -22.18 1.29
CA THR A 57 -4.96 -22.32 2.65
C THR A 57 -6.52 -22.24 2.58
N GLU A 58 -7.18 -22.18 3.75
CA GLU A 58 -8.66 -21.98 3.82
C GLU A 58 -9.04 -20.48 3.82
N GLU A 59 -8.03 -19.60 3.74
CA GLU A 59 -8.21 -18.14 3.66
C GLU A 59 -6.97 -17.48 3.04
N GLU A 60 -6.95 -17.38 1.71
CA GLU A 60 -5.94 -16.60 0.96
C GLU A 60 -6.60 -15.40 0.24
N LEU A 61 -5.92 -14.24 0.25
CA LEU A 61 -6.43 -12.98 -0.33
C LEU A 61 -5.88 -12.82 -1.76
N VAL A 62 -6.78 -12.79 -2.77
CA VAL A 62 -6.38 -12.69 -4.19
C VAL A 62 -6.44 -11.22 -4.64
N GLU A 63 -5.27 -10.66 -5.00
CA GLU A 63 -5.12 -9.27 -5.46
C GLU A 63 -4.71 -9.25 -6.96
N ARG A 64 -4.80 -8.07 -7.63
CA ARG A 64 -4.50 -7.95 -9.08
C ARG A 64 -3.98 -6.53 -9.44
N LEU A 65 -2.81 -6.49 -10.08
CA LEU A 65 -2.17 -5.25 -10.59
C LEU A 65 -2.97 -4.65 -11.77
N VAL A 66 -3.44 -3.40 -11.61
CA VAL A 66 -4.18 -2.66 -12.66
C VAL A 66 -3.19 -1.94 -13.61
N GLU A 67 -2.27 -1.16 -13.03
CA GLU A 67 -1.28 -0.37 -13.79
C GLU A 67 -0.03 -0.08 -12.92
N ARG A 68 1.15 -0.17 -13.53
CA ARG A 68 2.45 -0.05 -12.84
C ARG A 68 3.36 0.93 -13.61
N ASP A 69 3.55 2.13 -13.03
CA ASP A 69 4.33 3.23 -13.64
C ASP A 69 5.46 3.71 -12.70
N GLU A 70 6.73 3.52 -13.14
CA GLU A 70 7.94 3.88 -12.32
C GLU A 70 8.32 5.38 -12.47
N SER A 71 8.21 5.91 -13.70
CA SER A 71 8.54 7.32 -14.01
C SER A 71 7.47 8.28 -13.43
N ALA A 72 6.25 7.76 -13.24
CA ALA A 72 5.16 8.48 -12.53
C ALA A 72 5.22 8.25 -10.99
N ARG A 73 5.96 7.19 -10.55
CA ARG A 73 6.02 6.74 -9.13
C ARG A 73 4.59 6.47 -8.57
N ARG A 74 3.80 5.78 -9.40
CA ARG A 74 2.37 5.52 -9.15
C ARG A 74 2.05 4.02 -9.44
N LEU A 75 1.65 3.29 -8.39
CA LEU A 75 1.37 1.82 -8.41
C LEU A 75 -0.11 1.54 -8.04
N VAL A 76 -0.94 1.10 -9.01
CA VAL A 76 -2.37 0.81 -8.75
C VAL A 76 -2.67 -0.70 -8.82
N TYR A 77 -3.47 -1.17 -7.88
CA TYR A 77 -3.99 -2.55 -7.82
C TYR A 77 -5.43 -2.57 -7.24
N THR A 78 -6.01 -3.77 -7.17
CA THR A 78 -7.32 -4.03 -6.53
C THR A 78 -7.47 -5.54 -6.25
N MET A 79 -8.27 -5.92 -5.24
CA MET A 79 -8.53 -7.34 -4.95
C MET A 79 -9.79 -7.82 -5.71
N PRO A 80 -9.65 -8.70 -6.77
CA PRO A 80 -10.81 -9.36 -7.43
C PRO A 80 -11.58 -10.30 -6.48
N ASP A 81 -10.89 -10.75 -5.41
CA ASP A 81 -11.48 -11.54 -4.33
C ASP A 81 -11.24 -10.81 -2.96
N PRO A 82 -12.08 -9.77 -2.62
CA PRO A 82 -12.01 -9.06 -1.32
C PRO A 82 -13.01 -9.64 -0.25
N PRO A 83 -12.58 -9.81 1.04
CA PRO A 83 -13.47 -10.26 2.15
C PRO A 83 -14.27 -9.10 2.82
N PHE A 84 -14.26 -7.91 2.19
CA PHE A 84 -15.01 -6.72 2.64
C PHE A 84 -16.19 -6.44 1.68
N PRO A 85 -17.38 -5.95 2.19
CA PRO A 85 -18.55 -5.62 1.34
C PRO A 85 -18.37 -4.27 0.57
N ILE A 86 -17.39 -4.26 -0.35
CA ILE A 86 -16.96 -3.05 -1.09
C ILE A 86 -17.07 -3.26 -2.62
N THR A 87 -17.70 -2.30 -3.32
CA THR A 87 -17.82 -2.36 -4.79
C THR A 87 -16.48 -1.93 -5.45
N ASN A 88 -16.07 -2.72 -6.46
CA ASN A 88 -14.84 -2.56 -7.31
C ASN A 88 -13.50 -2.50 -6.51
N HIS A 89 -13.31 -1.40 -5.73
CA HIS A 89 -12.06 -1.10 -5.00
C HIS A 89 -10.90 -0.73 -5.97
N ARG A 90 -10.00 0.16 -5.53
CA ARG A 90 -8.81 0.56 -6.30
C ARG A 90 -7.80 1.28 -5.37
N ALA A 91 -6.67 0.62 -5.04
CA ALA A 91 -5.63 1.19 -4.13
C ALA A 91 -4.34 1.58 -4.91
N VAL A 92 -3.66 2.66 -4.46
CA VAL A 92 -2.46 3.20 -5.15
C VAL A 92 -1.31 3.61 -4.17
N LEU A 93 -0.05 3.40 -4.61
CA LEU A 93 1.18 3.89 -3.96
C LEU A 93 1.77 5.06 -4.79
N GLU A 94 1.74 6.28 -4.24
CA GLU A 94 2.29 7.50 -4.87
C GLU A 94 3.41 8.10 -3.99
N VAL A 95 4.66 8.10 -4.48
CA VAL A 95 5.79 8.69 -3.72
C VAL A 95 6.01 10.17 -4.16
N VAL A 96 5.71 11.10 -3.23
CA VAL A 96 5.78 12.56 -3.47
C VAL A 96 7.08 13.17 -2.87
N PRO A 97 7.98 13.80 -3.71
CA PRO A 97 9.22 14.45 -3.21
C PRO A 97 8.94 15.76 -2.41
N ARG A 98 9.13 15.69 -1.08
CA ARG A 98 9.03 16.85 -0.16
C ARG A 98 10.38 17.59 -0.06
N ASP A 99 11.46 16.80 0.02
CA ASP A 99 12.84 17.29 0.23
C ASP A 99 13.80 16.43 -0.64
N ASP A 100 15.11 16.75 -0.61
CA ASP A 100 16.15 15.96 -1.32
C ASP A 100 16.42 14.61 -0.60
N ARG A 101 16.62 14.69 0.73
CA ARG A 101 16.93 13.51 1.58
C ARG A 101 15.63 12.96 2.25
N HIS A 102 14.46 13.60 2.00
CA HIS A 102 13.16 13.19 2.64
C HIS A 102 12.02 13.19 1.59
N CYS A 103 10.94 12.44 1.88
CA CYS A 103 9.78 12.33 0.96
C CYS A 103 8.50 11.93 1.71
N THR A 104 7.38 11.84 0.98
CA THR A 104 6.08 11.37 1.51
C THR A 104 5.61 10.11 0.74
N VAL A 105 5.28 9.03 1.48
CA VAL A 105 4.67 7.82 0.90
C VAL A 105 3.13 7.91 1.06
N VAL A 106 2.43 8.09 -0.07
CA VAL A 106 0.96 8.23 -0.10
C VAL A 106 0.32 6.88 -0.49
N TRP A 107 -0.34 6.23 0.47
CA TRP A 107 -1.11 5.00 0.23
C TRP A 107 -2.62 5.32 0.30
N THR A 108 -3.34 5.10 -0.81
CA THR A 108 -4.75 5.51 -0.97
C THR A 108 -5.60 4.29 -1.40
N ALA A 109 -6.90 4.26 -1.03
CA ALA A 109 -7.85 3.20 -1.46
C ALA A 109 -9.27 3.76 -1.61
N MET A 110 -9.82 3.65 -2.83
CA MET A 110 -11.18 4.11 -3.18
C MET A 110 -12.07 2.91 -3.60
N PHE A 111 -13.23 2.82 -2.97
CA PHE A 111 -14.20 1.72 -3.11
C PHE A 111 -15.63 2.30 -2.96
N ASP A 112 -16.58 1.78 -3.74
CA ASP A 112 -17.96 2.29 -3.70
C ASP A 112 -18.79 1.51 -2.64
N CYS A 113 -18.59 1.87 -1.36
CA CYS A 113 -19.29 1.24 -0.21
C CYS A 113 -20.17 2.25 0.56
N SER A 114 -21.11 1.71 1.37
CA SER A 114 -22.09 2.51 2.15
C SER A 114 -21.40 3.42 3.20
N PRO A 115 -21.87 4.72 3.38
CA PRO A 115 -21.32 5.67 4.40
C PRO A 115 -21.14 5.08 5.84
N GLU A 116 -22.09 4.20 6.23
CA GLU A 116 -22.04 3.49 7.52
C GLU A 116 -20.77 2.60 7.64
N THR A 117 -20.55 1.72 6.64
CA THR A 117 -19.39 0.81 6.60
C THR A 117 -18.08 1.57 6.26
N ALA A 118 -18.20 2.70 5.53
CA ALA A 118 -17.04 3.49 5.03
C ALA A 118 -16.23 4.16 6.17
N ARG A 119 -16.96 4.75 7.15
CA ARG A 119 -16.33 5.37 8.36
C ARG A 119 -15.69 4.30 9.28
N GLU A 120 -16.26 3.08 9.25
CA GLU A 120 -15.71 1.92 9.97
C GLU A 120 -14.39 1.44 9.31
N LEU A 121 -14.39 1.37 7.96
CA LEU A 121 -13.23 0.96 7.16
C LEU A 121 -12.15 2.06 7.11
N GLU A 122 -12.56 3.32 7.34
CA GLU A 122 -11.62 4.45 7.55
C GLU A 122 -10.67 4.14 8.74
N SER A 123 -11.27 3.64 9.83
CA SER A 123 -10.52 3.16 11.02
C SER A 123 -9.76 1.82 10.75
N VAL A 124 -10.48 0.80 10.25
CA VAL A 124 -9.94 -0.58 10.04
C VAL A 124 -8.84 -0.64 8.93
N ILE A 125 -9.18 -0.17 7.74
CA ILE A 125 -8.27 -0.16 6.57
C ILE A 125 -7.28 1.03 6.65
N GLY A 126 -7.79 2.26 6.86
CA GLY A 126 -6.97 3.49 6.87
C GLY A 126 -5.94 3.57 8.02
N ASP A 127 -6.40 3.32 9.27
CA ASP A 127 -5.52 3.33 10.46
C ASP A 127 -4.88 1.93 10.71
N GLY A 128 -5.73 0.89 10.69
CA GLY A 128 -5.32 -0.48 11.11
C GLY A 128 -4.40 -1.21 10.11
N VAL A 129 -4.53 -0.93 8.81
CA VAL A 129 -3.67 -1.55 7.76
C VAL A 129 -2.63 -0.54 7.22
N PHE A 130 -3.12 0.63 6.76
CA PHE A 130 -2.31 1.63 6.04
C PHE A 130 -1.34 2.37 6.96
N ALA A 131 -1.88 3.08 7.98
CA ALA A 131 -1.06 3.88 8.94
C ALA A 131 0.01 3.00 9.62
N VAL A 132 -0.34 1.74 9.90
CA VAL A 132 0.61 0.72 10.40
C VAL A 132 1.83 0.54 9.45
N GLY A 133 1.56 0.25 8.17
CA GLY A 133 2.63 -0.01 7.17
C GLY A 133 3.46 1.23 6.83
N LEU A 134 2.80 2.40 6.81
CA LEU A 134 3.43 3.70 6.48
C LEU A 134 4.36 4.18 7.62
N ASN A 135 3.92 4.01 8.88
CA ASN A 135 4.74 4.35 10.07
C ASN A 135 5.94 3.39 10.18
N ALA A 136 5.69 2.10 9.92
CA ALA A 136 6.74 1.04 9.90
C ALA A 136 7.82 1.33 8.83
N LEU A 137 7.37 1.86 7.68
CA LEU A 137 8.27 2.28 6.56
C LEU A 137 9.16 3.45 7.01
N ALA A 138 8.56 4.42 7.72
CA ALA A 138 9.30 5.57 8.28
C ALA A 138 10.28 5.11 9.40
N GLU A 139 9.90 4.05 10.16
CA GLU A 139 10.69 3.51 11.28
C GLU A 139 11.98 2.82 10.82
N ARG A 140 11.88 1.93 9.82
CA ARG A 140 13.03 1.15 9.29
C ARG A 140 14.13 2.06 8.65
N TYR A 141 13.75 3.31 8.27
CA TYR A 141 14.73 4.34 7.85
C TYR A 141 15.20 5.22 9.04
N GLY A 142 14.25 5.65 9.91
CA GLY A 142 14.57 6.58 11.01
C GLY A 142 13.34 7.11 11.76
N ARG A 143 12.52 6.18 12.29
CA ARG A 143 11.31 6.49 13.12
C ARG A 143 10.22 7.28 12.34
N LEU A 144 10.42 8.61 12.18
CA LEU A 144 9.57 9.52 11.37
C LEU A 144 10.21 10.92 11.28
N GLU A 145 9.71 11.76 10.37
CA GLU A 145 10.08 13.20 10.31
C GLU A 145 9.01 14.07 10.99
N HIS A 146 7.73 13.74 10.75
CA HIS A 146 6.57 14.43 11.35
C HIS A 146 5.64 13.42 12.08
N HIS A 147 5.39 13.68 13.38
CA HIS A 147 4.47 12.86 14.19
C HIS A 147 3.00 13.24 13.86
N HIS A 148 2.22 12.24 13.42
CA HIS A 148 0.78 12.39 13.11
C HIS A 148 -0.04 11.39 13.95
N HIS A 149 -0.95 11.91 14.80
CA HIS A 149 -1.72 11.12 15.78
C HIS A 149 -3.03 10.52 15.14
N HIS A 150 -2.85 9.85 13.97
CA HIS A 150 -3.94 9.15 13.24
C HIS A 150 -5.07 10.11 12.75
N HIS A 151 -5.98 10.51 13.68
CA HIS A 151 -7.09 11.46 13.40
C HIS A 151 -7.34 12.39 14.61
N MET A 1 -16.89 10.93 1.33
CA MET A 1 -16.53 9.97 0.26
C MET A 1 -15.96 8.67 0.84
N ALA A 2 -16.09 7.55 0.08
CA ALA A 2 -15.54 6.22 0.45
C ALA A 2 -14.06 6.09 -0.01
N THR A 3 -13.25 7.13 0.30
CA THR A 3 -11.84 7.24 -0.16
C THR A 3 -10.89 7.36 1.05
N LEU A 4 -10.08 6.30 1.25
CA LEU A 4 -9.17 6.14 2.40
C LEU A 4 -7.75 6.60 2.01
N ARG A 5 -7.29 7.72 2.57
CA ARG A 5 -5.99 8.33 2.21
C ARG A 5 -5.12 8.56 3.47
N ARG A 6 -3.91 7.98 3.46
CA ARG A 6 -2.91 8.12 4.54
C ARG A 6 -1.61 8.71 3.94
N SER A 7 -0.76 9.29 4.81
CA SER A 7 0.54 9.87 4.39
C SER A 7 1.56 9.85 5.55
N VAL A 8 2.85 9.68 5.20
CA VAL A 8 3.95 9.55 6.21
C VAL A 8 5.20 10.34 5.77
N GLU A 9 5.93 10.91 6.75
CA GLU A 9 7.21 11.62 6.52
C GLU A 9 8.41 10.66 6.71
N VAL A 10 9.08 10.35 5.61
CA VAL A 10 10.17 9.33 5.54
C VAL A 10 11.57 10.01 5.53
N ALA A 11 12.54 9.42 6.25
CA ALA A 11 13.95 9.90 6.28
C ALA A 11 14.81 9.41 5.07
N ALA A 12 14.22 9.42 3.86
CA ALA A 12 14.90 8.94 2.62
C ALA A 12 14.35 9.64 1.35
N PRO A 13 15.17 9.74 0.24
CA PRO A 13 14.70 10.30 -1.07
C PRO A 13 13.61 9.42 -1.76
N ALA A 14 12.67 10.11 -2.45
CA ALA A 14 11.49 9.51 -3.12
C ALA A 14 11.81 8.34 -4.08
N ALA A 15 12.97 8.41 -4.76
CA ALA A 15 13.43 7.35 -5.70
C ALA A 15 13.72 6.01 -4.99
N ASP A 16 14.54 6.07 -3.92
CA ASP A 16 14.88 4.89 -3.09
C ASP A 16 13.61 4.23 -2.49
N VAL A 17 12.72 5.08 -1.95
CA VAL A 17 11.46 4.66 -1.32
C VAL A 17 10.47 4.07 -2.36
N TRP A 18 10.49 4.63 -3.59
CA TRP A 18 9.70 4.10 -4.72
C TRP A 18 10.07 2.64 -5.03
N THR A 19 11.38 2.32 -4.99
CA THR A 19 11.88 0.93 -5.18
C THR A 19 11.33 -0.03 -4.10
N LEU A 20 10.97 0.52 -2.93
CA LEU A 20 10.45 -0.27 -1.79
C LEU A 20 8.91 -0.56 -1.90
N VAL A 21 8.11 0.47 -2.27
CA VAL A 21 6.62 0.34 -2.41
C VAL A 21 6.14 -0.13 -3.80
N GLY A 22 6.94 0.16 -4.85
CA GLY A 22 6.50 0.06 -6.26
C GLY A 22 6.61 -1.33 -6.91
N ASP A 23 6.38 -2.38 -6.12
CA ASP A 23 6.33 -3.78 -6.59
C ASP A 23 4.93 -4.40 -6.39
N PHE A 24 4.87 -5.75 -6.43
CA PHE A 24 3.66 -6.51 -6.12
C PHE A 24 4.04 -7.88 -5.46
N SER A 25 5.23 -7.94 -4.81
CA SER A 25 5.76 -9.18 -4.15
C SER A 25 6.70 -8.85 -2.98
N ALA A 26 7.58 -7.86 -3.19
CA ALA A 26 8.70 -7.52 -2.26
C ALA A 26 8.25 -6.53 -1.18
N ILE A 27 6.95 -6.21 -1.21
CA ILE A 27 6.25 -5.33 -0.25
C ILE A 27 6.41 -5.81 1.24
N HIS A 28 6.75 -7.09 1.45
CA HIS A 28 7.06 -7.65 2.80
C HIS A 28 8.31 -7.02 3.47
N ARG A 29 9.14 -6.30 2.67
CA ARG A 29 10.37 -5.62 3.17
C ARG A 29 10.05 -4.38 4.05
N TRP A 30 8.82 -3.83 3.92
CA TRP A 30 8.39 -2.66 4.72
C TRP A 30 7.05 -2.91 5.43
N HIS A 31 6.15 -3.67 4.77
CA HIS A 31 4.78 -3.89 5.25
C HIS A 31 4.73 -5.14 6.18
N PRO A 32 4.46 -4.96 7.51
CA PRO A 32 4.53 -6.07 8.51
C PRO A 32 3.41 -7.13 8.36
N GLN A 33 2.35 -6.78 7.61
CA GLN A 33 1.15 -7.64 7.43
C GLN A 33 1.26 -8.52 6.16
N VAL A 34 2.12 -8.13 5.20
CA VAL A 34 2.42 -8.96 4.03
C VAL A 34 3.22 -10.23 4.43
N SER A 35 2.57 -11.39 4.30
CA SER A 35 3.13 -12.72 4.69
C SER A 35 3.83 -13.41 3.49
N ALA A 36 4.36 -12.59 2.55
CA ALA A 36 4.94 -13.05 1.27
C ALA A 36 3.89 -13.81 0.39
N PRO A 37 3.26 -13.10 -0.61
CA PRO A 37 2.14 -13.67 -1.42
C PRO A 37 2.58 -14.53 -2.65
N THR A 38 1.60 -15.17 -3.31
CA THR A 38 1.82 -15.97 -4.54
C THR A 38 1.44 -15.15 -5.78
N LEU A 39 2.39 -14.98 -6.72
CA LEU A 39 2.18 -14.18 -7.95
C LEU A 39 1.72 -15.07 -9.12
N ARG A 40 0.60 -14.66 -9.75
CA ARG A 40 0.01 -15.38 -10.89
C ARG A 40 0.31 -14.60 -12.20
N GLY A 41 0.96 -15.28 -13.17
CA GLY A 41 1.39 -14.69 -14.44
C GLY A 41 2.10 -13.31 -14.39
N ALA A 42 2.40 -12.77 -15.60
CA ALA A 42 3.11 -11.48 -15.81
C ALA A 42 4.41 -11.35 -14.92
N SER A 43 4.48 -10.30 -14.07
CA SER A 43 5.63 -10.02 -13.18
C SER A 43 5.19 -9.03 -12.07
N PRO A 44 5.86 -8.98 -10.87
CA PRO A 44 5.50 -8.03 -9.76
C PRO A 44 5.64 -6.52 -10.13
N HIS A 45 6.35 -6.20 -11.22
CA HIS A 45 6.44 -4.80 -11.74
C HIS A 45 5.70 -4.65 -13.11
N THR A 46 5.10 -5.75 -13.62
CA THR A 46 4.35 -5.76 -14.92
C THR A 46 2.82 -5.93 -14.66
N PRO A 47 1.94 -5.03 -15.23
CA PRO A 47 0.45 -5.17 -15.17
C PRO A 47 -0.09 -6.57 -15.59
N GLY A 48 -1.08 -7.07 -14.84
CA GLY A 48 -1.70 -8.38 -15.12
C GLY A 48 -1.16 -9.52 -14.23
N ALA A 49 -0.54 -9.16 -13.10
CA ALA A 49 -0.06 -10.13 -12.08
C ALA A 49 -0.91 -10.05 -10.80
N GLU A 50 -1.31 -11.21 -10.24
CA GLU A 50 -2.16 -11.27 -9.02
C GLU A 50 -1.36 -11.84 -7.82
N ARG A 51 -1.19 -11.04 -6.74
CA ARG A 51 -0.52 -11.51 -5.50
C ARG A 51 -1.59 -12.02 -4.49
N VAL A 52 -1.42 -13.27 -4.01
CA VAL A 52 -2.44 -13.96 -3.19
C VAL A 52 -1.86 -14.39 -1.81
N PHE A 53 -2.48 -13.91 -0.73
CA PHE A 53 -2.01 -14.13 0.67
C PHE A 53 -2.74 -15.33 1.32
N GLY A 54 -2.21 -16.55 1.09
CA GLY A 54 -2.79 -17.78 1.66
C GLY A 54 -3.28 -18.76 0.59
N ALA A 55 -3.95 -18.22 -0.45
CA ALA A 55 -4.43 -18.97 -1.65
C ALA A 55 -5.36 -20.17 -1.34
N GLY A 56 -5.95 -20.20 -0.14
CA GLY A 56 -6.81 -21.31 0.30
C GLY A 56 -6.63 -21.66 1.77
N THR A 57 -6.85 -20.66 2.64
CA THR A 57 -6.82 -20.82 4.11
C THR A 57 -8.26 -20.80 4.67
N GLU A 58 -8.90 -19.62 4.61
CA GLU A 58 -10.29 -19.37 5.04
C GLU A 58 -10.62 -17.86 4.88
N GLU A 59 -9.69 -17.00 5.34
CA GLU A 59 -9.79 -15.53 5.20
C GLU A 59 -8.50 -15.00 4.58
N GLU A 60 -8.43 -15.10 3.25
CA GLU A 60 -7.26 -14.70 2.44
C GLU A 60 -7.58 -13.46 1.57
N LEU A 61 -6.59 -13.00 0.78
CA LEU A 61 -6.74 -11.79 -0.06
C LEU A 61 -6.05 -11.98 -1.42
N VAL A 62 -6.82 -11.81 -2.52
CA VAL A 62 -6.25 -11.75 -3.89
C VAL A 62 -6.25 -10.28 -4.38
N GLU A 63 -5.07 -9.72 -4.59
CA GLU A 63 -4.89 -8.39 -5.23
C GLU A 63 -4.39 -8.58 -6.69
N ARG A 64 -4.75 -7.64 -7.57
CA ARG A 64 -4.41 -7.65 -9.01
C ARG A 64 -3.77 -6.31 -9.40
N LEU A 65 -2.58 -6.37 -10.03
CA LEU A 65 -1.84 -5.20 -10.51
C LEU A 65 -2.48 -4.64 -11.81
N VAL A 66 -3.12 -3.47 -11.69
CA VAL A 66 -3.75 -2.77 -12.85
C VAL A 66 -2.67 -2.15 -13.75
N GLU A 67 -1.75 -1.38 -13.13
CA GLU A 67 -0.63 -0.71 -13.84
C GLU A 67 0.42 -0.20 -12.84
N ARG A 68 1.67 -0.06 -13.31
CA ARG A 68 2.83 0.32 -12.46
C ARG A 68 3.77 1.28 -13.22
N ASP A 69 4.00 2.47 -12.61
CA ASP A 69 4.92 3.51 -13.15
C ASP A 69 6.35 3.37 -12.58
N GLU A 70 7.24 4.30 -12.99
CA GLU A 70 8.65 4.37 -12.52
C GLU A 70 9.05 5.84 -12.27
N SER A 71 9.05 6.65 -13.35
CA SER A 71 9.35 8.10 -13.29
C SER A 71 8.24 8.88 -12.56
N ALA A 72 6.98 8.47 -12.82
CA ALA A 72 5.79 9.09 -12.21
C ALA A 72 5.63 8.71 -10.71
N ARG A 73 6.29 7.61 -10.29
CA ARG A 73 6.27 7.09 -8.90
C ARG A 73 4.83 6.84 -8.39
N ARG A 74 4.02 6.19 -9.25
CA ARG A 74 2.59 5.92 -8.99
C ARG A 74 2.26 4.42 -9.29
N LEU A 75 1.58 3.76 -8.34
CA LEU A 75 1.20 2.33 -8.43
C LEU A 75 -0.34 2.19 -8.37
N VAL A 76 -0.97 1.55 -9.37
CA VAL A 76 -2.44 1.27 -9.33
C VAL A 76 -2.71 -0.25 -9.27
N TYR A 77 -3.59 -0.65 -8.34
CA TYR A 77 -4.08 -2.04 -8.23
C TYR A 77 -5.54 -2.07 -7.72
N THR A 78 -6.11 -3.29 -7.70
CA THR A 78 -7.47 -3.57 -7.18
C THR A 78 -7.52 -5.00 -6.60
N MET A 79 -8.29 -5.24 -5.53
CA MET A 79 -8.49 -6.61 -4.99
C MET A 79 -9.81 -7.23 -5.56
N PRO A 80 -9.73 -8.14 -6.60
CA PRO A 80 -10.93 -8.78 -7.22
C PRO A 80 -11.61 -9.83 -6.30
N ASP A 81 -10.87 -10.30 -5.27
CA ASP A 81 -11.37 -11.26 -4.28
C ASP A 81 -11.02 -10.77 -2.84
N PRO A 82 -11.82 -9.78 -2.28
CA PRO A 82 -11.67 -9.31 -0.89
C PRO A 82 -12.64 -9.98 0.12
N PRO A 83 -12.27 -10.04 1.46
CA PRO A 83 -13.24 -10.43 2.52
C PRO A 83 -14.28 -9.31 2.84
N PHE A 84 -13.97 -8.06 2.41
CA PHE A 84 -14.80 -6.85 2.69
C PHE A 84 -16.03 -6.74 1.75
N PRO A 85 -17.23 -6.29 2.26
CA PRO A 85 -18.46 -6.13 1.43
C PRO A 85 -18.42 -4.87 0.50
N ILE A 86 -17.67 -4.99 -0.60
CA ILE A 86 -17.48 -3.90 -1.62
C ILE A 86 -17.66 -4.46 -3.06
N THR A 87 -18.04 -3.59 -4.02
CA THR A 87 -18.18 -4.01 -5.45
C THR A 87 -16.85 -3.79 -6.22
N ASN A 88 -16.57 -2.53 -6.62
CA ASN A 88 -15.34 -2.18 -7.35
C ASN A 88 -14.34 -1.43 -6.45
N HIS A 89 -13.25 -2.12 -6.07
CA HIS A 89 -12.11 -1.54 -5.32
C HIS A 89 -11.10 -0.86 -6.28
N ARG A 90 -10.42 0.19 -5.80
CA ARG A 90 -9.32 0.86 -6.54
C ARG A 90 -8.34 1.53 -5.54
N ALA A 91 -7.14 0.94 -5.37
CA ALA A 91 -6.10 1.50 -4.48
C ALA A 91 -4.83 1.91 -5.25
N VAL A 92 -4.22 3.03 -4.83
CA VAL A 92 -3.04 3.64 -5.49
C VAL A 92 -1.94 4.02 -4.45
N LEU A 93 -0.66 3.68 -4.76
CA LEU A 93 0.53 4.21 -4.03
C LEU A 93 1.06 5.45 -4.78
N GLU A 94 1.61 6.43 -4.06
CA GLU A 94 2.21 7.64 -4.66
C GLU A 94 3.30 8.21 -3.73
N VAL A 95 4.56 8.25 -4.18
CA VAL A 95 5.67 8.81 -3.37
C VAL A 95 5.94 10.28 -3.81
N VAL A 96 5.65 11.22 -2.91
CA VAL A 96 5.79 12.67 -3.17
C VAL A 96 7.19 13.17 -2.69
N PRO A 97 8.04 13.74 -3.60
CA PRO A 97 9.30 14.41 -3.19
C PRO A 97 9.04 15.75 -2.43
N ARG A 98 8.86 15.65 -1.10
CA ARG A 98 8.58 16.80 -0.21
C ARG A 98 9.86 17.63 0.05
N ASP A 99 11.00 16.93 0.07
CA ASP A 99 12.35 17.46 0.39
C ASP A 99 13.41 16.51 -0.22
N ASP A 100 14.70 16.92 -0.20
CA ASP A 100 15.83 16.11 -0.72
C ASP A 100 15.88 14.69 -0.08
N ARG A 101 15.89 14.62 1.26
CA ARG A 101 15.94 13.33 1.99
C ARG A 101 14.68 13.16 2.89
N HIS A 102 13.58 13.84 2.55
CA HIS A 102 12.26 13.64 3.18
C HIS A 102 11.19 13.53 2.09
N CYS A 103 10.48 12.39 2.08
CA CYS A 103 9.44 12.11 1.07
C CYS A 103 8.14 11.69 1.76
N THR A 104 7.00 12.19 1.26
CA THR A 104 5.68 11.86 1.80
C THR A 104 5.05 10.72 0.98
N VAL A 105 4.95 9.52 1.57
CA VAL A 105 4.37 8.35 0.90
C VAL A 105 2.85 8.31 1.17
N VAL A 106 2.07 8.61 0.13
CA VAL A 106 0.62 8.72 0.20
C VAL A 106 -0.01 7.40 -0.30
N TRP A 107 -0.65 6.66 0.60
CA TRP A 107 -1.36 5.41 0.26
C TRP A 107 -2.87 5.70 0.26
N THR A 108 -3.50 5.51 -0.90
CA THR A 108 -4.92 5.84 -1.14
C THR A 108 -5.68 4.56 -1.55
N ALA A 109 -6.97 4.51 -1.20
CA ALA A 109 -7.92 3.49 -1.67
C ALA A 109 -9.31 4.11 -1.82
N MET A 110 -10.16 3.49 -2.64
CA MET A 110 -11.56 3.91 -2.85
C MET A 110 -12.37 2.74 -3.45
N PHE A 111 -13.57 2.52 -2.90
CA PHE A 111 -14.38 1.32 -3.22
C PHE A 111 -15.88 1.64 -3.22
N ASP A 112 -16.65 0.86 -4.00
CA ASP A 112 -18.12 0.98 -4.04
C ASP A 112 -18.72 0.35 -2.77
N CYS A 113 -18.86 1.18 -1.73
CA CYS A 113 -19.53 0.79 -0.46
C CYS A 113 -20.24 2.00 0.19
N SER A 114 -21.11 1.71 1.17
CA SER A 114 -21.90 2.74 1.90
C SER A 114 -20.97 3.64 2.76
N PRO A 115 -21.29 4.98 2.92
CA PRO A 115 -20.53 5.90 3.83
C PRO A 115 -20.45 5.38 5.29
N GLU A 116 -21.49 4.62 5.69
CA GLU A 116 -21.59 3.97 7.03
C GLU A 116 -20.48 2.92 7.25
N THR A 117 -20.36 1.98 6.29
CA THR A 117 -19.31 0.91 6.34
C THR A 117 -17.91 1.51 6.04
N ALA A 118 -17.89 2.55 5.18
CA ALA A 118 -16.65 3.22 4.73
C ALA A 118 -15.94 3.98 5.89
N ARG A 119 -16.74 4.52 6.84
CA ARG A 119 -16.20 5.22 8.04
C ARG A 119 -15.52 4.22 9.00
N GLU A 120 -16.09 2.99 9.09
CA GLU A 120 -15.50 1.87 9.85
C GLU A 120 -14.16 1.44 9.23
N LEU A 121 -14.18 1.26 7.90
CA LEU A 121 -13.01 0.81 7.11
C LEU A 121 -11.94 1.91 7.03
N GLU A 122 -12.36 3.19 7.16
CA GLU A 122 -11.43 4.36 7.22
C GLU A 122 -10.42 4.19 8.39
N SER A 123 -10.91 3.71 9.53
CA SER A 123 -10.05 3.33 10.68
C SER A 123 -9.35 1.96 10.47
N VAL A 124 -10.12 0.91 10.09
CA VAL A 124 -9.60 -0.49 10.00
C VAL A 124 -8.60 -0.70 8.82
N ILE A 125 -9.04 -0.39 7.60
CA ILE A 125 -8.18 -0.50 6.38
C ILE A 125 -7.21 0.70 6.29
N GLY A 126 -7.73 1.91 6.57
CA GLY A 126 -6.92 3.14 6.54
C GLY A 126 -5.75 3.14 7.53
N ASP A 127 -6.03 3.14 8.84
CA ASP A 127 -4.96 3.15 9.87
C ASP A 127 -4.38 1.74 10.11
N GLY A 128 -5.27 0.76 10.35
CA GLY A 128 -4.87 -0.61 10.73
C GLY A 128 -4.06 -1.37 9.67
N VAL A 129 -4.22 -1.03 8.38
CA VAL A 129 -3.43 -1.65 7.28
C VAL A 129 -2.38 -0.64 6.72
N PHE A 130 -2.86 0.51 6.22
CA PHE A 130 -1.99 1.48 5.48
C PHE A 130 -1.00 2.20 6.40
N ALA A 131 -1.53 2.98 7.35
CA ALA A 131 -0.71 3.82 8.26
C ALA A 131 0.25 2.98 9.13
N VAL A 132 -0.14 1.72 9.42
CA VAL A 132 0.74 0.72 10.04
C VAL A 132 2.00 0.44 9.16
N GLY A 133 1.76 0.09 7.87
CA GLY A 133 2.85 -0.21 6.94
C GLY A 133 3.74 1.00 6.61
N LEU A 134 3.10 2.17 6.47
CA LEU A 134 3.77 3.46 6.15
C LEU A 134 4.71 3.91 7.30
N ASN A 135 4.26 3.73 8.55
CA ASN A 135 5.08 4.02 9.76
C ASN A 135 6.28 3.05 9.82
N ALA A 136 6.01 1.74 9.60
CA ALA A 136 7.04 0.68 9.60
C ALA A 136 8.14 0.92 8.52
N LEU A 137 7.72 1.53 7.41
CA LEU A 137 8.62 1.97 6.32
C LEU A 137 9.54 3.13 6.81
N ALA A 138 8.94 4.13 7.45
CA ALA A 138 9.65 5.31 7.97
C ALA A 138 10.54 4.94 9.20
N GLU A 139 10.18 3.83 9.90
CA GLU A 139 10.98 3.28 11.03
C GLU A 139 12.34 2.75 10.54
N ARG A 140 12.33 1.92 9.49
CA ARG A 140 13.56 1.29 8.94
C ARG A 140 14.45 2.32 8.19
N TYR A 141 13.89 3.51 7.86
CA TYR A 141 14.66 4.63 7.26
C TYR A 141 15.18 5.66 8.30
N GLY A 142 14.45 5.85 9.44
CA GLY A 142 14.86 6.86 10.44
C GLY A 142 13.98 6.98 11.69
N ARG A 143 13.16 5.94 11.97
CA ARG A 143 12.33 5.80 13.21
C ARG A 143 11.35 6.99 13.44
N LEU A 144 10.78 7.52 12.33
CA LEU A 144 9.87 8.70 12.35
C LEU A 144 10.58 9.93 12.96
N GLU A 145 11.34 10.67 12.14
CA GLU A 145 12.01 11.92 12.60
C GLU A 145 10.98 12.98 13.06
N HIS A 146 10.00 13.29 12.18
CA HIS A 146 8.87 14.18 12.54
C HIS A 146 7.68 13.31 13.01
N HIS A 147 7.53 13.23 14.35
CA HIS A 147 6.40 12.52 15.00
C HIS A 147 5.09 13.32 14.89
N HIS A 148 3.97 12.60 14.75
CA HIS A 148 2.61 13.19 14.69
C HIS A 148 1.80 12.73 15.94
N HIS A 149 1.38 13.71 16.78
CA HIS A 149 0.73 13.43 18.09
C HIS A 149 -0.58 12.62 17.98
N HIS A 150 -1.43 12.94 16.99
CA HIS A 150 -2.72 12.22 16.77
C HIS A 150 -2.49 10.84 16.09
N HIS A 151 -2.37 10.81 14.74
CA HIS A 151 -2.13 9.54 13.97
C HIS A 151 -1.57 9.83 12.56
N MET A 1 -17.65 9.95 -0.17
CA MET A 1 -17.10 9.29 -1.38
C MET A 1 -16.38 7.95 -1.05
N ALA A 2 -16.20 7.68 0.27
CA ALA A 2 -15.55 6.46 0.81
C ALA A 2 -14.07 6.30 0.34
N THR A 3 -13.39 7.45 0.08
CA THR A 3 -11.94 7.48 -0.23
C THR A 3 -11.11 7.66 1.07
N LEU A 4 -10.28 6.66 1.35
CA LEU A 4 -9.32 6.65 2.47
C LEU A 4 -7.96 7.10 1.93
N ARG A 5 -7.33 8.09 2.58
CA ARG A 5 -5.99 8.58 2.17
C ARG A 5 -5.09 8.74 3.42
N ARG A 6 -3.89 8.14 3.35
CA ARG A 6 -2.91 8.14 4.45
C ARG A 6 -1.53 8.55 3.88
N SER A 7 -0.78 9.37 4.63
CA SER A 7 0.58 9.85 4.22
C SER A 7 1.53 9.90 5.44
N VAL A 8 2.86 9.82 5.18
CA VAL A 8 3.87 9.73 6.26
C VAL A 8 5.22 10.38 5.85
N GLU A 9 5.96 10.95 6.83
CA GLU A 9 7.30 11.55 6.60
C GLU A 9 8.39 10.44 6.56
N VAL A 10 9.02 10.25 5.40
CA VAL A 10 10.07 9.23 5.19
C VAL A 10 11.46 9.91 5.08
N ALA A 11 12.41 9.51 5.95
CA ALA A 11 13.78 10.05 5.99
C ALA A 11 14.71 9.39 4.95
N ALA A 12 14.41 9.63 3.65
CA ALA A 12 15.22 9.13 2.51
C ALA A 12 14.73 9.76 1.16
N PRO A 13 15.63 9.88 0.13
CA PRO A 13 15.24 10.34 -1.25
C PRO A 13 14.16 9.44 -1.91
N ALA A 14 13.14 10.08 -2.52
CA ALA A 14 11.90 9.43 -3.06
C ALA A 14 12.15 8.23 -4.00
N ALA A 15 13.19 8.33 -4.85
CA ALA A 15 13.57 7.23 -5.80
C ALA A 15 14.08 5.97 -5.06
N ASP A 16 14.95 6.18 -4.06
CA ASP A 16 15.47 5.10 -3.18
C ASP A 16 14.36 4.47 -2.31
N VAL A 17 13.40 5.29 -1.87
CA VAL A 17 12.19 4.82 -1.14
C VAL A 17 11.24 4.04 -2.08
N TRP A 18 11.16 4.49 -3.34
CA TRP A 18 10.35 3.82 -4.38
C TRP A 18 10.91 2.40 -4.67
N THR A 19 12.23 2.21 -4.49
CA THR A 19 12.88 0.87 -4.63
C THR A 19 12.28 -0.16 -3.62
N LEU A 20 11.78 0.34 -2.48
CA LEU A 20 11.12 -0.49 -1.44
C LEU A 20 9.68 -0.89 -1.85
N VAL A 21 8.93 0.07 -2.44
CA VAL A 21 7.52 -0.12 -2.90
C VAL A 21 7.40 -0.27 -4.45
N GLY A 22 8.54 -0.50 -5.13
CA GLY A 22 8.60 -0.61 -6.60
C GLY A 22 8.45 -2.02 -7.14
N ASP A 23 8.12 -2.98 -6.26
CA ASP A 23 7.67 -4.33 -6.64
C ASP A 23 6.31 -4.62 -5.96
N PHE A 24 5.39 -5.17 -6.74
CA PHE A 24 4.03 -5.58 -6.27
C PHE A 24 4.13 -6.70 -5.20
N SER A 25 5.23 -7.48 -5.24
CA SER A 25 5.54 -8.57 -4.28
C SER A 25 6.33 -8.08 -3.04
N ALA A 26 6.95 -6.88 -3.12
CA ALA A 26 7.96 -6.40 -2.12
C ALA A 26 7.29 -5.80 -0.87
N ILE A 27 5.95 -5.87 -0.83
CA ILE A 27 5.13 -5.29 0.23
C ILE A 27 5.39 -5.96 1.62
N HIS A 28 5.90 -7.22 1.62
CA HIS A 28 6.25 -7.94 2.89
C HIS A 28 7.41 -7.24 3.67
N ARG A 29 8.24 -6.46 2.95
CA ARG A 29 9.43 -5.79 3.55
C ARG A 29 9.04 -4.58 4.43
N TRP A 30 8.03 -3.79 4.00
CA TRP A 30 7.65 -2.53 4.69
C TRP A 30 6.31 -2.69 5.45
N HIS A 31 5.42 -3.57 4.93
CA HIS A 31 4.11 -3.84 5.54
C HIS A 31 4.18 -5.18 6.36
N PRO A 32 4.27 -5.11 7.73
CA PRO A 32 4.54 -6.32 8.61
C PRO A 32 3.45 -7.44 8.57
N GLN A 33 2.27 -7.14 8.00
CA GLN A 33 1.11 -8.08 7.99
C GLN A 33 1.21 -9.09 6.82
N VAL A 34 1.91 -8.69 5.76
CA VAL A 34 2.09 -9.54 4.55
C VAL A 34 3.05 -10.73 4.82
N SER A 35 2.51 -11.96 4.74
CA SER A 35 3.27 -13.22 4.98
C SER A 35 3.81 -13.83 3.66
N ALA A 36 4.09 -12.95 2.68
CA ALA A 36 4.63 -13.30 1.33
C ALA A 36 3.59 -14.09 0.46
N PRO A 37 2.86 -13.39 -0.48
CA PRO A 37 1.87 -14.03 -1.39
C PRO A 37 2.51 -14.79 -2.61
N THR A 38 1.64 -15.22 -3.55
CA THR A 38 2.07 -15.91 -4.80
C THR A 38 1.70 -15.07 -6.04
N LEU A 39 2.71 -14.76 -6.89
CA LEU A 39 2.54 -13.89 -8.07
C LEU A 39 2.17 -14.70 -9.33
N ARG A 40 1.06 -14.29 -9.97
CA ARG A 40 0.50 -14.94 -11.17
C ARG A 40 0.66 -14.01 -12.40
N GLY A 41 0.83 -14.62 -13.59
CA GLY A 41 0.98 -13.91 -14.89
C GLY A 41 1.99 -12.73 -14.97
N ALA A 42 2.98 -12.89 -15.88
CA ALA A 42 3.98 -11.87 -16.25
C ALA A 42 5.04 -11.57 -15.12
N SER A 43 4.83 -10.49 -14.34
CA SER A 43 5.88 -9.92 -13.44
C SER A 43 5.29 -8.86 -12.46
N PRO A 44 5.83 -8.73 -11.18
CA PRO A 44 5.39 -7.68 -10.19
C PRO A 44 5.64 -6.20 -10.64
N HIS A 45 6.23 -6.01 -11.83
CA HIS A 45 6.35 -4.67 -12.46
C HIS A 45 5.30 -4.48 -13.57
N THR A 46 4.83 -5.60 -14.14
CA THR A 46 3.91 -5.60 -15.31
C THR A 46 2.41 -5.65 -14.88
N PRO A 47 1.56 -4.65 -15.32
CA PRO A 47 0.08 -4.72 -15.15
C PRO A 47 -0.54 -6.06 -15.64
N GLY A 48 -1.18 -6.81 -14.74
CA GLY A 48 -1.63 -8.19 -15.02
C GLY A 48 -1.09 -9.20 -14.00
N ALA A 49 -0.15 -8.76 -13.14
CA ALA A 49 0.38 -9.57 -12.03
C ALA A 49 -0.66 -9.70 -10.89
N GLU A 50 -0.91 -10.93 -10.41
CA GLU A 50 -1.87 -11.18 -9.32
C GLU A 50 -1.18 -11.80 -8.10
N ARG A 51 -1.16 -11.07 -6.96
CA ARG A 51 -0.56 -11.57 -5.70
C ARG A 51 -1.65 -12.23 -4.83
N VAL A 52 -1.46 -13.53 -4.54
CA VAL A 52 -2.48 -14.37 -3.87
C VAL A 52 -1.93 -14.86 -2.49
N PHE A 53 -2.49 -14.30 -1.40
CA PHE A 53 -2.00 -14.53 -0.01
C PHE A 53 -2.46 -15.91 0.53
N GLY A 54 -1.83 -16.98 0.02
CA GLY A 54 -2.18 -18.36 0.38
C GLY A 54 -2.01 -19.32 -0.81
N ALA A 55 -2.81 -19.07 -1.87
CA ALA A 55 -2.78 -19.84 -3.16
C ALA A 55 -3.14 -21.35 -2.98
N GLY A 56 -3.94 -21.66 -1.95
CA GLY A 56 -4.40 -23.03 -1.68
C GLY A 56 -5.07 -23.17 -0.31
N THR A 57 -5.90 -22.17 0.05
CA THR A 57 -6.60 -22.11 1.35
C THR A 57 -7.98 -21.46 1.22
N GLU A 58 -8.86 -21.70 2.20
CA GLU A 58 -10.23 -21.12 2.24
C GLU A 58 -10.21 -19.62 2.59
N GLU A 59 -9.10 -19.14 3.20
CA GLU A 59 -8.89 -17.72 3.54
C GLU A 59 -7.61 -17.17 2.84
N GLU A 60 -7.77 -16.71 1.58
CA GLU A 60 -6.71 -16.00 0.84
C GLU A 60 -7.24 -14.71 0.17
N LEU A 61 -6.31 -13.82 -0.21
CA LEU A 61 -6.63 -12.54 -0.87
C LEU A 61 -5.92 -12.47 -2.24
N VAL A 62 -6.70 -12.28 -3.31
CA VAL A 62 -6.14 -12.05 -4.67
C VAL A 62 -6.18 -10.55 -4.98
N GLU A 63 -5.04 -9.98 -5.43
CA GLU A 63 -4.94 -8.56 -5.86
C GLU A 63 -4.28 -8.46 -7.25
N ARG A 64 -4.90 -7.73 -8.20
CA ARG A 64 -4.38 -7.58 -9.58
C ARG A 64 -3.76 -6.17 -9.78
N LEU A 65 -2.54 -6.14 -10.36
CA LEU A 65 -1.85 -4.90 -10.71
C LEU A 65 -2.51 -4.25 -11.96
N VAL A 66 -3.15 -3.08 -11.75
CA VAL A 66 -3.90 -2.36 -12.81
C VAL A 66 -2.95 -1.56 -13.74
N GLU A 67 -2.07 -0.75 -13.13
CA GLU A 67 -1.12 0.11 -13.87
C GLU A 67 0.14 0.40 -13.02
N ARG A 68 1.27 0.63 -13.70
CA ARG A 68 2.57 0.90 -13.03
C ARG A 68 3.27 2.11 -13.70
N ASP A 69 3.39 3.21 -12.95
CA ASP A 69 4.10 4.43 -13.38
C ASP A 69 5.34 4.65 -12.47
N GLU A 70 6.36 3.81 -12.65
CA GLU A 70 7.57 3.78 -11.79
C GLU A 70 8.43 5.05 -11.91
N SER A 71 8.46 5.64 -13.12
CA SER A 71 9.15 6.94 -13.38
C SER A 71 8.37 8.12 -12.77
N ALA A 72 7.07 7.92 -12.48
CA ALA A 72 6.20 8.93 -11.81
C ALA A 72 5.90 8.57 -10.32
N ARG A 73 6.44 7.41 -9.87
CA ARG A 73 6.26 6.91 -8.47
C ARG A 73 4.78 6.60 -8.11
N ARG A 74 4.05 5.97 -9.05
CA ARG A 74 2.63 5.53 -8.85
C ARG A 74 2.50 3.99 -9.02
N LEU A 75 1.79 3.35 -8.08
CA LEU A 75 1.47 1.89 -8.10
C LEU A 75 -0.04 1.67 -7.82
N VAL A 76 -0.83 1.29 -8.84
CA VAL A 76 -2.30 1.08 -8.67
C VAL A 76 -2.66 -0.41 -8.85
N TYR A 77 -3.47 -0.92 -7.92
CA TYR A 77 -3.96 -2.31 -7.93
C TYR A 77 -5.38 -2.41 -7.30
N THR A 78 -6.01 -3.57 -7.50
CA THR A 78 -7.41 -3.84 -7.08
C THR A 78 -7.53 -5.21 -6.38
N MET A 79 -8.58 -5.42 -5.57
CA MET A 79 -8.93 -6.74 -5.00
C MET A 79 -10.14 -7.37 -5.78
N PRO A 80 -9.89 -8.30 -6.77
CA PRO A 80 -10.96 -9.07 -7.46
C PRO A 80 -11.70 -10.05 -6.51
N ASP A 81 -10.98 -10.52 -5.48
CA ASP A 81 -11.56 -11.32 -4.38
C ASP A 81 -11.32 -10.58 -3.03
N PRO A 82 -12.15 -9.55 -2.70
CA PRO A 82 -11.97 -8.74 -1.47
C PRO A 82 -12.55 -9.45 -0.20
N PRO A 83 -11.92 -9.25 1.01
CA PRO A 83 -12.44 -9.79 2.29
C PRO A 83 -13.52 -8.88 2.93
N PHE A 84 -13.83 -7.74 2.27
CA PHE A 84 -14.72 -6.67 2.81
C PHE A 84 -15.90 -6.37 1.86
N PRO A 85 -17.10 -5.92 2.40
CA PRO A 85 -18.28 -5.57 1.58
C PRO A 85 -18.07 -4.26 0.76
N ILE A 86 -17.38 -4.37 -0.39
CA ILE A 86 -17.06 -3.24 -1.30
C ILE A 86 -17.30 -3.65 -2.78
N THR A 87 -17.75 -2.71 -3.62
CA THR A 87 -18.01 -2.98 -5.08
C THR A 87 -16.74 -2.72 -5.92
N ASN A 88 -16.39 -1.45 -6.09
CA ASN A 88 -15.18 -1.03 -6.83
C ASN A 88 -14.02 -0.93 -5.84
N HIS A 89 -12.90 -1.63 -6.06
CA HIS A 89 -11.69 -1.42 -5.23
C HIS A 89 -10.49 -0.85 -6.04
N ARG A 90 -9.87 0.21 -5.48
CA ARG A 90 -8.54 0.73 -5.88
C ARG A 90 -7.66 0.91 -4.61
N ALA A 91 -6.37 0.63 -4.75
CA ALA A 91 -5.35 0.89 -3.71
C ALA A 91 -4.04 1.33 -4.39
N VAL A 92 -3.49 2.50 -4.00
CA VAL A 92 -2.37 3.12 -4.74
C VAL A 92 -1.23 3.64 -3.81
N LEU A 93 0.03 3.35 -4.21
CA LEU A 93 1.25 3.90 -3.57
C LEU A 93 1.81 5.03 -4.45
N GLU A 94 1.75 6.27 -3.95
CA GLU A 94 2.32 7.45 -4.61
C GLU A 94 3.35 8.14 -3.69
N VAL A 95 4.64 8.07 -4.07
CA VAL A 95 5.73 8.69 -3.29
C VAL A 95 5.98 10.11 -3.85
N VAL A 96 5.61 11.13 -3.06
CA VAL A 96 5.77 12.55 -3.44
C VAL A 96 7.01 13.17 -2.74
N PRO A 97 8.07 13.58 -3.52
CA PRO A 97 9.30 14.19 -2.96
C PRO A 97 9.07 15.64 -2.44
N ARG A 98 9.05 15.79 -1.10
CA ARG A 98 9.06 17.12 -0.42
C ARG A 98 10.37 17.88 -0.72
N ASP A 99 11.44 17.10 -0.94
CA ASP A 99 12.80 17.58 -1.21
C ASP A 99 13.55 16.48 -2.01
N ASP A 100 14.78 16.78 -2.47
CA ASP A 100 15.66 15.80 -3.15
C ASP A 100 15.96 14.59 -2.24
N ARG A 101 16.28 14.88 -0.97
CA ARG A 101 16.73 13.86 0.02
C ARG A 101 15.61 13.56 1.07
N HIS A 102 14.42 14.19 0.93
CA HIS A 102 13.25 13.94 1.83
C HIS A 102 11.98 13.64 0.99
N CYS A 103 11.13 12.71 1.44
CA CYS A 103 9.90 12.32 0.69
C CYS A 103 8.71 12.00 1.62
N THR A 104 7.55 11.75 1.01
CA THR A 104 6.31 11.36 1.70
C THR A 104 5.59 10.25 0.89
N VAL A 105 5.41 9.05 1.48
CA VAL A 105 4.68 7.94 0.81
C VAL A 105 3.18 7.99 1.16
N VAL A 106 2.34 8.04 0.12
CA VAL A 106 0.88 8.13 0.25
C VAL A 106 0.24 6.79 -0.19
N TRP A 107 -0.63 6.22 0.65
CA TRP A 107 -1.40 5.01 0.31
C TRP A 107 -2.91 5.32 0.42
N THR A 108 -3.65 5.11 -0.68
CA THR A 108 -5.06 5.56 -0.81
C THR A 108 -5.98 4.38 -1.25
N ALA A 109 -7.03 4.10 -0.44
CA ALA A 109 -8.06 3.07 -0.75
C ALA A 109 -9.37 3.73 -1.21
N MET A 110 -9.67 3.62 -2.50
CA MET A 110 -10.93 4.11 -3.10
C MET A 110 -11.91 2.94 -3.21
N PHE A 111 -13.14 3.12 -2.73
CA PHE A 111 -14.17 2.08 -2.87
C PHE A 111 -15.60 2.63 -2.79
N ASP A 112 -16.53 1.93 -3.44
CA ASP A 112 -17.96 2.22 -3.36
C ASP A 112 -18.64 1.24 -2.38
N CYS A 113 -18.57 1.62 -1.10
CA CYS A 113 -19.23 0.91 0.02
C CYS A 113 -20.24 1.83 0.73
N SER A 114 -21.23 1.20 1.40
CA SER A 114 -22.30 1.92 2.16
C SER A 114 -21.69 2.82 3.28
N PRO A 115 -22.21 4.09 3.50
CA PRO A 115 -21.55 5.12 4.36
C PRO A 115 -21.20 4.65 5.80
N GLU A 116 -22.12 3.90 6.44
CA GLU A 116 -21.92 3.33 7.80
C GLU A 116 -20.76 2.29 7.81
N THR A 117 -20.67 1.49 6.74
CA THR A 117 -19.60 0.49 6.56
C THR A 117 -18.28 1.16 6.09
N ALA A 118 -18.40 2.29 5.37
CA ALA A 118 -17.25 3.03 4.79
C ALA A 118 -16.39 3.74 5.87
N ARG A 119 -17.07 4.30 6.89
CA ARG A 119 -16.41 4.90 8.08
C ARG A 119 -15.86 3.81 9.05
N GLU A 120 -16.49 2.62 9.05
CA GLU A 120 -15.95 1.42 9.76
C GLU A 120 -14.64 0.96 9.09
N LEU A 121 -14.65 0.89 7.76
CA LEU A 121 -13.48 0.53 6.93
C LEU A 121 -12.43 1.65 6.91
N GLU A 122 -12.88 2.90 7.15
CA GLU A 122 -12.00 4.07 7.30
C GLU A 122 -11.00 3.85 8.46
N SER A 123 -11.54 3.36 9.60
CA SER A 123 -10.73 2.97 10.78
C SER A 123 -9.89 1.68 10.52
N VAL A 124 -10.54 0.58 10.07
CA VAL A 124 -9.88 -0.74 9.87
C VAL A 124 -8.75 -0.70 8.80
N ILE A 125 -9.10 -0.24 7.60
CA ILE A 125 -8.19 -0.20 6.43
C ILE A 125 -7.26 1.05 6.49
N GLY A 126 -7.85 2.26 6.55
CA GLY A 126 -7.08 3.52 6.46
C GLY A 126 -6.21 3.80 7.70
N ASP A 127 -6.87 4.00 8.86
CA ASP A 127 -6.17 4.32 10.13
C ASP A 127 -5.51 3.05 10.75
N GLY A 128 -5.93 1.86 10.29
CA GLY A 128 -5.34 0.59 10.72
C GLY A 128 -4.23 0.11 9.80
N VAL A 129 -4.62 -0.66 8.76
CA VAL A 129 -3.68 -1.34 7.81
C VAL A 129 -2.63 -0.37 7.18
N PHE A 130 -3.11 0.78 6.71
CA PHE A 130 -2.30 1.77 5.96
C PHE A 130 -1.37 2.56 6.89
N ALA A 131 -1.93 3.07 8.01
CA ALA A 131 -1.13 3.80 9.03
C ALA A 131 0.00 2.91 9.61
N VAL A 132 -0.31 1.63 9.87
CA VAL A 132 0.67 0.62 10.34
C VAL A 132 1.87 0.46 9.35
N GLY A 133 1.55 0.18 8.07
CA GLY A 133 2.57 -0.06 7.05
C GLY A 133 3.43 1.15 6.71
N LEU A 134 2.76 2.31 6.51
CA LEU A 134 3.43 3.59 6.20
C LEU A 134 4.33 4.09 7.34
N ASN A 135 3.85 3.96 8.61
CA ASN A 135 4.64 4.35 9.80
C ASN A 135 5.88 3.44 9.95
N ALA A 136 5.72 2.12 9.71
CA ALA A 136 6.84 1.14 9.73
C ALA A 136 7.89 1.47 8.64
N LEU A 137 7.40 1.88 7.45
CA LEU A 137 8.26 2.32 6.32
C LEU A 137 9.07 3.58 6.71
N ALA A 138 8.42 4.50 7.43
CA ALA A 138 9.06 5.74 7.92
C ALA A 138 10.05 5.45 9.09
N GLU A 139 9.76 4.42 9.91
CA GLU A 139 10.55 4.06 11.12
C GLU A 139 11.87 3.33 10.77
N ARG A 140 11.87 2.51 9.70
CA ARG A 140 13.12 1.84 9.22
C ARG A 140 14.14 2.88 8.67
N TYR A 141 13.63 3.98 8.08
CA TYR A 141 14.46 5.13 7.64
C TYR A 141 14.56 6.20 8.77
N GLY A 142 13.71 6.04 9.81
CA GLY A 142 13.64 6.99 10.95
C GLY A 142 14.77 6.85 11.98
N ARG A 143 15.77 6.01 11.67
CA ARG A 143 17.07 5.98 12.38
C ARG A 143 17.88 7.26 12.04
N LEU A 144 17.55 7.88 10.89
CA LEU A 144 18.10 9.17 10.43
C LEU A 144 17.15 10.33 10.83
N GLU A 145 17.60 11.58 10.59
CA GLU A 145 16.77 12.81 10.70
C GLU A 145 16.33 13.19 12.14
N HIS A 146 15.70 14.38 12.27
CA HIS A 146 15.11 14.86 13.55
C HIS A 146 13.56 14.96 13.40
N HIS A 147 12.86 13.82 13.52
CA HIS A 147 11.37 13.74 13.46
C HIS A 147 10.82 13.05 14.74
N HIS A 148 9.68 13.54 15.25
CA HIS A 148 9.11 13.10 16.55
C HIS A 148 8.03 12.01 16.39
N HIS A 149 8.01 11.06 17.35
CA HIS A 149 6.93 10.07 17.51
C HIS A 149 6.58 9.92 19.02
N HIS A 150 5.54 10.67 19.46
CA HIS A 150 4.98 10.58 20.83
C HIS A 150 4.21 9.25 21.02
N HIS A 151 3.64 8.73 19.91
CA HIS A 151 2.99 7.41 19.86
C HIS A 151 2.94 6.88 18.41
N MET A 1 -17.54 10.18 2.30
CA MET A 1 -17.11 9.57 1.01
C MET A 1 -16.82 8.05 1.19
N ALA A 2 -16.37 7.40 0.11
CA ALA A 2 -15.87 6.00 0.14
C ALA A 2 -14.42 5.93 -0.42
N THR A 3 -13.64 7.01 -0.15
CA THR A 3 -12.23 7.12 -0.57
C THR A 3 -11.31 7.28 0.66
N LEU A 4 -10.33 6.38 0.77
CA LEU A 4 -9.30 6.38 1.83
C LEU A 4 -8.02 7.02 1.28
N ARG A 5 -7.35 7.81 2.11
CA ARG A 5 -5.97 8.27 1.83
C ARG A 5 -5.19 8.38 3.14
N ARG A 6 -3.97 7.84 3.15
CA ARG A 6 -3.07 7.89 4.32
C ARG A 6 -1.66 8.31 3.86
N SER A 7 -0.94 9.03 4.72
CA SER A 7 0.39 9.60 4.38
C SER A 7 1.35 9.55 5.60
N VAL A 8 2.66 9.42 5.33
CA VAL A 8 3.70 9.31 6.38
C VAL A 8 4.97 10.11 6.01
N GLU A 9 5.70 10.63 7.02
CA GLU A 9 7.01 11.28 6.83
C GLU A 9 8.11 10.20 6.75
N VAL A 10 8.88 10.19 5.66
CA VAL A 10 10.02 9.26 5.45
C VAL A 10 11.33 10.05 5.25
N ALA A 11 12.33 9.80 6.12
CA ALA A 11 13.68 10.40 5.99
C ALA A 11 14.50 9.69 4.87
N ALA A 12 14.10 9.92 3.60
CA ALA A 12 14.71 9.28 2.41
C ALA A 12 14.24 9.96 1.10
N PRO A 13 15.05 9.87 0.00
CA PRO A 13 14.60 10.24 -1.37
C PRO A 13 13.47 9.30 -1.90
N ALA A 14 12.51 9.88 -2.66
CA ALA A 14 11.40 9.13 -3.32
C ALA A 14 11.86 7.90 -4.16
N ALA A 15 13.07 7.99 -4.76
CA ALA A 15 13.67 6.90 -5.56
C ALA A 15 13.97 5.64 -4.73
N ASP A 16 14.65 5.83 -3.56
CA ASP A 16 14.93 4.74 -2.59
C ASP A 16 13.64 3.99 -2.19
N VAL A 17 12.57 4.76 -1.92
CA VAL A 17 11.27 4.21 -1.50
C VAL A 17 10.55 3.51 -2.68
N TRP A 18 10.71 4.01 -3.92
CA TRP A 18 10.16 3.37 -5.14
C TRP A 18 10.86 2.01 -5.42
N THR A 19 12.15 1.91 -5.06
CA THR A 19 12.91 0.62 -5.11
C THR A 19 12.36 -0.40 -4.07
N LEU A 20 11.68 0.11 -3.03
CA LEU A 20 11.05 -0.70 -1.96
C LEU A 20 9.60 -1.14 -2.32
N VAL A 21 8.75 -0.18 -2.74
CA VAL A 21 7.29 -0.43 -3.01
C VAL A 21 6.98 -0.76 -4.50
N GLY A 22 7.83 -0.28 -5.42
CA GLY A 22 7.52 -0.23 -6.86
C GLY A 22 7.48 -1.57 -7.58
N ASP A 23 7.94 -2.64 -6.92
CA ASP A 23 7.89 -4.00 -7.46
C ASP A 23 6.49 -4.63 -7.30
N PHE A 24 5.62 -4.02 -6.45
CA PHE A 24 4.27 -4.52 -6.09
C PHE A 24 4.36 -5.76 -5.14
N SER A 25 5.03 -6.82 -5.61
CA SER A 25 5.32 -8.05 -4.81
C SER A 25 6.21 -7.77 -3.58
N ALA A 26 6.93 -6.61 -3.58
CA ALA A 26 8.02 -6.32 -2.63
C ALA A 26 7.50 -5.84 -1.26
N ILE A 27 6.17 -5.91 -1.07
CA ILE A 27 5.51 -5.52 0.18
C ILE A 27 5.99 -6.38 1.39
N HIS A 28 6.50 -7.61 1.10
CA HIS A 28 7.03 -8.53 2.13
C HIS A 28 8.38 -8.05 2.75
N ARG A 29 8.92 -6.93 2.22
CA ARG A 29 10.19 -6.34 2.70
C ARG A 29 9.98 -5.25 3.79
N TRP A 30 8.78 -4.60 3.82
CA TRP A 30 8.54 -3.42 4.71
C TRP A 30 7.28 -3.56 5.60
N HIS A 31 6.21 -4.20 5.10
CA HIS A 31 4.90 -4.21 5.78
C HIS A 31 4.89 -5.22 6.98
N PRO A 32 4.28 -4.88 8.16
CA PRO A 32 4.14 -5.86 9.29
C PRO A 32 3.09 -6.99 9.03
N GLN A 33 1.95 -6.65 8.38
CA GLN A 33 0.79 -7.59 8.23
C GLN A 33 1.02 -8.65 7.12
N VAL A 34 1.92 -8.34 6.16
CA VAL A 34 2.19 -9.23 5.00
C VAL A 34 2.76 -10.63 5.42
N SER A 35 2.32 -11.68 4.71
CA SER A 35 2.67 -13.08 5.02
C SER A 35 3.50 -13.74 3.89
N ALA A 36 4.26 -12.89 3.15
CA ALA A 36 4.98 -13.29 1.91
C ALA A 36 3.97 -13.76 0.81
N PRO A 37 3.56 -12.85 -0.14
CA PRO A 37 2.49 -13.15 -1.12
C PRO A 37 2.95 -13.95 -2.36
N THR A 38 1.98 -14.61 -3.01
CA THR A 38 2.19 -15.41 -4.24
C THR A 38 1.65 -14.62 -5.45
N LEU A 39 2.49 -14.45 -6.48
CA LEU A 39 2.16 -13.63 -7.67
C LEU A 39 1.72 -14.53 -8.84
N ARG A 40 0.44 -14.37 -9.27
CA ARG A 40 -0.11 -15.18 -10.37
C ARG A 40 0.27 -14.54 -11.73
N GLY A 41 1.01 -15.31 -12.55
CA GLY A 41 1.50 -14.86 -13.87
C GLY A 41 2.07 -13.43 -13.99
N ALA A 42 2.26 -12.99 -15.26
CA ALA A 42 2.56 -11.58 -15.65
C ALA A 42 4.03 -11.13 -15.39
N SER A 43 4.58 -11.42 -14.18
CA SER A 43 5.81 -10.79 -13.56
C SER A 43 5.40 -9.56 -12.70
N PRO A 44 6.10 -9.30 -11.53
CA PRO A 44 5.65 -8.33 -10.47
C PRO A 44 5.34 -6.87 -10.96
N HIS A 45 6.14 -6.35 -11.89
CA HIS A 45 5.98 -4.96 -12.42
C HIS A 45 4.95 -4.89 -13.58
N THR A 46 4.57 -6.04 -14.13
CA THR A 46 3.66 -6.13 -15.29
C THR A 46 2.18 -6.00 -14.85
N PRO A 47 1.40 -5.01 -15.43
CA PRO A 47 -0.07 -4.90 -15.24
C PRO A 47 -0.83 -6.24 -15.48
N GLY A 48 -1.16 -6.93 -14.37
CA GLY A 48 -1.84 -8.24 -14.42
C GLY A 48 -1.36 -9.19 -13.34
N ALA A 49 -0.22 -8.86 -12.69
CA ALA A 49 0.36 -9.67 -11.60
C ALA A 49 -0.54 -9.65 -10.34
N GLU A 50 -0.98 -10.84 -9.87
CA GLU A 50 -1.98 -10.94 -8.78
C GLU A 50 -1.31 -11.29 -7.42
N ARG A 51 -1.42 -10.39 -6.42
CA ARG A 51 -0.72 -10.51 -5.13
C ARG A 51 -1.61 -11.22 -4.08
N VAL A 52 -1.31 -12.51 -3.82
CA VAL A 52 -2.16 -13.41 -2.98
C VAL A 52 -1.42 -13.76 -1.66
N PHE A 53 -1.76 -13.06 -0.57
CA PHE A 53 -1.00 -13.10 0.71
C PHE A 53 -0.99 -14.49 1.39
N GLY A 54 -2.17 -15.12 1.52
CA GLY A 54 -2.30 -16.45 2.16
C GLY A 54 -2.72 -17.52 1.15
N ALA A 55 -1.98 -17.63 0.03
CA ALA A 55 -2.31 -18.56 -1.08
C ALA A 55 -2.44 -20.05 -0.62
N GLY A 56 -3.69 -20.49 -0.41
CA GLY A 56 -4.00 -21.85 0.07
C GLY A 56 -4.44 -21.90 1.55
N THR A 57 -5.14 -20.84 2.01
CA THR A 57 -5.74 -20.79 3.38
C THR A 57 -7.27 -20.61 3.31
N GLU A 58 -7.94 -20.58 4.49
CA GLU A 58 -9.41 -20.35 4.57
C GLU A 58 -9.75 -18.90 4.17
N GLU A 59 -9.13 -17.92 4.85
CA GLU A 59 -9.32 -16.47 4.57
C GLU A 59 -8.03 -15.82 4.07
N GLU A 60 -7.86 -15.84 2.74
CA GLU A 60 -6.75 -15.16 2.03
C GLU A 60 -7.24 -13.91 1.28
N LEU A 61 -6.28 -13.05 0.90
CA LEU A 61 -6.55 -11.80 0.14
C LEU A 61 -5.87 -11.86 -1.24
N VAL A 62 -6.69 -11.79 -2.31
CA VAL A 62 -6.21 -11.76 -3.70
C VAL A 62 -6.31 -10.33 -4.28
N GLU A 63 -5.15 -9.73 -4.57
CA GLU A 63 -5.01 -8.45 -5.29
C GLU A 63 -4.63 -8.69 -6.76
N ARG A 64 -4.69 -7.63 -7.58
CA ARG A 64 -4.28 -7.68 -9.01
C ARG A 64 -3.77 -6.29 -9.48
N LEU A 65 -2.55 -6.26 -10.04
CA LEU A 65 -1.92 -5.02 -10.56
C LEU A 65 -2.61 -4.54 -11.86
N VAL A 66 -3.02 -3.27 -11.89
CA VAL A 66 -3.70 -2.64 -13.06
C VAL A 66 -2.70 -1.80 -13.89
N GLU A 67 -1.82 -1.06 -13.19
CA GLU A 67 -0.89 -0.08 -13.80
C GLU A 67 0.18 0.34 -12.77
N ARG A 68 1.36 0.77 -13.22
CA ARG A 68 2.39 1.39 -12.35
C ARG A 68 3.25 2.40 -13.16
N ASP A 69 3.82 3.41 -12.47
CA ASP A 69 4.67 4.43 -13.11
C ASP A 69 5.90 4.73 -12.22
N GLU A 70 7.08 4.81 -12.85
CA GLU A 70 8.37 5.00 -12.16
C GLU A 70 8.57 6.45 -11.64
N SER A 71 8.50 7.41 -12.58
CA SER A 71 8.83 8.83 -12.31
C SER A 71 7.70 9.57 -11.53
N ALA A 72 6.50 8.97 -11.49
CA ALA A 72 5.37 9.49 -10.67
C ALA A 72 5.25 8.72 -9.35
N ARG A 73 6.10 7.66 -9.19
CA ARG A 73 6.10 6.74 -8.02
C ARG A 73 4.68 6.18 -7.75
N ARG A 74 3.94 5.92 -8.83
CA ARG A 74 2.49 5.66 -8.79
C ARG A 74 2.14 4.19 -9.12
N LEU A 75 1.94 3.39 -8.06
CA LEU A 75 1.60 1.95 -8.15
C LEU A 75 0.06 1.75 -7.96
N VAL A 76 -0.63 1.41 -9.06
CA VAL A 76 -2.11 1.31 -9.11
C VAL A 76 -2.56 -0.17 -9.23
N TYR A 77 -3.37 -0.65 -8.26
CA TYR A 77 -3.93 -2.02 -8.28
C TYR A 77 -5.43 -2.04 -7.91
N THR A 78 -6.00 -3.26 -7.92
CA THR A 78 -7.38 -3.55 -7.49
C THR A 78 -7.39 -4.79 -6.56
N MET A 79 -8.49 -4.99 -5.81
CA MET A 79 -8.70 -6.20 -4.99
C MET A 79 -9.88 -7.03 -5.59
N PRO A 80 -9.60 -7.96 -6.59
CA PRO A 80 -10.65 -8.79 -7.26
C PRO A 80 -11.36 -9.79 -6.32
N ASP A 81 -10.69 -10.17 -5.21
CA ASP A 81 -11.25 -11.10 -4.22
C ASP A 81 -10.98 -10.59 -2.77
N PRO A 82 -11.78 -9.58 -2.29
CA PRO A 82 -11.69 -9.07 -0.91
C PRO A 82 -12.73 -9.72 0.07
N PRO A 83 -12.35 -9.97 1.37
CA PRO A 83 -13.32 -10.37 2.44
C PRO A 83 -14.10 -9.15 3.03
N PHE A 84 -14.30 -8.09 2.22
CA PHE A 84 -14.96 -6.82 2.62
C PHE A 84 -16.24 -6.60 1.77
N PRO A 85 -17.29 -5.87 2.30
CA PRO A 85 -18.56 -5.56 1.54
C PRO A 85 -18.40 -4.45 0.44
N ILE A 86 -17.29 -4.49 -0.31
CA ILE A 86 -16.93 -3.47 -1.33
C ILE A 86 -17.05 -4.06 -2.77
N THR A 87 -17.86 -3.41 -3.64
CA THR A 87 -18.19 -3.94 -4.98
C THR A 87 -16.97 -3.96 -5.93
N ASN A 88 -16.49 -2.76 -6.33
CA ASN A 88 -15.25 -2.61 -7.10
C ASN A 88 -14.23 -1.76 -6.30
N HIS A 89 -13.17 -2.42 -5.83
CA HIS A 89 -12.05 -1.75 -5.11
C HIS A 89 -11.00 -1.21 -6.12
N ARG A 90 -10.32 -0.11 -5.74
CA ARG A 90 -9.25 0.51 -6.55
C ARG A 90 -8.25 1.25 -5.61
N ALA A 91 -6.97 0.81 -5.60
CA ALA A 91 -5.92 1.46 -4.76
C ALA A 91 -4.76 2.03 -5.61
N VAL A 92 -4.14 3.11 -5.08
CA VAL A 92 -2.96 3.76 -5.69
C VAL A 92 -1.91 4.06 -4.59
N LEU A 93 -0.63 3.80 -4.91
CA LEU A 93 0.52 3.98 -4.00
C LEU A 93 1.42 5.10 -4.58
N GLU A 94 1.47 6.30 -3.97
CA GLU A 94 2.25 7.44 -4.52
C GLU A 94 3.26 7.98 -3.49
N VAL A 95 4.57 7.85 -3.78
CA VAL A 95 5.62 8.45 -2.96
C VAL A 95 5.90 9.88 -3.48
N VAL A 96 5.48 10.88 -2.69
CA VAL A 96 5.54 12.30 -3.06
C VAL A 96 6.84 12.95 -2.51
N PRO A 97 7.77 13.47 -3.38
CA PRO A 97 8.99 14.15 -2.93
C PRO A 97 8.69 15.57 -2.35
N ARG A 98 8.40 15.60 -1.04
CA ARG A 98 8.15 16.84 -0.26
C ARG A 98 9.43 17.72 -0.22
N ASP A 99 10.57 17.03 -0.15
CA ASP A 99 11.91 17.64 0.00
C ASP A 99 12.97 16.73 -0.69
N ASP A 100 14.17 17.27 -0.91
CA ASP A 100 15.29 16.52 -1.52
C ASP A 100 15.73 15.31 -0.65
N ARG A 101 15.82 15.52 0.66
CA ARG A 101 16.24 14.48 1.64
C ARG A 101 15.00 13.72 2.21
N HIS A 102 13.79 14.30 2.10
CA HIS A 102 12.57 13.77 2.78
C HIS A 102 11.40 13.58 1.78
N CYS A 103 10.67 12.46 1.90
CA CYS A 103 9.50 12.15 1.05
C CYS A 103 8.26 11.84 1.92
N THR A 104 7.11 11.64 1.25
CA THR A 104 5.84 11.33 1.91
C THR A 104 5.11 10.21 1.15
N VAL A 105 5.00 9.01 1.76
CA VAL A 105 4.39 7.84 1.09
C VAL A 105 2.86 7.82 1.33
N VAL A 106 2.12 7.97 0.24
CA VAL A 106 0.65 8.12 0.25
C VAL A 106 -0.03 6.81 -0.24
N TRP A 107 -0.73 6.11 0.67
CA TRP A 107 -1.49 4.88 0.33
C TRP A 107 -3.00 5.23 0.25
N THR A 108 -3.57 5.12 -0.96
CA THR A 108 -4.96 5.52 -1.28
C THR A 108 -5.80 4.28 -1.65
N ALA A 109 -7.08 4.23 -1.22
CA ALA A 109 -8.00 3.11 -1.56
C ALA A 109 -9.48 3.57 -1.61
N MET A 110 -10.07 3.55 -2.82
CA MET A 110 -11.47 3.95 -3.07
C MET A 110 -12.27 2.76 -3.64
N PHE A 111 -13.54 2.64 -3.23
CA PHE A 111 -14.39 1.47 -3.50
C PHE A 111 -15.88 1.84 -3.56
N ASP A 112 -16.66 1.05 -4.32
CA ASP A 112 -18.12 1.23 -4.42
C ASP A 112 -18.81 0.58 -3.19
N CYS A 113 -18.91 1.37 -2.11
CA CYS A 113 -19.57 0.93 -0.86
C CYS A 113 -20.18 2.12 -0.07
N SER A 114 -21.17 1.81 0.80
CA SER A 114 -21.89 2.81 1.63
C SER A 114 -20.96 3.56 2.61
N PRO A 115 -21.21 4.89 2.90
CA PRO A 115 -20.33 5.71 3.81
C PRO A 115 -20.23 5.15 5.26
N GLU A 116 -21.28 4.45 5.74
CA GLU A 116 -21.29 3.82 7.08
C GLU A 116 -20.30 2.63 7.16
N THR A 117 -20.17 1.89 6.05
CA THR A 117 -19.14 0.82 5.90
C THR A 117 -17.75 1.45 5.69
N ALA A 118 -17.72 2.53 4.88
CA ALA A 118 -16.48 3.21 4.46
C ALA A 118 -15.74 3.90 5.63
N ARG A 119 -16.50 4.47 6.61
CA ARG A 119 -15.91 5.13 7.81
C ARG A 119 -15.26 4.09 8.76
N GLU A 120 -15.86 2.88 8.81
CA GLU A 120 -15.27 1.73 9.53
C GLU A 120 -13.95 1.31 8.86
N LEU A 121 -13.95 1.33 7.51
CA LEU A 121 -12.78 0.94 6.70
C LEU A 121 -11.68 2.02 6.71
N GLU A 122 -12.04 3.30 6.91
CA GLU A 122 -11.04 4.39 7.10
C GLU A 122 -10.26 4.18 8.42
N SER A 123 -10.98 3.70 9.45
CA SER A 123 -10.38 3.30 10.74
C SER A 123 -9.51 2.01 10.61
N VAL A 124 -10.13 0.90 10.17
CA VAL A 124 -9.49 -0.44 10.11
C VAL A 124 -8.45 -0.56 8.97
N ILE A 125 -8.86 -0.30 7.72
CA ILE A 125 -7.98 -0.41 6.54
C ILE A 125 -7.02 0.82 6.46
N GLY A 126 -7.60 2.03 6.60
CA GLY A 126 -6.85 3.29 6.45
C GLY A 126 -5.74 3.50 7.48
N ASP A 127 -6.04 3.29 8.76
CA ASP A 127 -5.05 3.49 9.85
C ASP A 127 -4.47 2.14 10.33
N GLY A 128 -5.35 1.20 10.71
CA GLY A 128 -4.95 -0.08 11.33
C GLY A 128 -4.14 -1.02 10.41
N VAL A 129 -4.27 -0.86 9.09
CA VAL A 129 -3.50 -1.66 8.09
C VAL A 129 -2.46 -0.77 7.33
N PHE A 130 -2.95 0.33 6.73
CA PHE A 130 -2.14 1.21 5.85
C PHE A 130 -1.13 2.05 6.66
N ALA A 131 -1.64 2.89 7.58
CA ALA A 131 -0.79 3.81 8.38
C ALA A 131 0.29 3.04 9.18
N VAL A 132 -0.10 1.85 9.65
CA VAL A 132 0.80 0.90 10.32
C VAL A 132 1.99 0.47 9.39
N GLY A 133 1.65 0.06 8.15
CA GLY A 133 2.65 -0.34 7.15
C GLY A 133 3.56 0.82 6.72
N LEU A 134 2.96 2.01 6.58
CA LEU A 134 3.64 3.27 6.20
C LEU A 134 4.63 3.73 7.30
N ASN A 135 4.25 3.52 8.58
CA ASN A 135 5.11 3.89 9.74
C ASN A 135 6.35 2.97 9.79
N ALA A 136 6.14 1.65 9.59
CA ALA A 136 7.25 0.64 9.54
C ALA A 136 8.21 0.93 8.36
N LEU A 137 7.65 1.38 7.23
CA LEU A 137 8.41 1.83 6.05
C LEU A 137 9.27 3.06 6.40
N ALA A 138 8.67 4.00 7.13
CA ALA A 138 9.35 5.23 7.55
C ALA A 138 10.44 4.99 8.63
N GLU A 139 10.23 3.94 9.46
CA GLU A 139 11.17 3.56 10.56
C GLU A 139 12.49 2.96 10.01
N ARG A 140 12.41 2.11 8.98
CA ARG A 140 13.62 1.46 8.38
C ARG A 140 14.58 2.49 7.73
N TYR A 141 14.04 3.63 7.26
CA TYR A 141 14.86 4.73 6.69
C TYR A 141 15.37 5.71 7.77
N GLY A 142 14.59 5.95 8.85
CA GLY A 142 15.02 6.86 9.92
C GLY A 142 13.92 7.31 10.88
N ARG A 143 13.15 6.33 11.43
CA ARG A 143 12.13 6.57 12.51
C ARG A 143 11.15 7.72 12.18
N LEU A 144 10.52 7.64 10.98
CA LEU A 144 9.69 8.71 10.39
C LEU A 144 10.56 9.95 10.06
N GLU A 145 10.75 10.84 11.06
CA GLU A 145 11.59 12.06 10.93
C GLU A 145 11.92 12.62 12.35
N HIS A 146 11.01 13.44 12.91
CA HIS A 146 11.14 14.04 14.27
C HIS A 146 9.74 14.25 14.91
N HIS A 147 9.72 14.49 16.24
CA HIS A 147 8.52 14.94 17.00
C HIS A 147 7.42 13.84 17.19
N HIS A 148 7.51 12.73 16.41
CA HIS A 148 6.46 11.68 16.25
C HIS A 148 5.04 12.28 15.93
N HIS A 149 4.01 11.41 15.81
CA HIS A 149 2.62 11.84 15.49
C HIS A 149 1.56 11.18 16.38
N HIS A 150 0.27 11.51 16.10
CA HIS A 150 -0.89 11.16 16.96
C HIS A 150 -1.25 9.64 16.95
N HIS A 151 -0.50 8.83 16.18
CA HIS A 151 -0.77 7.38 16.01
C HIS A 151 0.55 6.60 15.78
N MET A 1 -15.85 9.03 4.21
CA MET A 1 -16.30 8.71 2.82
C MET A 1 -15.87 7.27 2.42
N ALA A 2 -16.15 6.89 1.16
CA ALA A 2 -15.71 5.60 0.57
C ALA A 2 -14.36 5.75 -0.18
N THR A 3 -13.74 6.95 -0.06
CA THR A 3 -12.40 7.24 -0.64
C THR A 3 -11.38 7.49 0.51
N LEU A 4 -10.45 6.55 0.66
CA LEU A 4 -9.40 6.58 1.71
C LEU A 4 -8.12 7.16 1.12
N ARG A 5 -7.43 8.04 1.86
CA ARG A 5 -6.05 8.48 1.52
C ARG A 5 -5.21 8.66 2.80
N ARG A 6 -4.00 8.08 2.79
CA ARG A 6 -3.04 8.15 3.92
C ARG A 6 -1.70 8.70 3.40
N SER A 7 -0.89 9.26 4.31
CA SER A 7 0.45 9.79 3.99
C SER A 7 1.39 9.68 5.20
N VAL A 8 2.72 9.56 4.95
CA VAL A 8 3.74 9.43 6.03
C VAL A 8 5.07 10.07 5.60
N GLU A 9 5.80 10.68 6.54
CA GLU A 9 7.12 11.29 6.28
C GLU A 9 8.26 10.28 6.54
N VAL A 10 8.91 9.81 5.46
CA VAL A 10 9.96 8.77 5.48
C VAL A 10 11.37 9.39 5.52
N ALA A 11 12.26 8.79 6.34
CA ALA A 11 13.69 9.16 6.44
C ALA A 11 14.57 8.67 5.24
N ALA A 12 13.99 8.60 4.01
CA ALA A 12 14.72 8.18 2.79
C ALA A 12 14.18 8.93 1.53
N PRO A 13 15.05 9.17 0.49
CA PRO A 13 14.63 9.78 -0.82
C PRO A 13 13.52 8.97 -1.56
N ALA A 14 12.67 9.71 -2.32
CA ALA A 14 11.52 9.15 -3.10
C ALA A 14 11.87 7.95 -4.01
N ALA A 15 13.00 8.04 -4.73
CA ALA A 15 13.47 6.97 -5.65
C ALA A 15 13.81 5.67 -4.90
N ASP A 16 14.59 5.81 -3.81
CA ASP A 16 14.98 4.71 -2.90
C ASP A 16 13.73 3.93 -2.38
N VAL A 17 12.72 4.69 -1.95
CA VAL A 17 11.45 4.15 -1.43
C VAL A 17 10.56 3.58 -2.56
N TRP A 18 10.59 4.19 -3.76
CA TRP A 18 9.83 3.71 -4.94
C TRP A 18 10.31 2.32 -5.41
N THR A 19 11.60 2.02 -5.18
CA THR A 19 12.18 0.68 -5.42
C THR A 19 11.62 -0.37 -4.42
N LEU A 20 11.29 0.10 -3.20
CA LEU A 20 10.73 -0.74 -2.11
C LEU A 20 9.22 -1.06 -2.32
N VAL A 21 8.42 0.00 -2.61
CA VAL A 21 6.94 -0.11 -2.79
C VAL A 21 6.51 -0.49 -4.24
N GLY A 22 7.28 -0.01 -5.24
CA GLY A 22 6.94 -0.19 -6.68
C GLY A 22 7.06 -1.64 -7.17
N ASP A 23 7.89 -2.44 -6.49
CA ASP A 23 7.95 -3.90 -6.68
C ASP A 23 6.90 -4.55 -5.74
N PHE A 24 5.84 -5.12 -6.32
CA PHE A 24 4.72 -5.72 -5.55
C PHE A 24 5.08 -7.08 -4.88
N SER A 25 6.26 -7.63 -5.17
CA SER A 25 6.80 -8.82 -4.47
C SER A 25 7.75 -8.39 -3.32
N ALA A 26 8.07 -7.09 -3.24
CA ALA A 26 9.01 -6.52 -2.23
C ALA A 26 8.24 -5.89 -1.06
N ILE A 27 6.90 -5.88 -1.15
CA ILE A 27 6.03 -5.31 -0.11
C ILE A 27 6.14 -6.08 1.25
N HIS A 28 6.51 -7.38 1.18
CA HIS A 28 6.67 -8.23 2.40
C HIS A 28 7.92 -7.86 3.24
N ARG A 29 8.79 -7.00 2.68
CA ARG A 29 10.02 -6.52 3.35
C ARG A 29 9.73 -5.35 4.32
N TRP A 30 8.67 -4.55 4.05
CA TRP A 30 8.38 -3.32 4.82
C TRP A 30 7.02 -3.39 5.56
N HIS A 31 6.02 -4.06 4.95
CA HIS A 31 4.64 -4.06 5.49
C HIS A 31 4.48 -5.18 6.56
N PRO A 32 4.26 -4.82 7.87
CA PRO A 32 4.20 -5.81 9.00
C PRO A 32 3.01 -6.81 8.91
N GLN A 33 1.98 -6.52 8.09
CA GLN A 33 0.85 -7.46 7.85
C GLN A 33 1.18 -8.41 6.68
N VAL A 34 1.86 -7.89 5.64
CA VAL A 34 2.31 -8.72 4.50
C VAL A 34 3.59 -9.52 4.87
N SER A 35 3.42 -10.81 5.13
CA SER A 35 4.54 -11.72 5.50
C SER A 35 5.21 -12.30 4.24
N ALA A 36 4.39 -12.86 3.32
CA ALA A 36 4.84 -13.40 2.01
C ALA A 36 3.64 -13.72 1.07
N PRO A 37 3.39 -12.89 0.00
CA PRO A 37 2.36 -13.17 -1.02
C PRO A 37 2.86 -14.08 -2.19
N THR A 38 1.91 -14.69 -2.92
CA THR A 38 2.20 -15.57 -4.08
C THR A 38 1.90 -14.83 -5.41
N LEU A 39 2.92 -14.69 -6.26
CA LEU A 39 2.82 -13.94 -7.54
C LEU A 39 2.33 -14.85 -8.68
N ARG A 40 1.17 -14.50 -9.28
CA ARG A 40 0.56 -15.23 -10.40
C ARG A 40 0.72 -14.41 -11.70
N GLY A 41 1.40 -15.01 -12.71
CA GLY A 41 1.70 -14.40 -14.02
C GLY A 41 2.20 -12.92 -14.07
N ALA A 42 2.58 -12.50 -15.30
CA ALA A 42 2.88 -11.09 -15.68
C ALA A 42 4.24 -10.50 -15.17
N SER A 43 4.65 -10.83 -13.91
CA SER A 43 5.83 -10.24 -13.16
C SER A 43 5.42 -8.93 -12.39
N PRO A 44 5.87 -8.76 -11.08
CA PRO A 44 5.33 -7.72 -10.12
C PRO A 44 5.35 -6.23 -10.61
N HIS A 45 6.27 -5.88 -11.53
CA HIS A 45 6.36 -4.50 -12.11
C HIS A 45 5.39 -4.32 -13.31
N THR A 46 5.09 -5.42 -14.01
CA THR A 46 4.29 -5.41 -15.25
C THR A 46 2.75 -5.37 -14.95
N PRO A 47 2.00 -4.35 -15.49
CA PRO A 47 0.51 -4.28 -15.44
C PRO A 47 -0.21 -5.63 -15.75
N GLY A 48 -0.82 -6.24 -14.70
CA GLY A 48 -1.47 -7.56 -14.82
C GLY A 48 -1.11 -8.50 -13.67
N ALA A 49 0.04 -8.24 -13.01
CA ALA A 49 0.60 -9.11 -11.95
C ALA A 49 -0.30 -9.22 -10.71
N GLU A 50 -0.64 -10.45 -10.31
CA GLU A 50 -1.50 -10.72 -9.14
C GLU A 50 -0.64 -11.22 -7.97
N ARG A 51 -0.88 -10.75 -6.72
CA ARG A 51 -0.25 -11.40 -5.54
C ARG A 51 -1.30 -11.75 -4.48
N VAL A 52 -1.22 -12.99 -3.97
CA VAL A 52 -2.18 -13.55 -3.01
C VAL A 52 -1.51 -13.76 -1.64
N PHE A 53 -1.88 -12.92 -0.67
CA PHE A 53 -1.32 -12.92 0.69
C PHE A 53 -1.83 -14.16 1.48
N GLY A 54 -1.19 -15.33 1.23
CA GLY A 54 -1.60 -16.62 1.81
C GLY A 54 -1.66 -17.72 0.74
N ALA A 55 -2.61 -17.57 -0.20
CA ALA A 55 -2.85 -18.51 -1.34
C ALA A 55 -3.33 -19.91 -0.89
N GLY A 56 -4.66 -20.16 -1.03
CA GLY A 56 -5.26 -21.49 -0.71
C GLY A 56 -5.29 -21.80 0.80
N THR A 57 -5.50 -20.74 1.59
CA THR A 57 -5.44 -20.80 3.06
C THR A 57 -6.82 -20.48 3.70
N GLU A 58 -6.83 -20.12 5.00
CA GLU A 58 -8.05 -19.70 5.72
C GLU A 58 -8.33 -18.19 5.52
N GLU A 59 -7.31 -17.35 5.78
CA GLU A 59 -7.40 -15.89 5.60
C GLU A 59 -6.36 -15.40 4.58
N GLU A 60 -6.71 -15.44 3.29
CA GLU A 60 -5.88 -14.87 2.20
C GLU A 60 -6.57 -13.65 1.55
N LEU A 61 -5.76 -12.77 0.95
CA LEU A 61 -6.24 -11.64 0.15
C LEU A 61 -5.69 -11.77 -1.28
N VAL A 62 -6.58 -11.82 -2.29
CA VAL A 62 -6.15 -11.89 -3.70
C VAL A 62 -6.14 -10.47 -4.29
N GLU A 63 -4.95 -10.02 -4.70
CA GLU A 63 -4.77 -8.67 -5.28
C GLU A 63 -4.36 -8.78 -6.77
N ARG A 64 -4.49 -7.68 -7.52
CA ARG A 64 -4.27 -7.66 -9.00
C ARG A 64 -3.80 -6.26 -9.46
N LEU A 65 -2.66 -6.20 -10.15
CA LEU A 65 -2.06 -4.94 -10.66
C LEU A 65 -2.72 -4.53 -11.99
N VAL A 66 -3.19 -3.28 -12.06
CA VAL A 66 -3.86 -2.73 -13.27
C VAL A 66 -2.86 -1.93 -14.15
N GLU A 67 -2.04 -1.11 -13.50
CA GLU A 67 -1.00 -0.27 -14.17
C GLU A 67 0.06 0.18 -13.15
N ARG A 68 1.31 0.34 -13.60
CA ARG A 68 2.39 0.91 -12.78
C ARG A 68 3.01 2.11 -13.51
N ASP A 69 2.76 3.31 -12.96
CA ASP A 69 3.31 4.59 -13.48
C ASP A 69 4.57 4.96 -12.66
N GLU A 70 5.71 5.20 -13.33
CA GLU A 70 6.99 5.54 -12.64
C GLU A 70 7.34 7.04 -12.82
N SER A 71 6.69 7.72 -13.78
CA SER A 71 6.92 9.16 -14.09
C SER A 71 6.49 10.08 -12.91
N ALA A 72 5.35 9.72 -12.29
CA ALA A 72 4.78 10.45 -11.12
C ALA A 72 4.87 9.60 -9.84
N ARG A 73 5.50 8.40 -9.95
CA ARG A 73 5.56 7.38 -8.87
C ARG A 73 4.14 7.04 -8.35
N ARG A 74 3.33 6.46 -9.24
CA ARG A 74 1.90 6.17 -9.00
C ARG A 74 1.57 4.70 -9.35
N LEU A 75 1.27 3.88 -8.31
CA LEU A 75 1.05 2.42 -8.47
C LEU A 75 -0.46 2.07 -8.39
N VAL A 76 -1.06 1.75 -9.56
CA VAL A 76 -2.54 1.57 -9.71
C VAL A 76 -2.95 0.08 -9.72
N TYR A 77 -3.85 -0.32 -8.81
CA TYR A 77 -4.26 -1.73 -8.64
C TYR A 77 -5.69 -1.88 -8.08
N THR A 78 -6.10 -3.14 -7.86
CA THR A 78 -7.37 -3.52 -7.20
C THR A 78 -7.23 -4.90 -6.53
N MET A 79 -8.11 -5.22 -5.56
CA MET A 79 -8.21 -6.58 -4.96
C MET A 79 -9.55 -7.26 -5.40
N PRO A 80 -9.50 -8.22 -6.39
CA PRO A 80 -10.71 -8.92 -6.92
C PRO A 80 -11.46 -9.76 -5.85
N ASP A 81 -10.71 -10.28 -4.84
CA ASP A 81 -11.29 -11.04 -3.72
C ASP A 81 -10.91 -10.39 -2.36
N PRO A 82 -11.69 -9.34 -1.91
CA PRO A 82 -11.52 -8.72 -0.58
C PRO A 82 -12.37 -9.40 0.54
N PRO A 83 -11.88 -9.46 1.83
CA PRO A 83 -12.68 -9.95 2.97
C PRO A 83 -13.64 -8.86 3.55
N PHE A 84 -13.61 -7.66 2.94
CA PHE A 84 -14.45 -6.51 3.33
C PHE A 84 -15.68 -6.37 2.39
N PRO A 85 -16.90 -5.99 2.93
CA PRO A 85 -18.11 -5.81 2.10
C PRO A 85 -18.06 -4.55 1.19
N ILE A 86 -17.38 -4.70 0.03
CA ILE A 86 -17.23 -3.64 -1.01
C ILE A 86 -17.53 -4.24 -2.41
N THR A 87 -18.01 -3.39 -3.35
CA THR A 87 -18.37 -3.84 -4.74
C THR A 87 -17.15 -3.69 -5.69
N ASN A 88 -16.97 -2.48 -6.28
CA ASN A 88 -15.82 -2.20 -7.18
C ASN A 88 -14.71 -1.46 -6.41
N HIS A 89 -13.57 -2.15 -6.22
CA HIS A 89 -12.37 -1.59 -5.55
C HIS A 89 -11.38 -0.98 -6.57
N ARG A 90 -10.73 0.12 -6.17
CA ARG A 90 -9.59 0.75 -6.89
C ARG A 90 -8.65 1.41 -5.86
N ALA A 91 -7.40 0.95 -5.76
CA ALA A 91 -6.39 1.54 -4.84
C ALA A 91 -5.11 1.94 -5.59
N VAL A 92 -4.45 3.00 -5.12
CA VAL A 92 -3.22 3.56 -5.73
C VAL A 92 -2.16 3.87 -4.62
N LEU A 93 -0.89 3.51 -4.87
CA LEU A 93 0.24 3.71 -3.94
C LEU A 93 1.29 4.67 -4.58
N GLU A 94 1.40 5.87 -4.00
CA GLU A 94 2.22 6.98 -4.53
C GLU A 94 3.39 7.35 -3.59
N VAL A 95 4.45 7.98 -4.13
CA VAL A 95 5.56 8.55 -3.32
C VAL A 95 5.89 10.00 -3.81
N VAL A 96 5.57 11.00 -2.97
CA VAL A 96 5.78 12.43 -3.25
C VAL A 96 7.03 12.98 -2.50
N PRO A 97 8.10 13.46 -3.23
CA PRO A 97 9.34 13.99 -2.59
C PRO A 97 9.12 15.36 -1.86
N ARG A 98 9.66 15.45 -0.62
CA ARG A 98 9.69 16.69 0.21
C ARG A 98 11.11 17.30 0.22
N ASP A 99 12.08 16.47 0.65
CA ASP A 99 13.50 16.82 0.76
C ASP A 99 14.37 15.78 -0.02
N ASP A 100 15.67 16.08 -0.20
CA ASP A 100 16.64 15.16 -0.86
C ASP A 100 16.71 13.79 -0.16
N ARG A 101 16.70 13.80 1.19
CA ARG A 101 16.81 12.58 2.01
C ARG A 101 15.42 12.22 2.66
N HIS A 102 14.33 12.89 2.25
CA HIS A 102 12.98 12.67 2.85
C HIS A 102 11.87 12.67 1.78
N CYS A 103 10.90 11.76 1.92
CA CYS A 103 9.75 11.63 1.00
C CYS A 103 8.44 11.44 1.79
N THR A 104 7.32 11.34 1.07
CA THR A 104 6.01 11.06 1.67
C THR A 104 5.25 10.01 0.85
N VAL A 105 5.03 8.82 1.44
CA VAL A 105 4.33 7.71 0.76
C VAL A 105 2.81 7.87 0.94
N VAL A 106 2.14 8.24 -0.15
CA VAL A 106 0.69 8.55 -0.16
C VAL A 106 -0.11 7.31 -0.63
N TRP A 107 -0.69 6.57 0.33
CA TRP A 107 -1.40 5.30 0.03
C TRP A 107 -2.94 5.51 0.07
N THR A 108 -3.57 5.26 -1.07
CA THR A 108 -4.98 5.60 -1.33
C THR A 108 -5.80 4.31 -1.65
N ALA A 109 -7.04 4.22 -1.14
CA ALA A 109 -7.96 3.09 -1.45
C ALA A 109 -9.43 3.57 -1.50
N MET A 110 -10.03 3.51 -2.70
CA MET A 110 -11.41 3.98 -2.95
C MET A 110 -12.24 2.84 -3.57
N PHE A 111 -13.40 2.57 -2.96
CA PHE A 111 -14.23 1.38 -3.25
C PHE A 111 -15.73 1.71 -3.10
N ASP A 112 -16.58 0.93 -3.78
CA ASP A 112 -18.04 1.13 -3.72
C ASP A 112 -18.62 0.44 -2.47
N CYS A 113 -18.53 1.15 -1.34
CA CYS A 113 -19.06 0.69 -0.03
C CYS A 113 -20.11 1.66 0.53
N SER A 114 -21.06 1.11 1.29
CA SER A 114 -22.15 1.90 1.95
C SER A 114 -21.55 2.85 3.02
N PRO A 115 -21.88 4.20 3.01
CA PRO A 115 -21.23 5.25 3.88
C PRO A 115 -20.92 4.86 5.35
N GLU A 116 -21.85 4.12 6.00
CA GLU A 116 -21.68 3.67 7.42
C GLU A 116 -20.48 2.70 7.54
N THR A 117 -20.49 1.65 6.69
CA THR A 117 -19.39 0.66 6.60
C THR A 117 -18.10 1.30 6.03
N ALA A 118 -18.26 2.30 5.14
CA ALA A 118 -17.14 2.95 4.43
C ALA A 118 -16.24 3.78 5.39
N ARG A 119 -16.88 4.54 6.30
CA ARG A 119 -16.16 5.34 7.34
C ARG A 119 -15.55 4.41 8.43
N GLU A 120 -16.20 3.25 8.64
CA GLU A 120 -15.66 2.16 9.47
C GLU A 120 -14.36 1.59 8.85
N LEU A 121 -14.38 1.42 7.51
CA LEU A 121 -13.24 0.89 6.74
C LEU A 121 -12.11 1.94 6.59
N GLU A 122 -12.45 3.24 6.70
CA GLU A 122 -11.43 4.31 6.81
C GLU A 122 -10.55 4.11 8.07
N SER A 123 -11.19 3.66 9.16
CA SER A 123 -10.50 3.29 10.42
C SER A 123 -9.73 1.95 10.30
N VAL A 124 -10.38 0.90 9.77
CA VAL A 124 -9.80 -0.48 9.70
C VAL A 124 -8.71 -0.62 8.60
N ILE A 125 -9.06 -0.25 7.37
CA ILE A 125 -8.13 -0.35 6.21
C ILE A 125 -7.12 0.83 6.18
N GLY A 126 -7.64 2.07 6.26
CA GLY A 126 -6.80 3.28 6.17
C GLY A 126 -5.91 3.53 7.40
N ASP A 127 -6.53 3.86 8.53
CA ASP A 127 -5.82 4.13 9.80
C ASP A 127 -5.16 2.85 10.36
N GLY A 128 -5.79 1.69 10.09
CA GLY A 128 -5.24 0.40 10.47
C GLY A 128 -4.14 -0.08 9.52
N VAL A 129 -4.51 -0.94 8.56
CA VAL A 129 -3.55 -1.66 7.65
C VAL A 129 -2.47 -0.73 7.02
N PHE A 130 -2.93 0.40 6.45
CA PHE A 130 -2.05 1.34 5.72
C PHE A 130 -1.13 2.12 6.67
N ALA A 131 -1.72 2.89 7.59
CA ALA A 131 -0.95 3.80 8.50
C ALA A 131 0.08 3.03 9.37
N VAL A 132 -0.27 1.80 9.75
CA VAL A 132 0.64 0.85 10.42
C VAL A 132 1.90 0.53 9.54
N GLY A 133 1.65 0.15 8.27
CA GLY A 133 2.71 -0.21 7.32
C GLY A 133 3.58 0.98 6.90
N LEU A 134 2.93 2.14 6.74
CA LEU A 134 3.56 3.39 6.29
C LEU A 134 4.51 3.96 7.37
N ASN A 135 4.08 3.91 8.64
CA ASN A 135 4.91 4.37 9.79
C ASN A 135 6.17 3.50 9.94
N ALA A 136 6.00 2.16 9.81
CA ALA A 136 7.12 1.19 9.89
C ALA A 136 8.14 1.39 8.73
N LEU A 137 7.64 1.83 7.56
CA LEU A 137 8.50 2.18 6.40
C LEU A 137 9.32 3.46 6.72
N ALA A 138 8.64 4.47 7.28
CA ALA A 138 9.26 5.74 7.68
C ALA A 138 10.36 5.54 8.75
N GLU A 139 10.07 4.65 9.71
CA GLU A 139 10.94 4.37 10.87
C GLU A 139 12.18 3.53 10.51
N ARG A 140 12.01 2.52 9.63
CA ARG A 140 13.09 1.54 9.34
C ARG A 140 14.36 2.19 8.71
N TYR A 141 14.15 3.21 7.87
CA TYR A 141 15.26 4.02 7.29
C TYR A 141 15.88 5.01 8.32
N GLY A 142 15.06 5.43 9.29
CA GLY A 142 15.51 6.36 10.36
C GLY A 142 16.01 5.63 11.61
N ARG A 143 15.93 4.28 11.58
CA ARG A 143 16.28 3.38 12.73
C ARG A 143 15.43 3.71 13.99
N LEU A 144 14.19 4.18 13.73
CA LEU A 144 13.16 4.54 14.72
C LEU A 144 13.58 5.78 15.55
N GLU A 145 12.81 6.89 15.39
CA GLU A 145 13.05 8.16 16.10
C GLU A 145 12.56 8.08 17.57
N HIS A 146 11.26 7.74 17.74
CA HIS A 146 10.64 7.62 19.09
C HIS A 146 9.40 6.66 19.04
N HIS A 147 9.47 5.63 18.16
CA HIS A 147 8.39 4.60 17.98
C HIS A 147 7.07 5.18 17.39
N HIS A 148 6.03 4.31 17.22
CA HIS A 148 4.68 4.74 16.76
C HIS A 148 3.60 4.53 17.86
N HIS A 149 4.05 4.48 19.14
CA HIS A 149 3.20 4.28 20.36
C HIS A 149 2.65 2.82 20.50
N HIS A 150 1.75 2.41 19.58
CA HIS A 150 0.92 1.18 19.70
C HIS A 150 -0.13 1.32 20.84
N HIS A 151 -1.36 1.72 20.45
CA HIS A 151 -2.52 1.90 21.36
C HIS A 151 -2.27 2.98 22.43
N MET A 1 -18.66 10.00 0.40
CA MET A 1 -17.51 9.32 -0.26
C MET A 1 -17.04 8.09 0.54
N ALA A 2 -16.39 7.14 -0.16
CA ALA A 2 -15.79 5.92 0.45
C ALA A 2 -14.27 5.86 0.13
N THR A 3 -13.62 7.05 0.19
CA THR A 3 -12.20 7.23 -0.21
C THR A 3 -11.29 7.46 1.02
N LEU A 4 -10.42 6.49 1.28
CA LEU A 4 -9.48 6.48 2.41
C LEU A 4 -8.08 6.95 1.96
N ARG A 5 -7.63 8.12 2.44
CA ARG A 5 -6.30 8.67 2.08
C ARG A 5 -5.36 8.68 3.30
N ARG A 6 -4.12 8.20 3.11
CA ARG A 6 -3.08 8.23 4.15
C ARG A 6 -1.73 8.67 3.54
N SER A 7 -0.94 9.44 4.30
CA SER A 7 0.39 9.92 3.86
C SER A 7 1.38 9.96 5.05
N VAL A 8 2.70 9.94 4.76
CA VAL A 8 3.75 9.93 5.80
C VAL A 8 5.07 10.55 5.27
N GLU A 9 5.79 11.31 6.12
CA GLU A 9 7.12 11.86 5.78
C GLU A 9 8.21 10.81 6.09
N VAL A 10 8.81 10.24 5.04
CA VAL A 10 9.83 9.17 5.16
C VAL A 10 11.26 9.78 5.21
N ALA A 11 12.06 9.38 6.23
CA ALA A 11 13.47 9.80 6.36
C ALA A 11 14.39 8.99 5.40
N ALA A 12 14.22 9.21 4.08
CA ALA A 12 14.93 8.45 3.01
C ALA A 12 14.68 9.05 1.60
N PRO A 13 15.63 8.87 0.63
CA PRO A 13 15.48 9.35 -0.77
C PRO A 13 14.29 8.70 -1.52
N ALA A 14 13.39 9.54 -2.10
CA ALA A 14 12.17 9.11 -2.83
C ALA A 14 12.38 7.94 -3.83
N ALA A 15 13.49 7.98 -4.59
CA ALA A 15 13.84 6.90 -5.55
C ALA A 15 14.10 5.56 -4.83
N ASP A 16 14.90 5.60 -3.74
CA ASP A 16 15.20 4.42 -2.90
C ASP A 16 13.94 3.86 -2.19
N VAL A 17 13.03 4.75 -1.78
CA VAL A 17 11.73 4.38 -1.16
C VAL A 17 10.80 3.77 -2.23
N TRP A 18 10.88 4.31 -3.46
CA TRP A 18 10.14 3.79 -4.62
C TRP A 18 10.65 2.39 -5.03
N THR A 19 11.95 2.10 -4.78
CA THR A 19 12.52 0.74 -5.00
C THR A 19 11.84 -0.31 -4.09
N LEU A 20 11.43 0.13 -2.88
CA LEU A 20 10.76 -0.72 -1.87
C LEU A 20 9.31 -1.10 -2.30
N VAL A 21 8.55 -0.09 -2.77
CA VAL A 21 7.14 -0.27 -3.23
C VAL A 21 7.03 -0.36 -4.79
N GLY A 22 8.19 -0.45 -5.49
CA GLY A 22 8.23 -0.51 -6.97
C GLY A 22 8.06 -1.91 -7.54
N ASP A 23 8.08 -2.92 -6.68
CA ASP A 23 7.68 -4.28 -7.03
C ASP A 23 6.31 -4.61 -6.41
N PHE A 24 5.42 -5.17 -7.22
CA PHE A 24 4.05 -5.54 -6.81
C PHE A 24 4.05 -6.84 -5.95
N SER A 25 5.22 -7.49 -5.83
CA SER A 25 5.41 -8.65 -4.92
C SER A 25 5.96 -8.20 -3.54
N ALA A 26 6.35 -6.92 -3.42
CA ALA A 26 7.38 -6.48 -2.42
C ALA A 26 6.77 -5.91 -1.13
N ILE A 27 5.53 -6.26 -0.83
CA ILE A 27 4.83 -5.78 0.38
C ILE A 27 5.25 -6.60 1.63
N HIS A 28 5.82 -7.81 1.41
CA HIS A 28 6.45 -8.63 2.50
C HIS A 28 7.71 -7.93 3.09
N ARG A 29 8.30 -7.02 2.30
CA ARG A 29 9.53 -6.28 2.64
C ARG A 29 9.31 -5.27 3.79
N TRP A 30 8.20 -4.50 3.71
CA TRP A 30 7.96 -3.32 4.60
C TRP A 30 6.72 -3.50 5.51
N HIS A 31 5.65 -4.14 4.99
CA HIS A 31 4.36 -4.22 5.70
C HIS A 31 4.39 -5.40 6.72
N PRO A 32 4.40 -5.12 8.07
CA PRO A 32 4.75 -6.14 9.12
C PRO A 32 3.68 -7.25 9.38
N GLN A 33 2.55 -7.24 8.64
CA GLN A 33 1.50 -8.30 8.78
C GLN A 33 1.56 -9.32 7.62
N VAL A 34 2.20 -8.94 6.51
CA VAL A 34 2.24 -9.77 5.28
C VAL A 34 3.10 -11.04 5.45
N SER A 35 2.46 -12.21 5.31
CA SER A 35 3.08 -13.55 5.46
C SER A 35 3.69 -14.06 4.11
N ALA A 36 4.28 -13.11 3.37
CA ALA A 36 4.87 -13.32 2.02
C ALA A 36 3.79 -13.70 0.96
N PRO A 37 3.46 -12.77 -0.01
CA PRO A 37 2.44 -13.04 -1.04
C PRO A 37 3.01 -13.81 -2.27
N THR A 38 2.11 -14.44 -3.04
CA THR A 38 2.48 -15.14 -4.29
C THR A 38 2.17 -14.24 -5.49
N LEU A 39 3.19 -13.94 -6.30
CA LEU A 39 3.06 -13.08 -7.49
C LEU A 39 2.62 -13.98 -8.68
N ARG A 40 1.48 -13.65 -9.31
CA ARG A 40 0.88 -14.46 -10.40
C ARG A 40 0.97 -13.71 -11.76
N GLY A 41 1.54 -14.40 -12.77
CA GLY A 41 1.75 -13.88 -14.15
C GLY A 41 2.31 -12.46 -14.31
N ALA A 42 2.41 -12.03 -15.59
CA ALA A 42 2.94 -10.71 -16.02
C ALA A 42 4.38 -10.42 -15.48
N SER A 43 4.45 -9.76 -14.31
CA SER A 43 5.70 -9.26 -13.66
C SER A 43 5.32 -8.27 -12.55
N PRO A 44 6.10 -8.16 -11.42
CA PRO A 44 5.84 -7.14 -10.36
C PRO A 44 6.01 -5.67 -10.84
N HIS A 45 6.44 -5.47 -12.10
CA HIS A 45 6.53 -4.13 -12.76
C HIS A 45 5.52 -3.99 -13.93
N THR A 46 4.87 -5.10 -14.34
CA THR A 46 3.93 -5.14 -15.51
C THR A 46 2.45 -5.31 -15.05
N PRO A 47 1.51 -4.38 -15.50
CA PRO A 47 0.04 -4.52 -15.29
C PRO A 47 -0.53 -5.92 -15.66
N GLY A 48 -1.20 -6.56 -14.68
CA GLY A 48 -1.74 -7.93 -14.84
C GLY A 48 -1.34 -8.84 -13.70
N ALA A 49 -0.17 -8.56 -13.08
CA ALA A 49 0.38 -9.35 -11.95
C ALA A 49 -0.53 -9.32 -10.70
N GLU A 50 -0.56 -10.42 -9.92
CA GLU A 50 -1.43 -10.53 -8.72
C GLU A 50 -0.63 -11.00 -7.48
N ARG A 51 -0.62 -10.20 -6.39
CA ARG A 51 0.03 -10.58 -5.12
C ARG A 51 -1.03 -11.25 -4.20
N VAL A 52 -0.79 -12.51 -3.80
CA VAL A 52 -1.77 -13.31 -3.02
C VAL A 52 -1.24 -13.58 -1.60
N PHE A 53 -1.72 -12.75 -0.65
CA PHE A 53 -1.35 -12.79 0.77
C PHE A 53 -1.68 -14.14 1.42
N GLY A 54 -0.66 -14.82 1.98
CA GLY A 54 -0.83 -16.14 2.60
C GLY A 54 -0.79 -17.29 1.59
N ALA A 55 -1.61 -17.18 0.51
CA ALA A 55 -1.60 -18.11 -0.66
C ALA A 55 -1.85 -19.59 -0.25
N GLY A 56 -2.68 -19.75 0.79
CA GLY A 56 -2.90 -21.06 1.42
C GLY A 56 -3.64 -20.92 2.75
N THR A 57 -3.50 -19.74 3.38
CA THR A 57 -4.28 -19.36 4.58
C THR A 57 -5.79 -19.27 4.25
N GLU A 58 -6.64 -19.73 5.20
CA GLU A 58 -8.12 -19.72 5.05
C GLU A 58 -8.67 -18.29 4.78
N GLU A 59 -7.99 -17.26 5.33
CA GLU A 59 -8.29 -15.84 5.03
C GLU A 59 -7.14 -15.20 4.21
N GLU A 60 -6.96 -15.67 2.96
CA GLU A 60 -6.03 -15.05 1.99
C GLU A 60 -6.64 -13.79 1.33
N LEU A 61 -5.78 -12.97 0.71
CA LEU A 61 -6.19 -11.74 -0.01
C LEU A 61 -5.47 -11.68 -1.39
N VAL A 62 -6.24 -11.43 -2.47
CA VAL A 62 -5.67 -11.26 -3.83
C VAL A 62 -5.81 -9.79 -4.29
N GLU A 63 -4.68 -9.16 -4.70
CA GLU A 63 -4.68 -7.82 -5.32
C GLU A 63 -4.10 -7.94 -6.76
N ARG A 64 -4.85 -7.43 -7.77
CA ARG A 64 -4.40 -7.39 -9.18
C ARG A 64 -3.92 -5.97 -9.58
N LEU A 65 -2.75 -5.92 -10.25
CA LEU A 65 -2.10 -4.69 -10.72
C LEU A 65 -2.81 -4.12 -11.97
N VAL A 66 -3.44 -2.94 -11.80
CA VAL A 66 -4.17 -2.25 -12.89
C VAL A 66 -3.18 -1.53 -13.86
N GLU A 67 -2.30 -0.70 -13.28
CA GLU A 67 -1.39 0.18 -14.06
C GLU A 67 -0.20 0.65 -13.20
N ARG A 68 0.92 0.98 -13.87
CA ARG A 68 2.19 1.34 -13.22
C ARG A 68 2.88 2.52 -13.95
N ASP A 69 3.17 3.60 -13.20
CA ASP A 69 3.91 4.77 -13.71
C ASP A 69 5.18 5.03 -12.86
N GLU A 70 6.23 4.21 -13.07
CA GLU A 70 7.51 4.34 -12.31
C GLU A 70 8.27 5.65 -12.63
N SER A 71 7.93 6.29 -13.77
CA SER A 71 8.40 7.65 -14.10
C SER A 71 7.82 8.70 -13.12
N ALA A 72 6.49 8.60 -12.88
CA ALA A 72 5.75 9.50 -11.97
C ALA A 72 5.74 9.00 -10.49
N ARG A 73 6.36 7.81 -10.24
CA ARG A 73 6.37 7.14 -8.91
C ARG A 73 4.93 6.82 -8.43
N ARG A 74 4.16 6.17 -9.32
CA ARG A 74 2.72 5.88 -9.12
C ARG A 74 2.45 4.36 -9.32
N LEU A 75 1.70 3.75 -8.39
CA LEU A 75 1.32 2.31 -8.45
C LEU A 75 -0.19 2.16 -8.21
N VAL A 76 -0.95 1.81 -9.28
CA VAL A 76 -2.43 1.67 -9.24
C VAL A 76 -2.81 0.17 -9.28
N TYR A 77 -3.68 -0.26 -8.34
CA TYR A 77 -4.17 -1.65 -8.29
C TYR A 77 -5.60 -1.77 -7.70
N THR A 78 -6.09 -3.02 -7.65
CA THR A 78 -7.50 -3.36 -7.33
C THR A 78 -7.56 -4.75 -6.64
N MET A 79 -8.42 -4.95 -5.63
CA MET A 79 -8.62 -6.29 -5.00
C MET A 79 -9.81 -7.04 -5.65
N PRO A 80 -9.56 -8.09 -6.53
CA PRO A 80 -10.65 -8.94 -7.10
C PRO A 80 -11.26 -9.91 -6.04
N ASP A 81 -10.46 -10.24 -4.98
CA ASP A 81 -10.91 -11.11 -3.88
C ASP A 81 -10.70 -10.42 -2.50
N PRO A 82 -11.60 -9.45 -2.09
CA PRO A 82 -11.55 -8.81 -0.76
C PRO A 82 -12.35 -9.59 0.34
N PRO A 83 -11.89 -9.57 1.64
CA PRO A 83 -12.68 -10.15 2.78
C PRO A 83 -13.73 -9.14 3.35
N PHE A 84 -13.81 -7.95 2.73
CA PHE A 84 -14.75 -6.88 3.12
C PHE A 84 -15.95 -6.85 2.13
N PRO A 85 -17.15 -6.30 2.55
CA PRO A 85 -18.33 -6.13 1.65
C PRO A 85 -18.17 -4.91 0.68
N ILE A 86 -17.07 -4.93 -0.12
CA ILE A 86 -16.74 -3.88 -1.10
C ILE A 86 -16.62 -4.51 -2.51
N THR A 87 -17.22 -3.86 -3.52
CA THR A 87 -17.32 -4.42 -4.90
C THR A 87 -15.96 -4.36 -5.66
N ASN A 88 -15.63 -3.19 -6.25
CA ASN A 88 -14.46 -3.05 -7.14
C ASN A 88 -13.13 -2.94 -6.35
N HIS A 89 -13.08 -1.94 -5.45
CA HIS A 89 -11.86 -1.50 -4.72
C HIS A 89 -10.70 -1.05 -5.64
N ARG A 90 -10.18 0.15 -5.38
CA ARG A 90 -8.93 0.70 -5.97
C ARG A 90 -7.99 1.09 -4.83
N ALA A 91 -6.67 1.08 -5.10
CA ALA A 91 -5.63 1.50 -4.14
C ALA A 91 -4.36 1.93 -4.89
N VAL A 92 -3.76 3.06 -4.47
CA VAL A 92 -2.60 3.66 -5.19
C VAL A 92 -1.48 4.16 -4.23
N LEU A 93 -0.20 3.90 -4.63
CA LEU A 93 1.01 4.42 -3.97
C LEU A 93 1.62 5.56 -4.82
N GLU A 94 1.71 6.77 -4.25
CA GLU A 94 2.38 7.92 -4.92
C GLU A 94 3.50 8.47 -4.00
N VAL A 95 4.77 8.27 -4.40
CA VAL A 95 5.93 8.75 -3.61
C VAL A 95 6.36 10.15 -4.11
N VAL A 96 6.11 11.16 -3.28
CA VAL A 96 6.28 12.59 -3.63
C VAL A 96 7.55 13.18 -2.93
N PRO A 97 8.64 13.52 -3.69
CA PRO A 97 9.91 14.02 -3.09
C PRO A 97 9.76 15.42 -2.44
N ARG A 98 9.84 15.48 -1.10
CA ARG A 98 9.90 16.76 -0.35
C ARG A 98 11.32 17.36 -0.47
N ASP A 99 12.32 16.50 -0.26
CA ASP A 99 13.74 16.78 -0.52
C ASP A 99 14.30 15.71 -1.50
N ASP A 100 15.65 15.65 -1.62
CA ASP A 100 16.33 14.53 -2.31
C ASP A 100 16.48 13.32 -1.38
N ARG A 101 16.70 13.58 -0.07
CA ARG A 101 16.90 12.52 0.95
C ARG A 101 15.67 12.42 1.91
N HIS A 102 14.54 13.07 1.54
CA HIS A 102 13.24 12.94 2.26
C HIS A 102 12.07 12.94 1.24
N CYS A 103 10.96 12.29 1.60
CA CYS A 103 9.78 12.15 0.71
C CYS A 103 8.47 11.98 1.51
N THR A 104 7.34 11.89 0.78
CA THR A 104 6.02 11.61 1.36
C THR A 104 5.30 10.55 0.51
N VAL A 105 5.10 9.35 1.09
CA VAL A 105 4.42 8.23 0.42
C VAL A 105 2.91 8.29 0.73
N VAL A 106 2.10 8.49 -0.33
CA VAL A 106 0.65 8.61 -0.23
C VAL A 106 -0.01 7.25 -0.61
N TRP A 107 -0.51 6.52 0.39
CA TRP A 107 -1.23 5.25 0.17
C TRP A 107 -2.74 5.53 0.33
N THR A 108 -3.50 5.32 -0.76
CA THR A 108 -4.93 5.69 -0.84
C THR A 108 -5.76 4.46 -1.29
N ALA A 109 -7.04 4.43 -0.90
CA ALA A 109 -8.02 3.41 -1.30
C ALA A 109 -9.38 4.07 -1.58
N MET A 110 -10.21 3.43 -2.41
CA MET A 110 -11.58 3.89 -2.74
C MET A 110 -12.37 2.73 -3.37
N PHE A 111 -13.55 2.45 -2.79
CA PHE A 111 -14.30 1.20 -3.05
C PHE A 111 -15.82 1.45 -3.13
N ASP A 112 -16.52 0.54 -3.82
CA ASP A 112 -17.98 0.58 -3.95
C ASP A 112 -18.66 -0.09 -2.73
N CYS A 113 -18.86 0.71 -1.67
CA CYS A 113 -19.58 0.29 -0.44
C CYS A 113 -20.38 1.48 0.14
N SER A 114 -21.31 1.15 1.07
CA SER A 114 -22.17 2.17 1.75
C SER A 114 -21.35 3.08 2.70
N PRO A 115 -21.74 4.39 2.90
CA PRO A 115 -21.05 5.29 3.87
C PRO A 115 -21.18 4.80 5.35
N GLU A 116 -22.22 3.98 5.62
CA GLU A 116 -22.46 3.33 6.92
C GLU A 116 -21.34 2.30 7.26
N THR A 117 -20.94 1.50 6.26
CA THR A 117 -19.86 0.49 6.39
C THR A 117 -18.47 1.14 6.16
N ALA A 118 -18.42 2.18 5.30
CA ALA A 118 -17.16 2.84 4.89
C ALA A 118 -16.45 3.54 6.07
N ARG A 119 -17.24 4.10 7.01
CA ARG A 119 -16.72 4.74 8.24
C ARG A 119 -16.00 3.72 9.17
N GLU A 120 -16.52 2.47 9.17
CA GLU A 120 -15.90 1.34 9.89
C GLU A 120 -14.60 0.91 9.20
N LEU A 121 -14.63 0.94 7.86
CA LEU A 121 -13.48 0.57 7.00
C LEU A 121 -12.37 1.65 7.05
N GLU A 122 -12.73 2.92 7.38
CA GLU A 122 -11.72 3.98 7.65
C GLU A 122 -10.84 3.60 8.86
N SER A 123 -11.48 3.00 9.88
CA SER A 123 -10.79 2.43 11.07
C SER A 123 -9.91 1.20 10.69
N VAL A 124 -10.55 0.19 10.07
CA VAL A 124 -9.89 -1.13 9.78
C VAL A 124 -8.76 -1.02 8.70
N ILE A 125 -9.13 -0.46 7.54
CA ILE A 125 -8.24 -0.35 6.37
C ILE A 125 -7.30 0.88 6.49
N GLY A 126 -7.90 2.09 6.61
CA GLY A 126 -7.14 3.37 6.59
C GLY A 126 -6.25 3.61 7.82
N ASP A 127 -6.83 3.46 9.02
CA ASP A 127 -6.13 3.72 10.30
C ASP A 127 -5.42 2.43 10.82
N GLY A 128 -5.95 1.27 10.41
CA GLY A 128 -5.32 -0.02 10.71
C GLY A 128 -4.18 -0.33 9.72
N VAL A 129 -4.54 -0.99 8.60
CA VAL A 129 -3.58 -1.53 7.60
C VAL A 129 -2.62 -0.44 7.02
N PHE A 130 -3.18 0.72 6.63
CA PHE A 130 -2.45 1.77 5.91
C PHE A 130 -1.55 2.60 6.82
N ALA A 131 -2.10 3.10 7.95
CA ALA A 131 -1.31 3.84 8.96
C ALA A 131 -0.13 3.00 9.48
N VAL A 132 -0.38 1.72 9.80
CA VAL A 132 0.66 0.75 10.20
C VAL A 132 1.76 0.59 9.11
N GLY A 133 1.33 0.36 7.86
CA GLY A 133 2.25 0.13 6.75
C GLY A 133 3.19 1.31 6.46
N LEU A 134 2.60 2.51 6.37
CA LEU A 134 3.32 3.77 6.08
C LEU A 134 4.23 4.22 7.25
N ASN A 135 3.77 4.02 8.50
CA ASN A 135 4.57 4.36 9.70
C ASN A 135 5.81 3.45 9.80
N ALA A 136 5.59 2.12 9.72
CA ALA A 136 6.68 1.12 9.77
C ALA A 136 7.69 1.29 8.60
N LEU A 137 7.17 1.80 7.46
CA LEU A 137 8.00 2.15 6.29
C LEU A 137 8.91 3.38 6.62
N ALA A 138 8.32 4.42 7.23
CA ALA A 138 9.06 5.63 7.64
C ALA A 138 10.04 5.36 8.83
N GLU A 139 9.67 4.38 9.68
CA GLU A 139 10.46 3.98 10.86
C GLU A 139 11.72 3.19 10.48
N ARG A 140 11.58 2.22 9.56
CA ARG A 140 12.69 1.33 9.13
C ARG A 140 13.85 2.11 8.45
N TYR A 141 13.50 3.24 7.79
CA TYR A 141 14.48 4.14 7.15
C TYR A 141 15.15 5.11 8.17
N GLY A 142 14.50 5.38 9.33
CA GLY A 142 15.08 6.30 10.32
C GLY A 142 14.22 6.57 11.56
N ARG A 143 12.90 6.74 11.32
CA ARG A 143 11.91 7.23 12.34
C ARG A 143 12.12 8.73 12.70
N LEU A 144 12.87 9.47 11.84
CA LEU A 144 12.94 10.95 11.90
C LEU A 144 11.76 11.55 11.09
N GLU A 145 10.55 11.01 11.34
CA GLU A 145 9.33 11.28 10.54
C GLU A 145 8.40 12.30 11.23
N HIS A 146 7.17 12.45 10.68
CA HIS A 146 6.15 13.42 11.16
C HIS A 146 5.75 13.24 12.66
N HIS A 147 6.12 12.08 13.24
CA HIS A 147 5.80 11.68 14.62
C HIS A 147 4.31 11.32 14.77
N HIS A 148 4.02 10.02 14.52
CA HIS A 148 2.68 9.43 14.70
C HIS A 148 2.34 9.16 16.18
N HIS A 149 3.33 9.42 17.09
CA HIS A 149 3.18 9.37 18.57
C HIS A 149 2.84 7.94 19.08
N HIS A 150 1.57 7.54 18.98
CA HIS A 150 1.10 6.20 19.42
C HIS A 150 0.92 5.25 18.21
N HIS A 151 0.05 5.63 17.27
CA HIS A 151 -0.32 4.78 16.12
C HIS A 151 -0.55 5.66 14.87
N MET A 1 -17.86 10.54 0.42
CA MET A 1 -16.49 10.10 0.00
C MET A 1 -16.22 8.64 0.43
N ALA A 2 -16.09 7.75 -0.56
CA ALA A 2 -15.68 6.34 -0.37
C ALA A 2 -14.16 6.19 -0.66
N THR A 3 -13.42 7.32 -0.56
CA THR A 3 -11.98 7.41 -0.89
C THR A 3 -11.15 7.66 0.40
N LEU A 4 -10.26 6.73 0.70
CA LEU A 4 -9.32 6.81 1.85
C LEU A 4 -7.98 7.35 1.35
N ARG A 5 -7.34 8.23 2.12
CA ARG A 5 -5.99 8.75 1.79
C ARG A 5 -5.16 9.03 3.07
N ARG A 6 -3.96 8.45 3.10
CA ARG A 6 -3.00 8.56 4.23
C ARG A 6 -1.60 8.95 3.69
N SER A 7 -0.75 9.52 4.57
CA SER A 7 0.62 9.98 4.18
C SER A 7 1.58 10.01 5.40
N VAL A 8 2.90 9.88 5.14
CA VAL A 8 3.94 9.82 6.21
C VAL A 8 5.30 10.38 5.70
N GLU A 9 6.09 11.04 6.59
CA GLU A 9 7.45 11.55 6.23
C GLU A 9 8.51 10.45 6.48
N VAL A 10 9.05 9.91 5.37
CA VAL A 10 10.12 8.89 5.39
C VAL A 10 11.51 9.56 5.28
N ALA A 11 12.48 9.07 6.07
CA ALA A 11 13.87 9.57 6.05
C ALA A 11 14.74 8.94 4.93
N ALA A 12 14.14 8.80 3.73
CA ALA A 12 14.83 8.23 2.53
C ALA A 12 14.39 9.00 1.26
N PRO A 13 15.30 9.13 0.23
CA PRO A 13 14.92 9.68 -1.10
C PRO A 13 13.86 8.81 -1.82
N ALA A 14 12.92 9.50 -2.53
CA ALA A 14 11.75 8.89 -3.21
C ALA A 14 12.08 7.71 -4.14
N ALA A 15 13.26 7.75 -4.80
CA ALA A 15 13.74 6.66 -5.69
C ALA A 15 14.01 5.34 -4.89
N ASP A 16 14.77 5.45 -3.77
CA ASP A 16 15.04 4.30 -2.86
C ASP A 16 13.74 3.71 -2.26
N VAL A 17 12.79 4.60 -1.91
CA VAL A 17 11.47 4.20 -1.38
C VAL A 17 10.60 3.55 -2.49
N TRP A 18 10.73 4.05 -3.73
CA TRP A 18 10.02 3.50 -4.91
C TRP A 18 10.55 2.09 -5.26
N THR A 19 11.85 1.86 -4.99
CA THR A 19 12.47 0.52 -5.10
C THR A 19 11.89 -0.44 -4.03
N LEU A 20 11.54 0.12 -2.86
CA LEU A 20 10.99 -0.65 -1.72
C LEU A 20 9.50 -1.05 -1.94
N VAL A 21 8.66 -0.06 -2.25
CA VAL A 21 7.19 -0.25 -2.43
C VAL A 21 6.81 -0.86 -3.81
N GLY A 22 7.60 -0.52 -4.85
CA GLY A 22 7.32 -0.93 -6.25
C GLY A 22 7.36 -2.44 -6.50
N ASP A 23 8.23 -3.15 -5.74
CA ASP A 23 8.23 -4.62 -5.75
C ASP A 23 6.99 -5.16 -5.00
N PHE A 24 5.93 -5.48 -5.76
CA PHE A 24 4.69 -6.10 -5.22
C PHE A 24 4.94 -7.55 -4.69
N SER A 25 6.05 -8.17 -5.13
CA SER A 25 6.50 -9.47 -4.60
C SER A 25 7.18 -9.31 -3.21
N ALA A 26 7.75 -8.12 -2.97
CA ALA A 26 8.64 -7.86 -1.83
C ALA A 26 8.14 -6.67 -0.98
N ILE A 27 6.81 -6.49 -1.01
CA ILE A 27 6.10 -5.47 -0.19
C ILE A 27 6.24 -5.76 1.34
N HIS A 28 6.42 -7.04 1.69
CA HIS A 28 6.66 -7.50 3.09
C HIS A 28 7.95 -6.90 3.75
N ARG A 29 8.82 -6.25 2.94
CA ARG A 29 10.07 -5.61 3.45
C ARG A 29 9.79 -4.33 4.27
N TRP A 30 8.64 -3.69 4.02
CA TRP A 30 8.21 -2.45 4.73
C TRP A 30 6.84 -2.64 5.41
N HIS A 31 5.99 -3.47 4.80
CA HIS A 31 4.62 -3.73 5.29
C HIS A 31 4.59 -5.00 6.17
N PRO A 32 4.50 -4.85 7.55
CA PRO A 32 4.58 -6.00 8.51
C PRO A 32 3.42 -7.03 8.38
N GLN A 33 2.32 -6.63 7.71
CA GLN A 33 1.09 -7.45 7.62
C GLN A 33 1.02 -8.30 6.33
N VAL A 34 1.93 -8.06 5.35
CA VAL A 34 2.07 -8.97 4.19
C VAL A 34 2.81 -10.26 4.61
N SER A 35 2.10 -11.40 4.51
CA SER A 35 2.65 -12.75 4.83
C SER A 35 3.37 -13.39 3.60
N ALA A 36 3.93 -12.51 2.74
CA ALA A 36 4.60 -12.87 1.45
C ALA A 36 3.57 -13.41 0.40
N PRO A 37 3.46 -12.76 -0.81
CA PRO A 37 2.46 -13.12 -1.82
C PRO A 37 2.95 -14.07 -2.97
N THR A 38 1.99 -14.82 -3.57
CA THR A 38 2.25 -15.73 -4.72
C THR A 38 1.83 -15.05 -6.04
N LEU A 39 2.76 -14.94 -6.99
CA LEU A 39 2.56 -14.17 -8.25
C LEU A 39 1.80 -14.98 -9.31
N ARG A 40 0.66 -14.40 -9.76
CA ARG A 40 -0.21 -14.95 -10.81
C ARG A 40 0.03 -14.21 -12.15
N GLY A 41 0.42 -14.95 -13.21
CA GLY A 41 0.73 -14.42 -14.55
C GLY A 41 1.60 -13.15 -14.64
N ALA A 42 1.81 -12.70 -15.91
CA ALA A 42 2.58 -11.49 -16.30
C ALA A 42 3.89 -11.23 -15.47
N SER A 43 3.81 -10.35 -14.44
CA SER A 43 4.98 -9.94 -13.60
C SER A 43 4.52 -8.99 -12.46
N PRO A 44 5.20 -8.99 -11.27
CA PRO A 44 4.93 -8.00 -10.17
C PRO A 44 5.18 -6.52 -10.59
N HIS A 45 5.83 -6.32 -11.75
CA HIS A 45 6.08 -4.99 -12.34
C HIS A 45 5.34 -4.79 -13.70
N THR A 46 4.55 -5.79 -14.16
CA THR A 46 3.69 -5.63 -15.37
C THR A 46 2.23 -5.28 -14.94
N PRO A 47 1.70 -4.06 -15.33
CA PRO A 47 0.29 -3.66 -15.03
C PRO A 47 -0.75 -4.65 -15.62
N GLY A 48 -1.13 -5.64 -14.80
CA GLY A 48 -2.03 -6.71 -15.20
C GLY A 48 -2.05 -7.87 -14.21
N ALA A 49 -0.84 -8.24 -13.71
CA ALA A 49 -0.64 -9.44 -12.86
C ALA A 49 -1.30 -9.32 -11.46
N GLU A 50 -1.42 -10.47 -10.78
CA GLU A 50 -2.04 -10.58 -9.44
C GLU A 50 -1.03 -11.17 -8.44
N ARG A 51 -1.32 -11.06 -7.13
CA ARG A 51 -0.57 -11.79 -6.07
C ARG A 51 -1.47 -12.17 -4.88
N VAL A 52 -1.18 -13.35 -4.27
CA VAL A 52 -2.00 -13.94 -3.21
C VAL A 52 -1.21 -14.05 -1.87
N PHE A 53 -1.58 -13.20 -0.90
CA PHE A 53 -0.96 -13.17 0.45
C PHE A 53 -1.28 -14.48 1.23
N GLY A 54 -0.24 -15.31 1.45
CA GLY A 54 -0.41 -16.63 2.11
C GLY A 54 -0.59 -17.77 1.09
N ALA A 55 -1.69 -17.71 0.31
CA ALA A 55 -1.97 -18.60 -0.86
C ALA A 55 -2.10 -20.11 -0.51
N GLY A 56 -3.31 -20.68 -0.72
CA GLY A 56 -3.56 -22.10 -0.41
C GLY A 56 -3.90 -22.34 1.06
N THR A 57 -4.28 -21.25 1.75
CA THR A 57 -4.75 -21.25 3.15
C THR A 57 -6.30 -21.32 3.18
N GLU A 58 -6.89 -21.15 4.38
CA GLU A 58 -8.36 -21.01 4.51
C GLU A 58 -8.78 -19.53 4.43
N GLU A 59 -7.85 -18.62 4.80
CA GLU A 59 -8.07 -17.16 4.71
C GLU A 59 -6.82 -16.48 4.12
N GLU A 60 -6.82 -16.29 2.78
CA GLU A 60 -5.78 -15.49 2.06
C GLU A 60 -6.36 -14.19 1.47
N LEU A 61 -5.53 -13.45 0.73
CA LEU A 61 -5.92 -12.20 0.04
C LEU A 61 -5.38 -12.17 -1.40
N VAL A 62 -6.28 -12.13 -2.40
CA VAL A 62 -5.89 -11.98 -3.82
C VAL A 62 -6.12 -10.51 -4.26
N GLU A 63 -5.04 -9.84 -4.72
CA GLU A 63 -5.11 -8.48 -5.29
C GLU A 63 -4.53 -8.47 -6.73
N ARG A 64 -4.76 -7.38 -7.48
CA ARG A 64 -4.55 -7.31 -8.94
C ARG A 64 -3.95 -5.95 -9.33
N LEU A 65 -2.67 -5.94 -9.72
CA LEU A 65 -1.97 -4.74 -10.25
C LEU A 65 -2.67 -4.19 -11.52
N VAL A 66 -3.39 -3.06 -11.36
CA VAL A 66 -4.11 -2.41 -12.47
C VAL A 66 -3.15 -1.61 -13.38
N GLU A 67 -2.33 -0.75 -12.76
CA GLU A 67 -1.47 0.21 -13.47
C GLU A 67 -0.17 0.50 -12.68
N ARG A 68 0.91 0.84 -13.41
CA ARG A 68 2.24 1.14 -12.82
C ARG A 68 2.93 2.28 -13.61
N ASP A 69 3.42 3.30 -12.88
CA ASP A 69 4.11 4.49 -13.45
C ASP A 69 5.37 4.82 -12.61
N GLU A 70 6.55 4.77 -13.23
CA GLU A 70 7.81 5.29 -12.62
C GLU A 70 7.90 6.81 -12.80
N SER A 71 7.42 7.29 -13.97
CA SER A 71 7.39 8.74 -14.33
C SER A 71 6.48 9.57 -13.39
N ALA A 72 5.34 8.98 -12.98
CA ALA A 72 4.40 9.61 -12.00
C ALA A 72 4.64 9.10 -10.55
N ARG A 73 5.44 8.01 -10.43
CA ARG A 73 5.76 7.33 -9.15
C ARG A 73 4.45 6.82 -8.48
N ARG A 74 3.61 6.19 -9.32
CA ARG A 74 2.21 5.81 -9.04
C ARG A 74 2.02 4.28 -9.21
N LEU A 75 1.55 3.60 -8.16
CA LEU A 75 1.37 2.11 -8.16
C LEU A 75 -0.11 1.75 -7.81
N VAL A 76 -0.86 1.31 -8.83
CA VAL A 76 -2.33 1.13 -8.75
C VAL A 76 -2.72 -0.37 -8.72
N TYR A 77 -3.56 -0.78 -7.76
CA TYR A 77 -4.07 -2.17 -7.63
C TYR A 77 -5.57 -2.22 -7.26
N THR A 78 -6.12 -3.44 -7.28
CA THR A 78 -7.56 -3.75 -7.00
C THR A 78 -7.67 -5.16 -6.40
N MET A 79 -8.52 -5.36 -5.38
CA MET A 79 -8.75 -6.69 -4.77
C MET A 79 -9.98 -7.38 -5.42
N PRO A 80 -9.79 -8.42 -6.30
CA PRO A 80 -10.91 -9.26 -6.84
C PRO A 80 -11.46 -10.25 -5.77
N ASP A 81 -10.66 -10.49 -4.72
CA ASP A 81 -11.09 -11.25 -3.52
C ASP A 81 -10.82 -10.39 -2.25
N PRO A 82 -11.71 -9.38 -1.95
CA PRO A 82 -11.54 -8.48 -0.79
C PRO A 82 -11.98 -9.13 0.56
N PRO A 83 -11.22 -8.91 1.68
CA PRO A 83 -11.63 -9.40 3.03
C PRO A 83 -12.60 -8.43 3.75
N PHE A 84 -13.08 -7.40 3.01
CA PHE A 84 -14.02 -6.39 3.50
C PHE A 84 -15.24 -6.30 2.53
N PRO A 85 -16.50 -6.12 3.04
CA PRO A 85 -17.71 -6.01 2.19
C PRO A 85 -17.72 -4.74 1.28
N ILE A 86 -17.11 -4.88 0.09
CA ILE A 86 -17.07 -3.85 -0.98
C ILE A 86 -17.33 -4.52 -2.36
N THR A 87 -17.56 -3.72 -3.40
CA THR A 87 -17.87 -4.24 -4.76
C THR A 87 -16.60 -4.36 -5.64
N ASN A 88 -16.17 -3.26 -6.30
CA ASN A 88 -15.10 -3.30 -7.33
C ASN A 88 -13.68 -3.17 -6.71
N HIS A 89 -13.53 -2.21 -5.77
CA HIS A 89 -12.25 -1.79 -5.16
C HIS A 89 -11.26 -1.13 -6.17
N ARG A 90 -10.55 -0.10 -5.70
CA ARG A 90 -9.38 0.48 -6.37
C ARG A 90 -8.45 1.08 -5.28
N ALA A 91 -7.13 1.14 -5.54
CA ALA A 91 -6.13 1.69 -4.59
C ALA A 91 -4.83 2.10 -5.31
N VAL A 92 -4.11 3.09 -4.77
CA VAL A 92 -2.85 3.59 -5.35
C VAL A 92 -1.75 3.91 -4.29
N LEU A 93 -0.48 3.77 -4.71
CA LEU A 93 0.72 4.01 -3.89
C LEU A 93 1.56 5.11 -4.60
N GLU A 94 1.61 6.34 -4.04
CA GLU A 94 2.31 7.50 -4.66
C GLU A 94 3.32 8.14 -3.69
N VAL A 95 4.62 8.07 -4.03
CA VAL A 95 5.70 8.67 -3.20
C VAL A 95 6.06 10.09 -3.71
N VAL A 96 6.03 11.08 -2.82
CA VAL A 96 6.20 12.52 -3.14
C VAL A 96 7.53 13.08 -2.52
N PRO A 97 8.52 13.55 -3.35
CA PRO A 97 9.84 14.01 -2.86
C PRO A 97 9.84 15.45 -2.23
N ARG A 98 9.98 15.53 -0.89
CA ARG A 98 10.09 16.80 -0.13
C ARG A 98 11.54 17.37 -0.16
N ASP A 99 12.51 16.45 -0.16
CA ASP A 99 13.95 16.77 0.04
C ASP A 99 14.82 15.65 -0.57
N ASP A 100 16.12 15.95 -0.78
CA ASP A 100 17.11 15.02 -1.39
C ASP A 100 17.28 13.69 -0.59
N ARG A 101 16.94 13.72 0.71
CA ARG A 101 17.05 12.55 1.62
C ARG A 101 15.71 12.29 2.37
N HIS A 102 14.64 13.04 2.04
CA HIS A 102 13.33 12.94 2.76
C HIS A 102 12.15 12.99 1.76
N CYS A 103 11.21 12.04 1.88
CA CYS A 103 10.04 11.93 0.97
C CYS A 103 8.77 11.64 1.80
N THR A 104 7.61 11.53 1.11
CA THR A 104 6.31 11.23 1.77
C THR A 104 5.54 10.15 1.00
N VAL A 105 5.28 9.00 1.65
CA VAL A 105 4.53 7.88 1.04
C VAL A 105 3.01 8.08 1.25
N VAL A 106 2.30 8.36 0.15
CA VAL A 106 0.85 8.60 0.15
C VAL A 106 0.11 7.34 -0.32
N TRP A 107 -0.64 6.67 0.59
CA TRP A 107 -1.37 5.42 0.28
C TRP A 107 -2.90 5.69 0.31
N THR A 108 -3.58 5.36 -0.81
CA THR A 108 -4.99 5.72 -1.06
C THR A 108 -5.82 4.46 -1.45
N ALA A 109 -7.11 4.40 -1.06
CA ALA A 109 -8.04 3.30 -1.44
C ALA A 109 -9.50 3.81 -1.62
N MET A 110 -9.99 3.74 -2.87
CA MET A 110 -11.35 4.18 -3.26
C MET A 110 -12.16 2.97 -3.78
N PHE A 111 -13.34 2.73 -3.20
CA PHE A 111 -14.13 1.49 -3.45
C PHE A 111 -15.65 1.74 -3.38
N ASP A 112 -16.42 0.98 -4.21
CA ASP A 112 -17.89 1.05 -4.23
C ASP A 112 -18.46 0.28 -3.02
N CYS A 113 -18.57 1.00 -1.91
CA CYS A 113 -19.09 0.47 -0.62
C CYS A 113 -20.37 1.20 -0.17
N SER A 114 -21.09 0.58 0.78
CA SER A 114 -22.35 1.15 1.36
C SER A 114 -22.03 2.15 2.50
N PRO A 115 -22.93 3.18 2.77
CA PRO A 115 -22.65 4.33 3.70
C PRO A 115 -22.05 3.94 5.09
N GLU A 116 -22.82 3.16 5.88
CA GLU A 116 -22.41 2.71 7.25
C GLU A 116 -21.15 1.83 7.23
N THR A 117 -20.96 1.06 6.15
CA THR A 117 -19.78 0.20 6.00
C THR A 117 -18.51 1.02 5.66
N ALA A 118 -18.69 2.12 4.88
CA ALA A 118 -17.57 2.97 4.41
C ALA A 118 -16.97 3.80 5.57
N ARG A 119 -17.86 4.42 6.39
CA ARG A 119 -17.44 5.15 7.63
C ARG A 119 -16.84 4.19 8.70
N GLU A 120 -17.20 2.90 8.62
CA GLU A 120 -16.55 1.84 9.42
C GLU A 120 -15.13 1.48 8.86
N LEU A 121 -15.00 1.42 7.52
CA LEU A 121 -13.76 0.96 6.83
C LEU A 121 -12.62 2.00 6.85
N GLU A 122 -12.94 3.31 6.96
CA GLU A 122 -11.91 4.39 6.88
C GLU A 122 -10.84 4.30 8.01
N SER A 123 -11.23 3.89 9.24
CA SER A 123 -10.28 3.58 10.34
C SER A 123 -9.64 2.17 10.20
N VAL A 124 -10.45 1.14 9.87
CA VAL A 124 -9.95 -0.27 9.79
C VAL A 124 -8.84 -0.43 8.71
N ILE A 125 -9.12 0.06 7.51
CA ILE A 125 -8.18 0.01 6.36
C ILE A 125 -7.15 1.17 6.44
N GLY A 126 -7.65 2.41 6.67
CA GLY A 126 -6.79 3.62 6.68
C GLY A 126 -5.76 3.68 7.81
N ASP A 127 -6.17 3.30 9.04
CA ASP A 127 -5.27 3.25 10.21
C ASP A 127 -4.68 1.81 10.40
N GLY A 128 -5.59 0.84 10.58
CA GLY A 128 -5.23 -0.53 10.99
C GLY A 128 -4.43 -1.34 9.95
N VAL A 129 -4.45 -0.92 8.67
CA VAL A 129 -3.66 -1.57 7.59
C VAL A 129 -2.61 -0.58 7.00
N PHE A 130 -3.09 0.61 6.60
CA PHE A 130 -2.27 1.61 5.87
C PHE A 130 -1.27 2.33 6.78
N ALA A 131 -1.79 3.04 7.82
CA ALA A 131 -0.94 3.82 8.75
C ALA A 131 0.14 2.94 9.41
N VAL A 132 -0.21 1.67 9.67
CA VAL A 132 0.74 0.63 10.13
C VAL A 132 1.99 0.50 9.21
N GLY A 133 1.76 0.26 7.91
CA GLY A 133 2.86 0.08 6.94
C GLY A 133 3.66 1.36 6.67
N LEU A 134 2.93 2.49 6.66
CA LEU A 134 3.50 3.85 6.46
C LEU A 134 4.48 4.24 7.60
N ASN A 135 4.03 4.02 8.86
CA ASN A 135 4.83 4.34 10.07
C ASN A 135 6.12 3.51 10.11
N ALA A 136 6.00 2.19 9.87
CA ALA A 136 7.16 1.26 9.86
C ALA A 136 8.17 1.59 8.74
N LEU A 137 7.66 2.09 7.59
CA LEU A 137 8.50 2.53 6.44
C LEU A 137 9.33 3.79 6.84
N ALA A 138 8.67 4.74 7.51
CA ALA A 138 9.32 5.98 7.98
C ALA A 138 10.37 5.69 9.09
N GLU A 139 9.99 4.82 10.04
CA GLU A 139 10.79 4.50 11.25
C GLU A 139 12.01 3.59 10.95
N ARG A 140 11.89 2.70 9.95
CA ARG A 140 13.04 1.84 9.51
C ARG A 140 14.17 2.68 8.87
N TYR A 141 13.81 3.82 8.24
CA TYR A 141 14.79 4.79 7.68
C TYR A 141 15.12 5.92 8.69
N GLY A 142 14.42 5.94 9.84
CA GLY A 142 14.62 6.99 10.88
C GLY A 142 15.94 6.85 11.68
N ARG A 143 16.96 6.19 11.09
CA ARG A 143 18.30 6.02 11.67
C ARG A 143 19.07 7.36 11.78
N LEU A 144 18.74 8.34 10.92
CA LEU A 144 19.40 9.67 10.90
C LEU A 144 18.43 10.83 11.29
N GLU A 145 17.13 10.53 11.42
CA GLU A 145 16.09 11.58 11.65
C GLU A 145 15.69 11.77 13.14
N HIS A 146 14.90 12.82 13.36
CA HIS A 146 14.47 13.30 14.69
C HIS A 146 12.93 13.45 14.76
N HIS A 147 12.40 13.62 15.99
CA HIS A 147 10.95 13.64 16.29
C HIS A 147 10.26 12.29 15.97
N HIS A 148 10.09 11.45 17.02
CA HIS A 148 9.49 10.10 16.92
C HIS A 148 8.18 10.00 17.74
N HIS A 149 7.61 8.78 17.81
CA HIS A 149 6.24 8.49 18.34
C HIS A 149 5.17 9.17 17.44
N HIS A 150 4.63 8.38 16.51
CA HIS A 150 3.58 8.84 15.56
C HIS A 150 2.23 9.11 16.30
N HIS A 151 1.71 10.35 16.15
CA HIS A 151 0.41 10.76 16.75
C HIS A 151 -0.79 10.30 15.89
N MET A 1 -17.66 10.26 1.85
CA MET A 1 -16.22 9.91 1.84
C MET A 1 -16.01 8.37 1.87
N ALA A 2 -15.80 7.76 0.70
CA ALA A 2 -15.39 6.34 0.56
C ALA A 2 -13.91 6.23 0.13
N THR A 3 -13.17 7.36 0.24
CA THR A 3 -11.72 7.43 -0.11
C THR A 3 -10.86 7.50 1.18
N LEU A 4 -10.07 6.46 1.39
CA LEU A 4 -9.16 6.31 2.56
C LEU A 4 -7.73 6.77 2.18
N ARG A 5 -7.24 7.86 2.80
CA ARG A 5 -5.92 8.45 2.48
C ARG A 5 -4.99 8.51 3.71
N ARG A 6 -3.70 8.17 3.50
CA ARG A 6 -2.60 8.34 4.48
C ARG A 6 -1.33 8.85 3.77
N SER A 7 -0.45 9.52 4.53
CA SER A 7 0.88 9.95 4.03
C SER A 7 1.89 9.99 5.20
N VAL A 8 3.21 9.89 4.88
CA VAL A 8 4.27 9.81 5.93
C VAL A 8 5.58 10.53 5.47
N GLU A 9 6.30 11.14 6.44
CA GLU A 9 7.59 11.82 6.20
C GLU A 9 8.77 10.82 6.40
N VAL A 10 9.46 10.48 5.30
CA VAL A 10 10.55 9.49 5.28
C VAL A 10 11.92 10.18 5.20
N ALA A 11 12.89 9.80 6.06
CA ALA A 11 14.28 10.29 5.99
C ALA A 11 15.09 9.52 4.91
N ALA A 12 14.77 9.81 3.63
CA ALA A 12 15.38 9.15 2.45
C ALA A 12 14.95 9.84 1.13
N PRO A 13 15.79 9.75 0.04
CA PRO A 13 15.38 10.15 -1.33
C PRO A 13 14.23 9.26 -1.87
N ALA A 14 13.21 9.90 -2.51
CA ALA A 14 12.00 9.25 -3.07
C ALA A 14 12.29 8.02 -3.98
N ALA A 15 13.41 8.06 -4.72
CA ALA A 15 13.84 6.96 -5.61
C ALA A 15 14.12 5.64 -4.85
N ASP A 16 14.90 5.74 -3.74
CA ASP A 16 15.18 4.59 -2.84
C ASP A 16 13.88 3.96 -2.30
N VAL A 17 12.94 4.82 -1.90
CA VAL A 17 11.64 4.42 -1.36
C VAL A 17 10.75 3.77 -2.46
N TRP A 18 10.88 4.25 -3.71
CA TRP A 18 10.16 3.65 -4.86
C TRP A 18 10.72 2.24 -5.22
N THR A 19 12.03 2.01 -4.99
CA THR A 19 12.65 0.67 -5.16
C THR A 19 12.06 -0.35 -4.13
N LEU A 20 11.59 0.19 -2.99
CA LEU A 20 10.94 -0.57 -1.90
C LEU A 20 9.47 -0.96 -2.25
N VAL A 21 8.63 0.05 -2.58
CA VAL A 21 7.17 -0.15 -2.86
C VAL A 21 6.85 -0.47 -4.36
N GLY A 22 7.87 -0.31 -5.25
CA GLY A 22 7.69 -0.51 -6.70
C GLY A 22 7.44 -1.97 -7.09
N ASP A 23 7.95 -2.90 -6.28
CA ASP A 23 7.67 -4.33 -6.39
C ASP A 23 6.31 -4.67 -5.73
N PHE A 24 5.30 -4.98 -6.57
CA PHE A 24 3.95 -5.41 -6.11
C PHE A 24 4.03 -6.70 -5.24
N SER A 25 5.11 -7.50 -5.43
CA SER A 25 5.37 -8.75 -4.69
C SER A 25 6.05 -8.51 -3.31
N ALA A 26 6.92 -7.49 -3.24
CA ALA A 26 7.90 -7.34 -2.13
C ALA A 26 7.42 -6.29 -1.10
N ILE A 27 6.10 -6.09 -1.07
CA ILE A 27 5.41 -5.23 -0.09
C ILE A 27 5.68 -5.68 1.39
N HIS A 28 6.03 -6.97 1.59
CA HIS A 28 6.39 -7.54 2.92
C HIS A 28 7.70 -6.96 3.54
N ARG A 29 8.43 -6.11 2.78
CA ARG A 29 9.69 -5.44 3.26
C ARG A 29 9.39 -4.23 4.18
N TRP A 30 8.21 -3.59 3.99
CA TRP A 30 7.81 -2.37 4.75
C TRP A 30 6.47 -2.60 5.49
N HIS A 31 5.61 -3.46 4.92
CA HIS A 31 4.27 -3.75 5.47
C HIS A 31 4.33 -5.02 6.37
N PRO A 32 4.15 -4.89 7.72
CA PRO A 32 4.31 -6.02 8.69
C PRO A 32 3.25 -7.15 8.55
N GLN A 33 2.09 -6.83 7.94
CA GLN A 33 0.92 -7.72 7.90
C GLN A 33 0.97 -8.70 6.71
N VAL A 34 1.69 -8.31 5.64
CA VAL A 34 1.87 -9.16 4.45
C VAL A 34 2.73 -10.41 4.77
N SER A 35 2.13 -11.60 4.57
CA SER A 35 2.71 -12.91 4.96
C SER A 35 3.61 -13.54 3.86
N ALA A 36 4.16 -12.67 2.96
CA ALA A 36 4.85 -13.09 1.72
C ALA A 36 3.87 -13.84 0.75
N PRO A 37 3.25 -13.11 -0.23
CA PRO A 37 2.14 -13.65 -1.08
C PRO A 37 2.60 -14.45 -2.33
N THR A 38 1.61 -14.96 -3.08
CA THR A 38 1.80 -15.69 -4.36
C THR A 38 1.49 -14.77 -5.55
N LEU A 39 2.46 -14.61 -6.46
CA LEU A 39 2.31 -13.78 -7.69
C LEU A 39 2.20 -14.70 -8.94
N ARG A 40 1.25 -14.37 -9.83
CA ARG A 40 1.03 -15.10 -11.10
C ARG A 40 0.80 -14.11 -12.27
N GLY A 41 1.07 -14.58 -13.51
CA GLY A 41 1.12 -13.76 -14.74
C GLY A 41 1.93 -12.44 -14.70
N ALA A 42 2.34 -11.99 -15.92
CA ALA A 42 3.09 -10.73 -16.14
C ALA A 42 4.41 -10.65 -15.30
N SER A 43 4.38 -9.93 -14.15
CA SER A 43 5.55 -9.63 -13.27
C SER A 43 5.13 -8.61 -12.18
N PRO A 44 5.74 -8.62 -10.93
CA PRO A 44 5.46 -7.60 -9.88
C PRO A 44 5.68 -6.12 -10.33
N HIS A 45 6.45 -5.94 -11.43
CA HIS A 45 6.67 -4.61 -12.07
C HIS A 45 5.75 -4.41 -13.29
N THR A 46 5.40 -5.50 -13.99
CA THR A 46 4.53 -5.45 -15.22
C THR A 46 3.03 -5.54 -14.84
N PRO A 47 2.19 -4.51 -15.20
CA PRO A 47 0.71 -4.52 -15.00
C PRO A 47 0.00 -5.84 -15.43
N GLY A 48 -0.85 -6.39 -14.52
CA GLY A 48 -1.59 -7.64 -14.78
C GLY A 48 -1.35 -8.71 -13.73
N ALA A 49 -0.19 -8.64 -13.02
CA ALA A 49 0.20 -9.62 -11.99
C ALA A 49 -0.79 -9.67 -10.79
N GLU A 50 -1.20 -10.89 -10.41
CA GLU A 50 -2.22 -11.10 -9.34
C GLU A 50 -1.54 -11.56 -8.02
N ARG A 51 -1.96 -10.98 -6.88
CA ARG A 51 -1.32 -11.18 -5.56
C ARG A 51 -2.28 -11.89 -4.57
N VAL A 52 -2.01 -13.18 -4.24
CA VAL A 52 -2.85 -13.98 -3.31
C VAL A 52 -2.06 -14.30 -2.02
N PHE A 53 -2.44 -13.64 -0.91
CA PHE A 53 -1.68 -13.62 0.38
C PHE A 53 -1.66 -15.00 1.11
N GLY A 54 -2.85 -15.53 1.45
CA GLY A 54 -2.95 -16.85 2.09
C GLY A 54 -2.78 -18.02 1.12
N ALA A 55 -2.82 -17.71 -0.20
CA ALA A 55 -2.63 -18.68 -1.32
C ALA A 55 -3.76 -19.73 -1.43
N GLY A 56 -3.79 -20.71 -0.51
CA GLY A 56 -4.79 -21.80 -0.54
C GLY A 56 -5.14 -22.35 0.85
N THR A 57 -5.34 -21.42 1.80
CA THR A 57 -5.79 -21.76 3.19
C THR A 57 -7.35 -21.66 3.29
N GLU A 58 -7.90 -20.76 4.13
CA GLU A 58 -9.38 -20.52 4.25
C GLU A 58 -9.69 -18.99 4.40
N GLU A 59 -8.65 -18.15 4.20
CA GLU A 59 -8.71 -16.71 4.55
C GLU A 59 -7.87 -15.83 3.57
N GLU A 60 -7.61 -16.36 2.37
CA GLU A 60 -6.74 -15.70 1.37
C GLU A 60 -7.47 -14.57 0.60
N LEU A 61 -6.72 -13.52 0.28
CA LEU A 61 -7.18 -12.37 -0.54
C LEU A 61 -6.62 -12.50 -1.96
N VAL A 62 -7.49 -12.45 -2.99
CA VAL A 62 -7.06 -12.43 -4.40
C VAL A 62 -7.06 -10.96 -4.90
N GLU A 63 -5.87 -10.46 -5.21
CA GLU A 63 -5.65 -9.05 -5.62
C GLU A 63 -5.04 -9.03 -7.05
N ARG A 64 -5.02 -7.84 -7.70
CA ARG A 64 -4.47 -7.69 -9.08
C ARG A 64 -3.92 -6.26 -9.34
N LEU A 65 -2.75 -6.22 -9.98
CA LEU A 65 -2.06 -4.98 -10.41
C LEU A 65 -2.72 -4.41 -11.70
N VAL A 66 -3.31 -3.19 -11.61
CA VAL A 66 -3.94 -2.51 -12.76
C VAL A 66 -2.87 -1.85 -13.66
N GLU A 67 -2.01 -1.03 -13.04
CA GLU A 67 -0.91 -0.32 -13.72
C GLU A 67 0.23 -0.05 -12.71
N ARG A 68 1.48 -0.12 -13.17
CA ARG A 68 2.66 0.20 -12.35
C ARG A 68 3.55 1.15 -13.16
N ASP A 69 3.66 2.41 -12.71
CA ASP A 69 4.44 3.46 -13.39
C ASP A 69 5.66 3.89 -12.56
N GLU A 70 6.85 3.61 -13.07
CA GLU A 70 8.14 3.94 -12.43
C GLU A 70 8.56 5.41 -12.69
N SER A 71 8.01 5.99 -13.78
CA SER A 71 8.32 7.38 -14.20
C SER A 71 7.76 8.43 -13.21
N ALA A 72 6.47 8.28 -12.84
CA ALA A 72 5.80 9.20 -11.88
C ALA A 72 5.78 8.63 -10.44
N ARG A 73 6.41 7.45 -10.24
CA ARG A 73 6.46 6.73 -8.94
C ARG A 73 5.03 6.47 -8.37
N ARG A 74 4.18 5.88 -9.22
CA ARG A 74 2.74 5.63 -8.93
C ARG A 74 2.38 4.13 -9.17
N LEU A 75 1.91 3.44 -8.11
CA LEU A 75 1.53 2.00 -8.14
C LEU A 75 -0.01 1.85 -8.02
N VAL A 76 -0.67 1.49 -9.11
CA VAL A 76 -2.16 1.39 -9.19
C VAL A 76 -2.63 -0.08 -9.21
N TYR A 77 -3.57 -0.45 -8.32
CA TYR A 77 -4.09 -1.83 -8.23
C TYR A 77 -5.56 -1.88 -7.73
N THR A 78 -6.09 -3.12 -7.63
CA THR A 78 -7.46 -3.43 -7.14
C THR A 78 -7.49 -4.85 -6.55
N MET A 79 -8.45 -5.16 -5.68
CA MET A 79 -8.70 -6.56 -5.22
C MET A 79 -10.06 -7.06 -5.77
N PRO A 80 -10.06 -7.89 -6.89
CA PRO A 80 -11.30 -8.45 -7.51
C PRO A 80 -12.07 -9.44 -6.59
N ASP A 81 -11.37 -10.04 -5.61
CA ASP A 81 -11.96 -10.94 -4.60
C ASP A 81 -11.54 -10.48 -3.17
N PRO A 82 -12.25 -9.44 -2.59
CA PRO A 82 -11.92 -8.89 -1.24
C PRO A 82 -12.56 -9.69 -0.06
N PRO A 83 -11.95 -9.65 1.18
CA PRO A 83 -12.58 -10.19 2.41
C PRO A 83 -13.58 -9.20 3.06
N PHE A 84 -13.66 -7.97 2.50
CA PHE A 84 -14.55 -6.90 2.98
C PHE A 84 -15.87 -6.86 2.15
N PRO A 85 -17.01 -6.34 2.74
CA PRO A 85 -18.31 -6.23 2.01
C PRO A 85 -18.36 -5.01 1.05
N ILE A 86 -17.44 -5.01 0.05
CA ILE A 86 -17.34 -3.94 -0.99
C ILE A 86 -17.52 -4.55 -2.40
N THR A 87 -17.69 -3.68 -3.42
CA THR A 87 -17.83 -4.13 -4.83
C THR A 87 -16.51 -3.89 -5.63
N ASN A 88 -16.31 -2.67 -6.17
CA ASN A 88 -15.13 -2.34 -7.00
C ASN A 88 -14.09 -1.54 -6.18
N HIS A 89 -12.94 -2.18 -5.91
CA HIS A 89 -11.79 -1.55 -5.23
C HIS A 89 -10.88 -0.79 -6.23
N ARG A 90 -10.20 0.27 -5.73
CA ARG A 90 -9.17 1.01 -6.49
C ARG A 90 -8.19 1.70 -5.50
N ALA A 91 -6.93 1.23 -5.42
CA ALA A 91 -5.90 1.80 -4.50
C ALA A 91 -4.55 2.09 -5.21
N VAL A 92 -3.87 3.17 -4.77
CA VAL A 92 -2.62 3.68 -5.41
C VAL A 92 -1.52 4.01 -4.34
N LEU A 93 -0.25 3.76 -4.70
CA LEU A 93 0.96 4.13 -3.89
C LEU A 93 1.77 5.22 -4.65
N GLU A 94 1.78 6.47 -4.15
CA GLU A 94 2.49 7.60 -4.81
C GLU A 94 3.62 8.17 -3.92
N VAL A 95 4.88 7.98 -4.37
CA VAL A 95 6.07 8.51 -3.66
C VAL A 95 6.52 9.84 -4.30
N VAL A 96 6.35 10.95 -3.55
CA VAL A 96 6.65 12.32 -4.02
C VAL A 96 7.89 12.91 -3.27
N PRO A 97 8.90 13.50 -4.00
CA PRO A 97 10.06 14.20 -3.38
C PRO A 97 9.65 15.55 -2.74
N ARG A 98 9.10 15.48 -1.52
CA ARG A 98 8.60 16.65 -0.74
C ARG A 98 9.76 17.62 -0.39
N ASP A 99 10.93 17.03 -0.11
CA ASP A 99 12.16 17.73 0.28
C ASP A 99 13.38 17.04 -0.42
N ASP A 100 14.59 17.61 -0.25
CA ASP A 100 15.85 17.00 -0.72
C ASP A 100 16.09 15.63 -0.04
N ARG A 101 16.35 15.66 1.29
CA ARG A 101 16.68 14.45 2.07
C ARG A 101 15.41 13.67 2.49
N HIS A 102 14.23 14.30 2.40
CA HIS A 102 12.96 13.72 2.87
C HIS A 102 11.94 13.58 1.71
N CYS A 103 11.12 12.54 1.78
CA CYS A 103 10.04 12.29 0.80
C CYS A 103 8.73 11.98 1.52
N THR A 104 7.65 11.82 0.75
CA THR A 104 6.32 11.49 1.27
C THR A 104 5.72 10.30 0.50
N VAL A 105 5.33 9.25 1.25
CA VAL A 105 4.65 8.08 0.67
C VAL A 105 3.14 8.20 0.93
N VAL A 106 2.37 8.52 -0.11
CA VAL A 106 0.92 8.72 -0.02
C VAL A 106 0.22 7.41 -0.43
N TRP A 107 -0.45 6.75 0.53
CA TRP A 107 -1.24 5.54 0.26
C TRP A 107 -2.73 5.91 0.23
N THR A 108 -3.31 5.81 -0.97
CA THR A 108 -4.70 6.17 -1.25
C THR A 108 -5.51 4.90 -1.60
N ALA A 109 -6.77 4.87 -1.17
CA ALA A 109 -7.72 3.81 -1.53
C ALA A 109 -9.11 4.41 -1.69
N MET A 110 -9.91 3.81 -2.56
CA MET A 110 -11.31 4.20 -2.80
C MET A 110 -12.05 2.98 -3.39
N PHE A 111 -13.21 2.67 -2.80
CA PHE A 111 -13.95 1.44 -3.13
C PHE A 111 -15.47 1.66 -2.96
N ASP A 112 -16.25 0.88 -3.74
CA ASP A 112 -17.72 0.97 -3.71
C ASP A 112 -18.25 0.25 -2.44
N CYS A 113 -18.29 1.01 -1.34
CA CYS A 113 -18.79 0.53 -0.04
C CYS A 113 -19.98 1.38 0.44
N SER A 114 -20.91 0.73 1.15
CA SER A 114 -22.05 1.42 1.81
C SER A 114 -21.55 2.46 2.84
N PRO A 115 -22.08 3.74 2.83
CA PRO A 115 -21.68 4.82 3.81
C PRO A 115 -21.57 4.35 5.29
N GLU A 116 -22.60 3.60 5.72
CA GLU A 116 -22.72 3.04 7.09
C GLU A 116 -21.57 2.05 7.43
N THR A 117 -21.08 1.34 6.41
CA THR A 117 -19.95 0.38 6.54
C THR A 117 -18.56 1.05 6.29
N ALA A 118 -18.53 2.08 5.42
CA ALA A 118 -17.27 2.72 4.93
C ALA A 118 -16.54 3.50 6.05
N ARG A 119 -17.32 4.05 6.98
CA ARG A 119 -16.81 4.70 8.23
C ARG A 119 -16.07 3.69 9.15
N GLU A 120 -16.56 2.43 9.18
CA GLU A 120 -15.93 1.33 9.94
C GLU A 120 -14.65 0.85 9.24
N LEU A 121 -14.73 0.69 7.91
CA LEU A 121 -13.61 0.25 7.06
C LEU A 121 -12.51 1.33 6.98
N GLU A 122 -12.91 2.60 7.20
CA GLU A 122 -11.99 3.74 7.37
C GLU A 122 -11.01 3.48 8.54
N SER A 123 -11.56 3.14 9.71
CA SER A 123 -10.76 2.86 10.92
C SER A 123 -9.94 1.54 10.81
N VAL A 124 -10.54 0.47 10.26
CA VAL A 124 -9.87 -0.85 10.10
C VAL A 124 -8.73 -0.81 9.03
N ILE A 125 -9.09 -0.36 7.82
CA ILE A 125 -8.17 -0.35 6.66
C ILE A 125 -7.26 0.91 6.66
N GLY A 126 -7.89 2.11 6.69
CA GLY A 126 -7.14 3.39 6.59
C GLY A 126 -6.18 3.65 7.75
N ASP A 127 -6.52 3.20 8.96
CA ASP A 127 -5.66 3.36 10.14
C ASP A 127 -4.90 2.04 10.48
N GLY A 128 -5.66 0.97 10.79
CA GLY A 128 -5.07 -0.32 11.26
C GLY A 128 -4.19 -1.07 10.23
N VAL A 129 -4.36 -0.76 8.93
CA VAL A 129 -3.51 -1.34 7.85
C VAL A 129 -2.52 -0.28 7.30
N PHE A 130 -3.05 0.88 6.85
CA PHE A 130 -2.26 1.90 6.12
C PHE A 130 -1.31 2.68 7.06
N ALA A 131 -1.87 3.34 8.08
CA ALA A 131 -1.08 4.15 9.05
C ALA A 131 0.02 3.30 9.75
N VAL A 132 -0.29 2.02 9.97
CA VAL A 132 0.68 1.02 10.46
C VAL A 132 1.86 0.81 9.48
N GLY A 133 1.53 0.47 8.21
CA GLY A 133 2.54 0.13 7.19
C GLY A 133 3.47 1.28 6.82
N LEU A 134 2.90 2.50 6.70
CA LEU A 134 3.65 3.74 6.36
C LEU A 134 4.57 4.20 7.50
N ASN A 135 4.13 4.01 8.77
CA ASN A 135 4.96 4.33 9.96
C ASN A 135 6.18 3.37 10.03
N ALA A 136 5.95 2.05 9.77
CA ALA A 136 7.03 1.04 9.71
C ALA A 136 8.04 1.34 8.56
N LEU A 137 7.51 1.89 7.46
CA LEU A 137 8.32 2.36 6.31
C LEU A 137 9.20 3.57 6.74
N ALA A 138 8.65 4.43 7.60
CA ALA A 138 9.41 5.56 8.19
C ALA A 138 10.46 5.07 9.22
N GLU A 139 10.15 3.97 9.95
CA GLU A 139 11.05 3.41 10.99
C GLU A 139 12.34 2.80 10.39
N ARG A 140 12.20 2.12 9.23
CA ARG A 140 13.35 1.47 8.56
C ARG A 140 14.38 2.51 8.02
N TYR A 141 13.90 3.72 7.70
CA TYR A 141 14.77 4.88 7.35
C TYR A 141 14.95 5.83 8.58
N GLY A 142 14.27 5.50 9.70
CA GLY A 142 14.37 6.25 10.96
C GLY A 142 15.56 5.83 11.84
N ARG A 143 16.49 5.04 11.28
CA ARG A 143 17.81 4.80 11.89
C ARG A 143 18.85 5.84 11.35
N LEU A 144 18.47 6.57 10.29
CA LEU A 144 19.31 7.64 9.69
C LEU A 144 19.20 8.96 10.48
N GLU A 145 17.96 9.35 10.85
CA GLU A 145 17.68 10.68 11.46
C GLU A 145 16.65 10.57 12.63
N HIS A 146 16.60 9.38 13.29
CA HIS A 146 15.61 9.04 14.35
C HIS A 146 14.16 8.90 13.80
N HIS A 147 13.27 8.29 14.61
CA HIS A 147 11.84 8.07 14.24
C HIS A 147 11.10 9.39 13.89
N HIS A 148 11.26 10.40 14.80
CA HIS A 148 10.55 11.70 14.77
C HIS A 148 9.04 11.54 15.10
N HIS A 149 8.33 10.77 14.26
CA HIS A 149 6.93 10.35 14.50
C HIS A 149 6.89 8.88 15.01
N HIS A 150 5.96 8.58 15.93
CA HIS A 150 5.77 7.21 16.48
C HIS A 150 4.25 6.86 16.46
N HIS A 151 3.53 7.08 17.59
CA HIS A 151 2.05 6.95 17.65
C HIS A 151 1.47 7.95 18.68
N MET A 1 -18.18 9.11 -1.28
CA MET A 1 -17.91 8.13 -2.37
C MET A 1 -17.05 6.93 -1.89
N ALA A 2 -16.91 6.79 -0.56
CA ALA A 2 -16.14 5.70 0.09
C ALA A 2 -14.65 5.70 -0.32
N THR A 3 -13.90 6.71 0.16
CA THR A 3 -12.45 6.89 -0.15
C THR A 3 -11.61 7.00 1.14
N LEU A 4 -10.56 6.19 1.21
CA LEU A 4 -9.59 6.15 2.33
C LEU A 4 -8.29 6.83 1.85
N ARG A 5 -7.62 7.58 2.73
CA ARG A 5 -6.29 8.14 2.42
C ARG A 5 -5.42 8.32 3.70
N ARG A 6 -4.18 7.82 3.62
CA ARG A 6 -3.19 7.89 4.70
C ARG A 6 -1.80 8.20 4.09
N SER A 7 -0.89 8.84 4.84
CA SER A 7 0.45 9.23 4.35
C SER A 7 1.50 9.25 5.48
N VAL A 8 2.80 9.20 5.12
CA VAL A 8 3.90 9.14 6.11
C VAL A 8 5.19 9.85 5.62
N GLU A 9 5.93 10.48 6.55
CA GLU A 9 7.20 11.20 6.25
C GLU A 9 8.42 10.25 6.39
N VAL A 10 9.16 10.07 5.29
CA VAL A 10 10.28 9.11 5.16
C VAL A 10 11.64 9.85 5.01
N ALA A 11 12.66 9.45 5.80
CA ALA A 11 14.05 9.98 5.66
C ALA A 11 14.83 9.20 4.57
N ALA A 12 14.41 9.41 3.31
CA ALA A 12 15.06 8.83 2.13
C ALA A 12 14.49 9.49 0.85
N PRO A 13 15.34 9.74 -0.21
CA PRO A 13 14.86 10.27 -1.52
C PRO A 13 13.76 9.38 -2.17
N ALA A 14 12.72 10.04 -2.75
CA ALA A 14 11.49 9.40 -3.30
C ALA A 14 11.75 8.20 -4.24
N ALA A 15 12.85 8.27 -5.02
CA ALA A 15 13.26 7.20 -5.96
C ALA A 15 13.67 5.89 -5.21
N ASP A 16 14.56 6.05 -4.21
CA ASP A 16 15.01 4.93 -3.33
C ASP A 16 13.85 4.30 -2.54
N VAL A 17 12.90 5.13 -2.11
CA VAL A 17 11.67 4.68 -1.41
C VAL A 17 10.73 3.95 -2.39
N TRP A 18 10.67 4.46 -3.63
CA TRP A 18 9.88 3.85 -4.72
C TRP A 18 10.40 2.43 -5.08
N THR A 19 11.72 2.19 -4.92
CA THR A 19 12.32 0.85 -5.15
C THR A 19 11.69 -0.24 -4.23
N LEU A 20 11.28 0.19 -3.02
CA LEU A 20 10.65 -0.68 -1.99
C LEU A 20 9.17 -1.02 -2.35
N VAL A 21 8.40 -0.01 -2.82
CA VAL A 21 6.97 -0.17 -3.21
C VAL A 21 6.77 -0.41 -4.74
N GLY A 22 7.87 -0.37 -5.52
CA GLY A 22 7.83 -0.57 -6.98
C GLY A 22 7.65 -2.02 -7.40
N ASP A 23 8.11 -2.94 -6.52
CA ASP A 23 7.82 -4.37 -6.63
C ASP A 23 6.51 -4.70 -5.91
N PHE A 24 5.45 -4.95 -6.70
CA PHE A 24 4.13 -5.35 -6.19
C PHE A 24 4.20 -6.71 -5.42
N SER A 25 5.16 -7.56 -5.81
CA SER A 25 5.40 -8.89 -5.19
C SER A 25 6.15 -8.80 -3.83
N ALA A 26 6.88 -7.69 -3.60
CA ALA A 26 7.89 -7.60 -2.52
C ALA A 26 7.40 -6.74 -1.34
N ILE A 27 6.06 -6.67 -1.18
CA ILE A 27 5.40 -5.97 -0.05
C ILE A 27 5.87 -6.53 1.33
N HIS A 28 6.27 -7.82 1.34
CA HIS A 28 6.75 -8.52 2.57
C HIS A 28 8.06 -7.94 3.18
N ARG A 29 8.70 -6.98 2.48
CA ARG A 29 9.97 -6.36 2.92
C ARG A 29 9.74 -5.11 3.83
N TRP A 30 8.52 -4.53 3.81
CA TRP A 30 8.21 -3.29 4.59
C TRP A 30 6.93 -3.42 5.44
N HIS A 31 5.95 -4.19 4.96
CA HIS A 31 4.63 -4.30 5.62
C HIS A 31 4.72 -5.25 6.85
N PRO A 32 4.21 -4.85 8.05
CA PRO A 32 4.17 -5.73 9.26
C PRO A 32 3.01 -6.78 9.25
N GLN A 33 1.88 -6.43 8.61
CA GLN A 33 0.65 -7.30 8.61
C GLN A 33 0.56 -8.24 7.38
N VAL A 34 1.50 -8.09 6.42
CA VAL A 34 1.57 -8.99 5.25
C VAL A 34 1.74 -10.49 5.66
N SER A 35 0.86 -11.35 5.10
CA SER A 35 0.84 -12.81 5.38
C SER A 35 1.71 -13.62 4.40
N ALA A 36 2.71 -12.94 3.78
CA ALA A 36 3.57 -13.49 2.70
C ALA A 36 2.72 -13.91 1.45
N PRO A 37 2.69 -13.09 0.36
CA PRO A 37 1.81 -13.33 -0.80
C PRO A 37 2.42 -14.26 -1.89
N THR A 38 1.55 -14.81 -2.74
CA THR A 38 1.93 -15.60 -3.92
C THR A 38 1.69 -14.78 -5.19
N LEU A 39 2.74 -14.58 -6.01
CA LEU A 39 2.66 -13.73 -7.21
C LEU A 39 2.19 -14.58 -8.41
N ARG A 40 0.98 -14.26 -8.90
CA ARG A 40 0.29 -15.00 -9.97
C ARG A 40 0.46 -14.29 -11.33
N GLY A 41 0.38 -15.10 -12.42
CA GLY A 41 0.45 -14.59 -13.82
C GLY A 41 1.63 -13.65 -14.11
N ALA A 42 1.34 -12.46 -14.66
CA ALA A 42 2.34 -11.44 -15.06
C ALA A 42 3.41 -11.20 -13.96
N SER A 43 4.67 -11.03 -14.41
CA SER A 43 5.83 -10.68 -13.54
C SER A 43 5.62 -9.37 -12.73
N PRO A 44 6.35 -9.13 -11.58
CA PRO A 44 6.28 -7.84 -10.83
C PRO A 44 6.87 -6.68 -11.67
N HIS A 45 6.54 -5.43 -11.28
CA HIS A 45 6.79 -4.19 -12.08
C HIS A 45 5.84 -4.08 -13.32
N THR A 46 5.63 -5.21 -14.02
CA THR A 46 4.69 -5.31 -15.16
C THR A 46 3.21 -5.18 -14.69
N PRO A 47 2.42 -4.20 -15.24
CA PRO A 47 1.00 -3.98 -14.84
C PRO A 47 0.06 -5.18 -15.16
N GLY A 48 -0.12 -6.07 -14.16
CA GLY A 48 -0.95 -7.28 -14.31
C GLY A 48 -0.77 -8.29 -13.18
N ALA A 49 0.42 -8.25 -12.54
CA ALA A 49 0.81 -9.18 -11.43
C ALA A 49 -0.20 -9.18 -10.25
N GLU A 50 -0.60 -10.37 -9.77
CA GLU A 50 -1.58 -10.50 -8.65
C GLU A 50 -0.96 -11.19 -7.43
N ARG A 51 -0.86 -10.47 -6.29
CA ARG A 51 -0.34 -11.03 -5.03
C ARG A 51 -1.51 -11.56 -4.15
N VAL A 52 -1.48 -12.87 -3.86
CA VAL A 52 -2.54 -13.56 -3.09
C VAL A 52 -1.99 -14.06 -1.74
N PHE A 53 -2.46 -13.45 -0.64
CA PHE A 53 -2.05 -13.78 0.74
C PHE A 53 -2.55 -15.18 1.13
N GLY A 54 -1.61 -16.10 1.42
CA GLY A 54 -1.94 -17.51 1.66
C GLY A 54 -2.00 -18.31 0.35
N ALA A 55 -3.00 -17.98 -0.50
CA ALA A 55 -3.20 -18.58 -1.86
C ALA A 55 -3.51 -20.11 -1.84
N GLY A 56 -3.76 -20.64 -0.64
CA GLY A 56 -4.14 -22.04 -0.43
C GLY A 56 -4.83 -22.22 0.92
N THR A 57 -5.56 -21.17 1.33
CA THR A 57 -6.28 -21.10 2.62
C THR A 57 -7.78 -20.86 2.39
N GLU A 58 -8.59 -20.88 3.46
CA GLU A 58 -10.03 -20.55 3.39
C GLU A 58 -10.30 -19.06 3.74
N GLU A 59 -9.24 -18.33 4.11
CA GLU A 59 -9.27 -16.87 4.29
C GLU A 59 -8.01 -16.24 3.63
N GLU A 60 -8.13 -16.00 2.31
CA GLU A 60 -7.06 -15.39 1.49
C GLU A 60 -7.42 -13.94 1.08
N LEU A 61 -6.48 -13.29 0.38
CA LEU A 61 -6.70 -11.92 -0.16
C LEU A 61 -6.01 -11.78 -1.54
N VAL A 62 -6.81 -11.61 -2.61
CA VAL A 62 -6.30 -11.43 -3.99
C VAL A 62 -6.26 -9.92 -4.34
N GLU A 63 -5.06 -9.38 -4.59
CA GLU A 63 -4.85 -7.97 -5.02
C GLU A 63 -4.13 -7.95 -6.40
N ARG A 64 -4.75 -7.29 -7.40
CA ARG A 64 -4.26 -7.24 -8.81
C ARG A 64 -3.60 -5.88 -9.13
N LEU A 65 -2.44 -5.92 -9.79
CA LEU A 65 -1.74 -4.71 -10.30
C LEU A 65 -2.38 -4.22 -11.62
N VAL A 66 -2.85 -2.96 -11.65
CA VAL A 66 -3.50 -2.35 -12.84
C VAL A 66 -2.49 -1.52 -13.67
N GLU A 67 -1.68 -0.70 -12.96
CA GLU A 67 -0.69 0.23 -13.56
C GLU A 67 0.56 0.34 -12.63
N ARG A 68 1.74 0.49 -13.23
CA ARG A 68 2.98 0.78 -12.52
C ARG A 68 3.72 1.90 -13.30
N ASP A 69 3.89 3.07 -12.66
CA ASP A 69 4.61 4.22 -13.23
C ASP A 69 5.84 4.54 -12.35
N GLU A 70 7.03 4.17 -12.84
CA GLU A 70 8.31 4.41 -12.14
C GLU A 70 8.81 5.87 -12.27
N SER A 71 8.40 6.54 -13.37
CA SER A 71 8.82 7.92 -13.71
C SER A 71 8.13 8.94 -12.77
N ALA A 72 6.83 8.74 -12.51
CA ALA A 72 6.01 9.63 -11.64
C ALA A 72 5.77 9.03 -10.23
N ARG A 73 6.37 7.83 -9.95
CA ARG A 73 6.25 7.11 -8.66
C ARG A 73 4.76 6.82 -8.28
N ARG A 74 3.98 6.39 -9.28
CA ARG A 74 2.52 6.13 -9.13
C ARG A 74 2.21 4.62 -9.34
N LEU A 75 1.93 3.89 -8.24
CA LEU A 75 1.58 2.46 -8.27
C LEU A 75 0.06 2.28 -8.15
N VAL A 76 -0.64 1.95 -9.24
CA VAL A 76 -2.12 1.81 -9.22
C VAL A 76 -2.52 0.32 -9.29
N TYR A 77 -3.45 -0.09 -8.43
CA TYR A 77 -3.89 -1.49 -8.34
C TYR A 77 -5.36 -1.56 -7.83
N THR A 78 -5.87 -2.80 -7.69
CA THR A 78 -7.23 -3.08 -7.18
C THR A 78 -7.20 -4.33 -6.28
N MET A 79 -8.26 -4.52 -5.47
CA MET A 79 -8.50 -5.75 -4.70
C MET A 79 -9.74 -6.49 -5.31
N PRO A 80 -9.53 -7.35 -6.38
CA PRO A 80 -10.65 -8.04 -7.10
C PRO A 80 -11.37 -9.11 -6.23
N ASP A 81 -10.68 -9.60 -5.18
CA ASP A 81 -11.27 -10.55 -4.21
C ASP A 81 -10.83 -10.19 -2.77
N PRO A 82 -11.55 -9.23 -2.11
CA PRO A 82 -11.35 -8.90 -0.69
C PRO A 82 -12.32 -9.65 0.28
N PRO A 83 -11.92 -9.89 1.57
CA PRO A 83 -12.84 -10.44 2.62
C PRO A 83 -13.78 -9.36 3.23
N PHE A 84 -14.00 -8.25 2.49
CA PHE A 84 -14.82 -7.09 2.95
C PHE A 84 -16.02 -6.88 2.00
N PRO A 85 -17.20 -6.34 2.51
CA PRO A 85 -18.40 -6.09 1.67
C PRO A 85 -18.27 -4.83 0.76
N ILE A 86 -17.36 -4.92 -0.24
CA ILE A 86 -17.07 -3.84 -1.22
C ILE A 86 -17.05 -4.42 -2.67
N THR A 87 -17.68 -3.73 -3.64
CA THR A 87 -17.84 -4.25 -5.03
C THR A 87 -16.55 -4.00 -5.87
N ASN A 88 -16.39 -2.79 -6.45
CA ASN A 88 -15.19 -2.44 -7.25
C ASN A 88 -14.22 -1.57 -6.42
N HIS A 89 -13.09 -2.17 -6.02
CA HIS A 89 -12.01 -1.50 -5.25
C HIS A 89 -10.96 -0.83 -6.18
N ARG A 90 -10.22 0.17 -5.66
CA ARG A 90 -9.09 0.81 -6.35
C ARG A 90 -8.13 1.45 -5.33
N ALA A 91 -6.82 1.09 -5.35
CA ALA A 91 -5.81 1.67 -4.43
C ALA A 91 -4.49 2.05 -5.15
N VAL A 92 -3.78 3.06 -4.61
CA VAL A 92 -2.51 3.57 -5.19
C VAL A 92 -1.43 3.87 -4.09
N LEU A 93 -0.17 3.47 -4.39
CA LEU A 93 1.03 3.91 -3.64
C LEU A 93 1.74 5.01 -4.45
N GLU A 94 1.66 6.26 -3.98
CA GLU A 94 2.23 7.40 -4.71
C GLU A 94 3.21 8.16 -3.79
N VAL A 95 4.52 8.07 -4.13
CA VAL A 95 5.59 8.67 -3.32
C VAL A 95 5.89 10.09 -3.83
N VAL A 96 5.55 11.10 -3.03
CA VAL A 96 5.66 12.52 -3.38
C VAL A 96 7.08 13.07 -3.01
N PRO A 97 7.88 13.54 -4.02
CA PRO A 97 9.16 14.26 -3.75
C PRO A 97 8.90 15.62 -3.06
N ARG A 98 9.28 15.73 -1.78
CA ARG A 98 9.13 16.97 -0.97
C ARG A 98 10.48 17.68 -0.74
N ASP A 99 11.56 16.90 -0.69
CA ASP A 99 12.92 17.38 -0.34
C ASP A 99 14.00 16.54 -1.08
N ASP A 100 15.23 17.08 -1.13
CA ASP A 100 16.41 16.43 -1.75
C ASP A 100 16.71 15.03 -1.12
N ARG A 101 16.55 14.93 0.20
CA ARG A 101 16.86 13.71 0.98
C ARG A 101 15.61 13.12 1.67
N HIS A 102 14.44 13.79 1.56
CA HIS A 102 13.20 13.37 2.28
C HIS A 102 11.97 13.37 1.32
N CYS A 103 10.94 12.58 1.66
CA CYS A 103 9.72 12.42 0.84
C CYS A 103 8.52 11.93 1.70
N THR A 104 7.34 11.78 1.08
CA THR A 104 6.14 11.22 1.75
C THR A 104 5.43 10.18 0.87
N VAL A 105 5.21 8.97 1.40
CA VAL A 105 4.47 7.89 0.70
C VAL A 105 2.98 8.00 1.06
N VAL A 106 2.12 8.18 0.04
CA VAL A 106 0.66 8.29 0.22
C VAL A 106 -0.03 6.99 -0.27
N TRP A 107 -0.82 6.36 0.61
CA TRP A 107 -1.60 5.15 0.27
C TRP A 107 -3.11 5.49 0.34
N THR A 108 -3.79 5.39 -0.81
CA THR A 108 -5.23 5.74 -0.97
C THR A 108 -6.02 4.50 -1.41
N ALA A 109 -7.23 4.27 -0.87
CA ALA A 109 -8.10 3.12 -1.24
C ALA A 109 -9.59 3.52 -1.29
N MET A 110 -10.15 3.50 -2.50
CA MET A 110 -11.54 3.91 -2.80
C MET A 110 -12.31 2.71 -3.42
N PHE A 111 -13.50 2.43 -2.89
CA PHE A 111 -14.29 1.23 -3.22
C PHE A 111 -15.80 1.52 -3.29
N ASP A 112 -16.54 0.70 -4.05
CA ASP A 112 -18.00 0.82 -4.17
C ASP A 112 -18.69 0.23 -2.91
N CYS A 113 -18.87 1.08 -1.88
CA CYS A 113 -19.55 0.69 -0.63
C CYS A 113 -20.37 1.86 0.00
N SER A 114 -21.26 1.50 0.94
CA SER A 114 -22.13 2.46 1.67
C SER A 114 -21.33 3.27 2.73
N PRO A 115 -21.67 4.59 2.97
CA PRO A 115 -21.00 5.48 3.99
C PRO A 115 -20.81 4.82 5.40
N GLU A 116 -21.87 4.15 5.89
CA GLU A 116 -21.88 3.43 7.20
C GLU A 116 -20.72 2.41 7.34
N THR A 117 -20.47 1.66 6.26
CA THR A 117 -19.43 0.60 6.22
C THR A 117 -18.07 1.21 5.85
N ALA A 118 -18.10 2.29 5.03
CA ALA A 118 -16.89 2.94 4.49
C ALA A 118 -16.02 3.60 5.59
N ARG A 119 -16.70 4.22 6.58
CA ARG A 119 -16.03 4.86 7.76
C ARG A 119 -15.51 3.81 8.76
N GLU A 120 -16.19 2.65 8.86
CA GLU A 120 -15.70 1.52 9.69
C GLU A 120 -14.42 0.92 9.05
N LEU A 121 -14.47 0.73 7.72
CA LEU A 121 -13.35 0.25 6.91
C LEU A 121 -12.25 1.32 6.79
N GLU A 122 -12.64 2.59 6.96
CA GLU A 122 -11.69 3.71 7.03
C GLU A 122 -10.74 3.53 8.24
N SER A 123 -11.33 3.22 9.40
CA SER A 123 -10.58 2.94 10.65
C SER A 123 -9.81 1.58 10.60
N VAL A 124 -10.47 0.52 10.10
CA VAL A 124 -9.88 -0.85 10.03
C VAL A 124 -8.75 -0.96 8.95
N ILE A 125 -9.08 -0.59 7.72
CA ILE A 125 -8.16 -0.70 6.56
C ILE A 125 -7.19 0.50 6.47
N GLY A 126 -7.73 1.74 6.45
CA GLY A 126 -6.91 2.95 6.26
C GLY A 126 -6.05 3.33 7.47
N ASP A 127 -6.69 3.81 8.54
CA ASP A 127 -6.02 4.18 9.80
C ASP A 127 -5.58 2.95 10.64
N GLY A 128 -5.92 1.73 10.16
CA GLY A 128 -5.46 0.49 10.77
C GLY A 128 -4.27 -0.12 9.99
N VAL A 129 -4.59 -0.87 8.92
CA VAL A 129 -3.59 -1.63 8.12
C VAL A 129 -2.55 -0.71 7.41
N PHE A 130 -3.05 0.40 6.82
CA PHE A 130 -2.20 1.32 6.03
C PHE A 130 -1.34 2.20 6.94
N ALA A 131 -1.93 2.74 8.02
CA ALA A 131 -1.18 3.54 9.02
C ALA A 131 0.02 2.75 9.59
N VAL A 132 -0.23 1.49 9.97
CA VAL A 132 0.82 0.56 10.43
C VAL A 132 1.89 0.30 9.34
N GLY A 133 1.44 0.02 8.10
CA GLY A 133 2.34 -0.30 6.97
C GLY A 133 3.28 0.86 6.58
N LEU A 134 2.70 2.06 6.50
CA LEU A 134 3.41 3.30 6.11
C LEU A 134 4.37 3.80 7.21
N ASN A 135 3.89 3.82 8.48
CA ASN A 135 4.69 4.29 9.64
C ASN A 135 5.93 3.40 9.84
N ALA A 136 5.75 2.08 9.67
CA ALA A 136 6.86 1.10 9.75
C ALA A 136 7.85 1.28 8.57
N LEU A 137 7.32 1.57 7.36
CA LEU A 137 8.14 1.85 6.15
C LEU A 137 9.10 3.05 6.37
N ALA A 138 8.56 4.12 6.97
CA ALA A 138 9.34 5.33 7.31
C ALA A 138 10.41 5.02 8.38
N GLU A 139 10.04 4.22 9.40
CA GLU A 139 10.91 3.88 10.55
C GLU A 139 12.06 2.92 10.15
N ARG A 140 11.83 2.04 9.16
CA ARG A 140 12.89 1.13 8.66
C ARG A 140 13.88 1.84 7.70
N TYR A 141 13.51 3.04 7.20
CA TYR A 141 14.47 4.00 6.58
C TYR A 141 15.13 4.91 7.66
N GLY A 142 14.62 4.83 8.90
CA GLY A 142 15.12 5.67 10.01
C GLY A 142 14.68 7.12 9.86
N ARG A 143 13.36 7.37 9.98
CA ARG A 143 12.78 8.75 9.83
C ARG A 143 13.23 9.70 10.99
N LEU A 144 13.70 10.91 10.62
CA LEU A 144 13.98 12.00 11.60
C LEU A 144 12.92 13.12 11.52
N GLU A 145 12.00 13.02 10.54
CA GLU A 145 10.86 13.95 10.38
C GLU A 145 9.87 13.76 11.54
N HIS A 146 10.01 14.62 12.56
CA HIS A 146 9.17 14.60 13.77
C HIS A 146 7.81 15.29 13.50
N HIS A 147 6.92 14.56 12.79
CA HIS A 147 5.52 14.99 12.56
C HIS A 147 4.69 14.59 13.82
N HIS A 148 5.00 15.28 14.93
CA HIS A 148 4.59 14.91 16.30
C HIS A 148 3.11 15.24 16.58
N HIS A 149 2.25 14.19 16.51
CA HIS A 149 0.82 14.26 16.88
C HIS A 149 0.27 12.83 17.07
N HIS A 150 -0.68 12.66 18.01
CA HIS A 150 -1.30 11.35 18.32
C HIS A 150 -2.39 11.00 17.28
N HIS A 151 -2.08 10.05 16.38
CA HIS A 151 -3.00 9.58 15.32
C HIS A 151 -2.69 8.11 14.94
N MET A 1 -19.00 7.41 0.04
CA MET A 1 -17.63 7.98 0.00
C MET A 1 -16.57 6.85 0.04
N ALA A 2 -16.30 6.32 1.26
CA ALA A 2 -15.32 5.24 1.51
C ALA A 2 -13.95 5.50 0.81
N THR A 3 -13.39 6.70 1.04
CA THR A 3 -12.13 7.15 0.40
C THR A 3 -10.99 7.22 1.46
N LEU A 4 -10.15 6.19 1.43
CA LEU A 4 -9.06 5.97 2.38
C LEU A 4 -7.76 6.58 1.80
N ARG A 5 -7.18 7.55 2.49
CA ARG A 5 -5.86 8.11 2.10
C ARG A 5 -5.01 8.40 3.35
N ARG A 6 -3.73 8.03 3.27
CA ARG A 6 -2.77 8.22 4.37
C ARG A 6 -1.40 8.60 3.75
N SER A 7 -0.72 9.56 4.38
CA SER A 7 0.59 10.09 3.90
C SER A 7 1.61 10.07 5.05
N VAL A 8 2.89 9.84 4.71
CA VAL A 8 3.98 9.76 5.72
C VAL A 8 5.27 10.41 5.17
N GLU A 9 6.06 11.06 6.04
CA GLU A 9 7.36 11.64 5.64
C GLU A 9 8.53 10.71 6.03
N VAL A 10 9.18 10.18 4.99
CA VAL A 10 10.32 9.25 5.08
C VAL A 10 11.66 10.03 5.09
N ALA A 11 12.58 9.69 6.02
CA ALA A 11 13.95 10.28 6.07
C ALA A 11 14.93 9.59 5.08
N ALA A 12 14.52 9.48 3.80
CA ALA A 12 15.32 8.87 2.72
C ALA A 12 14.83 9.36 1.32
N PRO A 13 15.71 9.35 0.26
CA PRO A 13 15.32 9.76 -1.12
C PRO A 13 14.25 8.82 -1.76
N ALA A 14 13.32 9.45 -2.52
CA ALA A 14 12.14 8.80 -3.16
C ALA A 14 12.45 7.52 -3.96
N ALA A 15 13.58 7.51 -4.68
CA ALA A 15 13.98 6.38 -5.55
C ALA A 15 14.21 5.06 -4.76
N ASP A 16 14.99 5.13 -3.67
CA ASP A 16 15.25 4.00 -2.76
C ASP A 16 13.95 3.42 -2.15
N VAL A 17 13.06 4.33 -1.75
CA VAL A 17 11.74 3.99 -1.17
C VAL A 17 10.79 3.39 -2.24
N TRP A 18 10.93 3.89 -3.49
CA TRP A 18 10.15 3.40 -4.65
C TRP A 18 10.52 1.94 -5.02
N THR A 19 11.77 1.53 -4.75
CA THR A 19 12.18 0.12 -4.88
C THR A 19 11.43 -0.77 -3.86
N LEU A 20 11.19 -0.21 -2.66
CA LEU A 20 10.59 -0.92 -1.52
C LEU A 20 9.05 -1.16 -1.72
N VAL A 21 8.33 -0.08 -2.06
CA VAL A 21 6.85 -0.11 -2.26
C VAL A 21 6.46 -0.50 -3.73
N GLY A 22 7.30 -0.09 -4.69
CA GLY A 22 7.08 -0.36 -6.12
C GLY A 22 7.15 -1.84 -6.48
N ASP A 23 7.92 -2.62 -5.68
CA ASP A 23 7.91 -4.08 -5.75
C ASP A 23 6.52 -4.63 -5.34
N PHE A 24 5.69 -4.87 -6.37
CA PHE A 24 4.37 -5.53 -6.26
C PHE A 24 4.55 -7.08 -6.05
N SER A 25 5.80 -7.51 -5.73
CA SER A 25 6.13 -8.90 -5.34
C SER A 25 6.66 -8.98 -3.89
N ALA A 26 6.78 -7.85 -3.19
CA ALA A 26 7.48 -7.79 -1.88
C ALA A 26 6.49 -7.43 -0.75
N ILE A 27 6.21 -6.12 -0.57
CA ILE A 27 5.38 -5.51 0.51
C ILE A 27 5.74 -5.90 1.99
N HIS A 28 5.91 -7.20 2.34
CA HIS A 28 6.36 -7.63 3.71
C HIS A 28 7.76 -7.10 4.13
N ARG A 29 8.46 -6.39 3.23
CA ARG A 29 9.76 -5.71 3.51
C ARG A 29 9.58 -4.38 4.30
N TRP A 30 8.35 -3.83 4.32
CA TRP A 30 8.00 -2.60 5.10
C TRP A 30 6.72 -2.79 5.92
N HIS A 31 5.78 -3.55 5.37
CA HIS A 31 4.46 -3.79 5.97
C HIS A 31 4.54 -5.00 6.95
N PRO A 32 4.42 -4.77 8.30
CA PRO A 32 4.67 -5.82 9.35
C PRO A 32 3.62 -6.96 9.38
N GLN A 33 2.52 -6.82 8.63
CA GLN A 33 1.35 -7.73 8.71
C GLN A 33 1.17 -8.66 7.48
N VAL A 34 1.98 -8.47 6.42
CA VAL A 34 1.92 -9.36 5.22
C VAL A 34 2.68 -10.69 5.44
N SER A 35 2.01 -11.82 5.09
CA SER A 35 2.61 -13.19 5.13
C SER A 35 3.22 -13.60 3.76
N ALA A 36 3.79 -12.60 3.06
CA ALA A 36 4.43 -12.74 1.72
C ALA A 36 3.44 -13.10 0.57
N PRO A 37 3.40 -12.29 -0.55
CA PRO A 37 2.49 -12.55 -1.70
C PRO A 37 3.05 -13.57 -2.74
N THR A 38 2.13 -14.31 -3.40
CA THR A 38 2.46 -15.28 -4.47
C THR A 38 2.02 -14.70 -5.84
N LEU A 39 2.99 -14.52 -6.75
CA LEU A 39 2.79 -13.75 -8.00
C LEU A 39 2.32 -14.63 -9.18
N ARG A 40 1.35 -14.07 -9.93
CA ARG A 40 0.69 -14.72 -11.07
C ARG A 40 0.69 -13.77 -12.29
N GLY A 41 0.41 -14.34 -13.48
CA GLY A 41 0.38 -13.59 -14.75
C GLY A 41 1.62 -12.72 -15.05
N ALA A 42 1.44 -11.62 -15.79
CA ALA A 42 2.56 -10.86 -16.40
C ALA A 42 3.23 -9.86 -15.42
N SER A 43 4.22 -10.36 -14.65
CA SER A 43 5.28 -9.55 -13.94
C SER A 43 4.74 -8.50 -12.90
N PRO A 44 5.34 -8.45 -11.65
CA PRO A 44 4.96 -7.43 -10.61
C PRO A 44 5.18 -5.94 -11.06
N HIS A 45 5.97 -5.71 -12.12
CA HIS A 45 6.20 -4.35 -12.68
C HIS A 45 5.60 -4.21 -14.10
N THR A 46 4.66 -5.09 -14.47
CA THR A 46 3.88 -5.00 -15.73
C THR A 46 2.36 -4.98 -15.39
N PRO A 47 1.59 -3.92 -15.83
CA PRO A 47 0.11 -3.81 -15.59
C PRO A 47 -0.71 -5.06 -16.07
N GLY A 48 -0.86 -6.05 -15.17
CA GLY A 48 -1.57 -7.30 -15.46
C GLY A 48 -0.99 -8.50 -14.73
N ALA A 49 -0.82 -8.36 -13.39
CA ALA A 49 -0.27 -9.42 -12.51
C ALA A 49 -1.05 -9.50 -11.18
N GLU A 50 -1.21 -10.72 -10.63
CA GLU A 50 -1.94 -10.94 -9.35
C GLU A 50 -0.94 -11.35 -8.25
N ARG A 51 -1.28 -11.06 -6.99
CA ARG A 51 -0.44 -11.45 -5.82
C ARG A 51 -1.34 -11.92 -4.66
N VAL A 52 -1.08 -13.14 -4.17
CA VAL A 52 -1.90 -13.81 -3.13
C VAL A 52 -1.12 -13.86 -1.79
N PHE A 53 -1.48 -12.94 -0.88
CA PHE A 53 -0.81 -12.76 0.45
C PHE A 53 -0.97 -14.01 1.34
N GLY A 54 -0.06 -14.99 1.18
CA GLY A 54 -0.11 -16.25 1.91
C GLY A 54 -0.10 -17.46 0.98
N ALA A 55 -1.12 -17.52 0.10
CA ALA A 55 -1.42 -18.65 -0.81
C ALA A 55 -1.53 -20.03 -0.09
N GLY A 56 -2.74 -20.38 0.37
CA GLY A 56 -2.99 -21.69 1.01
C GLY A 56 -4.20 -21.75 1.95
N THR A 57 -4.67 -20.58 2.44
CA THR A 57 -5.77 -20.49 3.43
C THR A 57 -7.09 -20.02 2.78
N GLU A 58 -8.19 -20.08 3.57
CA GLU A 58 -9.54 -19.66 3.13
C GLU A 58 -9.84 -18.16 3.45
N GLU A 59 -8.83 -17.41 3.93
CA GLU A 59 -8.98 -15.97 4.29
C GLU A 59 -7.78 -15.13 3.73
N GLU A 60 -7.25 -15.59 2.57
CA GLU A 60 -6.13 -14.93 1.87
C GLU A 60 -6.54 -13.57 1.24
N LEU A 61 -5.54 -12.65 1.14
CA LEU A 61 -5.73 -11.31 0.53
C LEU A 61 -5.14 -11.29 -0.90
N VAL A 62 -6.01 -11.11 -1.92
CA VAL A 62 -5.60 -11.11 -3.35
C VAL A 62 -5.83 -9.72 -3.98
N GLU A 63 -4.73 -9.04 -4.39
CA GLU A 63 -4.76 -7.78 -5.18
C GLU A 63 -4.12 -7.99 -6.57
N ARG A 64 -4.43 -7.08 -7.52
CA ARG A 64 -4.08 -7.22 -8.96
C ARG A 64 -3.71 -5.84 -9.58
N LEU A 65 -2.58 -5.83 -10.30
CA LEU A 65 -1.99 -4.61 -10.90
C LEU A 65 -2.76 -4.14 -12.16
N VAL A 66 -3.25 -2.88 -12.10
CA VAL A 66 -4.01 -2.23 -13.20
C VAL A 66 -3.08 -1.31 -14.05
N GLU A 67 -2.30 -0.47 -13.35
CA GLU A 67 -1.38 0.51 -13.97
C GLU A 67 -0.11 0.64 -13.11
N ARG A 68 1.07 0.64 -13.75
CA ARG A 68 2.37 0.69 -13.04
C ARG A 68 3.27 1.76 -13.70
N ASP A 69 3.49 2.87 -12.98
CA ASP A 69 4.33 4.00 -13.41
C ASP A 69 5.73 3.91 -12.72
N GLU A 70 6.68 4.81 -13.05
CA GLU A 70 8.03 4.86 -12.42
C GLU A 70 8.71 6.23 -12.56
N SER A 71 8.46 6.92 -13.71
CA SER A 71 9.01 8.27 -13.97
C SER A 71 8.45 9.31 -12.97
N ALA A 72 7.17 9.12 -12.57
CA ALA A 72 6.48 9.94 -11.55
C ALA A 72 6.39 9.18 -10.21
N ARG A 73 6.65 7.86 -10.26
CA ARG A 73 6.65 6.93 -9.09
C ARG A 73 5.23 6.74 -8.51
N ARG A 74 4.36 6.04 -9.27
CA ARG A 74 2.96 5.75 -8.89
C ARG A 74 2.58 4.27 -9.18
N LEU A 75 1.92 3.64 -8.22
CA LEU A 75 1.42 2.23 -8.30
C LEU A 75 -0.12 2.22 -8.18
N VAL A 76 -0.81 1.73 -9.23
CA VAL A 76 -2.30 1.63 -9.24
C VAL A 76 -2.72 0.15 -9.37
N TYR A 77 -3.56 -0.31 -8.44
CA TYR A 77 -4.03 -1.71 -8.40
C TYR A 77 -5.47 -1.80 -7.81
N THR A 78 -5.99 -3.03 -7.70
CA THR A 78 -7.37 -3.33 -7.22
C THR A 78 -7.39 -4.65 -6.44
N MET A 79 -8.45 -4.90 -5.64
CA MET A 79 -8.71 -6.24 -5.05
C MET A 79 -9.82 -6.95 -5.87
N PRO A 80 -9.46 -7.91 -6.80
CA PRO A 80 -10.44 -8.64 -7.65
C PRO A 80 -11.31 -9.65 -6.86
N ASP A 81 -10.82 -10.07 -5.68
CA ASP A 81 -11.54 -11.00 -4.80
C ASP A 81 -11.37 -10.55 -3.31
N PRO A 82 -12.09 -9.47 -2.86
CA PRO A 82 -11.98 -8.95 -1.47
C PRO A 82 -12.95 -9.67 -0.46
N PRO A 83 -12.55 -9.84 0.85
CA PRO A 83 -13.41 -10.44 1.90
C PRO A 83 -14.34 -9.40 2.60
N PHE A 84 -14.65 -8.28 1.91
CA PHE A 84 -15.52 -7.18 2.44
C PHE A 84 -16.72 -6.94 1.48
N PRO A 85 -17.92 -6.49 2.01
CA PRO A 85 -19.10 -6.17 1.17
C PRO A 85 -18.92 -4.81 0.42
N ILE A 86 -18.07 -4.83 -0.63
CA ILE A 86 -17.67 -3.62 -1.40
C ILE A 86 -17.74 -3.90 -2.92
N THR A 87 -17.71 -2.82 -3.74
CA THR A 87 -17.73 -2.90 -5.22
C THR A 87 -16.68 -1.92 -5.82
N ASN A 88 -16.26 -2.14 -7.09
CA ASN A 88 -15.29 -1.28 -7.86
C ASN A 88 -14.12 -0.70 -7.01
N HIS A 89 -13.17 -1.58 -6.61
CA HIS A 89 -12.04 -1.20 -5.76
C HIS A 89 -10.91 -0.51 -6.58
N ARG A 90 -10.44 0.64 -6.06
CA ARG A 90 -9.27 1.37 -6.62
C ARG A 90 -8.30 1.71 -5.47
N ALA A 91 -7.06 1.20 -5.55
CA ALA A 91 -5.98 1.48 -4.56
C ALA A 91 -4.70 1.98 -5.24
N VAL A 92 -4.20 3.16 -4.81
CA VAL A 92 -3.00 3.80 -5.40
C VAL A 92 -1.93 4.06 -4.30
N LEU A 93 -0.76 3.43 -4.46
CA LEU A 93 0.42 3.61 -3.58
C LEU A 93 1.51 4.40 -4.36
N GLU A 94 1.86 5.59 -3.87
CA GLU A 94 2.71 6.54 -4.60
C GLU A 94 3.82 7.11 -3.70
N VAL A 95 4.99 7.46 -4.28
CA VAL A 95 6.07 8.16 -3.56
C VAL A 95 6.30 9.56 -4.20
N VAL A 96 6.00 10.61 -3.44
CA VAL A 96 6.16 12.02 -3.87
C VAL A 96 7.56 12.55 -3.44
N PRO A 97 8.47 12.91 -4.41
CA PRO A 97 9.77 13.57 -4.09
C PRO A 97 9.59 15.01 -3.50
N ARG A 98 9.21 15.07 -2.21
CA ARG A 98 8.95 16.35 -1.48
C ARG A 98 10.24 17.17 -1.24
N ASP A 99 11.34 16.44 -1.03
CA ASP A 99 12.67 16.98 -0.69
C ASP A 99 13.77 15.97 -1.13
N ASP A 100 15.03 16.42 -1.19
CA ASP A 100 16.19 15.58 -1.57
C ASP A 100 16.36 14.36 -0.63
N ARG A 101 16.32 14.62 0.69
CA ARG A 101 16.51 13.58 1.74
C ARG A 101 15.14 13.12 2.32
N HIS A 102 14.01 13.76 1.92
CA HIS A 102 12.67 13.45 2.48
C HIS A 102 11.62 13.25 1.38
N CYS A 103 10.89 12.14 1.42
CA CYS A 103 9.84 11.81 0.41
C CYS A 103 8.53 11.43 1.12
N THR A 104 7.40 11.98 0.64
CA THR A 104 6.08 11.69 1.24
C THR A 104 5.41 10.51 0.50
N VAL A 105 5.28 9.36 1.19
CA VAL A 105 4.67 8.15 0.60
C VAL A 105 3.16 8.12 0.94
N VAL A 106 2.34 8.19 -0.12
CA VAL A 106 0.88 8.31 -0.03
C VAL A 106 0.21 6.98 -0.44
N TRP A 107 -0.39 6.27 0.54
CA TRP A 107 -1.12 5.01 0.28
C TRP A 107 -2.64 5.30 0.32
N THR A 108 -3.34 4.92 -0.76
CA THR A 108 -4.76 5.26 -0.97
C THR A 108 -5.55 3.99 -1.39
N ALA A 109 -6.82 3.94 -0.99
CA ALA A 109 -7.82 2.95 -1.44
C ALA A 109 -9.22 3.60 -1.44
N MET A 110 -10.14 3.09 -2.25
CA MET A 110 -11.55 3.56 -2.29
C MET A 110 -12.46 2.53 -2.97
N PHE A 111 -13.71 2.44 -2.49
CA PHE A 111 -14.66 1.35 -2.85
C PHE A 111 -16.12 1.77 -2.59
N ASP A 112 -17.03 1.12 -3.33
CA ASP A 112 -18.48 1.30 -3.17
C ASP A 112 -18.98 0.42 -2.01
N CYS A 113 -18.88 0.97 -0.81
CA CYS A 113 -19.37 0.33 0.43
C CYS A 113 -20.55 1.13 1.03
N SER A 114 -21.44 0.42 1.78
CA SER A 114 -22.60 1.03 2.49
C SER A 114 -22.10 2.07 3.55
N PRO A 115 -22.68 3.32 3.61
CA PRO A 115 -22.09 4.51 4.33
C PRO A 115 -21.58 4.23 5.78
N GLU A 116 -22.37 3.50 6.59
CA GLU A 116 -22.00 3.19 8.01
C GLU A 116 -20.82 2.19 8.11
N THR A 117 -20.82 1.19 7.21
CA THR A 117 -19.70 0.23 7.08
C THR A 117 -18.48 0.87 6.38
N ALA A 118 -18.75 1.88 5.53
CA ALA A 118 -17.75 2.57 4.70
C ALA A 118 -16.77 3.40 5.57
N ARG A 119 -17.35 4.25 6.46
CA ARG A 119 -16.58 5.07 7.43
C ARG A 119 -15.82 4.18 8.44
N GLU A 120 -16.41 3.01 8.75
CA GLU A 120 -15.78 1.99 9.61
C GLU A 120 -14.52 1.39 8.93
N LEU A 121 -14.63 1.06 7.62
CA LEU A 121 -13.52 0.47 6.83
C LEU A 121 -12.40 1.50 6.56
N GLU A 122 -12.76 2.80 6.56
CA GLU A 122 -11.78 3.91 6.46
C GLU A 122 -10.87 3.98 7.71
N SER A 123 -11.42 3.65 8.89
CA SER A 123 -10.63 3.50 10.13
C SER A 123 -9.86 2.15 10.18
N VAL A 124 -10.57 1.01 9.98
CA VAL A 124 -9.99 -0.35 10.10
C VAL A 124 -8.83 -0.58 9.09
N ILE A 125 -9.10 -0.35 7.81
CA ILE A 125 -8.11 -0.53 6.73
C ILE A 125 -7.19 0.71 6.61
N GLY A 126 -7.80 1.92 6.60
CA GLY A 126 -7.06 3.19 6.39
C GLY A 126 -6.09 3.58 7.53
N ASP A 127 -6.24 2.97 8.72
CA ASP A 127 -5.30 3.20 9.86
C ASP A 127 -4.61 1.88 10.26
N GLY A 128 -5.44 0.86 10.61
CA GLY A 128 -4.94 -0.44 11.10
C GLY A 128 -4.08 -1.24 10.10
N VAL A 129 -4.18 -0.88 8.81
CA VAL A 129 -3.32 -1.45 7.74
C VAL A 129 -2.36 -0.37 7.18
N PHE A 130 -2.94 0.80 6.79
CA PHE A 130 -2.20 1.86 6.06
C PHE A 130 -1.25 2.66 6.97
N ALA A 131 -1.81 3.34 8.00
CA ALA A 131 -1.00 4.15 8.96
C ALA A 131 0.08 3.29 9.65
N VAL A 132 -0.28 2.03 9.95
CA VAL A 132 0.66 1.01 10.46
C VAL A 132 1.88 0.77 9.52
N GLY A 133 1.59 0.44 8.24
CA GLY A 133 2.65 0.10 7.26
C GLY A 133 3.56 1.28 6.92
N LEU A 134 2.93 2.45 6.73
CA LEU A 134 3.63 3.71 6.36
C LEU A 134 4.53 4.25 7.51
N ASN A 135 4.05 4.15 8.76
CA ASN A 135 4.83 4.57 9.95
C ASN A 135 6.05 3.65 10.16
N ALA A 136 5.84 2.32 10.05
CA ALA A 136 6.91 1.30 10.13
C ALA A 136 7.97 1.52 9.01
N LEU A 137 7.51 1.97 7.84
CA LEU A 137 8.36 2.32 6.70
C LEU A 137 9.24 3.56 7.03
N ALA A 138 8.62 4.57 7.67
CA ALA A 138 9.31 5.81 8.08
C ALA A 138 10.29 5.56 9.27
N GLU A 139 10.04 4.49 10.06
CA GLU A 139 10.94 4.05 11.17
C GLU A 139 12.26 3.42 10.63
N ARG A 140 12.13 2.54 9.61
CA ARG A 140 13.29 1.79 9.06
C ARG A 140 14.22 2.67 8.19
N TYR A 141 13.69 3.81 7.69
CA TYR A 141 14.52 4.87 7.06
C TYR A 141 14.77 6.05 8.04
N GLY A 142 13.99 6.09 9.13
CA GLY A 142 14.14 7.12 10.18
C GLY A 142 15.25 6.78 11.17
N ARG A 143 16.44 6.50 10.62
CA ARG A 143 17.68 6.24 11.38
C ARG A 143 18.21 7.57 11.97
N LEU A 144 17.92 8.67 11.24
CA LEU A 144 18.23 10.06 11.65
C LEU A 144 17.52 10.40 12.99
N GLU A 145 16.27 9.92 13.13
CA GLU A 145 15.48 10.04 14.37
C GLU A 145 15.88 8.93 15.37
N HIS A 146 15.57 7.66 15.00
CA HIS A 146 15.98 6.42 15.73
C HIS A 146 15.25 6.23 17.10
N HIS A 147 14.54 7.26 17.58
CA HIS A 147 13.97 7.30 18.95
C HIS A 147 12.55 6.65 19.02
N HIS A 148 12.43 5.43 18.45
CA HIS A 148 11.19 4.62 18.48
C HIS A 148 11.49 3.19 17.99
N HIS A 149 11.36 2.19 18.89
CA HIS A 149 11.68 0.78 18.59
C HIS A 149 10.53 -0.17 19.02
N HIS A 150 10.10 -1.04 18.09
CA HIS A 150 9.10 -2.11 18.35
C HIS A 150 9.80 -3.48 18.61
N HIS A 151 9.02 -4.47 19.10
CA HIS A 151 9.50 -5.85 19.31
C HIS A 151 9.52 -6.63 17.99
N MET A 1 -17.51 10.03 2.65
CA MET A 1 -16.22 9.70 1.98
C MET A 1 -16.00 8.16 1.96
N ALA A 2 -16.30 7.53 0.80
CA ALA A 2 -15.95 6.11 0.53
C ALA A 2 -14.53 6.01 -0.10
N THR A 3 -13.79 7.14 -0.09
CA THR A 3 -12.39 7.25 -0.56
C THR A 3 -11.49 7.60 0.64
N LEU A 4 -10.56 6.70 0.95
CA LEU A 4 -9.62 6.82 2.09
C LEU A 4 -8.27 7.40 1.61
N ARG A 5 -7.61 8.23 2.44
CA ARG A 5 -6.24 8.72 2.14
C ARG A 5 -5.39 8.85 3.43
N ARG A 6 -4.15 8.36 3.36
CA ARG A 6 -3.12 8.51 4.41
C ARG A 6 -1.80 9.00 3.78
N SER A 7 -0.94 9.63 4.57
CA SER A 7 0.39 10.12 4.13
C SER A 7 1.42 10.00 5.26
N VAL A 8 2.71 9.93 4.91
CA VAL A 8 3.80 9.76 5.89
C VAL A 8 5.11 10.42 5.40
N GLU A 9 5.91 10.97 6.32
CA GLU A 9 7.27 11.47 6.01
C GLU A 9 8.32 10.36 6.24
N VAL A 10 9.09 10.05 5.21
CA VAL A 10 10.11 8.99 5.21
C VAL A 10 11.54 9.61 5.20
N ALA A 11 12.43 9.13 6.07
CA ALA A 11 13.84 9.54 6.12
C ALA A 11 14.71 8.73 5.12
N ALA A 12 14.42 8.88 3.82
CA ALA A 12 15.15 8.21 2.73
C ALA A 12 14.85 8.86 1.36
N PRO A 13 15.84 8.85 0.39
CA PRO A 13 15.63 9.30 -1.01
C PRO A 13 14.43 8.59 -1.71
N ALA A 14 13.51 9.40 -2.30
CA ALA A 14 12.25 8.96 -2.93
C ALA A 14 12.40 7.75 -3.90
N ALA A 15 13.50 7.72 -4.67
CA ALA A 15 13.78 6.63 -5.63
C ALA A 15 13.97 5.26 -4.92
N ASP A 16 14.76 5.24 -3.83
CA ASP A 16 14.97 4.03 -3.00
C ASP A 16 13.68 3.54 -2.33
N VAL A 17 12.82 4.49 -1.93
CA VAL A 17 11.49 4.20 -1.35
C VAL A 17 10.53 3.67 -2.46
N TRP A 18 10.69 4.21 -3.68
CA TRP A 18 9.93 3.78 -4.87
C TRP A 18 10.37 2.37 -5.38
N THR A 19 11.64 2.00 -5.13
CA THR A 19 12.12 0.61 -5.42
C THR A 19 11.47 -0.39 -4.43
N LEU A 20 11.16 0.11 -3.23
CA LEU A 20 10.59 -0.69 -2.13
C LEU A 20 9.07 -1.01 -2.37
N VAL A 21 8.29 0.05 -2.72
CA VAL A 21 6.83 -0.10 -3.02
C VAL A 21 6.56 -0.46 -4.51
N GLY A 22 7.38 0.09 -5.43
CA GLY A 22 7.19 -0.06 -6.89
C GLY A 22 7.36 -1.48 -7.42
N ASP A 23 8.13 -2.29 -6.68
CA ASP A 23 8.09 -3.75 -6.80
C ASP A 23 6.84 -4.28 -6.05
N PHE A 24 5.84 -4.73 -6.82
CA PHE A 24 4.61 -5.36 -6.29
C PHE A 24 4.95 -6.62 -5.44
N SER A 25 6.11 -7.26 -5.77
CA SER A 25 6.62 -8.45 -5.07
C SER A 25 7.31 -8.10 -3.72
N ALA A 26 7.82 -6.87 -3.58
CA ALA A 26 8.73 -6.48 -2.45
C ALA A 26 7.99 -5.71 -1.36
N ILE A 27 6.64 -5.66 -1.45
CA ILE A 27 5.77 -5.04 -0.43
C ILE A 27 5.95 -5.71 0.97
N HIS A 28 6.39 -6.99 1.00
CA HIS A 28 6.66 -7.73 2.27
C HIS A 28 7.82 -7.12 3.11
N ARG A 29 8.67 -6.30 2.46
CA ARG A 29 9.88 -5.72 3.09
C ARG A 29 9.54 -4.51 3.99
N TRP A 30 8.41 -3.82 3.72
CA TRP A 30 7.97 -2.62 4.49
C TRP A 30 6.64 -2.86 5.21
N HIS A 31 5.76 -3.65 4.58
CA HIS A 31 4.40 -3.89 5.08
C HIS A 31 4.40 -5.10 6.05
N PRO A 32 4.19 -4.87 7.38
CA PRO A 32 4.34 -5.94 8.42
C PRO A 32 3.24 -7.04 8.37
N GLN A 33 2.13 -6.75 7.65
CA GLN A 33 1.00 -7.70 7.49
C GLN A 33 1.18 -8.60 6.24
N VAL A 34 1.93 -8.11 5.24
CA VAL A 34 2.28 -8.92 4.05
C VAL A 34 3.38 -9.96 4.40
N SER A 35 2.95 -11.24 4.55
CA SER A 35 3.81 -12.35 5.04
C SER A 35 4.48 -13.14 3.89
N ALA A 36 4.97 -12.40 2.88
CA ALA A 36 5.67 -12.94 1.69
C ALA A 36 4.79 -13.92 0.84
N PRO A 37 3.81 -13.38 0.06
CA PRO A 37 2.94 -14.18 -0.84
C PRO A 37 3.56 -14.52 -2.23
N THR A 38 2.69 -15.02 -3.14
CA THR A 38 3.09 -15.67 -4.42
C THR A 38 2.62 -14.83 -5.63
N LEU A 39 3.49 -14.72 -6.67
CA LEU A 39 3.17 -13.98 -7.91
C LEU A 39 2.55 -14.91 -8.98
N ARG A 40 1.58 -14.37 -9.75
CA ARG A 40 0.99 -15.04 -10.92
C ARG A 40 1.33 -14.26 -12.22
N GLY A 41 1.68 -15.01 -13.30
CA GLY A 41 1.97 -14.42 -14.63
C GLY A 41 2.90 -13.20 -14.63
N ALA A 42 2.40 -12.09 -15.21
CA ALA A 42 3.13 -10.81 -15.41
C ALA A 42 4.07 -10.41 -14.24
N SER A 43 5.27 -9.90 -14.61
CA SER A 43 6.32 -9.39 -13.67
C SER A 43 5.79 -8.38 -12.60
N PRO A 44 6.51 -8.19 -11.43
CA PRO A 44 6.05 -7.26 -10.32
C PRO A 44 6.01 -5.75 -10.72
N HIS A 45 6.51 -5.42 -11.93
CA HIS A 45 6.44 -4.05 -12.49
C HIS A 45 5.45 -3.98 -13.69
N THR A 46 5.03 -5.15 -14.19
CA THR A 46 4.13 -5.26 -15.36
C THR A 46 2.63 -5.24 -14.92
N PRO A 47 1.82 -4.23 -15.37
CA PRO A 47 0.35 -4.16 -15.10
C PRO A 47 -0.41 -5.45 -15.53
N GLY A 48 -1.10 -6.09 -14.56
CA GLY A 48 -1.80 -7.36 -14.79
C GLY A 48 -1.34 -8.48 -13.86
N ALA A 49 -0.18 -8.26 -13.19
CA ALA A 49 0.39 -9.20 -12.19
C ALA A 49 -0.58 -9.48 -11.01
N GLU A 50 -0.64 -10.73 -10.52
CA GLU A 50 -1.48 -11.10 -9.35
C GLU A 50 -0.59 -11.58 -8.19
N ARG A 51 -1.16 -11.63 -6.96
CA ARG A 51 -0.39 -11.83 -5.72
C ARG A 51 -1.28 -12.43 -4.60
N VAL A 52 -1.12 -13.74 -4.30
CA VAL A 52 -2.02 -14.49 -3.40
C VAL A 52 -1.34 -14.77 -2.03
N PHE A 53 -1.90 -14.17 -0.96
CA PHE A 53 -1.39 -14.26 0.44
C PHE A 53 -1.76 -15.63 1.08
N GLY A 54 -1.11 -16.70 0.61
CA GLY A 54 -1.40 -18.07 1.06
C GLY A 54 -1.13 -19.09 -0.03
N ALA A 55 -1.70 -18.83 -1.23
CA ALA A 55 -1.43 -19.62 -2.48
C ALA A 55 -1.80 -21.12 -2.38
N GLY A 56 -2.72 -21.45 -1.46
CA GLY A 56 -3.13 -22.85 -1.22
C GLY A 56 -3.32 -23.15 0.27
N THR A 57 -4.15 -22.33 0.94
CA THR A 57 -4.52 -22.50 2.36
C THR A 57 -6.07 -22.65 2.47
N GLU A 58 -6.74 -21.97 3.42
CA GLU A 58 -8.23 -21.99 3.56
C GLU A 58 -8.82 -20.56 3.67
N GLU A 59 -7.95 -19.53 3.68
CA GLU A 59 -8.36 -18.13 4.02
C GLU A 59 -7.33 -17.08 3.52
N GLU A 60 -6.94 -17.24 2.24
CA GLU A 60 -5.97 -16.34 1.58
C GLU A 60 -6.67 -15.12 0.93
N LEU A 61 -5.93 -14.01 0.83
CA LEU A 61 -6.35 -12.78 0.13
C LEU A 61 -5.76 -12.78 -1.29
N VAL A 62 -6.57 -12.51 -2.33
CA VAL A 62 -6.06 -12.38 -3.72
C VAL A 62 -5.97 -10.88 -4.10
N GLU A 63 -4.73 -10.44 -4.37
CA GLU A 63 -4.39 -9.05 -4.78
C GLU A 63 -3.95 -9.03 -6.26
N ARG A 64 -4.10 -7.90 -6.96
CA ARG A 64 -3.76 -7.78 -8.40
C ARG A 64 -3.36 -6.34 -8.79
N LEU A 65 -2.17 -6.22 -9.40
CA LEU A 65 -1.64 -4.98 -9.99
C LEU A 65 -2.47 -4.56 -11.24
N VAL A 66 -3.05 -3.34 -11.19
CA VAL A 66 -3.84 -2.77 -12.31
C VAL A 66 -2.92 -1.99 -13.28
N GLU A 67 -2.11 -1.09 -12.71
CA GLU A 67 -1.23 -0.16 -13.46
C GLU A 67 0.01 0.20 -12.60
N ARG A 68 1.19 0.33 -13.24
CA ARG A 68 2.45 0.70 -12.55
C ARG A 68 3.18 1.78 -13.37
N ASP A 69 3.23 3.01 -12.81
CA ASP A 69 3.88 4.18 -13.46
C ASP A 69 5.09 4.68 -12.60
N GLU A 70 6.27 4.77 -13.24
CA GLU A 70 7.54 5.07 -12.53
C GLU A 70 7.85 6.58 -12.45
N SER A 71 7.58 7.32 -13.54
CA SER A 71 7.95 8.76 -13.66
C SER A 71 7.14 9.64 -12.68
N ALA A 72 5.81 9.37 -12.58
CA ALA A 72 4.92 10.05 -11.62
C ALA A 72 4.89 9.35 -10.24
N ARG A 73 5.68 8.26 -10.09
CA ARG A 73 5.88 7.51 -8.82
C ARG A 73 4.54 6.95 -8.27
N ARG A 74 3.69 6.47 -9.19
CA ARG A 74 2.30 6.06 -8.89
C ARG A 74 2.09 4.53 -9.10
N LEU A 75 1.64 3.85 -8.04
CA LEU A 75 1.37 2.39 -8.06
C LEU A 75 -0.14 2.12 -7.86
N VAL A 76 -0.83 1.68 -8.92
CA VAL A 76 -2.30 1.45 -8.88
C VAL A 76 -2.60 -0.07 -8.87
N TYR A 77 -3.34 -0.54 -7.85
CA TYR A 77 -3.69 -1.98 -7.71
C TYR A 77 -5.03 -2.17 -6.96
N THR A 78 -5.42 -3.44 -6.76
CA THR A 78 -6.72 -3.83 -6.17
C THR A 78 -6.64 -5.21 -5.48
N MET A 79 -7.63 -5.55 -4.64
CA MET A 79 -7.88 -6.95 -4.25
C MET A 79 -9.17 -7.46 -4.97
N PRO A 80 -9.04 -8.24 -6.10
CA PRO A 80 -10.23 -8.82 -6.82
C PRO A 80 -11.05 -9.82 -5.97
N ASP A 81 -10.42 -10.41 -4.94
CA ASP A 81 -11.10 -11.31 -3.97
C ASP A 81 -10.87 -10.79 -2.52
N PRO A 82 -11.68 -9.78 -2.05
CA PRO A 82 -11.65 -9.27 -0.66
C PRO A 82 -12.81 -9.82 0.26
N PRO A 83 -12.53 -10.05 1.59
CA PRO A 83 -13.58 -10.41 2.59
C PRO A 83 -14.56 -9.24 2.92
N PHE A 84 -14.14 -8.00 2.58
CA PHE A 84 -14.92 -6.77 2.84
C PHE A 84 -16.03 -6.54 1.77
N PRO A 85 -17.14 -5.79 2.08
CA PRO A 85 -18.21 -5.44 1.09
C PRO A 85 -17.80 -4.26 0.15
N ILE A 86 -16.58 -4.33 -0.39
CA ILE A 86 -16.00 -3.30 -1.27
C ILE A 86 -16.03 -3.80 -2.75
N THR A 87 -16.79 -3.08 -3.61
CA THR A 87 -17.05 -3.51 -5.00
C THR A 87 -15.82 -3.30 -5.93
N ASN A 88 -15.60 -2.05 -6.40
CA ASN A 88 -14.48 -1.69 -7.29
C ASN A 88 -13.36 -0.97 -6.48
N HIS A 89 -12.65 -1.76 -5.66
CA HIS A 89 -11.61 -1.23 -4.74
C HIS A 89 -10.32 -0.84 -5.50
N ARG A 90 -9.94 0.43 -5.45
CA ARG A 90 -8.62 0.93 -5.94
C ARG A 90 -7.70 1.16 -4.73
N ALA A 91 -6.38 1.01 -4.93
CA ALA A 91 -5.35 1.23 -3.89
C ALA A 91 -4.06 1.75 -4.56
N VAL A 92 -3.63 2.97 -4.17
CA VAL A 92 -2.55 3.70 -4.87
C VAL A 92 -1.42 4.12 -3.90
N LEU A 93 -0.15 3.82 -4.28
CA LEU A 93 1.07 4.30 -3.58
C LEU A 93 1.77 5.37 -4.44
N GLU A 94 1.76 6.62 -3.97
CA GLU A 94 2.48 7.73 -4.64
C GLU A 94 3.58 8.29 -3.71
N VAL A 95 4.85 8.06 -4.09
CA VAL A 95 6.01 8.59 -3.36
C VAL A 95 6.42 9.94 -3.99
N VAL A 96 6.10 11.04 -3.30
CA VAL A 96 6.34 12.40 -3.82
C VAL A 96 7.63 13.00 -3.19
N PRO A 97 8.62 13.44 -4.03
CA PRO A 97 9.90 14.02 -3.54
C PRO A 97 9.72 15.41 -2.87
N ARG A 98 9.39 15.38 -1.56
CA ARG A 98 9.26 16.59 -0.70
C ARG A 98 10.65 17.26 -0.54
N ASP A 99 11.69 16.41 -0.54
CA ASP A 99 13.10 16.76 -0.36
C ASP A 99 13.96 15.61 -0.99
N ASP A 100 15.28 15.84 -1.17
CA ASP A 100 16.22 14.83 -1.72
C ASP A 100 16.32 13.57 -0.82
N ARG A 101 16.35 13.79 0.50
CA ARG A 101 16.50 12.71 1.51
C ARG A 101 15.18 12.48 2.30
N HIS A 102 14.12 13.26 2.02
CA HIS A 102 12.81 13.12 2.70
C HIS A 102 11.67 13.10 1.67
N CYS A 103 10.83 12.05 1.71
CA CYS A 103 9.75 11.86 0.72
C CYS A 103 8.43 11.50 1.42
N THR A 104 7.32 12.01 0.89
CA THR A 104 5.97 11.75 1.44
C THR A 104 5.29 10.60 0.65
N VAL A 105 5.05 9.45 1.31
CA VAL A 105 4.37 8.31 0.67
C VAL A 105 2.86 8.36 0.99
N VAL A 106 2.05 8.61 -0.05
CA VAL A 106 0.60 8.80 0.07
C VAL A 106 -0.13 7.52 -0.40
N TRP A 107 -0.87 6.89 0.52
CA TRP A 107 -1.64 5.66 0.22
C TRP A 107 -3.15 5.99 0.21
N THR A 108 -3.77 5.90 -0.98
CA THR A 108 -5.16 6.34 -1.20
C THR A 108 -5.98 5.18 -1.81
N ALA A 109 -7.14 4.87 -1.19
CA ALA A 109 -8.05 3.80 -1.64
C ALA A 109 -9.42 4.36 -2.03
N MET A 110 -10.08 3.71 -2.99
CA MET A 110 -11.47 4.02 -3.38
C MET A 110 -12.30 2.73 -3.33
N PHE A 111 -13.59 2.86 -3.04
CA PHE A 111 -14.56 1.74 -3.14
C PHE A 111 -16.00 2.29 -3.17
N ASP A 112 -16.92 1.53 -3.79
CA ASP A 112 -18.34 1.89 -3.84
C ASP A 112 -19.14 1.06 -2.81
N CYS A 113 -19.03 1.49 -1.54
CA CYS A 113 -19.73 0.85 -0.38
C CYS A 113 -20.58 1.89 0.39
N SER A 114 -21.44 1.40 1.31
CA SER A 114 -22.35 2.26 2.12
C SER A 114 -21.58 3.20 3.09
N PRO A 115 -22.11 4.45 3.38
CA PRO A 115 -21.47 5.38 4.36
C PRO A 115 -21.32 4.78 5.79
N GLU A 116 -22.29 3.91 6.17
CA GLU A 116 -22.27 3.16 7.45
C GLU A 116 -20.99 2.31 7.60
N THR A 117 -20.74 1.44 6.62
CA THR A 117 -19.58 0.55 6.61
C THR A 117 -18.29 1.33 6.28
N ALA A 118 -18.41 2.38 5.43
CA ALA A 118 -17.23 3.14 4.92
C ALA A 118 -16.50 3.89 6.05
N ARG A 119 -17.27 4.51 6.98
CA ARG A 119 -16.69 5.23 8.15
C ARG A 119 -15.99 4.25 9.13
N GLU A 120 -16.51 3.00 9.22
CA GLU A 120 -15.84 1.91 9.96
C GLU A 120 -14.49 1.56 9.27
N LEU A 121 -14.52 1.50 7.93
CA LEU A 121 -13.35 1.14 7.11
C LEU A 121 -12.28 2.25 7.08
N GLU A 122 -12.69 3.53 7.30
CA GLU A 122 -11.73 4.65 7.44
C GLU A 122 -10.79 4.43 8.64
N SER A 123 -11.35 3.89 9.74
CA SER A 123 -10.54 3.47 10.92
C SER A 123 -9.79 2.12 10.68
N VAL A 124 -10.52 1.08 10.23
CA VAL A 124 -9.97 -0.31 10.10
C VAL A 124 -8.96 -0.45 8.92
N ILE A 125 -9.38 -0.08 7.71
CA ILE A 125 -8.52 -0.12 6.50
C ILE A 125 -7.54 1.09 6.50
N GLY A 126 -8.08 2.30 6.79
CA GLY A 126 -7.30 3.54 6.78
C GLY A 126 -6.17 3.60 7.80
N ASP A 127 -6.43 3.26 9.06
CA ASP A 127 -5.41 3.30 10.13
C ASP A 127 -4.84 1.90 10.44
N GLY A 128 -5.72 0.92 10.59
CA GLY A 128 -5.34 -0.45 10.96
C GLY A 128 -4.55 -1.21 9.89
N VAL A 129 -4.63 -0.76 8.61
CA VAL A 129 -3.84 -1.37 7.50
C VAL A 129 -2.86 -0.34 6.87
N PHE A 130 -3.39 0.83 6.45
CA PHE A 130 -2.62 1.85 5.69
C PHE A 130 -1.62 2.60 6.57
N ALA A 131 -2.10 3.20 7.67
CA ALA A 131 -1.21 3.91 8.63
C ALA A 131 -0.18 2.93 9.25
N VAL A 132 -0.58 1.65 9.42
CA VAL A 132 0.35 0.57 9.83
C VAL A 132 1.51 0.39 8.81
N GLY A 133 1.17 0.22 7.52
CA GLY A 133 2.16 0.03 6.46
C GLY A 133 3.09 1.24 6.26
N LEU A 134 2.48 2.43 6.14
CA LEU A 134 3.21 3.71 5.92
C LEU A 134 4.14 4.08 7.09
N ASN A 135 3.66 3.88 8.35
CA ASN A 135 4.47 4.15 9.55
C ASN A 135 5.63 3.16 9.66
N ALA A 136 5.37 1.87 9.38
CA ALA A 136 6.43 0.80 9.40
C ALA A 136 7.52 1.05 8.33
N LEU A 137 7.11 1.63 7.19
CA LEU A 137 8.04 2.07 6.12
C LEU A 137 8.89 3.27 6.62
N ALA A 138 8.24 4.20 7.33
CA ALA A 138 8.92 5.37 7.91
C ALA A 138 9.81 5.00 9.13
N GLU A 139 9.46 3.91 9.85
CA GLU A 139 10.21 3.40 11.03
C GLU A 139 11.47 2.60 10.62
N ARG A 140 11.37 1.81 9.52
CA ARG A 140 12.52 1.02 9.01
C ARG A 140 13.63 1.95 8.44
N TYR A 141 13.21 3.09 7.83
CA TYR A 141 14.14 4.18 7.44
C TYR A 141 14.34 5.19 8.60
N GLY A 142 13.40 5.14 9.58
CA GLY A 142 13.47 5.95 10.81
C GLY A 142 14.48 5.44 11.82
N ARG A 143 15.12 4.31 11.47
CA ARG A 143 16.38 3.82 12.07
C ARG A 143 17.44 4.96 12.09
N LEU A 144 17.39 5.82 11.05
CA LEU A 144 18.10 7.11 10.99
C LEU A 144 17.08 8.29 11.03
N GLU A 145 17.51 9.44 11.57
CA GLU A 145 16.75 10.73 11.61
C GLU A 145 15.58 10.74 12.65
N HIS A 146 14.56 9.87 12.44
CA HIS A 146 13.30 9.89 13.22
C HIS A 146 13.52 9.55 14.72
N HIS A 147 13.02 10.43 15.60
CA HIS A 147 12.91 10.14 17.06
C HIS A 147 11.65 9.27 17.34
N HIS A 148 10.66 9.33 16.42
CA HIS A 148 9.34 8.68 16.56
C HIS A 148 8.60 9.24 17.82
N HIS A 149 8.64 10.58 17.97
CA HIS A 149 8.18 11.25 19.21
C HIS A 149 7.55 12.62 18.91
N HIS A 150 6.20 12.68 18.91
CA HIS A 150 5.42 13.94 18.86
C HIS A 150 4.67 14.18 20.20
N HIS A 151 4.54 13.12 21.02
CA HIS A 151 4.02 13.18 22.40
C HIS A 151 5.01 12.50 23.36
N MET A 1 -19.72 8.16 0.07
CA MET A 1 -18.38 8.76 0.31
C MET A 1 -17.46 7.75 1.04
N ALA A 2 -16.49 7.19 0.30
CA ALA A 2 -15.54 6.19 0.85
C ALA A 2 -14.18 6.24 0.10
N THR A 3 -13.35 7.24 0.48
CA THR A 3 -11.97 7.42 -0.02
C THR A 3 -11.01 7.57 1.19
N LEU A 4 -10.09 6.60 1.31
CA LEU A 4 -9.21 6.41 2.49
C LEU A 4 -7.77 6.80 2.13
N ARG A 5 -7.27 7.92 2.67
CA ARG A 5 -5.96 8.47 2.27
C ARG A 5 -5.05 8.77 3.49
N ARG A 6 -3.78 8.37 3.37
CA ARG A 6 -2.73 8.60 4.39
C ARG A 6 -1.42 9.07 3.72
N SER A 7 -0.59 9.76 4.52
CA SER A 7 0.74 10.26 4.10
C SER A 7 1.72 10.16 5.29
N VAL A 8 3.03 10.06 5.00
CA VAL A 8 4.06 9.88 6.06
C VAL A 8 5.43 10.50 5.63
N GLU A 9 6.19 11.03 6.62
CA GLU A 9 7.54 11.58 6.39
C GLU A 9 8.60 10.46 6.48
N VAL A 10 9.31 10.24 5.37
CA VAL A 10 10.34 9.19 5.22
C VAL A 10 11.74 9.84 5.10
N ALA A 11 12.65 9.48 6.03
CA ALA A 11 14.07 9.92 6.00
C ALA A 11 14.87 9.08 4.95
N ALA A 12 14.62 9.37 3.65
CA ALA A 12 15.24 8.63 2.52
C ALA A 12 14.87 9.29 1.17
N PRO A 13 15.71 9.08 0.10
CA PRO A 13 15.36 9.48 -1.29
C PRO A 13 14.12 8.71 -1.81
N ALA A 14 13.21 9.42 -2.51
CA ALA A 14 12.02 8.81 -3.16
C ALA A 14 12.39 7.63 -4.10
N ALA A 15 13.63 7.60 -4.62
CA ALA A 15 14.15 6.46 -5.41
C ALA A 15 14.31 5.17 -4.57
N ASP A 16 15.03 5.27 -3.43
CA ASP A 16 15.19 4.15 -2.46
C ASP A 16 13.81 3.58 -2.00
N VAL A 17 12.85 4.50 -1.77
CA VAL A 17 11.48 4.16 -1.35
C VAL A 17 10.66 3.58 -2.54
N TRP A 18 10.91 4.10 -3.76
CA TRP A 18 10.23 3.64 -5.00
C TRP A 18 10.66 2.20 -5.40
N THR A 19 11.89 1.82 -5.03
CA THR A 19 12.36 0.42 -5.17
C THR A 19 11.53 -0.56 -4.28
N LEU A 20 11.02 -0.01 -3.16
CA LEU A 20 10.29 -0.76 -2.12
C LEU A 20 8.77 -0.90 -2.45
N VAL A 21 8.08 0.26 -2.64
CA VAL A 21 6.62 0.28 -2.97
C VAL A 21 6.35 0.11 -4.48
N GLY A 22 7.34 0.47 -5.33
CA GLY A 22 7.22 0.35 -6.80
C GLY A 22 7.39 -1.07 -7.32
N ASP A 23 7.61 -2.03 -6.42
CA ASP A 23 7.51 -3.47 -6.69
C ASP A 23 6.18 -4.01 -6.08
N PHE A 24 5.74 -5.21 -6.50
CA PHE A 24 4.47 -5.81 -6.00
C PHE A 24 4.75 -6.78 -4.83
N SER A 25 5.79 -7.62 -4.97
CA SER A 25 6.13 -8.67 -3.96
C SER A 25 6.84 -8.10 -2.72
N ALA A 26 7.43 -6.89 -2.85
CA ALA A 26 8.33 -6.30 -1.82
C ALA A 26 7.55 -5.70 -0.62
N ILE A 27 6.22 -5.88 -0.63
CA ILE A 27 5.33 -5.34 0.41
C ILE A 27 5.55 -6.02 1.79
N HIS A 28 6.02 -7.29 1.80
CA HIS A 28 6.31 -8.04 3.07
C HIS A 28 7.50 -7.41 3.85
N ARG A 29 8.28 -6.55 3.17
CA ARG A 29 9.48 -5.89 3.76
C ARG A 29 9.11 -4.66 4.63
N TRP A 30 8.11 -3.86 4.20
CA TRP A 30 7.77 -2.58 4.87
C TRP A 30 6.44 -2.67 5.63
N HIS A 31 5.48 -3.42 5.06
CA HIS A 31 4.14 -3.56 5.63
C HIS A 31 4.11 -4.76 6.61
N PRO A 32 3.97 -4.51 7.96
CA PRO A 32 4.13 -5.56 9.01
C PRO A 32 3.02 -6.64 9.00
N GLN A 33 1.86 -6.30 8.42
CA GLN A 33 0.65 -7.16 8.45
C GLN A 33 0.60 -8.20 7.30
N VAL A 34 1.43 -7.97 6.27
CA VAL A 34 1.56 -8.90 5.13
C VAL A 34 2.07 -10.29 5.58
N SER A 35 1.32 -11.35 5.19
CA SER A 35 1.62 -12.76 5.56
C SER A 35 2.54 -13.46 4.53
N ALA A 36 3.38 -12.67 3.83
CA ALA A 36 4.22 -13.14 2.69
C ALA A 36 3.35 -13.65 1.51
N PRO A 37 3.16 -12.83 0.42
CA PRO A 37 2.22 -13.16 -0.68
C PRO A 37 2.81 -14.05 -1.81
N THR A 38 1.95 -14.40 -2.79
CA THR A 38 2.35 -15.16 -4.00
C THR A 38 1.97 -14.39 -5.29
N LEU A 39 2.83 -14.44 -6.32
CA LEU A 39 2.60 -13.77 -7.62
C LEU A 39 1.97 -14.74 -8.65
N ARG A 40 0.82 -14.33 -9.24
CA ARG A 40 0.14 -15.09 -10.31
C ARG A 40 0.40 -14.43 -11.69
N GLY A 41 0.95 -15.20 -12.65
CA GLY A 41 1.30 -14.75 -14.01
C GLY A 41 2.05 -13.39 -14.14
N ALA A 42 2.30 -13.02 -15.43
CA ALA A 42 2.96 -11.75 -15.84
C ALA A 42 4.33 -11.50 -15.12
N SER A 43 4.35 -10.54 -14.16
CA SER A 43 5.58 -10.07 -13.46
C SER A 43 5.20 -8.96 -12.45
N PRO A 44 5.92 -8.82 -11.27
CA PRO A 44 5.62 -7.75 -10.25
C PRO A 44 5.62 -6.29 -10.81
N HIS A 45 6.29 -6.06 -11.97
CA HIS A 45 6.33 -4.72 -12.63
C HIS A 45 5.52 -4.68 -13.96
N THR A 46 4.84 -5.80 -14.31
CA THR A 46 3.99 -5.90 -15.52
C THR A 46 2.48 -5.80 -15.14
N PRO A 47 1.73 -4.76 -15.66
CA PRO A 47 0.26 -4.64 -15.48
C PRO A 47 -0.51 -5.94 -15.83
N GLY A 48 -0.94 -6.68 -14.80
CA GLY A 48 -1.66 -7.95 -14.97
C GLY A 48 -1.42 -8.96 -13.85
N ALA A 49 -0.21 -8.93 -13.26
CA ALA A 49 0.21 -9.90 -12.20
C ALA A 49 -0.62 -9.72 -10.90
N GLU A 50 -0.91 -10.84 -10.21
CA GLU A 50 -1.79 -10.86 -9.01
C GLU A 50 -0.99 -11.16 -7.71
N ARG A 51 -1.43 -10.56 -6.59
CA ARG A 51 -0.74 -10.69 -5.27
C ARG A 51 -1.67 -11.36 -4.23
N VAL A 52 -1.39 -12.63 -3.90
CA VAL A 52 -2.26 -13.48 -3.04
C VAL A 52 -1.60 -13.72 -1.65
N PHE A 53 -2.06 -12.99 -0.63
CA PHE A 53 -1.48 -13.02 0.74
C PHE A 53 -1.80 -14.33 1.51
N GLY A 54 -0.89 -15.32 1.43
CA GLY A 54 -1.10 -16.63 2.07
C GLY A 54 -1.90 -17.59 1.19
N ALA A 55 -1.37 -17.89 -0.01
CA ALA A 55 -2.07 -18.68 -1.04
C ALA A 55 -2.34 -20.15 -0.60
N GLY A 56 -3.62 -20.47 -0.32
CA GLY A 56 -4.04 -21.84 0.07
C GLY A 56 -4.30 -22.02 1.56
N THR A 57 -4.64 -20.92 2.26
CA THR A 57 -5.02 -20.94 3.69
C THR A 57 -6.57 -20.99 3.85
N GLU A 58 -7.22 -19.81 3.65
CA GLU A 58 -8.67 -19.56 3.92
C GLU A 58 -8.90 -18.03 3.97
N GLU A 59 -7.89 -17.32 4.49
CA GLU A 59 -7.95 -15.85 4.71
C GLU A 59 -7.14 -15.07 3.64
N GLU A 60 -6.80 -15.71 2.50
CA GLU A 60 -5.93 -15.08 1.47
C GLU A 60 -6.64 -13.95 0.71
N LEU A 61 -5.91 -12.84 0.50
CA LEU A 61 -6.40 -11.67 -0.27
C LEU A 61 -5.78 -11.70 -1.68
N VAL A 62 -6.63 -11.79 -2.72
CA VAL A 62 -6.18 -11.78 -4.13
C VAL A 62 -6.31 -10.35 -4.69
N GLU A 63 -5.16 -9.73 -4.99
CA GLU A 63 -5.08 -8.41 -5.65
C GLU A 63 -4.59 -8.56 -7.10
N ARG A 64 -4.66 -7.50 -7.90
CA ARG A 64 -4.36 -7.55 -9.35
C ARG A 64 -3.82 -6.18 -9.83
N LEU A 65 -2.60 -6.21 -10.40
CA LEU A 65 -1.87 -5.00 -10.83
C LEU A 65 -2.49 -4.37 -12.10
N VAL A 66 -2.90 -3.09 -11.98
CA VAL A 66 -3.52 -2.33 -13.09
C VAL A 66 -2.45 -1.56 -13.92
N GLU A 67 -1.55 -0.84 -13.24
CA GLU A 67 -0.62 0.12 -13.90
C GLU A 67 0.52 0.58 -12.96
N ARG A 68 1.69 0.95 -13.54
CA ARG A 68 2.84 1.54 -12.80
C ARG A 68 3.42 2.77 -13.53
N ASP A 69 3.39 3.92 -12.85
CA ASP A 69 4.02 5.17 -13.30
C ASP A 69 5.41 5.31 -12.65
N GLU A 70 6.47 4.97 -13.41
CA GLU A 70 7.87 4.96 -12.90
C GLU A 70 8.36 6.38 -12.54
N SER A 71 8.33 7.29 -13.53
CA SER A 71 8.85 8.68 -13.38
C SER A 71 7.95 9.54 -12.45
N ALA A 72 6.63 9.32 -12.54
CA ALA A 72 5.64 9.99 -11.68
C ALA A 72 5.55 9.34 -10.27
N ARG A 73 6.24 8.20 -10.09
CA ARG A 73 6.39 7.48 -8.79
C ARG A 73 5.02 7.08 -8.18
N ARG A 74 4.14 6.56 -9.04
CA ARG A 74 2.76 6.20 -8.70
C ARG A 74 2.50 4.71 -9.07
N LEU A 75 1.70 4.02 -8.25
CA LEU A 75 1.36 2.59 -8.43
C LEU A 75 -0.17 2.42 -8.31
N VAL A 76 -0.80 1.80 -9.32
CA VAL A 76 -2.25 1.53 -9.33
C VAL A 76 -2.52 0.00 -9.39
N TYR A 77 -3.39 -0.49 -8.49
CA TYR A 77 -3.88 -1.90 -8.50
C TYR A 77 -5.29 -1.99 -7.87
N THR A 78 -5.87 -3.19 -7.86
CA THR A 78 -7.22 -3.46 -7.28
C THR A 78 -7.35 -4.93 -6.86
N MET A 79 -8.18 -5.21 -5.84
CA MET A 79 -8.41 -6.60 -5.37
C MET A 79 -9.74 -7.18 -5.95
N PRO A 80 -9.66 -8.13 -6.96
CA PRO A 80 -10.86 -8.82 -7.54
C PRO A 80 -11.57 -9.75 -6.53
N ASP A 81 -10.81 -10.25 -5.52
CA ASP A 81 -11.36 -11.09 -4.43
C ASP A 81 -11.03 -10.46 -3.04
N PRO A 82 -11.83 -9.42 -2.59
CA PRO A 82 -11.72 -8.87 -1.23
C PRO A 82 -12.61 -9.63 -0.20
N PRO A 83 -12.10 -9.92 1.04
CA PRO A 83 -12.96 -10.46 2.15
C PRO A 83 -13.97 -9.41 2.68
N PHE A 84 -13.73 -8.13 2.32
CA PHE A 84 -14.59 -6.98 2.66
C PHE A 84 -15.88 -6.96 1.78
N PRO A 85 -17.05 -6.48 2.33
CA PRO A 85 -18.34 -6.44 1.57
C PRO A 85 -18.45 -5.27 0.52
N ILE A 86 -17.33 -4.98 -0.19
CA ILE A 86 -17.22 -3.85 -1.15
C ILE A 86 -17.31 -4.35 -2.61
N THR A 87 -17.80 -3.48 -3.53
CA THR A 87 -17.93 -3.84 -4.99
C THR A 87 -16.64 -3.51 -5.78
N ASN A 88 -16.50 -2.25 -6.26
CA ASN A 88 -15.35 -1.83 -7.10
C ASN A 88 -14.29 -1.11 -6.24
N HIS A 89 -13.14 -1.78 -6.02
CA HIS A 89 -12.02 -1.23 -5.23
C HIS A 89 -10.95 -0.56 -6.15
N ARG A 90 -10.19 0.38 -5.58
CA ARG A 90 -9.04 1.06 -6.23
C ARG A 90 -7.96 1.36 -5.15
N ALA A 91 -6.72 0.86 -5.32
CA ALA A 91 -5.62 1.08 -4.33
C ALA A 91 -4.37 1.67 -5.03
N VAL A 92 -3.85 2.80 -4.49
CA VAL A 92 -2.72 3.55 -5.11
C VAL A 92 -1.60 3.89 -4.08
N LEU A 93 -0.33 3.56 -4.43
CA LEU A 93 0.88 4.03 -3.72
C LEU A 93 1.51 5.19 -4.51
N GLU A 94 1.87 6.30 -3.85
CA GLU A 94 2.55 7.43 -4.55
C GLU A 94 3.60 8.10 -3.65
N VAL A 95 4.89 7.96 -3.99
CA VAL A 95 5.99 8.59 -3.23
C VAL A 95 6.39 9.94 -3.87
N VAL A 96 6.11 11.03 -3.14
CA VAL A 96 6.40 12.40 -3.58
C VAL A 96 7.64 12.96 -2.82
N PRO A 97 8.77 13.28 -3.55
CA PRO A 97 10.03 13.75 -2.91
C PRO A 97 9.93 15.21 -2.37
N ARG A 98 9.93 15.34 -1.04
CA ARG A 98 10.03 16.64 -0.32
C ARG A 98 11.42 17.27 -0.55
N ASP A 99 12.42 16.41 -0.73
CA ASP A 99 13.84 16.76 -0.89
C ASP A 99 14.56 15.56 -1.58
N ASP A 100 15.85 15.74 -1.94
CA ASP A 100 16.71 14.66 -2.49
C ASP A 100 16.76 13.43 -1.56
N ARG A 101 16.78 13.66 -0.23
CA ARG A 101 16.83 12.59 0.78
C ARG A 101 15.64 12.69 1.79
N HIS A 102 14.50 13.24 1.32
CA HIS A 102 13.22 13.24 2.09
C HIS A 102 12.06 12.93 1.14
N CYS A 103 11.20 11.97 1.53
CA CYS A 103 10.05 11.51 0.70
C CYS A 103 8.75 11.48 1.54
N THR A 104 7.60 11.43 0.84
CA THR A 104 6.28 11.27 1.49
C THR A 104 5.46 10.19 0.75
N VAL A 105 5.14 9.08 1.43
CA VAL A 105 4.38 7.95 0.82
C VAL A 105 2.87 8.17 1.05
N VAL A 106 2.13 8.38 -0.05
CA VAL A 106 0.68 8.65 -0.03
C VAL A 106 -0.07 7.40 -0.53
N TRP A 107 -0.80 6.73 0.38
CA TRP A 107 -1.59 5.52 0.06
C TRP A 107 -3.09 5.86 0.11
N THR A 108 -3.81 5.62 -1.01
CA THR A 108 -5.23 6.05 -1.18
C THR A 108 -6.10 4.86 -1.67
N ALA A 109 -7.31 4.69 -1.07
CA ALA A 109 -8.23 3.56 -1.39
C ALA A 109 -9.68 4.04 -1.63
N MET A 110 -10.15 3.85 -2.87
CA MET A 110 -11.52 4.17 -3.30
C MET A 110 -12.35 2.88 -3.37
N PHE A 111 -13.57 2.90 -2.83
CA PHE A 111 -14.51 1.76 -2.96
C PHE A 111 -15.97 2.20 -2.77
N ASP A 112 -16.89 1.59 -3.53
CA ASP A 112 -18.33 1.87 -3.41
C ASP A 112 -18.97 0.87 -2.42
N CYS A 113 -18.83 1.21 -1.13
CA CYS A 113 -19.39 0.43 -0.01
C CYS A 113 -20.54 1.18 0.68
N SER A 114 -21.36 0.42 1.43
CA SER A 114 -22.47 0.97 2.24
C SER A 114 -21.90 1.87 3.38
N PRO A 115 -22.48 3.09 3.63
CA PRO A 115 -21.85 4.15 4.50
C PRO A 115 -21.48 3.67 5.94
N GLU A 116 -22.37 2.90 6.60
CA GLU A 116 -22.10 2.35 7.97
C GLU A 116 -20.90 1.37 7.96
N THR A 117 -20.78 0.56 6.90
CA THR A 117 -19.66 -0.37 6.71
C THR A 117 -18.37 0.41 6.29
N ALA A 118 -18.55 1.52 5.54
CA ALA A 118 -17.43 2.30 4.94
C ALA A 118 -16.65 3.09 6.02
N ARG A 119 -17.39 3.70 6.98
CA ARG A 119 -16.80 4.42 8.15
C ARG A 119 -16.10 3.44 9.13
N GLU A 120 -16.57 2.17 9.18
CA GLU A 120 -15.88 1.09 9.93
C GLU A 120 -14.54 0.73 9.22
N LEU A 121 -14.62 0.56 7.89
CA LEU A 121 -13.45 0.20 7.05
C LEU A 121 -12.47 1.39 6.93
N GLU A 122 -12.98 2.62 7.15
CA GLU A 122 -12.19 3.85 7.22
C GLU A 122 -11.08 3.72 8.32
N SER A 123 -11.50 3.23 9.50
CA SER A 123 -10.58 2.90 10.61
C SER A 123 -9.72 1.64 10.33
N VAL A 124 -10.38 0.52 9.90
CA VAL A 124 -9.69 -0.80 9.69
C VAL A 124 -8.61 -0.74 8.58
N ILE A 125 -9.04 -0.32 7.39
CA ILE A 125 -8.17 -0.24 6.20
C ILE A 125 -7.32 1.07 6.22
N GLY A 126 -8.01 2.22 6.37
CA GLY A 126 -7.36 3.55 6.25
C GLY A 126 -6.30 3.86 7.31
N ASP A 127 -6.48 3.38 8.55
CA ASP A 127 -5.51 3.67 9.64
C ASP A 127 -4.83 2.38 10.16
N GLY A 128 -5.62 1.31 10.34
CA GLY A 128 -5.12 0.03 10.86
C GLY A 128 -4.20 -0.72 9.90
N VAL A 129 -4.46 -0.61 8.59
CA VAL A 129 -3.59 -1.18 7.53
C VAL A 129 -2.59 -0.12 7.01
N PHE A 130 -3.13 1.02 6.52
CA PHE A 130 -2.33 2.05 5.80
C PHE A 130 -1.38 2.81 6.73
N ALA A 131 -1.93 3.56 7.70
CA ALA A 131 -1.11 4.42 8.61
C ALA A 131 -0.04 3.59 9.36
N VAL A 132 -0.41 2.37 9.73
CA VAL A 132 0.50 1.37 10.32
C VAL A 132 1.69 1.02 9.38
N GLY A 133 1.37 0.61 8.14
CA GLY A 133 2.38 0.21 7.13
C GLY A 133 3.32 1.36 6.73
N LEU A 134 2.75 2.56 6.62
CA LEU A 134 3.49 3.79 6.26
C LEU A 134 4.43 4.26 7.38
N ASN A 135 3.99 4.10 8.66
CA ASN A 135 4.83 4.44 9.83
C ASN A 135 6.01 3.45 9.97
N ALA A 136 5.76 2.16 9.70
CA ALA A 136 6.81 1.11 9.68
C ALA A 136 7.84 1.36 8.56
N LEU A 137 7.35 1.82 7.40
CA LEU A 137 8.21 2.23 6.26
C LEU A 137 9.07 3.47 6.65
N ALA A 138 8.45 4.42 7.34
CA ALA A 138 9.13 5.64 7.82
C ALA A 138 10.20 5.33 8.88
N GLU A 139 9.96 4.28 9.70
CA GLU A 139 10.90 3.83 10.75
C GLU A 139 12.12 3.06 10.19
N ARG A 140 11.90 2.20 9.18
CA ARG A 140 13.00 1.40 8.57
C ARG A 140 14.01 2.30 7.81
N TYR A 141 13.55 3.43 7.25
CA TYR A 141 14.45 4.45 6.66
C TYR A 141 14.86 5.50 7.73
N GLY A 142 13.98 5.72 8.71
CA GLY A 142 14.23 6.69 9.79
C GLY A 142 15.07 6.11 10.93
N ARG A 143 16.33 5.75 10.59
CA ARG A 143 17.34 5.25 11.55
C ARG A 143 17.86 6.35 12.50
N LEU A 144 17.42 7.62 12.30
CA LEU A 144 17.75 8.79 13.16
C LEU A 144 19.26 9.18 13.06
N GLU A 145 19.51 10.44 12.65
CA GLU A 145 20.88 10.98 12.43
C GLU A 145 21.65 11.21 13.76
N HIS A 146 20.92 11.24 14.89
CA HIS A 146 21.50 11.41 16.24
C HIS A 146 21.02 10.27 17.16
N HIS A 147 21.98 9.53 17.75
CA HIS A 147 21.70 8.51 18.77
C HIS A 147 21.18 9.16 20.07
N HIS A 148 19.93 8.84 20.45
CA HIS A 148 19.31 9.29 21.71
C HIS A 148 18.33 8.20 22.23
N HIS A 149 17.88 8.35 23.50
CA HIS A 149 17.02 7.36 24.18
C HIS A 149 16.21 8.03 25.32
N HIS A 150 14.95 7.58 25.48
CA HIS A 150 14.04 8.08 26.53
C HIS A 150 12.98 7.00 26.87
N HIS A 151 13.01 6.49 28.12
CA HIS A 151 12.02 5.48 28.60
C HIS A 151 10.91 6.15 29.44
#